data_8DPX
#
_entry.id   8DPX
#
_entity_poly.entity_id   1
_entity_poly.type   'polypeptide(L)'
_entity_poly.pdbx_seq_one_letter_code
;SEGLCPPGHHISEDGRDCISCKYGQDYSTHWNDLLFCLRCTRCDSGEVELSPCTTTRNTVCQCEEGTFREEDSPEMCRKC
RTGCPRGMVKVGDCTPWSDIECVHKESGD
;
_entity_poly.pdbx_strand_id   A,B,C
#
# COMPACT_ATOMS: atom_id res chain seq x y z
N SER A 1 37.23 -2.09 -9.89
CA SER A 1 38.13 -0.94 -10.22
C SER A 1 38.82 -0.44 -8.94
N GLU A 2 39.71 0.53 -9.09
CA GLU A 2 40.44 1.09 -7.95
C GLU A 2 39.85 2.46 -7.54
N GLY A 3 40.32 2.99 -6.42
CA GLY A 3 39.85 4.28 -5.92
C GLY A 3 38.63 4.11 -5.03
N LEU A 4 38.65 3.08 -4.18
CA LEU A 4 37.53 2.81 -3.27
C LEU A 4 38.04 2.59 -1.85
N CYS A 5 37.24 3.02 -0.85
CA CYS A 5 37.61 2.86 0.55
C CYS A 5 36.53 2.02 1.29
N PRO A 6 36.92 1.11 2.20
CA PRO A 6 35.93 0.25 2.94
C PRO A 6 34.97 1.08 3.82
N PRO A 7 33.88 0.49 4.33
CA PRO A 7 32.90 1.22 5.20
C PRO A 7 33.60 1.91 6.38
N GLY A 8 33.09 3.08 6.76
CA GLY A 8 33.67 3.84 7.87
C GLY A 8 34.87 4.69 7.43
N HIS A 9 35.36 4.46 6.20
CA HIS A 9 36.50 5.20 5.68
C HIS A 9 36.17 5.86 4.32
N HIS A 10 36.97 6.86 3.96
CA HIS A 10 36.80 7.58 2.69
C HIS A 10 38.16 7.76 2.02
N ILE A 11 38.17 7.93 0.69
CA ILE A 11 39.42 8.06 -0.07
C ILE A 11 39.56 9.47 -0.66
N SER A 12 40.81 9.92 -0.80
CA SER A 12 41.12 11.25 -1.33
C SER A 12 40.93 11.31 -2.84
N GLU A 13 41.11 12.52 -3.40
CA GLU A 13 40.96 12.77 -4.83
C GLU A 13 42.01 12.01 -5.64
N ASP A 14 43.23 12.00 -5.12
CA ASP A 14 44.35 11.33 -5.78
C ASP A 14 44.30 9.79 -5.62
N GLY A 15 43.31 9.30 -4.85
CA GLY A 15 43.14 7.85 -4.67
C GLY A 15 44.32 7.12 -3.95
N ARG A 16 45.44 7.83 -3.64
CA ARG A 16 46.57 7.17 -2.99
C ARG A 16 46.53 7.32 -1.47
N ASP A 17 45.37 7.71 -0.91
CA ASP A 17 45.24 7.89 0.54
C ASP A 17 43.78 7.74 1.01
N CYS A 18 43.61 7.08 2.15
CA CYS A 18 42.28 6.87 2.74
C CYS A 18 42.30 7.35 4.20
N ILE A 19 41.26 8.09 4.61
CA ILE A 19 41.18 8.61 5.97
C ILE A 19 39.99 8.00 6.73
N SER A 20 40.20 7.79 8.03
CA SER A 20 39.21 7.21 8.93
C SER A 20 38.20 8.26 9.42
N CYS A 21 36.93 7.83 9.56
CA CYS A 21 35.87 8.73 10.04
C CYS A 21 35.50 8.29 11.47
N LYS A 22 35.04 9.22 12.30
CA LYS A 22 34.73 8.93 13.69
C LYS A 22 33.31 8.46 13.89
N TYR A 23 33.12 7.56 14.86
CA TYR A 23 31.80 7.04 15.19
C TYR A 23 30.90 8.22 15.55
N GLY A 24 29.67 8.21 15.06
CA GLY A 24 28.69 9.27 15.36
C GLY A 24 28.81 10.53 14.46
N GLN A 25 29.98 10.86 13.87
CA GLN A 25 30.09 12.04 13.02
C GLN A 25 29.33 11.84 11.70
N ASP A 26 29.78 10.87 10.92
CA ASP A 26 29.17 10.51 9.64
C ASP A 26 29.53 9.06 9.35
N TYR A 27 28.86 8.40 8.40
CA TYR A 27 29.14 7.01 8.11
C TYR A 27 29.17 6.67 6.63
N SER A 28 29.64 5.46 6.38
CA SER A 28 29.66 4.91 5.04
C SER A 28 29.06 3.50 5.13
N THR A 29 28.05 3.22 4.30
CA THR A 29 27.39 1.91 4.31
C THR A 29 28.03 0.95 3.29
N HIS A 30 28.42 1.51 2.16
CA HIS A 30 29.04 0.74 1.08
C HIS A 30 30.36 1.38 0.68
N TRP A 31 31.22 0.65 -0.05
CA TRP A 31 32.53 1.17 -0.47
C TRP A 31 32.34 2.57 -1.08
N ASN A 32 32.93 3.58 -0.44
CA ASN A 32 32.77 4.97 -0.89
C ASN A 32 33.93 5.40 -1.80
N ASP A 33 33.60 6.23 -2.78
CA ASP A 33 34.60 6.75 -3.71
C ASP A 33 34.62 8.28 -3.64
N LEU A 34 34.72 8.80 -2.41
CA LEU A 34 34.74 10.25 -2.18
C LEU A 34 35.66 10.60 -1.01
N LEU A 35 35.84 11.90 -0.79
CA LEU A 35 36.70 12.39 0.31
C LEU A 35 35.85 12.74 1.57
N PHE A 36 34.53 12.52 1.49
CA PHE A 36 33.63 12.83 2.62
C PHE A 36 32.91 11.58 3.11
N CYS A 37 32.34 11.67 4.31
CA CYS A 37 31.57 10.57 4.90
C CYS A 37 30.09 11.00 4.86
N LEU A 38 29.16 10.05 4.66
CA LEU A 38 27.75 10.41 4.54
C LEU A 38 27.09 10.64 5.90
N ARG A 39 26.12 11.54 5.91
CA ARG A 39 25.38 11.85 7.13
C ARG A 39 24.54 10.66 7.59
N CYS A 40 24.35 10.54 8.91
CA CYS A 40 23.57 9.44 9.48
C CYS A 40 22.11 9.91 9.70
N THR A 41 21.17 8.98 9.57
CA THR A 41 19.74 9.28 9.72
C THR A 41 19.27 9.10 11.17
N ARG A 42 18.40 10.01 11.61
CA ARG A 42 17.86 9.98 12.97
C ARG A 42 16.33 9.88 12.92
N CYS A 43 15.73 9.31 13.99
CA CYS A 43 14.27 9.12 14.03
C CYS A 43 13.60 9.98 15.10
N ASP A 44 12.31 10.25 14.89
CA ASP A 44 11.52 11.07 15.82
C ASP A 44 10.28 10.30 16.28
N SER A 45 9.60 10.83 17.31
CA SER A 45 8.41 10.19 17.87
C SER A 45 7.42 9.80 16.76
N GLY A 46 6.70 8.70 16.99
CA GLY A 46 5.75 8.19 15.99
C GLY A 46 6.45 7.19 15.04
N GLU A 47 7.80 7.19 15.06
CA GLU A 47 8.57 6.28 14.22
C GLU A 47 9.38 5.33 15.10
N VAL A 48 9.71 4.15 14.55
CA VAL A 48 10.46 3.13 15.28
C VAL A 48 11.84 2.94 14.68
N GLU A 49 12.81 2.72 15.55
CA GLU A 49 14.20 2.48 15.15
C GLU A 49 14.43 0.97 15.02
N LEU A 50 14.89 0.52 13.85
CA LEU A 50 15.11 -0.93 13.65
C LEU A 50 16.58 -1.33 13.82
N SER A 51 17.52 -0.52 13.32
CA SER A 51 18.95 -0.84 13.45
C SER A 51 19.80 0.39 13.84
N PRO A 52 20.94 0.19 14.52
CA PRO A 52 21.85 1.31 14.97
C PRO A 52 22.71 1.93 13.84
N CYS A 53 23.18 3.16 14.08
CA CYS A 53 24.04 3.90 13.16
C CYS A 53 25.50 3.84 13.66
N THR A 54 26.44 3.46 12.80
CA THR A 54 27.86 3.35 13.17
C THR A 54 28.73 3.38 11.91
N THR A 55 30.06 3.50 12.05
CA THR A 55 30.96 3.52 10.89
C THR A 55 30.75 2.29 9.98
N THR A 56 30.09 1.26 10.51
CA THR A 56 29.80 0.05 9.75
C THR A 56 28.29 -0.28 9.78
N ARG A 57 27.46 0.68 10.21
CA ARG A 57 26.01 0.47 10.29
C ARG A 57 25.24 1.78 10.04
N ASN A 58 23.97 1.64 9.64
CA ASN A 58 23.10 2.74 9.33
C ASN A 58 21.83 2.67 10.19
N THR A 59 21.31 3.81 10.67
CA THR A 59 20.11 3.79 11.49
C THR A 59 18.89 3.71 10.59
N VAL A 60 17.95 2.87 11.00
CA VAL A 60 16.74 2.66 10.23
C VAL A 60 15.55 3.34 10.89
N CYS A 61 14.76 4.00 10.05
CA CYS A 61 13.56 4.65 10.50
C CYS A 61 12.38 3.89 9.89
N GLN A 62 11.35 3.74 10.69
CA GLN A 62 10.15 3.04 10.33
C GLN A 62 8.98 3.76 10.97
N CYS A 63 7.78 3.66 10.40
CA CYS A 63 6.62 4.34 10.97
C CYS A 63 5.62 3.32 11.52
N GLU A 64 4.83 3.73 12.50
CA GLU A 64 3.89 2.81 13.16
C GLU A 64 2.75 2.41 12.23
N GLU A 65 2.27 1.17 12.41
CA GLU A 65 1.19 0.62 11.59
C GLU A 65 0.00 1.58 11.55
N GLY A 66 -0.72 1.58 10.42
CA GLY A 66 -1.89 2.44 10.25
C GLY A 66 -1.53 3.75 9.54
N THR A 67 -0.22 4.07 9.47
CA THR A 67 0.23 5.31 8.80
C THR A 67 1.08 4.98 7.56
N PHE A 68 1.23 5.95 6.64
CA PHE A 68 2.00 5.71 5.40
C PHE A 68 2.82 6.93 4.97
N ARG A 69 3.93 6.71 4.24
CA ARG A 69 4.77 7.82 3.78
C ARG A 69 4.78 7.92 2.25
N GLU A 70 4.20 9.01 1.75
CA GLU A 70 4.15 9.27 0.31
C GLU A 70 5.25 10.26 -0.08
N GLU A 71 5.75 10.13 -1.31
CA GLU A 71 6.82 11.01 -1.81
C GLU A 71 6.43 12.49 -1.71
N ASP A 72 5.13 12.75 -1.61
CA ASP A 72 4.61 14.12 -1.52
C ASP A 72 4.70 14.69 -0.09
N SER A 73 5.14 13.88 0.89
CA SER A 73 5.26 14.34 2.27
C SER A 73 6.71 14.17 2.78
N PRO A 74 7.26 15.12 3.53
CA PRO A 74 8.65 15.04 4.06
C PRO A 74 8.71 14.35 5.45
N GLU A 75 9.41 13.20 5.55
CA GLU A 75 9.54 12.46 6.83
C GLU A 75 8.23 12.49 7.65
N MET A 76 7.11 12.32 6.95
CA MET A 76 5.79 12.32 7.60
C MET A 76 5.02 11.06 7.23
N CYS A 77 4.11 10.63 8.10
CA CYS A 77 3.28 9.46 7.86
C CYS A 77 1.82 9.87 7.92
N ARG A 78 0.97 9.31 7.05
CA ARG A 78 -0.45 9.68 7.04
C ARG A 78 -1.30 8.44 7.27
N LYS A 79 -2.51 8.63 7.77
CA LYS A 79 -3.38 7.48 8.03
C LYS A 79 -3.80 6.83 6.72
N CYS A 80 -3.68 5.50 6.68
CA CYS A 80 -4.04 4.75 5.49
C CYS A 80 -5.54 4.86 5.26
N ARG A 81 -5.99 4.52 4.05
CA ARG A 81 -7.41 4.61 3.69
C ARG A 81 -8.28 3.96 4.77
N THR A 82 -9.24 4.73 5.27
CA THR A 82 -10.17 4.26 6.31
C THR A 82 -11.42 3.62 5.67
N GLY A 83 -11.35 3.30 4.37
CA GLY A 83 -12.45 2.69 3.64
C GLY A 83 -12.26 2.89 2.13
N CYS A 84 -12.02 1.79 1.41
CA CYS A 84 -11.81 1.85 -0.04
C CYS A 84 -12.85 2.75 -0.73
N PRO A 85 -12.52 3.40 -1.85
CA PRO A 85 -13.49 4.28 -2.57
C PRO A 85 -14.82 3.56 -2.86
N ARG A 86 -15.91 4.33 -2.94
CA ARG A 86 -17.23 3.76 -3.20
C ARG A 86 -17.21 2.91 -4.47
N GLY A 87 -17.43 1.60 -4.31
CA GLY A 87 -17.43 0.67 -5.46
C GLY A 87 -16.11 -0.13 -5.53
N MET A 88 -15.42 -0.28 -4.40
CA MET A 88 -14.17 -1.02 -4.34
C MET A 88 -14.15 -1.93 -3.11
N VAL A 89 -13.11 -2.77 -3.01
CA VAL A 89 -13.00 -3.69 -1.86
C VAL A 89 -11.60 -3.70 -1.25
N LYS A 90 -11.54 -4.08 0.03
CA LYS A 90 -10.28 -4.15 0.77
C LYS A 90 -9.52 -5.44 0.46
N VAL A 91 -8.23 -5.30 0.10
CA VAL A 91 -7.40 -6.47 -0.23
C VAL A 91 -5.92 -6.24 0.00
N GLY A 92 -5.46 -4.98 0.20
CA GLY A 92 -4.02 -4.73 0.38
C GLY A 92 -3.65 -4.26 1.78
N ASP A 93 -2.42 -4.64 2.15
CA ASP A 93 -1.78 -4.31 3.43
C ASP A 93 -1.12 -2.93 3.37
N CYS A 94 -1.11 -2.21 4.50
CA CYS A 94 -0.52 -0.88 4.54
C CYS A 94 0.82 -0.92 5.28
N THR A 95 1.84 -0.40 4.61
CA THR A 95 3.19 -0.36 5.10
C THR A 95 3.56 1.09 5.47
N PRO A 96 4.28 1.33 6.57
CA PRO A 96 4.62 2.71 7.01
C PRO A 96 5.05 3.61 5.83
N TRP A 97 5.54 3.01 4.74
CA TRP A 97 5.95 3.77 3.56
C TRP A 97 4.89 3.72 2.42
N SER A 98 4.22 2.57 2.23
CA SER A 98 3.21 2.42 1.16
C SER A 98 1.76 2.45 1.70
N ASP A 99 0.80 2.64 0.79
CA ASP A 99 -0.63 2.69 1.16
C ASP A 99 -1.35 1.36 0.91
N ILE A 100 -2.62 1.28 1.33
CA ILE A 100 -3.44 0.07 1.15
C ILE A 100 -3.81 -0.15 -0.32
N GLU A 101 -4.45 -1.30 -0.62
CA GLU A 101 -4.88 -1.59 -1.99
C GLU A 101 -6.40 -1.81 -2.06
N CYS A 102 -7.03 -1.18 -3.06
CA CYS A 102 -8.46 -1.30 -3.28
C CYS A 102 -8.70 -1.85 -4.69
N VAL A 103 -9.73 -2.68 -4.85
CA VAL A 103 -10.03 -3.29 -6.16
C VAL A 103 -11.51 -3.09 -6.53
N HIS A 104 -11.76 -2.76 -7.80
CA HIS A 104 -13.11 -2.55 -8.32
C HIS A 104 -13.62 -3.84 -8.98
N LYS A 105 -14.87 -4.23 -8.66
CA LYS A 105 -15.45 -5.44 -9.23
C LYS A 105 -16.97 -5.30 -9.40
N GLU A 106 -17.69 -5.13 -8.27
CA GLU A 106 -19.15 -5.00 -8.31
C GLU A 106 -19.59 -3.58 -7.93
N SER A 107 -19.85 -2.75 -8.95
CA SER A 107 -20.29 -1.37 -8.75
C SER A 107 -20.54 -0.68 -10.10
N GLY A 108 -21.72 -0.94 -10.69
CA GLY A 108 -22.08 -0.35 -11.98
C GLY A 108 -21.47 -1.14 -13.13
N ASP A 109 -22.12 -2.24 -13.50
CA ASP A 109 -21.65 -3.09 -14.60
C ASP A 109 -20.20 -3.51 -14.37
N SER B 1 27.91 7.39 -4.87
CA SER B 1 27.40 5.99 -4.86
C SER B 1 26.49 5.77 -6.07
N GLU B 2 26.38 4.51 -6.50
CA GLU B 2 25.55 4.16 -7.65
C GLU B 2 24.08 4.44 -7.36
N GLY B 3 23.62 4.02 -6.18
CA GLY B 3 22.22 4.24 -5.77
C GLY B 3 21.38 2.99 -6.00
N LEU B 4 21.98 1.81 -5.87
CA LEU B 4 21.27 0.54 -6.06
C LEU B 4 21.16 -0.20 -4.73
N CYS B 5 20.01 -0.86 -4.51
CA CYS B 5 19.77 -1.60 -3.27
C CYS B 5 19.49 -3.10 -3.57
N PRO B 6 20.02 -4.04 -2.77
CA PRO B 6 19.78 -5.51 -3.01
C PRO B 6 18.31 -5.91 -2.82
N PRO B 7 17.91 -7.12 -3.25
CA PRO B 7 16.50 -7.60 -3.10
C PRO B 7 16.05 -7.60 -1.64
N GLY B 8 14.77 -7.28 -1.41
CA GLY B 8 14.22 -7.24 -0.05
C GLY B 8 14.44 -5.87 0.62
N HIS B 9 15.14 -4.95 -0.07
CA HIS B 9 15.42 -3.64 0.47
C HIS B 9 14.90 -2.51 -0.44
N HIS B 10 14.81 -1.31 0.12
CA HIS B 10 14.33 -0.13 -0.60
C HIS B 10 15.26 1.06 -0.26
N ILE B 11 15.32 2.09 -1.11
CA ILE B 11 16.18 3.25 -0.84
C ILE B 11 15.31 4.50 -0.57
N SER B 12 15.52 5.16 0.58
CA SER B 12 14.72 6.34 0.92
C SER B 12 14.85 7.44 -0.15
N GLU B 13 13.97 8.44 -0.04
CA GLU B 13 13.92 9.57 -0.99
C GLU B 13 15.27 10.27 -1.18
N ASP B 14 16.06 10.29 -0.13
CA ASP B 14 17.36 10.96 -0.15
C ASP B 14 18.43 10.15 -0.91
N GLY B 15 18.09 8.95 -1.38
CA GLY B 15 19.02 8.13 -2.16
C GLY B 15 20.28 7.69 -1.39
N ARG B 16 20.48 8.15 -0.13
CA ARG B 16 21.69 7.78 0.63
C ARG B 16 21.38 6.79 1.77
N ASP B 17 20.17 6.21 1.79
CA ASP B 17 19.83 5.25 2.84
C ASP B 17 18.98 4.12 2.28
N CYS B 18 19.24 2.91 2.75
CA CYS B 18 18.49 1.74 2.30
C CYS B 18 17.92 1.04 3.53
N ILE B 19 16.62 0.70 3.46
CA ILE B 19 15.93 0.06 4.60
C ILE B 19 15.30 -1.29 4.25
N SER B 20 15.33 -2.18 5.23
CA SER B 20 14.78 -3.52 5.15
C SER B 20 13.24 -3.50 5.12
N CYS B 21 12.64 -4.45 4.38
CA CYS B 21 11.18 -4.54 4.27
C CYS B 21 10.73 -5.76 5.09
N LYS B 22 9.51 -5.72 5.63
CA LYS B 22 9.03 -6.79 6.50
C LYS B 22 8.44 -7.96 5.71
N TYR B 23 8.61 -9.17 6.25
CA TYR B 23 8.08 -10.36 5.62
C TYR B 23 6.57 -10.24 5.49
N GLY B 24 6.03 -10.56 4.32
CA GLY B 24 4.59 -10.50 4.10
C GLY B 24 4.05 -9.08 3.84
N GLN B 25 4.73 -8.00 4.31
CA GLN B 25 4.23 -6.64 4.05
C GLN B 25 4.59 -6.21 2.63
N ASP B 26 5.81 -6.57 2.21
CA ASP B 26 6.29 -6.22 0.86
C ASP B 26 7.70 -6.77 0.65
N TYR B 27 8.11 -6.87 -0.62
CA TYR B 27 9.45 -7.37 -0.96
C TYR B 27 9.92 -6.84 -2.33
N SER B 28 11.16 -7.17 -2.66
CA SER B 28 11.76 -6.83 -3.95
C SER B 28 12.42 -8.10 -4.50
N THR B 29 12.15 -8.45 -5.77
CA THR B 29 12.72 -9.67 -6.36
C THR B 29 14.05 -9.39 -7.05
N HIS B 30 14.19 -8.22 -7.67
CA HIS B 30 15.43 -7.86 -8.38
C HIS B 30 15.98 -6.54 -7.86
N TRP B 31 17.26 -6.28 -8.14
CA TRP B 31 17.91 -5.03 -7.69
C TRP B 31 17.05 -3.82 -8.07
N ASN B 32 16.84 -2.92 -7.11
CA ASN B 32 16.02 -1.73 -7.36
C ASN B 32 16.64 -0.50 -6.72
N ASP B 33 16.15 0.68 -7.11
CA ASP B 33 16.64 1.94 -6.57
C ASP B 33 15.48 2.93 -6.37
N LEU B 34 14.50 2.50 -5.58
CA LEU B 34 13.32 3.33 -5.31
C LEU B 34 12.90 3.23 -3.84
N LEU B 35 12.16 4.24 -3.38
CA LEU B 35 11.66 4.27 -2.00
C LEU B 35 10.42 3.39 -1.82
N PHE B 36 10.05 2.63 -2.86
CA PHE B 36 8.89 1.75 -2.79
C PHE B 36 9.31 0.29 -2.68
N CYS B 37 8.51 -0.47 -1.94
CA CYS B 37 8.72 -1.90 -1.77
C CYS B 37 7.59 -2.58 -2.52
N LEU B 38 7.88 -3.67 -3.26
CA LEU B 38 6.83 -4.33 -4.05
C LEU B 38 5.86 -5.09 -3.15
N ARG B 39 4.57 -4.80 -3.32
CA ARG B 39 3.50 -5.39 -2.55
C ARG B 39 3.43 -6.92 -2.78
N CYS B 40 2.95 -7.62 -1.75
CA CYS B 40 2.82 -9.08 -1.79
C CYS B 40 1.42 -9.46 -2.28
N THR B 41 1.34 -10.59 -2.99
CA THR B 41 0.10 -11.08 -3.58
C THR B 41 -0.68 -11.97 -2.60
N ARG B 42 -2.01 -11.80 -2.62
CA ARG B 42 -2.90 -12.57 -1.76
C ARG B 42 -3.91 -13.34 -2.60
N CYS B 43 -4.44 -14.45 -2.06
CA CYS B 43 -5.41 -15.27 -2.78
C CYS B 43 -6.78 -15.17 -2.09
N ASP B 44 -7.85 -15.43 -2.83
CA ASP B 44 -9.22 -15.34 -2.30
C ASP B 44 -9.81 -16.72 -2.03
N SER B 45 -10.95 -16.73 -1.31
CA SER B 45 -11.63 -17.98 -0.99
C SER B 45 -11.78 -18.85 -2.23
N GLY B 46 -11.73 -20.17 -2.04
CA GLY B 46 -11.80 -21.11 -3.16
C GLY B 46 -10.40 -21.38 -3.73
N GLU B 47 -9.42 -20.51 -3.36
CA GLU B 47 -8.05 -20.66 -3.82
C GLU B 47 -7.13 -20.84 -2.60
N VAL B 48 -6.05 -21.60 -2.78
CA VAL B 48 -5.11 -21.87 -1.68
C VAL B 48 -3.74 -21.24 -1.96
N GLU B 49 -2.98 -20.96 -0.91
CA GLU B 49 -1.65 -20.38 -1.04
C GLU B 49 -0.62 -21.50 -1.26
N LEU B 50 0.07 -21.49 -2.40
CA LEU B 50 1.05 -22.53 -2.71
C LEU B 50 2.40 -22.22 -2.06
N SER B 51 2.85 -20.97 -2.16
CA SER B 51 4.12 -20.55 -1.57
C SER B 51 4.04 -19.10 -1.04
N PRO B 52 4.00 -18.86 0.27
CA PRO B 52 3.95 -17.46 0.83
C PRO B 52 5.13 -16.61 0.37
N CYS B 53 5.00 -15.27 0.45
CA CYS B 53 6.07 -14.38 0.01
C CYS B 53 6.86 -13.83 1.21
N THR B 54 8.11 -13.50 0.92
CA THR B 54 9.03 -12.94 1.90
C THR B 54 9.81 -11.82 1.23
N THR B 55 10.72 -11.19 1.96
CA THR B 55 11.53 -10.10 1.41
C THR B 55 12.25 -10.53 0.13
N THR B 56 12.38 -11.86 -0.08
CA THR B 56 13.06 -12.38 -1.27
C THR B 56 12.18 -13.39 -2.05
N ARG B 57 10.87 -13.43 -1.77
CA ARG B 57 9.98 -14.38 -2.45
C ARG B 57 8.63 -13.77 -2.86
N ASN B 58 7.99 -14.39 -3.85
CA ASN B 58 6.68 -13.97 -4.37
C ASN B 58 5.60 -15.00 -4.03
N THR B 59 4.38 -14.53 -3.66
CA THR B 59 3.30 -15.44 -3.30
C THR B 59 2.56 -15.96 -4.53
N VAL B 60 2.28 -17.26 -4.53
CA VAL B 60 1.57 -17.91 -5.62
C VAL B 60 0.19 -18.37 -5.13
N CYS B 61 -0.78 -18.40 -6.04
CA CYS B 61 -2.13 -18.83 -5.69
C CYS B 61 -2.44 -20.17 -6.32
N GLN B 62 -3.35 -20.91 -5.70
CA GLN B 62 -3.75 -22.24 -6.13
C GLN B 62 -5.27 -22.33 -6.19
N CYS B 63 -5.79 -23.22 -7.03
CA CYS B 63 -7.24 -23.40 -7.17
C CYS B 63 -7.59 -24.79 -6.64
N GLU B 64 -8.75 -24.90 -5.99
CA GLU B 64 -9.17 -26.18 -5.38
C GLU B 64 -9.47 -27.22 -6.46
N GLU B 65 -9.31 -28.49 -6.10
CA GLU B 65 -9.55 -29.60 -7.03
C GLU B 65 -10.92 -29.47 -7.69
N GLY B 66 -10.98 -29.81 -8.99
CA GLY B 66 -12.21 -29.72 -9.76
C GLY B 66 -12.28 -28.43 -10.61
N THR B 67 -11.29 -27.54 -10.45
CA THR B 67 -11.25 -26.29 -11.21
C THR B 67 -10.03 -26.25 -12.14
N PHE B 68 -10.05 -25.38 -13.17
CA PHE B 68 -8.92 -25.30 -14.10
C PHE B 68 -8.64 -23.85 -14.52
N ARG B 69 -7.34 -23.52 -14.72
CA ARG B 69 -6.97 -22.14 -15.09
C ARG B 69 -5.78 -22.13 -16.06
N GLU B 70 -6.05 -21.70 -17.30
CA GLU B 70 -5.00 -21.60 -18.33
C GLU B 70 -4.38 -20.20 -18.32
N GLU B 71 -3.10 -20.12 -18.70
CA GLU B 71 -2.37 -18.85 -18.71
C GLU B 71 -3.06 -17.79 -19.56
N ASP B 72 -3.95 -18.22 -20.44
CA ASP B 72 -4.69 -17.32 -21.33
C ASP B 72 -5.82 -16.58 -20.60
N SER B 73 -6.24 -17.10 -19.44
CA SER B 73 -7.31 -16.48 -18.66
C SER B 73 -6.94 -16.43 -17.16
N PRO B 74 -6.34 -15.33 -16.68
CA PRO B 74 -5.95 -15.20 -15.25
C PRO B 74 -7.15 -14.87 -14.33
N GLU B 75 -6.94 -14.99 -13.02
CA GLU B 75 -8.00 -14.69 -12.04
C GLU B 75 -9.31 -15.44 -12.39
N MET B 76 -9.19 -16.57 -13.09
CA MET B 76 -10.35 -17.37 -13.48
C MET B 76 -10.08 -18.87 -13.36
N CYS B 77 -11.07 -19.60 -12.85
CA CYS B 77 -10.98 -21.04 -12.70
C CYS B 77 -12.27 -21.66 -13.28
N ARG B 78 -12.16 -22.80 -13.99
CA ARG B 78 -13.35 -23.42 -14.59
C ARG B 78 -13.44 -24.88 -14.21
N LYS B 79 -14.64 -25.44 -14.31
CA LYS B 79 -14.87 -26.84 -13.93
C LYS B 79 -14.15 -27.80 -14.88
N CYS B 80 -13.31 -28.64 -14.29
CA CYS B 80 -12.54 -29.63 -15.04
C CYS B 80 -13.45 -30.78 -15.47
N ARG B 81 -13.16 -31.36 -16.64
CA ARG B 81 -13.96 -32.47 -17.16
C ARG B 81 -13.66 -33.77 -16.41
N THR B 82 -14.71 -34.56 -16.13
CA THR B 82 -14.56 -35.82 -15.41
C THR B 82 -14.59 -37.03 -16.37
N GLY B 83 -14.87 -36.79 -17.66
CA GLY B 83 -14.93 -37.86 -18.65
C GLY B 83 -15.43 -37.34 -20.00
N CYS B 84 -14.66 -37.60 -21.07
CA CYS B 84 -15.02 -37.15 -22.41
C CYS B 84 -16.23 -37.95 -22.95
N PRO B 85 -17.02 -37.39 -23.87
CA PRO B 85 -18.21 -38.11 -24.45
C PRO B 85 -17.87 -39.53 -24.89
N ARG B 86 -18.91 -40.32 -25.22
CA ARG B 86 -18.72 -41.70 -25.66
C ARG B 86 -17.79 -41.75 -26.88
N GLY B 87 -16.82 -42.67 -26.85
CA GLY B 87 -15.87 -42.82 -27.95
C GLY B 87 -14.47 -42.36 -27.51
N MET B 88 -14.42 -41.36 -26.63
CA MET B 88 -13.15 -40.83 -26.13
C MET B 88 -12.76 -41.55 -24.83
N VAL B 89 -11.46 -41.55 -24.51
CA VAL B 89 -10.98 -42.22 -23.29
C VAL B 89 -10.13 -41.24 -22.46
N LYS B 90 -10.44 -41.16 -21.16
CA LYS B 90 -9.71 -40.28 -20.25
C LYS B 90 -8.36 -40.90 -19.90
N VAL B 91 -7.28 -40.14 -20.08
CA VAL B 91 -5.93 -40.65 -19.79
C VAL B 91 -5.03 -39.60 -19.13
N GLY B 92 -5.51 -38.35 -19.00
CA GLY B 92 -4.69 -37.29 -18.40
C GLY B 92 -5.25 -36.82 -17.06
N ASP B 93 -4.32 -36.37 -16.21
CA ASP B 93 -4.60 -35.86 -14.87
C ASP B 93 -4.99 -34.39 -14.93
N CYS B 94 -5.89 -33.96 -14.03
CA CYS B 94 -6.34 -32.57 -14.04
C CYS B 94 -5.71 -31.79 -12.89
N THR B 95 -5.08 -30.69 -13.28
CA THR B 95 -4.36 -29.81 -12.41
C THR B 95 -5.12 -28.47 -12.32
N PRO B 96 -5.21 -27.84 -11.14
CA PRO B 96 -5.95 -26.53 -11.00
C PRO B 96 -5.67 -25.56 -12.16
N TRP B 97 -4.52 -25.74 -12.84
CA TRP B 97 -4.16 -24.88 -13.98
C TRP B 97 -4.59 -25.51 -15.33
N SER B 98 -4.31 -26.81 -15.53
CA SER B 98 -4.64 -27.50 -16.79
C SER B 98 -5.86 -28.45 -16.66
N ASP B 99 -6.41 -28.86 -17.82
CA ASP B 99 -7.56 -29.77 -17.86
C ASP B 99 -7.11 -31.21 -18.13
N ILE B 100 -8.06 -32.16 -18.10
CA ILE B 100 -7.76 -33.59 -18.35
C ILE B 100 -7.34 -33.81 -19.81
N GLU B 101 -6.83 -35.02 -20.09
CA GLU B 101 -6.45 -35.38 -21.47
C GLU B 101 -7.28 -36.56 -21.96
N CYS B 102 -7.77 -36.45 -23.19
CA CYS B 102 -8.56 -37.51 -23.79
C CYS B 102 -7.91 -37.99 -25.10
N VAL B 103 -7.97 -39.29 -25.34
CA VAL B 103 -7.38 -39.89 -26.54
C VAL B 103 -8.38 -40.87 -27.19
N HIS B 104 -8.42 -40.88 -28.53
CA HIS B 104 -9.32 -41.76 -29.27
C HIS B 104 -8.75 -43.18 -29.31
N LYS B 105 -9.63 -44.18 -29.13
CA LYS B 105 -9.21 -45.58 -29.16
C LYS B 105 -9.76 -46.28 -30.41
N GLU B 106 -8.89 -47.06 -31.08
CA GLU B 106 -9.27 -47.78 -32.29
C GLU B 106 -9.84 -49.17 -31.95
N SER B 107 -9.48 -49.70 -30.77
CA SER B 107 -9.95 -51.02 -30.34
C SER B 107 -11.48 -51.03 -30.22
N GLY B 108 -12.06 -52.23 -30.18
CA GLY B 108 -13.51 -52.38 -30.07
C GLY B 108 -14.19 -52.15 -31.41
N ASP B 109 -14.88 -53.18 -31.92
CA ASP B 109 -15.59 -53.08 -33.20
C ASP B 109 -14.64 -52.61 -34.30
N SER C 1 -32.51 -18.19 -5.34
CA SER C 1 -32.92 -18.10 -6.76
C SER C 1 -31.84 -17.39 -7.57
N GLU C 2 -31.33 -16.28 -7.05
CA GLU C 2 -30.28 -15.51 -7.72
C GLU C 2 -29.03 -15.39 -6.83
N GLY C 3 -27.95 -14.87 -7.41
CA GLY C 3 -26.70 -14.69 -6.68
C GLY C 3 -26.41 -13.21 -6.42
N LEU C 4 -27.39 -12.52 -5.85
CA LEU C 4 -27.27 -11.09 -5.55
C LEU C 4 -27.83 -10.79 -4.16
N CYS C 5 -27.18 -9.87 -3.43
CA CYS C 5 -27.63 -9.48 -2.09
C CYS C 5 -27.94 -7.96 -2.08
N PRO C 6 -29.08 -7.52 -1.51
CA PRO C 6 -29.44 -6.07 -1.49
C PRO C 6 -28.46 -5.22 -0.65
N PRO C 7 -28.43 -3.90 -0.81
CA PRO C 7 -27.51 -3.01 -0.04
C PRO C 7 -27.66 -3.23 1.47
N GLY C 8 -26.53 -3.40 2.15
CA GLY C 8 -26.52 -3.63 3.60
C GLY C 8 -26.35 -5.12 3.95
N HIS C 9 -26.20 -5.99 2.92
CA HIS C 9 -26.05 -7.41 3.14
C HIS C 9 -24.92 -7.99 2.26
N HIS C 10 -24.21 -8.98 2.81
CA HIS C 10 -23.12 -9.66 2.09
C HIS C 10 -23.45 -11.14 1.96
N ILE C 11 -22.87 -11.81 0.94
CA ILE C 11 -23.16 -13.23 0.69
C ILE C 11 -21.93 -14.12 0.96
N SER C 12 -22.20 -15.39 1.32
CA SER C 12 -21.14 -16.35 1.61
C SER C 12 -20.44 -16.77 0.32
N GLU C 13 -19.36 -17.53 0.46
CA GLU C 13 -18.59 -18.01 -0.70
C GLU C 13 -19.42 -18.99 -1.53
N ASP C 14 -20.22 -19.82 -0.84
CA ASP C 14 -21.05 -20.82 -1.52
C ASP C 14 -22.35 -20.21 -2.07
N GLY C 15 -22.59 -18.91 -1.84
CA GLY C 15 -23.80 -18.23 -2.35
C GLY C 15 -25.13 -18.79 -1.78
N ARG C 16 -25.12 -19.87 -0.97
CA ARG C 16 -26.34 -20.45 -0.44
C ARG C 16 -26.99 -19.59 0.65
N ASP C 17 -26.24 -18.62 1.23
CA ASP C 17 -26.80 -17.78 2.29
C ASP C 17 -26.21 -16.37 2.28
N CYS C 18 -26.98 -15.41 2.82
CA CYS C 18 -26.53 -14.02 2.89
C CYS C 18 -26.67 -13.52 4.33
N ILE C 19 -25.65 -12.83 4.83
CA ILE C 19 -25.66 -12.32 6.20
C ILE C 19 -25.85 -10.79 6.19
N SER C 20 -26.58 -10.30 7.19
CA SER C 20 -26.88 -8.87 7.33
C SER C 20 -25.72 -8.10 7.96
N CYS C 21 -25.52 -6.87 7.47
CA CYS C 21 -24.48 -5.98 7.98
C CYS C 21 -25.19 -4.83 8.71
N LYS C 22 -24.64 -4.39 9.85
CA LYS C 22 -25.28 -3.35 10.66
C LYS C 22 -24.55 -2.01 10.63
N TYR C 23 -25.35 -0.94 10.69
CA TYR C 23 -24.81 0.43 10.69
C TYR C 23 -23.68 0.56 11.72
N GLY C 24 -22.65 1.36 11.37
CA GLY C 24 -21.50 1.58 12.26
C GLY C 24 -20.44 0.46 12.18
N GLN C 25 -20.81 -0.77 11.79
CA GLN C 25 -19.83 -1.85 11.63
C GLN C 25 -19.34 -1.91 10.18
N ASP C 26 -20.24 -1.58 9.25
CA ASP C 26 -19.96 -1.56 7.81
C ASP C 26 -21.26 -1.29 7.07
N TYR C 27 -21.17 -0.99 5.76
CA TYR C 27 -22.37 -0.70 4.96
C TYR C 27 -22.15 -0.99 3.47
N SER C 28 -23.23 -0.87 2.70
CA SER C 28 -23.18 -1.05 1.25
C SER C 28 -24.17 -0.05 0.61
N THR C 29 -23.71 0.68 -0.41
CA THR C 29 -24.55 1.68 -1.07
C THR C 29 -25.37 1.06 -2.22
N HIS C 30 -24.77 0.10 -2.94
CA HIS C 30 -25.45 -0.56 -4.06
C HIS C 30 -25.37 -2.08 -3.92
N TRP C 31 -26.24 -2.81 -4.64
CA TRP C 31 -26.24 -4.27 -4.59
C TRP C 31 -24.83 -4.81 -4.79
N ASN C 32 -24.54 -5.95 -4.14
CA ASN C 32 -23.20 -6.54 -4.25
C ASN C 32 -23.24 -8.05 -4.02
N ASP C 33 -22.09 -8.68 -4.26
CA ASP C 33 -21.94 -10.12 -4.08
C ASP C 33 -20.55 -10.44 -3.53
N LEU C 34 -20.27 -9.96 -2.32
CA LEU C 34 -18.96 -10.16 -1.68
C LEU C 34 -19.12 -10.84 -0.32
N LEU C 35 -17.99 -11.09 0.34
CA LEU C 35 -18.00 -11.72 1.67
C LEU C 35 -17.95 -10.65 2.77
N PHE C 36 -17.34 -9.50 2.46
CA PHE C 36 -17.22 -8.39 3.41
C PHE C 36 -18.15 -7.25 2.97
N CYS C 37 -18.39 -6.32 3.88
CA CYS C 37 -19.25 -5.17 3.60
C CYS C 37 -18.36 -3.94 3.49
N LEU C 38 -18.83 -2.88 2.80
CA LEU C 38 -18.00 -1.69 2.63
C LEU C 38 -17.74 -1.04 3.98
N ARG C 39 -16.49 -0.74 4.25
CA ARG C 39 -16.05 -0.17 5.52
C ARG C 39 -16.65 1.22 5.75
N CYS C 40 -16.83 1.55 7.03
CA CYS C 40 -17.38 2.84 7.44
C CYS C 40 -16.21 3.79 7.70
N THR C 41 -16.36 5.06 7.31
CA THR C 41 -15.29 6.04 7.44
C THR C 41 -15.28 6.67 8.83
N ARG C 42 -14.08 6.75 9.39
CA ARG C 42 -13.85 7.31 10.71
C ARG C 42 -12.85 8.45 10.61
N CYS C 43 -12.89 9.41 11.53
CA CYS C 43 -11.97 10.55 11.50
C CYS C 43 -11.01 10.48 12.68
N ASP C 44 -9.79 10.98 12.46
CA ASP C 44 -8.74 10.96 13.48
C ASP C 44 -8.84 12.18 14.40
N SER C 45 -8.09 12.13 15.51
CA SER C 45 -8.08 13.23 16.48
C SER C 45 -7.89 14.57 15.78
N GLY C 46 -8.70 15.55 16.17
CA GLY C 46 -8.66 16.87 15.56
C GLY C 46 -9.73 17.01 14.46
N GLU C 47 -10.30 15.87 14.02
CA GLU C 47 -11.34 15.89 12.99
C GLU C 47 -12.65 15.36 13.56
N VAL C 48 -13.77 15.92 13.10
CA VAL C 48 -15.10 15.53 13.57
C VAL C 48 -15.89 14.87 12.44
N GLU C 49 -16.86 14.03 12.82
CA GLU C 49 -17.72 13.35 11.84
C GLU C 49 -18.89 14.28 11.48
N LEU C 50 -18.96 14.72 10.22
CA LEU C 50 -20.01 15.62 9.78
C LEU C 50 -21.34 14.87 9.67
N SER C 51 -21.28 13.65 9.14
CA SER C 51 -22.46 12.82 8.98
C SER C 51 -22.10 11.33 9.23
N PRO C 52 -22.69 10.65 10.23
CA PRO C 52 -22.36 9.21 10.52
C PRO C 52 -22.82 8.29 9.37
N CYS C 53 -22.23 7.08 9.29
CA CYS C 53 -22.57 6.13 8.24
C CYS C 53 -23.54 5.08 8.76
N THR C 54 -24.63 4.91 8.02
CA THR C 54 -25.64 3.92 8.35
C THR C 54 -25.46 2.72 7.42
N THR C 55 -26.29 1.68 7.60
CA THR C 55 -26.16 0.48 6.76
C THR C 55 -26.25 0.84 5.25
N THR C 56 -26.77 2.04 4.93
CA THR C 56 -26.90 2.48 3.54
C THR C 56 -26.24 3.85 3.28
N ARG C 57 -25.39 4.34 4.20
CA ARG C 57 -24.74 5.67 4.00
C ARG C 57 -23.25 5.66 4.36
N ASN C 58 -22.53 6.67 3.84
CA ASN C 58 -21.08 6.83 4.07
C ASN C 58 -20.77 8.04 4.98
N THR C 59 -19.80 7.88 5.91
CA THR C 59 -19.42 8.95 6.85
C THR C 59 -18.42 9.93 6.23
N VAL C 60 -18.65 11.22 6.51
CA VAL C 60 -17.77 12.30 6.03
C VAL C 60 -16.95 12.84 7.20
N CYS C 61 -15.73 13.32 6.92
CA CYS C 61 -14.86 13.86 7.97
C CYS C 61 -14.71 15.37 7.84
N GLN C 62 -14.58 16.03 8.99
CA GLN C 62 -14.46 17.48 9.09
C GLN C 62 -13.30 17.83 10.01
N CYS C 63 -12.72 19.01 9.83
CA CYS C 63 -11.59 19.44 10.66
C CYS C 63 -12.06 20.59 11.55
N GLU C 64 -11.44 20.73 12.72
CA GLU C 64 -11.87 21.74 13.70
C GLU C 64 -11.57 23.15 13.23
N GLU C 65 -12.45 24.09 13.59
CA GLU C 65 -12.32 25.50 13.23
C GLU C 65 -10.92 26.02 13.57
N GLY C 66 -10.44 26.98 12.78
CA GLY C 66 -9.12 27.56 12.98
C GLY C 66 -8.09 26.92 12.03
N THR C 67 -8.36 25.69 11.59
CA THR C 67 -7.47 24.98 10.67
C THR C 67 -8.13 24.87 9.29
N PHE C 68 -7.35 24.60 8.22
CA PHE C 68 -7.94 24.51 6.86
C PHE C 68 -7.25 23.44 6.00
N ARG C 69 -7.99 22.90 5.01
CA ARG C 69 -7.42 21.88 4.14
C ARG C 69 -8.17 21.76 2.81
N GLU C 70 -7.42 21.54 1.75
CA GLU C 70 -7.98 21.36 0.40
C GLU C 70 -8.17 19.87 0.10
N GLU C 71 -9.18 19.56 -0.72
CA GLU C 71 -9.49 18.18 -1.09
C GLU C 71 -8.29 17.44 -1.69
N ASP C 72 -7.30 18.20 -2.15
CA ASP C 72 -6.09 17.64 -2.75
C ASP C 72 -5.13 17.06 -1.69
N SER C 73 -5.26 17.50 -0.44
CA SER C 73 -4.40 17.03 0.65
C SER C 73 -5.01 15.78 1.32
N PRO C 74 -4.19 14.83 1.80
CA PRO C 74 -4.71 13.59 2.46
C PRO C 74 -5.77 13.91 3.53
N GLU C 75 -5.35 14.56 4.62
CA GLU C 75 -6.29 14.92 5.71
C GLU C 75 -5.65 15.89 6.71
N MET C 76 -4.61 16.61 6.29
CA MET C 76 -3.93 17.56 7.14
C MET C 76 -4.64 18.92 7.08
N CYS C 77 -4.66 19.62 8.21
CA CYS C 77 -5.30 20.93 8.30
C CYS C 77 -4.27 21.95 8.77
N ARG C 78 -4.34 23.21 8.28
CA ARG C 78 -3.35 24.23 8.67
C ARG C 78 -4.05 25.43 9.29
N LYS C 79 -3.35 26.11 10.18
CA LYS C 79 -3.92 27.27 10.86
C LYS C 79 -4.15 28.45 9.91
N CYS C 80 -5.41 28.91 9.87
CA CYS C 80 -5.80 30.04 9.04
C CYS C 80 -5.14 31.30 9.62
N ARG C 81 -4.93 32.32 8.78
CA ARG C 81 -4.30 33.56 9.23
C ARG C 81 -5.28 34.39 10.06
N THR C 82 -4.85 34.79 11.26
CA THR C 82 -5.69 35.59 12.16
C THR C 82 -5.50 37.11 11.93
N GLY C 83 -4.79 37.48 10.86
CA GLY C 83 -4.54 38.89 10.54
C GLY C 83 -3.71 39.02 9.27
N CYS C 84 -4.35 39.49 8.18
CA CYS C 84 -3.68 39.67 6.91
C CYS C 84 -2.38 40.51 7.07
N PRO C 85 -1.39 40.37 6.18
CA PRO C 85 -0.12 41.14 6.29
C PRO C 85 -0.36 42.63 6.54
N ARG C 86 0.69 43.34 6.98
CA ARG C 86 0.58 44.77 7.27
C ARG C 86 0.07 45.51 6.03
N GLY C 87 -0.95 46.36 6.23
CA GLY C 87 -1.54 47.12 5.14
C GLY C 87 -2.54 46.29 4.34
N MET C 88 -3.20 45.34 5.01
CA MET C 88 -4.18 44.47 4.36
C MET C 88 -5.52 44.53 5.10
N VAL C 89 -6.56 43.97 4.49
CA VAL C 89 -7.90 43.97 5.09
C VAL C 89 -8.48 42.54 5.09
N LYS C 90 -9.36 42.29 6.06
CA LYS C 90 -10.02 40.98 6.19
C LYS C 90 -11.41 41.06 5.56
N VAL C 91 -11.81 40.02 4.82
CA VAL C 91 -13.12 40.02 4.19
C VAL C 91 -13.69 38.60 4.00
N GLY C 92 -12.84 37.55 4.04
CA GLY C 92 -13.35 36.18 3.85
C GLY C 92 -13.24 35.33 5.11
N ASP C 93 -14.20 34.40 5.21
CA ASP C 93 -14.33 33.46 6.32
C ASP C 93 -13.51 32.20 6.08
N CYS C 94 -12.96 31.60 7.16
CA CYS C 94 -12.15 30.40 7.02
C CYS C 94 -12.95 29.18 7.49
N THR C 95 -13.03 28.22 6.57
CA THR C 95 -13.76 26.97 6.76
C THR C 95 -12.76 25.81 6.80
N PRO C 96 -12.93 24.79 7.64
CA PRO C 96 -11.95 23.64 7.71
C PRO C 96 -11.47 23.19 6.32
N TRP C 97 -12.29 23.46 5.28
CA TRP C 97 -11.93 23.11 3.91
C TRP C 97 -11.21 24.28 3.18
N SER C 98 -11.65 25.52 3.44
CA SER C 98 -11.09 26.73 2.80
C SER C 98 -10.21 27.57 3.74
N ASP C 99 -9.43 28.50 3.15
CA ASP C 99 -8.56 29.39 3.94
C ASP C 99 -9.14 30.82 3.99
N ILE C 100 -8.56 31.68 4.85
CA ILE C 100 -9.03 33.09 4.98
C ILE C 100 -8.81 33.85 3.68
N GLU C 101 -9.53 34.98 3.51
CA GLU C 101 -9.36 35.82 2.33
C GLU C 101 -8.96 37.24 2.74
N CYS C 102 -7.95 37.80 2.07
CA CYS C 102 -7.49 39.15 2.35
C CYS C 102 -7.63 40.04 1.12
N VAL C 103 -8.01 41.29 1.35
CA VAL C 103 -8.19 42.27 0.28
C VAL C 103 -7.45 43.56 0.60
N HIS C 104 -7.04 44.30 -0.45
CA HIS C 104 -6.33 45.56 -0.27
C HIS C 104 -7.26 46.75 -0.55
N LYS C 105 -7.27 47.74 0.34
CA LYS C 105 -8.10 48.94 0.19
C LYS C 105 -9.55 48.57 -0.18
N GLU C 106 -10.42 48.49 0.82
CA GLU C 106 -11.83 48.16 0.59
C GLU C 106 -12.44 49.08 -0.46
N SER C 107 -12.43 50.39 -0.19
CA SER C 107 -12.99 51.38 -1.12
C SER C 107 -12.43 52.77 -0.84
N GLY C 108 -12.38 53.61 -1.88
CA GLY C 108 -11.86 54.97 -1.75
C GLY C 108 -13.00 55.99 -1.84
N ASP C 109 -12.64 57.28 -1.75
CA ASP C 109 -13.62 58.36 -1.83
C ASP C 109 -13.12 59.49 -2.72
N SER A 1 39.00 2.38 -12.26
CA SER A 1 39.84 3.30 -11.45
C SER A 1 40.15 2.64 -10.09
N GLU A 2 41.20 3.11 -9.43
CA GLU A 2 41.60 2.58 -8.12
C GLU A 2 41.51 3.68 -7.04
N GLY A 3 40.28 4.09 -6.72
CA GLY A 3 40.05 5.13 -5.71
C GLY A 3 38.83 4.80 -4.85
N LEU A 4 38.92 3.74 -4.04
CA LEU A 4 37.82 3.32 -3.18
C LEU A 4 38.31 3.11 -1.74
N CYS A 5 37.44 3.42 -0.77
CA CYS A 5 37.80 3.27 0.66
C CYS A 5 36.70 2.43 1.39
N PRO A 6 37.07 1.49 2.28
CA PRO A 6 36.06 0.66 3.02
C PRO A 6 35.14 1.48 3.93
N PRO A 7 34.05 0.91 4.45
CA PRO A 7 33.10 1.64 5.34
C PRO A 7 33.82 2.29 6.53
N GLY A 8 33.35 3.48 6.91
CA GLY A 8 33.96 4.21 8.02
C GLY A 8 35.18 5.03 7.56
N HIS A 9 35.61 4.82 6.31
CA HIS A 9 36.76 5.52 5.75
C HIS A 9 36.42 6.17 4.41
N HIS A 10 37.21 7.18 4.02
CA HIS A 10 37.02 7.88 2.75
C HIS A 10 38.37 8.07 2.06
N ILE A 11 38.37 8.23 0.73
CA ILE A 11 39.61 8.38 -0.03
C ILE A 11 39.70 9.78 -0.65
N SER A 12 40.92 10.34 -0.67
CA SER A 12 41.14 11.68 -1.23
C SER A 12 41.00 11.67 -2.75
N GLU A 13 41.06 12.86 -3.35
CA GLU A 13 40.93 13.01 -4.80
C GLU A 13 42.13 12.38 -5.53
N ASP A 14 43.29 12.32 -4.86
CA ASP A 14 44.49 11.73 -5.46
C ASP A 14 44.46 10.19 -5.44
N GLY A 15 43.42 9.60 -4.83
CA GLY A 15 43.26 8.14 -4.80
C GLY A 15 44.40 7.39 -4.04
N ARG A 16 45.46 8.07 -3.57
CA ARG A 16 46.55 7.39 -2.88
C ARG A 16 46.55 7.68 -1.36
N ASP A 17 45.41 8.11 -0.82
CA ASP A 17 45.31 8.40 0.62
C ASP A 17 43.87 8.26 1.12
N CYS A 18 43.72 7.61 2.28
CA CYS A 18 42.41 7.40 2.89
C CYS A 18 42.43 7.90 4.35
N ILE A 19 41.39 8.64 4.75
CA ILE A 19 41.34 9.18 6.13
C ILE A 19 40.20 8.52 6.91
N SER A 20 40.44 8.34 8.21
CA SER A 20 39.48 7.73 9.13
C SER A 20 38.39 8.72 9.56
N CYS A 21 37.16 8.23 9.70
CA CYS A 21 36.02 9.05 10.13
C CYS A 21 35.65 8.61 11.55
N LYS A 22 35.02 9.51 12.33
CA LYS A 22 34.70 9.20 13.71
C LYS A 22 33.26 8.73 13.90
N TYR A 23 33.07 7.82 14.85
CA TYR A 23 31.75 7.30 15.17
C TYR A 23 30.86 8.48 15.57
N GLY A 24 29.61 8.47 15.11
CA GLY A 24 28.65 9.52 15.45
C GLY A 24 28.73 10.81 14.58
N GLN A 25 29.90 11.14 13.96
CA GLN A 25 29.97 12.37 13.14
C GLN A 25 29.24 12.16 11.80
N ASP A 26 29.77 11.26 10.98
CA ASP A 26 29.21 10.93 9.67
C ASP A 26 29.53 9.47 9.38
N TYR A 27 28.86 8.83 8.40
CA TYR A 27 29.12 7.42 8.12
C TYR A 27 29.17 7.08 6.65
N SER A 28 29.67 5.87 6.42
CA SER A 28 29.70 5.30 5.07
C SER A 28 29.11 3.89 5.19
N THR A 29 28.12 3.59 4.35
CA THR A 29 27.47 2.28 4.39
C THR A 29 28.12 1.28 3.42
N HIS A 30 28.54 1.80 2.27
CA HIS A 30 29.18 1.00 1.23
C HIS A 30 30.50 1.64 0.82
N TRP A 31 31.38 0.88 0.14
CA TRP A 31 32.67 1.41 -0.30
C TRP A 31 32.48 2.75 -0.99
N ASN A 32 33.05 3.81 -0.40
CA ASN A 32 32.90 5.16 -0.94
C ASN A 32 34.11 5.57 -1.79
N ASP A 33 33.86 6.36 -2.82
CA ASP A 33 34.91 6.85 -3.70
C ASP A 33 34.98 8.38 -3.63
N LEU A 34 35.05 8.89 -2.40
CA LEU A 34 35.13 10.33 -2.16
C LEU A 34 35.98 10.63 -0.93
N LEU A 35 36.21 11.93 -0.68
CA LEU A 35 37.00 12.36 0.48
C LEU A 35 36.12 12.73 1.70
N PHE A 36 34.80 12.72 1.50
CA PHE A 36 33.86 13.06 2.58
C PHE A 36 33.13 11.81 3.10
N CYS A 37 32.53 11.95 4.28
CA CYS A 37 31.75 10.88 4.88
C CYS A 37 30.29 11.32 4.81
N LEU A 38 29.35 10.37 4.67
CA LEU A 38 27.93 10.75 4.52
C LEU A 38 27.27 11.02 5.85
N ARG A 39 26.09 11.64 5.77
CA ARG A 39 25.32 12.01 6.96
C ARG A 39 24.51 10.83 7.47
N CYS A 40 24.31 10.79 8.80
CA CYS A 40 23.52 9.72 9.42
C CYS A 40 22.08 10.19 9.63
N THR A 41 21.13 9.25 9.54
CA THR A 41 19.71 9.55 9.69
C THR A 41 19.25 9.41 11.15
N ARG A 42 18.38 10.32 11.58
CA ARG A 42 17.85 10.32 12.94
C ARG A 42 16.33 10.17 12.92
N CYS A 43 15.77 9.61 14.01
CA CYS A 43 14.32 9.38 14.09
C CYS A 43 13.64 10.25 15.15
N ASP A 44 12.34 10.46 14.95
CA ASP A 44 11.53 11.27 15.87
C ASP A 44 10.30 10.49 16.35
N SER A 45 9.62 11.02 17.37
CA SER A 45 8.42 10.40 17.93
C SER A 45 7.44 10.01 16.82
N GLY A 46 6.71 8.91 17.04
CA GLY A 46 5.76 8.40 16.06
C GLY A 46 6.44 7.38 15.12
N GLU A 47 7.78 7.35 15.15
CA GLU A 47 8.55 6.43 14.32
C GLU A 47 9.33 5.45 15.20
N VAL A 48 9.65 4.28 14.64
CA VAL A 48 10.40 3.24 15.37
C VAL A 48 11.79 3.06 14.77
N GLU A 49 12.76 2.83 15.63
CA GLU A 49 14.15 2.60 15.22
C GLU A 49 14.40 1.10 15.05
N LEU A 50 14.84 0.66 13.86
CA LEU A 50 15.07 -0.78 13.62
C LEU A 50 16.56 -1.16 13.75
N SER A 51 17.47 -0.26 13.36
CA SER A 51 18.91 -0.55 13.43
C SER A 51 19.74 0.69 13.85
N PRO A 52 20.88 0.50 14.53
CA PRO A 52 21.78 1.64 14.97
C PRO A 52 22.66 2.24 13.84
N CYS A 53 23.12 3.48 14.06
CA CYS A 53 23.99 4.20 13.13
C CYS A 53 25.44 4.14 13.63
N THR A 54 26.38 3.77 12.75
CA THR A 54 27.79 3.66 13.11
C THR A 54 28.66 3.69 11.84
N THR A 55 29.99 3.81 11.99
CA THR A 55 30.90 3.85 10.82
C THR A 55 30.68 2.62 9.91
N THR A 56 30.04 1.57 10.45
CA THR A 56 29.76 0.35 9.69
C THR A 56 28.25 0.02 9.73
N ARG A 57 27.42 0.96 10.19
CA ARG A 57 25.98 0.75 10.27
C ARG A 57 25.20 2.05 10.02
N ASN A 58 23.93 1.90 9.64
CA ASN A 58 23.04 2.99 9.32
C ASN A 58 21.79 2.93 10.20
N THR A 59 21.27 4.10 10.66
CA THR A 59 20.08 4.09 11.51
C THR A 59 18.86 3.97 10.61
N VAL A 60 17.94 3.14 11.05
CA VAL A 60 16.72 2.91 10.31
C VAL A 60 15.53 3.56 10.98
N CYS A 61 14.73 4.23 10.16
CA CYS A 61 13.52 4.85 10.63
C CYS A 61 12.34 4.08 10.04
N GLN A 62 11.32 3.92 10.85
CA GLN A 62 10.12 3.21 10.49
C GLN A 62 8.95 3.98 11.11
N CYS A 63 7.77 3.86 10.53
CA CYS A 63 6.61 4.59 11.06
C CYS A 63 5.60 3.59 11.63
N GLU A 64 4.78 4.06 12.58
CA GLU A 64 3.82 3.18 13.25
C GLU A 64 2.71 2.73 12.30
N GLU A 65 2.28 1.48 12.48
CA GLU A 65 1.23 0.89 11.63
C GLU A 65 0.02 1.80 11.54
N GLY A 66 -0.66 1.75 10.40
CA GLY A 66 -1.85 2.58 10.17
C GLY A 66 -1.49 3.89 9.45
N THR A 67 -0.18 4.22 9.39
CA THR A 67 0.27 5.45 8.73
C THR A 67 1.10 5.12 7.48
N PHE A 68 1.26 6.09 6.55
CA PHE A 68 2.03 5.87 5.33
C PHE A 68 2.89 7.08 4.92
N ARG A 69 4.04 6.83 4.28
CA ARG A 69 4.92 7.93 3.86
C ARG A 69 5.06 7.99 2.34
N GLU A 70 4.52 9.06 1.77
CA GLU A 70 4.59 9.29 0.33
C GLU A 70 5.78 10.18 -0.02
N GLU A 71 6.35 10.00 -1.21
CA GLU A 71 7.51 10.77 -1.65
C GLU A 71 7.26 12.29 -1.58
N ASP A 72 5.99 12.67 -1.53
CA ASP A 72 5.61 14.09 -1.47
C ASP A 72 5.68 14.65 -0.03
N SER A 73 5.94 13.78 0.97
CA SER A 73 6.03 14.21 2.36
C SER A 73 7.50 14.40 2.79
N PRO A 74 7.88 15.54 3.37
CA PRO A 74 9.30 15.77 3.81
C PRO A 74 9.79 14.70 4.78
N GLU A 75 8.95 14.37 5.77
CA GLU A 75 9.29 13.36 6.78
C GLU A 75 8.10 13.11 7.72
N MET A 76 6.93 12.86 7.11
CA MET A 76 5.70 12.61 7.87
C MET A 76 4.99 11.35 7.35
N CYS A 77 4.08 10.81 8.16
CA CYS A 77 3.31 9.63 7.79
C CYS A 77 1.82 9.98 7.88
N ARG A 78 0.99 9.47 6.95
CA ARG A 78 -0.43 9.81 6.95
C ARG A 78 -1.27 8.56 7.16
N LYS A 79 -2.49 8.74 7.65
CA LYS A 79 -3.37 7.61 7.92
C LYS A 79 -3.74 6.91 6.61
N CYS A 80 -3.63 5.58 6.62
CA CYS A 80 -3.95 4.78 5.45
C CYS A 80 -5.44 4.90 5.18
N ARG A 81 -5.85 4.57 3.96
CA ARG A 81 -7.26 4.66 3.57
C ARG A 81 -8.14 3.96 4.61
N THR A 82 -9.08 4.72 5.17
CA THR A 82 -10.00 4.19 6.18
C THR A 82 -11.22 3.52 5.54
N GLY A 83 -11.13 3.23 4.22
CA GLY A 83 -12.20 2.59 3.48
C GLY A 83 -11.97 2.74 1.98
N CYS A 84 -11.71 1.63 1.29
CA CYS A 84 -11.45 1.65 -0.15
C CYS A 84 -12.52 2.49 -0.89
N PRO A 85 -12.17 3.14 -2.00
CA PRO A 85 -13.15 3.98 -2.77
C PRO A 85 -14.44 3.23 -3.07
N ARG A 86 -15.57 3.96 -3.07
CA ARG A 86 -16.87 3.36 -3.33
C ARG A 86 -16.84 2.49 -4.60
N GLY A 87 -17.11 1.19 -4.43
CA GLY A 87 -17.11 0.25 -5.55
C GLY A 87 -15.83 -0.61 -5.59
N MET A 88 -14.97 -0.48 -4.55
CA MET A 88 -13.73 -1.26 -4.48
C MET A 88 -13.74 -2.16 -3.24
N VAL A 89 -12.71 -3.00 -3.12
CA VAL A 89 -12.61 -3.93 -1.99
C VAL A 89 -11.22 -3.91 -1.36
N LYS A 90 -11.16 -4.36 -0.10
CA LYS A 90 -9.89 -4.42 0.65
C LYS A 90 -9.10 -5.66 0.27
N VAL A 91 -7.81 -5.48 -0.09
CA VAL A 91 -6.97 -6.61 -0.49
C VAL A 91 -5.47 -6.38 -0.23
N GLY A 92 -5.04 -5.11 0.01
CA GLY A 92 -3.61 -4.84 0.23
C GLY A 92 -3.28 -4.39 1.64
N ASP A 93 -2.05 -4.73 2.04
CA ASP A 93 -1.47 -4.41 3.34
C ASP A 93 -0.86 -3.00 3.35
N CYS A 94 -0.93 -2.31 4.50
CA CYS A 94 -0.40 -0.95 4.60
C CYS A 94 0.92 -0.95 5.39
N THR A 95 1.93 -0.37 4.76
CA THR A 95 3.27 -0.26 5.30
C THR A 95 3.57 1.19 5.66
N PRO A 96 4.26 1.46 6.76
CA PRO A 96 4.56 2.86 7.21
C PRO A 96 4.97 3.78 6.04
N TRP A 97 5.48 3.20 4.95
CA TRP A 97 5.89 3.98 3.79
C TRP A 97 4.81 3.96 2.66
N SER A 98 4.23 2.79 2.36
CA SER A 98 3.23 2.69 1.28
C SER A 98 1.78 2.56 1.81
N ASP A 99 0.79 2.83 0.94
CA ASP A 99 -0.62 2.77 1.30
C ASP A 99 -1.23 1.37 1.00
N ILE A 100 -2.53 1.22 1.30
CA ILE A 100 -3.24 -0.05 1.08
C ILE A 100 -3.56 -0.26 -0.41
N GLU A 101 -4.12 -1.44 -0.74
CA GLU A 101 -4.52 -1.72 -2.13
C GLU A 101 -6.02 -1.97 -2.20
N CYS A 102 -6.67 -1.31 -3.16
CA CYS A 102 -8.11 -1.45 -3.38
C CYS A 102 -8.35 -1.94 -4.81
N VAL A 103 -9.35 -2.82 -4.99
CA VAL A 103 -9.66 -3.37 -6.32
C VAL A 103 -11.14 -3.21 -6.64
N HIS A 104 -11.43 -2.83 -7.90
CA HIS A 104 -12.80 -2.65 -8.36
C HIS A 104 -13.22 -3.84 -9.24
N LYS A 105 -14.42 -4.40 -8.98
CA LYS A 105 -14.92 -5.53 -9.75
C LYS A 105 -16.36 -5.86 -9.37
N GLU A 106 -17.21 -6.07 -10.38
CA GLU A 106 -18.63 -6.40 -10.15
C GLU A 106 -19.28 -5.35 -9.23
N SER A 107 -18.85 -4.10 -9.34
CA SER A 107 -19.39 -3.02 -8.52
C SER A 107 -19.42 -1.69 -9.29
N GLY A 108 -19.56 -1.77 -10.62
CA GLY A 108 -19.61 -0.58 -11.48
C GLY A 108 -20.81 -0.63 -12.42
N ASP A 109 -21.94 -1.16 -11.93
CA ASP A 109 -23.16 -1.26 -12.73
C ASP A 109 -24.31 -0.51 -12.06
N SER B 1 29.23 6.80 -5.08
CA SER B 1 27.82 7.26 -5.24
C SER B 1 26.96 6.10 -5.76
N GLU B 2 26.12 5.55 -4.88
CA GLU B 2 25.25 4.43 -5.24
C GLU B 2 23.78 4.78 -4.94
N GLY B 3 22.86 3.94 -5.43
CA GLY B 3 21.43 4.17 -5.20
C GLY B 3 20.59 2.89 -5.45
N LEU B 4 21.25 1.73 -5.51
CA LEU B 4 20.55 0.46 -5.73
C LEU B 4 20.57 -0.37 -4.46
N CYS B 5 19.58 -1.27 -4.32
CA CYS B 5 19.49 -2.13 -3.13
C CYS B 5 19.15 -3.59 -3.50
N PRO B 6 19.53 -4.58 -2.67
CA PRO B 6 19.23 -6.02 -2.94
C PRO B 6 17.74 -6.36 -2.68
N PRO B 7 17.26 -7.53 -3.11
CA PRO B 7 15.84 -7.94 -2.88
C PRO B 7 15.45 -7.87 -1.40
N GLY B 8 14.20 -7.47 -1.13
CA GLY B 8 13.72 -7.36 0.25
C GLY B 8 14.08 -6.00 0.88
N HIS B 9 14.84 -5.17 0.15
CA HIS B 9 15.26 -3.87 0.65
C HIS B 9 14.89 -2.74 -0.32
N HIS B 10 14.66 -1.55 0.24
CA HIS B 10 14.29 -0.36 -0.52
C HIS B 10 15.11 0.84 -0.02
N ILE B 11 15.30 1.87 -0.84
CA ILE B 11 16.12 3.04 -0.42
C ILE B 11 15.23 4.30 -0.28
N SER B 12 15.42 5.01 0.84
CA SER B 12 14.62 6.20 1.16
C SER B 12 14.74 7.28 0.07
N GLU B 13 13.83 8.24 0.13
CA GLU B 13 13.79 9.35 -0.84
C GLU B 13 15.13 10.09 -0.92
N ASP B 14 15.95 10.02 0.14
CA ASP B 14 17.22 10.69 0.16
C ASP B 14 18.30 9.95 -0.68
N GLY B 15 17.95 8.79 -1.23
CA GLY B 15 18.88 8.02 -2.08
C GLY B 15 20.16 7.54 -1.37
N ARG B 16 20.41 7.91 -0.09
CA ARG B 16 21.64 7.51 0.59
C ARG B 16 21.41 6.47 1.70
N ASP B 17 20.20 5.88 1.80
CA ASP B 17 19.95 4.88 2.85
C ASP B 17 19.03 3.79 2.33
N CYS B 18 19.19 2.59 2.88
CA CYS B 18 18.36 1.45 2.51
C CYS B 18 17.75 0.83 3.76
N ILE B 19 16.44 0.56 3.70
CA ILE B 19 15.72 0.00 4.85
C ILE B 19 15.05 -1.34 4.51
N SER B 20 15.03 -2.20 5.51
CA SER B 20 14.45 -3.54 5.43
C SER B 20 12.91 -3.49 5.39
N CYS B 21 12.30 -4.43 4.64
CA CYS B 21 10.83 -4.50 4.53
C CYS B 21 10.38 -5.71 5.38
N LYS B 22 9.13 -5.67 5.88
CA LYS B 22 8.64 -6.72 6.77
C LYS B 22 8.12 -7.94 6.01
N TYR B 23 8.35 -9.11 6.61
CA TYR B 23 7.89 -10.36 6.02
C TYR B 23 6.37 -10.32 5.90
N GLY B 24 5.85 -10.73 4.74
CA GLY B 24 4.41 -10.74 4.52
C GLY B 24 3.84 -9.34 4.16
N GLN B 25 4.48 -8.22 4.55
CA GLN B 25 3.94 -6.90 4.21
C GLN B 25 4.24 -6.61 2.74
N ASP B 26 5.52 -6.44 2.41
CA ASP B 26 5.94 -6.18 1.04
C ASP B 26 7.36 -6.73 0.84
N TYR B 27 7.75 -6.90 -0.42
CA TYR B 27 9.09 -7.40 -0.75
C TYR B 27 9.55 -6.93 -2.13
N SER B 28 10.79 -7.25 -2.47
CA SER B 28 11.34 -6.92 -3.79
C SER B 28 12.05 -8.18 -4.31
N THR B 29 11.76 -8.58 -5.56
CA THR B 29 12.36 -9.80 -6.12
C THR B 29 13.68 -9.52 -6.85
N HIS B 30 13.76 -8.36 -7.52
CA HIS B 30 14.97 -8.00 -8.27
C HIS B 30 15.55 -6.68 -7.74
N TRP B 31 16.84 -6.44 -8.06
CA TRP B 31 17.52 -5.21 -7.62
C TRP B 31 16.68 -3.99 -7.98
N ASN B 32 16.50 -3.07 -7.01
CA ASN B 32 15.70 -1.88 -7.25
C ASN B 32 16.37 -0.63 -6.64
N ASP B 33 15.91 0.54 -7.08
CA ASP B 33 16.44 1.80 -6.60
C ASP B 33 15.29 2.80 -6.36
N LEU B 34 14.37 2.42 -5.47
CA LEU B 34 13.22 3.27 -5.16
C LEU B 34 12.84 3.16 -3.68
N LEU B 35 12.02 4.10 -3.23
CA LEU B 35 11.53 4.13 -1.85
C LEU B 35 10.26 3.29 -1.66
N PHE B 36 9.86 2.55 -2.71
CA PHE B 36 8.66 1.71 -2.65
C PHE B 36 9.02 0.24 -2.52
N CYS B 37 8.19 -0.49 -1.78
CA CYS B 37 8.35 -1.92 -1.58
C CYS B 37 7.21 -2.61 -2.33
N LEU B 38 7.48 -3.72 -3.02
CA LEU B 38 6.44 -4.39 -3.80
C LEU B 38 5.48 -5.17 -2.89
N ARG B 39 4.20 -4.90 -3.07
CA ARG B 39 3.13 -5.52 -2.28
C ARG B 39 3.08 -7.04 -2.50
N CYS B 40 2.61 -7.74 -1.48
CA CYS B 40 2.52 -9.21 -1.51
C CYS B 40 1.14 -9.64 -2.03
N THR B 41 1.13 -10.79 -2.73
CA THR B 41 -0.09 -11.32 -3.33
C THR B 41 -0.88 -12.19 -2.34
N ARG B 42 -2.20 -12.05 -2.41
CA ARG B 42 -3.11 -12.79 -1.55
C ARG B 42 -4.12 -13.55 -2.39
N CYS B 43 -4.67 -14.65 -1.85
CA CYS B 43 -5.65 -15.47 -2.59
C CYS B 43 -7.02 -15.35 -1.92
N ASP B 44 -8.08 -15.59 -2.70
CA ASP B 44 -9.45 -15.48 -2.21
C ASP B 44 -10.09 -16.84 -1.98
N SER B 45 -11.26 -16.84 -1.31
CA SER B 45 -11.97 -18.08 -1.01
C SER B 45 -12.09 -18.95 -2.27
N GLY B 46 -12.07 -20.26 -2.06
CA GLY B 46 -12.12 -21.20 -3.18
C GLY B 46 -10.71 -21.50 -3.71
N GLU B 47 -9.73 -20.65 -3.31
CA GLU B 47 -8.34 -20.84 -3.71
C GLU B 47 -7.47 -21.08 -2.48
N VAL B 48 -6.38 -21.84 -2.66
CA VAL B 48 -5.47 -22.16 -1.55
C VAL B 48 -4.10 -21.52 -1.76
N GLU B 49 -3.38 -21.30 -0.67
CA GLU B 49 -2.04 -20.71 -0.72
C GLU B 49 -1.00 -21.82 -0.91
N LEU B 50 -0.25 -21.76 -2.01
CA LEU B 50 0.77 -22.78 -2.29
C LEU B 50 2.07 -22.45 -1.58
N SER B 51 2.49 -21.19 -1.65
CA SER B 51 3.72 -20.74 -1.00
C SER B 51 3.56 -19.29 -0.49
N PRO B 52 3.87 -18.98 0.78
CA PRO B 52 3.77 -17.59 1.31
C PRO B 52 4.91 -16.70 0.80
N CYS B 53 4.73 -15.37 0.81
CA CYS B 53 5.78 -14.46 0.34
C CYS B 53 6.55 -13.85 1.51
N THR B 54 7.82 -13.60 1.24
CA THR B 54 8.73 -13.00 2.21
C THR B 54 9.48 -11.88 1.54
N THR B 55 10.40 -11.24 2.27
CA THR B 55 11.19 -10.14 1.71
C THR B 55 11.92 -10.58 0.43
N THR B 56 12.06 -11.90 0.24
CA THR B 56 12.75 -12.43 -0.95
C THR B 56 11.89 -13.45 -1.72
N ARG B 57 10.58 -13.53 -1.43
CA ARG B 57 9.72 -14.51 -2.13
C ARG B 57 8.35 -13.95 -2.54
N ASN B 58 7.74 -14.61 -3.53
CA ASN B 58 6.43 -14.23 -4.07
C ASN B 58 5.37 -15.28 -3.70
N THR B 59 4.16 -14.84 -3.33
CA THR B 59 3.08 -15.76 -2.95
C THR B 59 2.33 -16.27 -4.18
N VAL B 60 2.05 -17.57 -4.18
CA VAL B 60 1.34 -18.23 -5.29
C VAL B 60 -0.05 -18.65 -4.83
N CYS B 61 -1.01 -18.68 -5.76
CA CYS B 61 -2.38 -19.08 -5.44
C CYS B 61 -2.68 -20.44 -6.09
N GLN B 62 -3.61 -21.16 -5.47
CA GLN B 62 -4.01 -22.49 -5.92
C GLN B 62 -5.54 -22.55 -6.03
N CYS B 63 -6.04 -23.44 -6.89
CA CYS B 63 -7.50 -23.57 -7.08
C CYS B 63 -7.93 -24.94 -6.55
N GLU B 64 -9.12 -25.00 -5.96
CA GLU B 64 -9.63 -26.25 -5.37
C GLU B 64 -9.94 -27.29 -6.45
N GLU B 65 -9.79 -28.56 -6.10
CA GLU B 65 -10.05 -29.67 -7.02
C GLU B 65 -11.42 -29.52 -7.69
N GLY B 66 -11.49 -29.88 -8.98
CA GLY B 66 -12.74 -29.77 -9.73
C GLY B 66 -12.79 -28.48 -10.57
N THR B 67 -11.80 -27.59 -10.40
CA THR B 67 -11.77 -26.32 -11.14
C THR B 67 -10.50 -26.25 -12.01
N PHE B 68 -10.48 -25.38 -13.05
CA PHE B 68 -9.28 -25.27 -13.89
C PHE B 68 -9.01 -23.82 -14.32
N ARG B 69 -7.72 -23.45 -14.43
CA ARG B 69 -7.35 -22.08 -14.83
C ARG B 69 -6.12 -22.07 -15.73
N GLU B 70 -6.33 -21.66 -16.98
CA GLU B 70 -5.24 -21.56 -17.96
C GLU B 70 -4.68 -20.14 -17.99
N GLU B 71 -3.39 -20.01 -18.32
CA GLU B 71 -2.72 -18.71 -18.36
C GLU B 71 -3.45 -17.70 -19.26
N ASP B 72 -4.31 -18.20 -20.13
CA ASP B 72 -5.08 -17.36 -21.04
C ASP B 72 -6.24 -16.64 -20.32
N SER B 73 -6.63 -17.14 -19.14
CA SER B 73 -7.72 -16.54 -18.37
C SER B 73 -7.37 -16.51 -16.86
N PRO B 74 -6.79 -15.43 -16.35
CA PRO B 74 -6.40 -15.32 -14.89
C PRO B 74 -7.60 -15.07 -13.97
N GLU B 75 -7.38 -15.21 -12.65
CA GLU B 75 -8.44 -14.98 -11.65
C GLU B 75 -9.76 -15.67 -12.02
N MET B 76 -9.69 -16.70 -12.87
CA MET B 76 -10.87 -17.43 -13.30
C MET B 76 -10.61 -18.95 -13.26
N CYS B 77 -11.51 -19.69 -12.60
CA CYS B 77 -11.41 -21.14 -12.50
C CYS B 77 -12.70 -21.72 -13.08
N ARG B 78 -12.61 -22.83 -13.83
CA ARG B 78 -13.82 -23.43 -14.42
C ARG B 78 -13.90 -24.91 -14.09
N LYS B 79 -15.09 -25.47 -14.19
CA LYS B 79 -15.32 -26.87 -13.86
C LYS B 79 -14.61 -27.81 -14.83
N CYS B 80 -13.75 -28.67 -14.27
CA CYS B 80 -12.99 -29.65 -15.05
C CYS B 80 -13.92 -30.74 -15.55
N ARG B 81 -13.57 -31.33 -16.69
CA ARG B 81 -14.37 -32.39 -17.29
C ARG B 81 -14.12 -33.71 -16.57
N THR B 82 -15.20 -34.46 -16.32
CA THR B 82 -15.10 -35.76 -15.64
C THR B 82 -15.04 -36.92 -16.64
N GLY B 83 -15.40 -36.66 -17.90
CA GLY B 83 -15.38 -37.69 -18.94
C GLY B 83 -15.90 -37.14 -20.27
N CYS B 84 -15.16 -37.38 -21.35
CA CYS B 84 -15.54 -36.89 -22.67
C CYS B 84 -16.77 -37.67 -23.20
N PRO B 85 -17.56 -37.08 -24.10
CA PRO B 85 -18.77 -37.77 -24.67
C PRO B 85 -18.43 -39.15 -25.26
N ARG B 86 -19.46 -39.93 -25.60
CA ARG B 86 -19.26 -41.26 -26.18
C ARG B 86 -18.34 -41.18 -27.40
N GLY B 87 -17.50 -42.22 -27.56
CA GLY B 87 -16.56 -42.28 -28.69
C GLY B 87 -15.15 -41.87 -28.24
N MET B 88 -15.08 -40.92 -27.29
CA MET B 88 -13.79 -40.45 -26.78
C MET B 88 -13.39 -41.22 -25.53
N VAL B 89 -12.09 -41.22 -25.21
CA VAL B 89 -11.56 -41.92 -24.04
C VAL B 89 -10.74 -40.96 -23.16
N LYS B 90 -11.07 -40.93 -21.87
CA LYS B 90 -10.38 -40.08 -20.90
C LYS B 90 -9.03 -40.72 -20.56
N VAL B 91 -7.96 -39.91 -20.52
CA VAL B 91 -6.62 -40.45 -20.20
C VAL B 91 -5.70 -39.41 -19.52
N GLY B 92 -6.18 -38.16 -19.33
CA GLY B 92 -5.35 -37.14 -18.70
C GLY B 92 -5.86 -36.71 -17.33
N ASP B 93 -4.91 -36.32 -16.50
CA ASP B 93 -5.15 -35.85 -15.13
C ASP B 93 -5.52 -34.37 -15.12
N CYS B 94 -6.40 -33.97 -14.19
CA CYS B 94 -6.84 -32.58 -14.13
C CYS B 94 -6.17 -31.85 -12.97
N THR B 95 -5.53 -30.73 -13.33
CA THR B 95 -4.81 -29.88 -12.40
C THR B 95 -5.54 -28.53 -12.28
N PRO B 96 -5.63 -27.94 -11.09
CA PRO B 96 -6.34 -26.63 -10.91
C PRO B 96 -6.02 -25.62 -12.03
N TRP B 97 -4.88 -25.81 -12.71
CA TRP B 97 -4.48 -24.91 -13.81
C TRP B 97 -4.97 -25.44 -15.18
N SER B 98 -4.70 -26.73 -15.48
CA SER B 98 -5.08 -27.34 -16.77
C SER B 98 -6.26 -28.32 -16.65
N ASP B 99 -6.85 -28.66 -17.81
CA ASP B 99 -7.99 -29.59 -17.88
C ASP B 99 -7.48 -31.02 -18.18
N ILE B 100 -8.42 -31.98 -18.27
CA ILE B 100 -8.08 -33.40 -18.54
C ILE B 100 -7.65 -33.59 -20.00
N GLU B 101 -7.22 -34.82 -20.33
CA GLU B 101 -6.84 -35.14 -21.70
C GLU B 101 -7.70 -36.28 -22.25
N CYS B 102 -8.20 -36.11 -23.48
CA CYS B 102 -9.02 -37.13 -24.11
C CYS B 102 -8.38 -37.59 -25.42
N VAL B 103 -8.50 -38.89 -25.69
CA VAL B 103 -7.91 -39.50 -26.89
C VAL B 103 -8.91 -40.45 -27.56
N HIS B 104 -8.97 -40.41 -28.89
CA HIS B 104 -9.87 -41.29 -29.65
C HIS B 104 -9.08 -42.42 -30.30
N LYS B 105 -9.73 -43.58 -30.49
CA LYS B 105 -9.08 -44.74 -31.10
C LYS B 105 -10.09 -45.64 -31.82
N GLU B 106 -11.05 -46.17 -31.07
CA GLU B 106 -12.08 -47.05 -31.65
C GLU B 106 -13.15 -47.40 -30.60
N SER B 107 -14.40 -47.53 -31.06
CA SER B 107 -15.51 -47.87 -30.17
C SER B 107 -16.75 -48.32 -30.97
N GLY B 108 -16.52 -48.91 -32.14
CA GLY B 108 -17.61 -49.38 -33.00
C GLY B 108 -17.74 -48.52 -34.25
N ASP B 109 -18.44 -49.04 -35.27
CA ASP B 109 -18.64 -48.32 -36.52
C ASP B 109 -19.79 -47.33 -36.40
N SER C 1 -33.53 -19.09 -10.15
CA SER C 1 -32.55 -19.15 -9.01
C SER C 1 -31.49 -18.07 -9.21
N GLU C 2 -31.49 -17.07 -8.30
CA GLU C 2 -30.51 -15.97 -8.38
C GLU C 2 -29.41 -16.16 -7.32
N GLY C 3 -28.38 -15.31 -7.39
CA GLY C 3 -27.26 -15.37 -6.45
C GLY C 3 -26.68 -13.98 -6.18
N LEU C 4 -27.54 -13.06 -5.72
CA LEU C 4 -27.13 -11.69 -5.42
C LEU C 4 -27.55 -11.31 -3.99
N CYS C 5 -26.82 -10.36 -3.38
CA CYS C 5 -27.14 -9.91 -2.03
C CYS C 5 -27.45 -8.39 -2.03
N PRO C 6 -28.61 -7.94 -1.54
CA PRO C 6 -28.97 -6.47 -1.55
C PRO C 6 -28.01 -5.61 -0.70
N PRO C 7 -28.05 -4.28 -0.83
CA PRO C 7 -27.15 -3.38 -0.05
C PRO C 7 -27.26 -3.61 1.46
N GLY C 8 -26.11 -3.73 2.12
CA GLY C 8 -26.06 -3.96 3.56
C GLY C 8 -25.82 -5.45 3.89
N HIS C 9 -25.68 -6.30 2.85
CA HIS C 9 -25.46 -7.72 3.05
C HIS C 9 -24.31 -8.23 2.18
N HIS C 10 -23.71 -9.35 2.59
CA HIS C 10 -22.61 -9.97 1.86
C HIS C 10 -22.88 -11.48 1.71
N ILE C 11 -22.28 -12.11 0.69
CA ILE C 11 -22.51 -13.53 0.43
C ILE C 11 -21.24 -14.37 0.68
N SER C 12 -21.46 -15.64 1.06
CA SER C 12 -20.35 -16.55 1.34
C SER C 12 -19.71 -17.04 0.05
N GLU C 13 -18.58 -17.75 0.18
CA GLU C 13 -17.85 -18.28 -0.96
C GLU C 13 -18.69 -19.27 -1.76
N ASP C 14 -19.43 -20.10 -1.04
CA ASP C 14 -20.28 -21.12 -1.66
C ASP C 14 -21.58 -20.53 -2.24
N GLY C 15 -21.80 -19.22 -2.04
CA GLY C 15 -23.00 -18.56 -2.59
C GLY C 15 -24.35 -19.08 -2.03
N ARG C 16 -24.35 -20.13 -1.18
CA ARG C 16 -25.61 -20.67 -0.65
C ARG C 16 -26.14 -19.87 0.55
N ASP C 17 -25.33 -18.95 1.11
CA ASP C 17 -25.77 -18.16 2.26
C ASP C 17 -25.28 -16.71 2.20
N CYS C 18 -26.08 -15.80 2.77
CA CYS C 18 -25.75 -14.39 2.82
C CYS C 18 -25.88 -13.89 4.28
N ILE C 19 -24.88 -13.13 4.74
CA ILE C 19 -24.90 -12.63 6.12
C ILE C 19 -25.09 -11.11 6.13
N SER C 20 -25.91 -10.66 7.10
CA SER C 20 -26.23 -9.25 7.26
C SER C 20 -25.10 -8.45 7.91
N CYS C 21 -24.93 -7.21 7.44
CA CYS C 21 -23.90 -6.31 7.98
C CYS C 21 -24.66 -5.19 8.71
N LYS C 22 -24.13 -4.77 9.87
CA LYS C 22 -24.81 -3.74 10.68
C LYS C 22 -24.11 -2.40 10.66
N TYR C 23 -24.93 -1.35 10.72
CA TYR C 23 -24.45 0.05 10.75
C TYR C 23 -23.31 0.19 11.76
N GLY C 24 -22.30 1.02 11.42
CA GLY C 24 -21.16 1.25 12.31
C GLY C 24 -20.03 0.20 12.15
N GLN C 25 -20.35 -1.04 11.70
CA GLN C 25 -19.31 -2.05 11.51
C GLN C 25 -18.82 -1.97 10.06
N ASP C 26 -19.76 -2.13 9.14
CA ASP C 26 -19.48 -2.06 7.70
C ASP C 26 -20.80 -1.76 6.96
N TYR C 27 -20.72 -1.44 5.67
CA TYR C 27 -21.92 -1.15 4.88
C TYR C 27 -21.71 -1.41 3.39
N SER C 28 -22.80 -1.28 2.62
CA SER C 28 -22.77 -1.43 1.18
C SER C 28 -23.78 -0.46 0.57
N THR C 29 -23.37 0.30 -0.44
CA THR C 29 -24.26 1.30 -1.06
C THR C 29 -25.13 0.69 -2.16
N HIS C 30 -24.57 -0.25 -2.93
CA HIS C 30 -25.32 -0.89 -4.01
C HIS C 30 -25.21 -2.42 -3.94
N TRP C 31 -26.11 -3.13 -4.63
CA TRP C 31 -26.11 -4.60 -4.64
C TRP C 31 -24.70 -5.12 -4.96
N ASN C 32 -24.33 -6.27 -4.38
CA ASN C 32 -23.00 -6.82 -4.61
C ASN C 32 -22.95 -8.32 -4.32
N ASP C 33 -21.81 -8.93 -4.67
CA ASP C 33 -21.60 -10.36 -4.45
C ASP C 33 -20.19 -10.62 -3.90
N LEU C 34 -19.93 -10.16 -2.66
CA LEU C 34 -18.62 -10.32 -2.03
C LEU C 34 -18.76 -10.99 -0.66
N LEU C 35 -17.62 -11.28 -0.02
CA LEU C 35 -17.61 -11.91 1.31
C LEU C 35 -17.50 -10.85 2.41
N PHE C 36 -16.89 -9.70 2.08
CA PHE C 36 -16.71 -8.61 3.03
C PHE C 36 -17.69 -7.48 2.72
N CYS C 37 -17.87 -6.58 3.68
CA CYS C 37 -18.76 -5.44 3.51
C CYS C 37 -17.88 -4.19 3.38
N LEU C 38 -18.37 -3.16 2.68
CA LEU C 38 -17.57 -1.96 2.49
C LEU C 38 -17.35 -1.29 3.85
N ARG C 39 -16.09 -0.96 4.12
CA ARG C 39 -15.69 -0.37 5.39
C ARG C 39 -16.34 1.00 5.64
N CYS C 40 -16.53 1.30 6.93
CA CYS C 40 -17.13 2.57 7.36
C CYS C 40 -15.98 3.55 7.62
N THR C 41 -16.19 4.81 7.22
CA THR C 41 -15.15 5.83 7.37
C THR C 41 -15.14 6.48 8.75
N ARG C 42 -13.93 6.70 9.25
CA ARG C 42 -13.70 7.31 10.55
C ARG C 42 -12.68 8.43 10.40
N CYS C 43 -12.70 9.42 11.31
CA CYS C 43 -11.77 10.55 11.23
C CYS C 43 -10.77 10.51 12.38
N ASP C 44 -9.57 11.04 12.13
CA ASP C 44 -8.49 11.05 13.11
C ASP C 44 -8.63 12.25 14.06
N SER C 45 -7.84 12.23 15.15
CA SER C 45 -7.86 13.30 16.14
C SER C 45 -7.73 14.66 15.45
N GLY C 46 -8.59 15.60 15.85
CA GLY C 46 -8.61 16.94 15.26
C GLY C 46 -9.72 17.04 14.20
N GLU C 47 -10.24 15.88 13.76
CA GLU C 47 -11.32 15.85 12.76
C GLU C 47 -12.59 15.27 13.39
N VAL C 48 -13.74 15.79 12.96
CA VAL C 48 -15.05 15.34 13.47
C VAL C 48 -15.83 14.66 12.35
N GLU C 49 -16.77 13.80 12.73
CA GLU C 49 -17.63 13.11 11.75
C GLU C 49 -18.80 14.02 11.37
N LEU C 50 -18.85 14.45 10.11
CA LEU C 50 -19.92 15.34 9.64
C LEU C 50 -21.25 14.58 9.62
N SER C 51 -21.20 13.35 9.13
CA SER C 51 -22.38 12.50 9.06
C SER C 51 -21.97 11.02 9.31
N PRO C 52 -22.62 10.30 10.24
CA PRO C 52 -22.25 8.87 10.52
C PRO C 52 -22.67 7.93 9.38
N CYS C 53 -22.04 6.74 9.32
CA CYS C 53 -22.35 5.78 8.26
C CYS C 53 -23.28 4.70 8.77
N THR C 54 -24.37 4.49 8.05
CA THR C 54 -25.34 3.47 8.39
C THR C 54 -25.12 2.26 7.49
N THR C 55 -25.92 1.22 7.68
CA THR C 55 -25.79 0.02 6.86
C THR C 55 -25.89 0.34 5.36
N THR C 56 -26.43 1.53 5.02
CA THR C 56 -26.59 1.95 3.62
C THR C 56 -25.96 3.33 3.33
N ARG C 57 -25.13 3.87 4.24
CA ARG C 57 -24.52 5.20 4.02
C ARG C 57 -23.03 5.25 4.40
N ASN C 58 -22.34 6.28 3.87
CA ASN C 58 -20.90 6.48 4.10
C ASN C 58 -20.64 7.70 5.02
N THR C 59 -19.65 7.58 5.93
CA THR C 59 -19.30 8.66 6.87
C THR C 59 -18.35 9.67 6.22
N VAL C 60 -18.62 10.95 6.49
CA VAL C 60 -17.81 12.05 5.96
C VAL C 60 -16.97 12.66 7.09
N CYS C 61 -15.80 13.20 6.75
CA CYS C 61 -14.92 13.80 7.77
C CYS C 61 -14.83 15.33 7.60
N GLN C 62 -14.77 16.00 8.74
CA GLN C 62 -14.70 17.46 8.81
C GLN C 62 -13.60 17.85 9.82
N CYS C 63 -13.02 19.04 9.68
CA CYS C 63 -11.94 19.45 10.58
C CYS C 63 -12.43 20.60 11.47
N GLU C 64 -11.79 20.76 12.64
CA GLU C 64 -12.21 21.76 13.61
C GLU C 64 -11.94 23.19 13.12
N GLU C 65 -12.86 24.09 13.47
CA GLU C 65 -12.76 25.50 13.10
C GLU C 65 -11.38 26.07 13.45
N GLY C 66 -10.93 27.04 12.64
CA GLY C 66 -9.62 27.67 12.86
C GLY C 66 -8.55 27.01 11.97
N THR C 67 -8.80 25.78 11.54
CA THR C 67 -7.87 25.04 10.69
C THR C 67 -8.43 24.95 9.26
N PHE C 68 -7.58 24.66 8.26
CA PHE C 68 -8.05 24.58 6.86
C PHE C 68 -7.34 23.49 6.07
N ARG C 69 -8.04 22.90 5.09
CA ARG C 69 -7.45 21.86 4.25
C ARG C 69 -7.86 22.07 2.79
N GLU C 70 -6.93 21.79 1.90
CA GLU C 70 -7.14 21.94 0.45
C GLU C 70 -7.86 20.72 -0.12
N GLU C 71 -8.64 20.94 -1.17
CA GLU C 71 -9.36 19.86 -1.85
C GLU C 71 -8.38 18.80 -2.38
N ASP C 72 -7.13 19.21 -2.53
CA ASP C 72 -6.07 18.33 -3.04
C ASP C 72 -5.24 17.72 -1.88
N SER C 73 -5.28 18.36 -0.70
CA SER C 73 -4.52 17.87 0.45
C SER C 73 -5.07 16.48 0.90
N PRO C 74 -4.21 15.57 1.39
CA PRO C 74 -4.68 14.21 1.81
C PRO C 74 -5.76 14.27 2.90
N GLU C 75 -5.40 14.82 4.07
CA GLU C 75 -6.34 14.92 5.20
C GLU C 75 -5.72 15.74 6.35
N MET C 76 -4.97 16.77 5.99
CA MET C 76 -4.33 17.64 6.98
C MET C 76 -5.01 19.01 7.02
N CYS C 77 -5.02 19.63 8.20
CA CYS C 77 -5.65 20.94 8.38
C CYS C 77 -4.59 21.91 8.93
N ARG C 78 -4.61 23.18 8.48
CA ARG C 78 -3.63 24.16 8.96
C ARG C 78 -4.32 25.39 9.53
N LYS C 79 -3.65 26.07 10.45
CA LYS C 79 -4.23 27.25 11.09
C LYS C 79 -4.37 28.40 10.10
N CYS C 80 -5.61 28.90 9.98
CA CYS C 80 -5.90 30.02 9.09
C CYS C 80 -5.23 31.27 9.64
N ARG C 81 -5.00 32.26 8.77
CA ARG C 81 -4.33 33.50 9.20
C ARG C 81 -5.30 34.37 9.99
N THR C 82 -4.88 34.75 11.20
CA THR C 82 -5.70 35.59 12.08
C THR C 82 -5.48 37.09 11.81
N GLY C 83 -4.61 37.42 10.84
CA GLY C 83 -4.33 38.82 10.50
C GLY C 83 -3.50 38.91 9.22
N CYS C 84 -4.13 39.39 8.14
CA CYS C 84 -3.46 39.53 6.85
C CYS C 84 -2.14 40.32 7.01
N PRO C 85 -1.18 40.16 6.08
CA PRO C 85 0.12 40.88 6.16
C PRO C 85 -0.07 42.39 6.35
N ARG C 86 0.99 43.08 6.80
CA ARG C 86 0.93 44.53 7.02
C ARG C 86 0.45 45.24 5.77
N GLY C 87 -0.55 46.12 5.94
CA GLY C 87 -1.12 46.87 4.82
C GLY C 87 -2.17 46.04 4.07
N MET C 88 -2.87 45.16 4.79
CA MET C 88 -3.89 44.31 4.21
C MET C 88 -5.20 44.39 5.01
N VAL C 89 -6.29 43.91 4.42
CA VAL C 89 -7.60 43.94 5.08
C VAL C 89 -8.26 42.56 4.99
N LYS C 90 -8.89 42.12 6.09
CA LYS C 90 -9.56 40.83 6.14
C LYS C 90 -10.91 40.94 5.42
N VAL C 91 -11.26 39.93 4.61
CA VAL C 91 -12.52 39.96 3.86
C VAL C 91 -13.19 38.59 3.76
N GLY C 92 -12.42 37.49 3.90
CA GLY C 92 -13.00 36.15 3.78
C GLY C 92 -12.98 35.36 5.09
N ASP C 93 -13.98 34.49 5.20
CA ASP C 93 -14.19 33.60 6.34
C ASP C 93 -13.45 32.28 6.12
N CYS C 94 -12.95 31.66 7.19
CA CYS C 94 -12.19 30.42 7.05
C CYS C 94 -13.02 29.21 7.50
N THR C 95 -13.13 28.28 6.56
CA THR C 95 -13.87 27.03 6.72
C THR C 95 -12.88 25.86 6.72
N PRO C 96 -13.07 24.81 7.52
CA PRO C 96 -12.10 23.66 7.59
C PRO C 96 -11.56 23.26 6.20
N TRP C 97 -12.34 23.54 5.15
CA TRP C 97 -11.93 23.22 3.77
C TRP C 97 -11.33 24.45 3.03
N SER C 98 -11.74 25.67 3.42
CA SER C 98 -11.26 26.91 2.79
C SER C 98 -10.29 27.69 3.69
N ASP C 99 -9.57 28.65 3.09
CA ASP C 99 -8.62 29.49 3.83
C ASP C 99 -9.13 30.95 3.88
N ILE C 100 -8.58 31.77 4.81
CA ILE C 100 -8.98 33.17 4.94
C ILE C 100 -8.69 33.94 3.65
N GLU C 101 -9.39 35.08 3.46
CA GLU C 101 -9.16 35.92 2.27
C GLU C 101 -8.69 37.31 2.69
N CYS C 102 -7.68 37.82 1.97
CA CYS C 102 -7.13 39.14 2.24
C CYS C 102 -7.26 40.02 0.99
N VAL C 103 -7.58 41.30 1.20
CA VAL C 103 -7.74 42.25 0.09
C VAL C 103 -7.06 43.58 0.44
N HIS C 104 -6.70 44.34 -0.59
CA HIS C 104 -6.05 45.64 -0.40
C HIS C 104 -7.04 46.78 -0.62
N LYS C 105 -6.94 47.83 0.21
CA LYS C 105 -7.83 48.98 0.12
C LYS C 105 -9.30 48.57 0.23
N GLU C 106 -9.90 48.82 1.39
CA GLU C 106 -11.30 48.46 1.63
C GLU C 106 -12.22 49.20 0.66
N SER C 107 -11.89 50.47 0.39
CA SER C 107 -12.69 51.29 -0.54
C SER C 107 -12.00 52.64 -0.79
N GLY C 108 -11.69 53.36 0.30
CA GLY C 108 -11.03 54.66 0.19
C GLY C 108 -10.74 55.24 1.58
N ASP C 109 -11.79 55.40 2.39
CA ASP C 109 -11.64 55.94 3.74
C ASP C 109 -12.41 55.09 4.75
N SER A 1 38.87 3.77 -11.26
CA SER A 1 40.22 3.20 -11.50
C SER A 1 41.10 3.41 -10.26
N GLU A 2 41.21 2.36 -9.44
CA GLU A 2 42.02 2.41 -8.22
C GLU A 2 41.58 3.60 -7.34
N GLY A 3 40.37 3.50 -6.79
CA GLY A 3 39.82 4.55 -5.93
C GLY A 3 38.64 4.04 -5.12
N LEU A 4 38.91 3.08 -4.22
CA LEU A 4 37.86 2.49 -3.38
C LEU A 4 38.31 2.43 -1.92
N CYS A 5 37.38 2.67 -0.99
CA CYS A 5 37.69 2.62 0.44
C CYS A 5 36.64 1.74 1.17
N PRO A 6 37.06 0.83 2.08
CA PRO A 6 36.11 -0.06 2.82
C PRO A 6 35.12 0.73 3.70
N PRO A 7 34.05 0.09 4.21
CA PRO A 7 33.05 0.78 5.09
C PRO A 7 33.72 1.48 6.27
N GLY A 8 33.19 2.64 6.66
CA GLY A 8 33.73 3.40 7.78
C GLY A 8 34.88 4.33 7.33
N HIS A 9 35.29 4.23 6.06
CA HIS A 9 36.37 5.05 5.55
C HIS A 9 36.03 5.69 4.19
N HIS A 10 36.79 6.71 3.82
CA HIS A 10 36.61 7.43 2.55
C HIS A 10 37.98 7.63 1.90
N ILE A 11 38.01 7.79 0.57
CA ILE A 11 39.28 7.94 -0.15
C ILE A 11 39.43 9.35 -0.76
N SER A 12 40.68 9.80 -0.90
CA SER A 12 40.98 11.12 -1.44
C SER A 12 40.79 11.16 -2.96
N GLU A 13 40.92 12.37 -3.52
CA GLU A 13 40.77 12.59 -4.96
C GLU A 13 41.82 11.82 -5.77
N ASP A 14 43.04 11.81 -5.25
CA ASP A 14 44.16 11.14 -5.91
C ASP A 14 44.13 9.62 -5.73
N GLY A 15 43.15 9.12 -4.96
CA GLY A 15 43.00 7.66 -4.76
C GLY A 15 44.18 6.98 -4.03
N ARG A 16 45.28 7.70 -3.72
CA ARG A 16 46.44 7.08 -3.04
C ARG A 16 46.41 7.32 -1.52
N ASP A 17 45.23 7.62 -0.96
CA ASP A 17 45.11 7.86 0.47
C ASP A 17 43.65 7.74 0.95
N CYS A 18 43.47 7.08 2.10
CA CYS A 18 42.14 6.91 2.68
C CYS A 18 42.15 7.39 4.14
N ILE A 19 41.12 8.15 4.53
CA ILE A 19 41.03 8.68 5.89
C ILE A 19 39.88 8.01 6.66
N SER A 20 40.10 7.82 7.95
CA SER A 20 39.15 7.18 8.85
C SER A 20 38.02 8.13 9.29
N CYS A 21 36.80 7.59 9.41
CA CYS A 21 35.64 8.38 9.84
C CYS A 21 35.28 7.91 11.25
N LYS A 22 34.81 8.83 12.10
CA LYS A 22 34.48 8.50 13.49
C LYS A 22 33.04 8.05 13.65
N TYR A 23 32.84 7.14 14.59
CA TYR A 23 31.50 6.63 14.90
C TYR A 23 30.61 7.83 15.28
N GLY A 24 29.39 7.86 14.77
CA GLY A 24 28.44 8.92 15.08
C GLY A 24 28.54 10.19 14.18
N GLN A 25 29.71 10.49 13.56
CA GLN A 25 29.80 11.70 12.70
C GLN A 25 29.09 11.45 11.37
N ASP A 26 29.59 10.47 10.63
CA ASP A 26 29.02 10.08 9.33
C ASP A 26 29.44 8.62 9.09
N TYR A 27 28.86 7.97 8.06
CA TYR A 27 29.18 6.57 7.80
C TYR A 27 29.25 6.22 6.33
N SER A 28 29.70 4.98 6.11
CA SER A 28 29.72 4.42 4.77
C SER A 28 29.15 3.01 4.87
N THR A 29 28.15 2.70 4.03
CA THR A 29 27.50 1.39 4.05
C THR A 29 28.15 0.44 3.04
N HIS A 30 28.55 1.00 1.89
CA HIS A 30 29.16 0.23 0.81
C HIS A 30 30.48 0.89 0.40
N TRP A 31 31.34 0.15 -0.33
CA TRP A 31 32.63 0.70 -0.78
C TRP A 31 32.41 2.08 -1.42
N ASN A 32 32.97 3.12 -0.81
CA ASN A 32 32.79 4.49 -1.31
C ASN A 32 33.96 4.94 -2.18
N ASP A 33 33.67 5.91 -3.06
CA ASP A 33 34.67 6.48 -3.97
C ASP A 33 34.66 8.01 -3.84
N LEU A 34 34.73 8.48 -2.59
CA LEU A 34 34.71 9.92 -2.31
C LEU A 34 35.59 10.25 -1.10
N LEU A 35 35.71 11.53 -0.79
CA LEU A 35 36.52 12.00 0.36
C LEU A 35 35.62 12.26 1.58
N PHE A 36 34.30 12.24 1.39
CA PHE A 36 33.35 12.51 2.48
C PHE A 36 32.64 11.22 2.92
N CYS A 37 32.03 11.28 4.10
CA CYS A 37 31.31 10.13 4.65
C CYS A 37 29.80 10.44 4.60
N LEU A 38 28.99 9.43 4.30
CA LEU A 38 27.54 9.61 4.16
C LEU A 38 26.88 9.90 5.52
N ARG A 39 25.98 10.87 5.52
CA ARG A 39 25.26 11.27 6.73
C ARG A 39 24.38 10.13 7.26
N CYS A 40 24.20 10.08 8.59
CA CYS A 40 23.39 9.04 9.23
C CYS A 40 21.96 9.55 9.46
N THR A 41 20.99 8.63 9.40
CA THR A 41 19.57 8.94 9.57
C THR A 41 19.15 8.77 11.03
N ARG A 42 18.31 9.70 11.48
CA ARG A 42 17.79 9.68 12.86
C ARG A 42 16.27 9.61 12.86
N CYS A 43 15.68 9.07 13.93
CA CYS A 43 14.22 8.93 14.02
C CYS A 43 13.63 9.81 15.13
N ASP A 44 12.35 10.15 14.97
CA ASP A 44 11.64 10.98 15.94
C ASP A 44 10.44 10.23 16.51
N SER A 45 9.83 10.78 17.57
CA SER A 45 8.67 10.15 18.22
C SER A 45 7.62 9.76 17.17
N GLY A 46 6.91 8.67 17.44
CA GLY A 46 5.90 8.17 16.50
C GLY A 46 6.53 7.18 15.50
N GLU A 47 7.87 7.16 15.44
CA GLU A 47 8.60 6.26 14.55
C GLU A 47 9.43 5.27 15.38
N VAL A 48 9.69 4.10 14.80
CA VAL A 48 10.45 3.04 15.50
C VAL A 48 11.79 2.80 14.82
N GLU A 49 12.82 2.63 15.65
CA GLU A 49 14.18 2.33 15.17
C GLU A 49 14.38 0.81 15.13
N LEU A 50 14.76 0.29 13.95
CA LEU A 50 14.97 -1.16 13.81
C LEU A 50 16.45 -1.54 13.88
N SER A 51 17.34 -0.67 13.36
CA SER A 51 18.78 -0.97 13.37
C SER A 51 19.64 0.26 13.76
N PRO A 52 20.78 0.07 14.43
CA PRO A 52 21.71 1.18 14.85
C PRO A 52 22.60 1.76 13.72
N CYS A 53 23.11 2.98 13.93
CA CYS A 53 24.02 3.65 13.00
C CYS A 53 25.47 3.50 13.49
N THR A 54 26.38 3.10 12.60
CA THR A 54 27.80 2.94 12.94
C THR A 54 28.64 2.94 11.66
N THR A 55 29.97 3.04 11.79
CA THR A 55 30.86 3.04 10.61
C THR A 55 30.62 1.79 9.73
N THR A 56 29.96 0.78 10.30
CA THR A 56 29.64 -0.44 9.55
C THR A 56 28.13 -0.75 9.61
N ARG A 57 27.32 0.23 10.04
CA ARG A 57 25.87 0.05 10.13
C ARG A 57 25.11 1.36 9.84
N ASN A 58 23.85 1.21 9.45
CA ASN A 58 22.97 2.33 9.12
C ASN A 58 21.69 2.27 9.96
N THR A 59 21.16 3.43 10.42
CA THR A 59 19.95 3.41 11.25
C THR A 59 18.74 3.29 10.36
N VAL A 60 17.81 2.46 10.82
CA VAL A 60 16.59 2.20 10.09
C VAL A 60 15.43 2.90 10.79
N CYS A 61 14.64 3.63 10.00
CA CYS A 61 13.50 4.34 10.52
C CYS A 61 12.22 3.68 10.00
N GLN A 62 11.25 3.61 10.87
CA GLN A 62 9.97 3.00 10.59
C GLN A 62 8.89 3.81 11.27
N CYS A 63 7.68 3.79 10.74
CA CYS A 63 6.58 4.55 11.31
C CYS A 63 5.55 3.57 11.88
N GLU A 64 4.77 4.03 12.86
CA GLU A 64 3.79 3.15 13.52
C GLU A 64 2.66 2.76 12.56
N GLU A 65 2.16 1.54 12.73
CA GLU A 65 1.10 1.00 11.87
C GLU A 65 -0.07 1.98 11.78
N GLY A 66 -0.72 2.00 10.61
CA GLY A 66 -1.86 2.88 10.37
C GLY A 66 -1.44 4.14 9.60
N THR A 67 -0.13 4.44 9.58
CA THR A 67 0.37 5.62 8.87
C THR A 67 1.25 5.21 7.66
N PHE A 68 1.46 6.13 6.71
CA PHE A 68 2.26 5.83 5.52
C PHE A 68 3.15 6.99 5.07
N ARG A 69 4.24 6.68 4.34
CA ARG A 69 5.15 7.73 3.86
C ARG A 69 5.26 7.69 2.32
N GLU A 70 4.73 8.74 1.68
CA GLU A 70 4.77 8.85 0.22
C GLU A 70 5.88 9.81 -0.23
N GLU A 71 6.45 9.56 -1.41
CA GLU A 71 7.52 10.42 -1.94
C GLU A 71 7.10 11.89 -2.02
N ASP A 72 5.80 12.11 -2.10
CA ASP A 72 5.24 13.47 -2.18
C ASP A 72 5.03 14.08 -0.78
N SER A 73 5.53 13.42 0.28
CA SER A 73 5.38 13.91 1.64
C SER A 73 6.75 14.00 2.34
N PRO A 74 6.94 14.92 3.30
CA PRO A 74 8.24 15.04 4.03
C PRO A 74 8.51 13.79 4.88
N GLU A 75 9.30 13.91 5.97
CA GLU A 75 9.59 12.74 6.84
C GLU A 75 8.41 12.43 7.78
N MET A 76 7.19 12.84 7.38
CA MET A 76 5.98 12.60 8.15
C MET A 76 5.26 11.37 7.58
N CYS A 77 4.33 10.80 8.35
CA CYS A 77 3.56 9.63 7.94
C CYS A 77 2.09 10.02 7.98
N ARG A 78 1.28 9.53 7.02
CA ARG A 78 -0.15 9.91 6.99
C ARG A 78 -1.02 8.69 7.18
N LYS A 79 -2.21 8.90 7.70
CA LYS A 79 -3.12 7.79 7.96
C LYS A 79 -3.55 7.14 6.66
N CYS A 80 -3.48 5.80 6.64
CA CYS A 80 -3.85 5.03 5.46
C CYS A 80 -5.34 5.20 5.22
N ARG A 81 -5.78 4.90 4.00
CA ARG A 81 -7.19 5.04 3.64
C ARG A 81 -8.08 4.36 4.69
N THR A 82 -9.03 5.12 5.23
CA THR A 82 -9.96 4.61 6.23
C THR A 82 -11.19 3.94 5.56
N GLY A 83 -11.07 3.66 4.25
CA GLY A 83 -12.13 3.03 3.49
C GLY A 83 -11.90 3.25 1.99
N CYS A 84 -11.64 2.15 1.26
CA CYS A 84 -11.37 2.23 -0.18
C CYS A 84 -12.38 3.17 -0.90
N PRO A 85 -11.99 3.83 -1.99
CA PRO A 85 -12.91 4.75 -2.72
C PRO A 85 -14.23 4.08 -3.07
N ARG A 86 -15.31 4.86 -3.14
CA ARG A 86 -16.64 4.33 -3.45
C ARG A 86 -16.59 3.50 -4.74
N GLY A 87 -16.91 2.21 -4.63
CA GLY A 87 -16.90 1.30 -5.77
C GLY A 87 -15.61 0.48 -5.83
N MET A 88 -15.08 0.12 -4.65
CA MET A 88 -13.85 -0.67 -4.55
C MET A 88 -13.92 -1.59 -3.35
N VAL A 89 -12.92 -2.48 -3.20
CA VAL A 89 -12.89 -3.44 -2.09
C VAL A 89 -11.50 -3.51 -1.44
N LYS A 90 -11.46 -3.97 -0.18
CA LYS A 90 -10.21 -4.08 0.57
C LYS A 90 -9.45 -5.38 0.25
N VAL A 91 -8.14 -5.27 0.01
CA VAL A 91 -7.32 -6.46 -0.32
C VAL A 91 -5.83 -6.29 0.04
N GLY A 92 -5.34 -5.05 0.20
CA GLY A 92 -3.91 -4.85 0.49
C GLY A 92 -3.63 -4.30 1.88
N ASP A 93 -2.45 -4.70 2.38
CA ASP A 93 -1.91 -4.31 3.67
C ASP A 93 -1.20 -2.97 3.60
N CYS A 94 -1.24 -2.18 4.69
CA CYS A 94 -0.62 -0.86 4.68
C CYS A 94 0.69 -0.90 5.48
N THR A 95 1.75 -0.45 4.82
CA THR A 95 3.09 -0.43 5.36
C THR A 95 3.50 1.00 5.71
N PRO A 96 4.20 1.24 6.83
CA PRO A 96 4.61 2.64 7.23
C PRO A 96 5.13 3.46 6.05
N TRP A 97 5.59 2.79 4.98
CA TRP A 97 6.10 3.50 3.79
C TRP A 97 5.03 3.57 2.67
N SER A 98 4.31 2.46 2.42
CA SER A 98 3.28 2.41 1.35
C SER A 98 1.84 2.45 1.88
N ASP A 99 0.88 2.72 0.96
CA ASP A 99 -0.55 2.79 1.29
C ASP A 99 -1.24 1.44 1.05
N ILE A 100 -2.57 1.38 1.33
CA ILE A 100 -3.34 0.14 1.15
C ILE A 100 -3.64 -0.14 -0.33
N GLU A 101 -4.27 -1.29 -0.60
CA GLU A 101 -4.65 -1.64 -1.98
C GLU A 101 -6.16 -1.84 -2.08
N CYS A 102 -6.76 -1.24 -3.12
CA CYS A 102 -8.19 -1.35 -3.35
C CYS A 102 -8.45 -1.97 -4.73
N VAL A 103 -9.49 -2.82 -4.82
CA VAL A 103 -9.81 -3.49 -6.08
C VAL A 103 -11.31 -3.36 -6.40
N HIS A 104 -11.62 -3.11 -7.69
CA HIS A 104 -12.99 -2.97 -8.16
C HIS A 104 -13.40 -4.25 -8.92
N LYS A 105 -14.66 -4.66 -8.77
CA LYS A 105 -15.17 -5.85 -9.45
C LYS A 105 -16.68 -5.73 -9.70
N GLU A 106 -17.41 -5.24 -8.69
CA GLU A 106 -18.86 -5.07 -8.79
C GLU A 106 -19.33 -3.87 -7.98
N SER A 107 -20.24 -3.09 -8.56
CA SER A 107 -20.80 -1.90 -7.90
C SER A 107 -22.02 -1.38 -8.65
N GLY A 108 -21.90 -1.23 -9.97
CA GLY A 108 -22.99 -0.75 -10.80
C GLY A 108 -23.08 -1.55 -12.10
N ASP A 109 -24.31 -1.98 -12.45
CA ASP A 109 -24.52 -2.76 -13.67
C ASP A 109 -23.61 -3.99 -13.71
N SER B 1 29.57 5.61 -7.26
CA SER B 1 28.23 6.14 -6.85
C SER B 1 27.18 5.66 -7.85
N GLU B 2 26.36 4.69 -7.43
CA GLU B 2 25.31 4.14 -8.29
C GLU B 2 23.92 4.30 -7.63
N GLY B 3 23.87 4.09 -6.32
CA GLY B 3 22.62 4.22 -5.56
C GLY B 3 21.69 3.03 -5.80
N LEU B 4 22.14 1.83 -5.45
CA LEU B 4 21.31 0.62 -5.61
C LEU B 4 21.10 -0.06 -4.26
N CYS B 5 19.94 -0.69 -4.09
CA CYS B 5 19.60 -1.39 -2.84
C CYS B 5 19.32 -2.88 -3.14
N PRO B 6 19.83 -3.83 -2.34
CA PRO B 6 19.60 -5.30 -2.57
C PRO B 6 18.10 -5.68 -2.47
N PRO B 7 17.71 -6.87 -2.90
CA PRO B 7 16.29 -7.33 -2.83
C PRO B 7 15.75 -7.31 -1.38
N GLY B 8 14.47 -6.96 -1.23
CA GLY B 8 13.85 -6.90 0.09
C GLY B 8 14.09 -5.55 0.79
N HIS B 9 14.83 -4.64 0.14
CA HIS B 9 15.14 -3.34 0.71
C HIS B 9 14.68 -2.20 -0.21
N HIS B 10 14.45 -1.03 0.40
CA HIS B 10 14.03 0.17 -0.33
C HIS B 10 14.87 1.37 0.13
N ILE B 11 15.00 2.39 -0.73
CA ILE B 11 15.81 3.56 -0.39
C ILE B 11 14.92 4.82 -0.24
N SER B 12 15.08 5.55 0.88
CA SER B 12 14.27 6.73 1.15
C SER B 12 14.41 7.78 0.04
N GLU B 13 13.51 8.77 0.07
CA GLU B 13 13.47 9.86 -0.92
C GLU B 13 14.82 10.55 -1.08
N ASP B 14 15.55 10.67 0.01
CA ASP B 14 16.86 11.34 0.00
C ASP B 14 17.96 10.49 -0.64
N GLY B 15 17.64 9.26 -1.06
CA GLY B 15 18.61 8.40 -1.73
C GLY B 15 19.84 8.01 -0.88
N ARG B 16 19.98 8.52 0.37
CA ARG B 16 21.15 8.21 1.19
C ARG B 16 20.85 7.22 2.32
N ASP B 17 19.69 6.52 2.27
CA ASP B 17 19.35 5.57 3.31
C ASP B 17 18.49 4.42 2.77
N CYS B 18 18.79 3.19 3.18
CA CYS B 18 18.03 2.03 2.72
C CYS B 18 17.50 1.24 3.92
N ILE B 19 16.21 0.87 3.86
CA ILE B 19 15.56 0.16 4.96
C ILE B 19 14.84 -1.14 4.48
N SER B 20 14.98 -2.17 5.32
CA SER B 20 14.40 -3.50 5.14
C SER B 20 12.87 -3.49 5.25
N CYS B 21 12.21 -4.38 4.50
CA CYS B 21 10.74 -4.46 4.51
C CYS B 21 10.35 -5.72 5.29
N LYS B 22 9.13 -5.75 5.85
CA LYS B 22 8.69 -6.86 6.69
C LYS B 22 8.11 -8.00 5.87
N TYR B 23 8.34 -9.23 6.37
CA TYR B 23 7.85 -10.44 5.70
C TYR B 23 6.33 -10.35 5.56
N GLY B 24 5.83 -10.63 4.36
CA GLY B 24 4.39 -10.60 4.10
C GLY B 24 3.81 -9.19 3.90
N GLN B 25 4.45 -8.11 4.45
CA GLN B 25 3.91 -6.77 4.26
C GLN B 25 4.19 -6.28 2.83
N ASP B 26 5.37 -6.63 2.32
CA ASP B 26 5.79 -6.25 0.97
C ASP B 26 7.22 -6.75 0.72
N TYR B 27 7.63 -6.80 -0.55
CA TYR B 27 8.99 -7.28 -0.89
C TYR B 27 9.49 -6.71 -2.22
N SER B 28 10.75 -7.03 -2.55
CA SER B 28 11.36 -6.63 -3.80
C SER B 28 11.95 -7.89 -4.45
N THR B 29 11.66 -8.13 -5.73
CA THR B 29 12.14 -9.33 -6.42
C THR B 29 13.53 -9.10 -7.04
N HIS B 30 13.78 -7.89 -7.54
CA HIS B 30 15.06 -7.55 -8.16
C HIS B 30 15.62 -6.26 -7.56
N TRP B 31 16.93 -6.03 -7.76
CA TRP B 31 17.59 -4.83 -7.24
C TRP B 31 16.79 -3.58 -7.64
N ASN B 32 16.66 -2.62 -6.72
CA ASN B 32 15.91 -1.40 -7.00
C ASN B 32 16.52 -0.18 -6.31
N ASP B 33 16.05 1.00 -6.71
CA ASP B 33 16.53 2.26 -6.14
C ASP B 33 15.34 3.19 -5.91
N LEU B 34 14.36 2.71 -5.15
CA LEU B 34 13.15 3.49 -4.84
C LEU B 34 12.71 3.29 -3.39
N LEU B 35 11.98 4.28 -2.87
CA LEU B 35 11.46 4.25 -1.50
C LEU B 35 10.21 3.39 -1.39
N PHE B 36 9.83 2.70 -2.48
CA PHE B 36 8.64 1.85 -2.48
C PHE B 36 9.02 0.38 -2.41
N CYS B 37 8.19 -0.38 -1.70
CA CYS B 37 8.37 -1.81 -1.55
C CYS B 37 7.22 -2.45 -2.33
N LEU B 38 7.48 -3.52 -3.09
CA LEU B 38 6.43 -4.13 -3.89
C LEU B 38 5.44 -4.89 -3.03
N ARG B 39 4.17 -4.59 -3.24
CA ARG B 39 3.07 -5.17 -2.51
C ARG B 39 2.98 -6.69 -2.74
N CYS B 40 2.48 -7.39 -1.73
CA CYS B 40 2.36 -8.86 -1.77
C CYS B 40 0.98 -9.26 -2.30
N THR B 41 0.94 -10.37 -3.03
CA THR B 41 -0.28 -10.88 -3.65
C THR B 41 -1.05 -11.81 -2.71
N ARG B 42 -2.37 -11.69 -2.73
CA ARG B 42 -3.24 -12.49 -1.87
C ARG B 42 -4.22 -13.29 -2.73
N CYS B 43 -4.71 -14.42 -2.19
CA CYS B 43 -5.66 -15.27 -2.93
C CYS B 43 -7.03 -15.21 -2.25
N ASP B 44 -8.09 -15.50 -3.01
CA ASP B 44 -9.46 -15.43 -2.50
C ASP B 44 -10.02 -16.83 -2.23
N SER B 45 -11.17 -16.87 -1.54
CA SER B 45 -11.82 -18.14 -1.21
C SER B 45 -11.93 -19.01 -2.46
N GLY B 46 -11.85 -20.33 -2.26
CA GLY B 46 -11.88 -21.28 -3.38
C GLY B 46 -10.46 -21.52 -3.93
N GLU B 47 -9.52 -20.63 -3.55
CA GLU B 47 -8.13 -20.77 -3.98
C GLU B 47 -7.24 -20.97 -2.75
N VAL B 48 -6.15 -21.71 -2.92
CA VAL B 48 -5.22 -22.01 -1.81
C VAL B 48 -3.87 -21.34 -2.06
N GLU B 49 -3.12 -21.10 -0.98
CA GLU B 49 -1.80 -20.49 -1.08
C GLU B 49 -0.73 -21.59 -1.18
N LEU B 50 0.10 -21.54 -2.23
CA LEU B 50 1.14 -22.57 -2.42
C LEU B 50 2.44 -22.14 -1.75
N SER B 51 2.83 -20.88 -1.91
CA SER B 51 4.06 -20.38 -1.32
C SER B 51 3.91 -18.91 -0.87
N PRO B 52 3.79 -18.61 0.44
CA PRO B 52 3.66 -17.20 0.94
C PRO B 52 4.83 -16.32 0.49
N CYS B 53 4.65 -14.98 0.51
CA CYS B 53 5.70 -14.08 0.08
C CYS B 53 6.45 -13.49 1.26
N THR B 54 7.78 -13.61 1.19
CA THR B 54 8.66 -13.07 2.21
C THR B 54 9.32 -11.83 1.65
N THR B 55 10.18 -11.19 2.43
CA THR B 55 10.85 -9.98 1.98
C THR B 55 11.64 -10.23 0.67
N THR B 56 11.89 -11.51 0.36
CA THR B 56 12.64 -11.87 -0.86
C THR B 56 11.90 -12.88 -1.76
N ARG B 57 10.59 -13.13 -1.55
CA ARG B 57 9.87 -14.09 -2.39
C ARG B 57 8.42 -13.62 -2.72
N ASN B 58 7.89 -14.15 -3.84
CA ASN B 58 6.56 -13.81 -4.35
C ASN B 58 5.50 -14.87 -3.97
N THR B 59 4.27 -14.41 -3.62
CA THR B 59 3.19 -15.32 -3.24
C THR B 59 2.48 -15.87 -4.48
N VAL B 60 2.19 -17.17 -4.45
CA VAL B 60 1.50 -17.84 -5.56
C VAL B 60 0.13 -18.34 -5.09
N CYS B 61 -0.84 -18.37 -6.02
CA CYS B 61 -2.19 -18.83 -5.70
C CYS B 61 -2.47 -20.17 -6.39
N GLN B 62 -3.39 -20.93 -5.81
CA GLN B 62 -3.77 -22.25 -6.29
C GLN B 62 -5.29 -22.38 -6.31
N CYS B 63 -5.81 -23.25 -7.17
CA CYS B 63 -7.26 -23.45 -7.26
C CYS B 63 -7.58 -24.86 -6.75
N GLU B 64 -8.76 -25.02 -6.15
CA GLU B 64 -9.16 -26.30 -5.56
C GLU B 64 -9.40 -27.38 -6.61
N GLU B 65 -9.16 -28.63 -6.19
CA GLU B 65 -9.33 -29.79 -7.07
C GLU B 65 -10.70 -29.76 -7.74
N GLY B 66 -10.74 -30.18 -9.01
CA GLY B 66 -11.98 -30.18 -9.77
C GLY B 66 -12.08 -28.97 -10.72
N THR B 67 -11.15 -28.01 -10.58
CA THR B 67 -11.15 -26.81 -11.42
C THR B 67 -9.83 -26.72 -12.23
N PHE B 68 -9.82 -25.92 -13.32
CA PHE B 68 -8.62 -25.78 -14.15
C PHE B 68 -8.38 -24.31 -14.53
N ARG B 69 -7.14 -23.95 -14.89
CA ARG B 69 -6.85 -22.56 -15.29
C ARG B 69 -6.40 -22.47 -16.75
N GLU B 70 -7.23 -21.86 -17.57
CA GLU B 70 -6.94 -21.67 -18.99
C GLU B 70 -6.42 -20.24 -19.23
N GLU B 71 -5.56 -20.08 -20.24
CA GLU B 71 -5.00 -18.77 -20.55
C GLU B 71 -6.09 -17.71 -20.79
N ASP B 72 -7.30 -18.17 -21.05
CA ASP B 72 -8.44 -17.27 -21.29
C ASP B 72 -9.26 -17.01 -20.01
N SER B 73 -8.70 -17.40 -18.86
CA SER B 73 -9.39 -17.20 -17.57
C SER B 73 -8.42 -16.58 -16.53
N PRO B 74 -8.44 -15.25 -16.31
CA PRO B 74 -7.52 -14.61 -15.33
C PRO B 74 -8.00 -14.77 -13.87
N GLU B 75 -7.07 -15.08 -12.94
CA GLU B 75 -7.41 -15.25 -11.51
C GLU B 75 -8.69 -16.10 -11.33
N MET B 76 -8.99 -16.97 -12.30
CA MET B 76 -10.17 -17.81 -12.24
C MET B 76 -9.87 -19.20 -12.82
N CYS B 77 -10.54 -20.22 -12.28
CA CYS B 77 -10.37 -21.59 -12.74
C CYS B 77 -11.77 -22.15 -13.10
N ARG B 78 -11.85 -23.12 -14.04
CA ARG B 78 -13.16 -23.64 -14.46
C ARG B 78 -13.27 -25.14 -14.16
N LYS B 79 -14.48 -25.68 -14.19
CA LYS B 79 -14.68 -27.10 -13.87
C LYS B 79 -14.02 -28.02 -14.89
N CYS B 80 -13.14 -28.89 -14.38
CA CYS B 80 -12.40 -29.84 -15.19
C CYS B 80 -13.32 -30.97 -15.64
N ARG B 81 -12.93 -31.66 -16.71
CA ARG B 81 -13.74 -32.76 -17.24
C ARG B 81 -13.44 -34.06 -16.48
N THR B 82 -14.48 -34.85 -16.23
CA THR B 82 -14.33 -36.12 -15.52
C THR B 82 -14.22 -37.31 -16.48
N GLY B 83 -14.60 -37.10 -17.76
CA GLY B 83 -14.54 -38.15 -18.77
C GLY B 83 -15.09 -37.65 -20.11
N CYS B 84 -14.34 -37.88 -21.19
CA CYS B 84 -14.75 -37.46 -22.52
C CYS B 84 -15.98 -38.28 -23.00
N PRO B 85 -16.74 -37.79 -23.97
CA PRO B 85 -17.95 -38.52 -24.49
C PRO B 85 -17.58 -39.90 -25.06
N ARG B 86 -18.60 -40.70 -25.38
CA ARG B 86 -18.39 -42.05 -25.92
C ARG B 86 -17.50 -41.98 -27.16
N GLY B 87 -16.58 -42.94 -27.28
CA GLY B 87 -15.66 -43.00 -28.42
C GLY B 87 -14.25 -42.57 -28.01
N MET B 88 -14.16 -41.63 -27.06
CA MET B 88 -12.87 -41.14 -26.57
C MET B 88 -12.43 -41.92 -25.34
N VAL B 89 -11.14 -41.81 -25.00
CA VAL B 89 -10.58 -42.52 -23.86
C VAL B 89 -9.85 -41.53 -22.91
N LYS B 90 -10.22 -41.57 -21.63
CA LYS B 90 -9.62 -40.71 -20.62
C LYS B 90 -8.25 -41.28 -20.23
N VAL B 91 -7.20 -40.44 -20.24
CA VAL B 91 -5.86 -40.90 -19.90
C VAL B 91 -4.99 -39.83 -19.23
N GLY B 92 -5.50 -38.58 -19.10
CA GLY B 92 -4.70 -37.52 -18.48
C GLY B 92 -5.25 -37.06 -17.14
N ASP B 93 -4.32 -36.64 -16.28
CA ASP B 93 -4.60 -36.13 -14.94
C ASP B 93 -4.95 -34.65 -14.97
N CYS B 94 -5.86 -34.20 -14.09
CA CYS B 94 -6.26 -32.79 -14.09
C CYS B 94 -5.63 -32.06 -12.90
N THR B 95 -4.93 -30.99 -13.25
CA THR B 95 -4.24 -30.12 -12.30
C THR B 95 -4.94 -28.74 -12.30
N PRO B 96 -5.11 -28.07 -11.14
CA PRO B 96 -5.81 -26.75 -11.08
C PRO B 96 -5.41 -25.81 -12.22
N TRP B 97 -4.24 -26.03 -12.81
CA TRP B 97 -3.76 -25.19 -13.93
C TRP B 97 -4.15 -25.79 -15.30
N SER B 98 -3.91 -27.09 -15.51
CA SER B 98 -4.22 -27.75 -16.79
C SER B 98 -5.46 -28.67 -16.72
N ASP B 99 -5.99 -29.04 -17.90
CA ASP B 99 -7.15 -29.94 -17.99
C ASP B 99 -6.72 -31.39 -18.23
N ILE B 100 -7.70 -32.31 -18.29
CA ILE B 100 -7.39 -33.74 -18.51
C ILE B 100 -6.93 -34.00 -19.95
N GLU B 101 -6.53 -35.24 -20.23
CA GLU B 101 -6.12 -35.62 -21.59
C GLU B 101 -6.99 -36.76 -22.11
N CYS B 102 -7.47 -36.62 -23.35
CA CYS B 102 -8.30 -37.65 -23.97
C CYS B 102 -7.64 -38.16 -25.25
N VAL B 103 -7.77 -39.46 -25.49
CA VAL B 103 -7.18 -40.10 -26.67
C VAL B 103 -8.18 -41.03 -27.35
N HIS B 104 -7.99 -41.27 -28.65
CA HIS B 104 -8.87 -42.15 -29.42
C HIS B 104 -8.16 -43.48 -29.69
N LYS B 105 -8.86 -44.59 -29.45
CA LYS B 105 -8.30 -45.93 -29.66
C LYS B 105 -9.27 -46.82 -30.44
N GLU B 106 -10.41 -47.18 -29.83
CA GLU B 106 -11.41 -48.03 -30.48
C GLU B 106 -12.63 -48.22 -29.58
N SER B 107 -13.83 -48.02 -30.14
CA SER B 107 -15.07 -48.16 -29.39
C SER B 107 -16.26 -48.35 -30.34
N GLY B 108 -17.00 -49.44 -30.15
CA GLY B 108 -18.17 -49.74 -30.99
C GLY B 108 -17.80 -50.68 -32.13
N ASP B 109 -16.80 -50.29 -32.93
CA ASP B 109 -16.34 -51.11 -34.05
C ASP B 109 -17.51 -51.45 -34.99
N SER C 1 -30.38 -17.28 -12.47
CA SER C 1 -30.75 -17.15 -11.05
C SER C 1 -30.34 -15.76 -10.54
N GLU C 2 -30.66 -15.47 -9.28
CA GLU C 2 -30.32 -14.18 -8.66
C GLU C 2 -29.43 -14.38 -7.43
N GLY C 3 -28.14 -14.63 -7.65
CA GLY C 3 -27.19 -14.83 -6.55
C GLY C 3 -26.61 -13.50 -6.07
N LEU C 4 -27.49 -12.49 -5.94
CA LEU C 4 -27.06 -11.15 -5.50
C LEU C 4 -27.73 -10.81 -4.16
N CYS C 5 -27.05 -9.95 -3.37
CA CYS C 5 -27.60 -9.53 -2.08
C CYS C 5 -27.77 -7.98 -2.06
N PRO C 6 -28.89 -7.45 -1.54
CA PRO C 6 -29.12 -5.96 -1.53
C PRO C 6 -28.07 -5.19 -0.71
N PRO C 7 -28.00 -3.86 -0.85
CA PRO C 7 -27.00 -3.04 -0.08
C PRO C 7 -27.09 -3.29 1.43
N GLY C 8 -25.94 -3.57 2.04
CA GLY C 8 -25.89 -3.84 3.48
C GLY C 8 -25.74 -5.34 3.77
N HIS C 9 -25.73 -6.18 2.71
CA HIS C 9 -25.61 -7.62 2.85
C HIS C 9 -24.45 -8.17 2.00
N HIS C 10 -23.82 -9.25 2.48
CA HIS C 10 -22.69 -9.87 1.78
C HIS C 10 -22.87 -11.40 1.77
N ILE C 11 -22.25 -12.10 0.80
CA ILE C 11 -22.40 -13.56 0.69
C ILE C 11 -21.09 -14.29 1.01
N SER C 12 -21.23 -15.49 1.58
CA SER C 12 -20.09 -16.31 1.95
C SER C 12 -19.33 -16.78 0.70
N GLU C 13 -18.20 -17.46 0.93
CA GLU C 13 -17.36 -17.95 -0.17
C GLU C 13 -18.15 -18.81 -1.14
N ASP C 14 -19.03 -19.65 -0.61
CA ASP C 14 -19.84 -20.54 -1.45
C ASP C 14 -21.12 -19.86 -1.97
N GLY C 15 -21.36 -18.60 -1.58
CA GLY C 15 -22.54 -17.85 -2.05
C GLY C 15 -23.91 -18.47 -1.65
N ARG C 16 -23.92 -19.65 -1.00
CA ARG C 16 -25.18 -20.31 -0.61
C ARG C 16 -25.90 -19.53 0.52
N ASP C 17 -25.21 -18.58 1.15
CA ASP C 17 -25.81 -17.81 2.24
C ASP C 17 -25.37 -16.34 2.21
N CYS C 18 -26.18 -15.50 2.88
CA CYS C 18 -25.90 -14.06 2.96
C CYS C 18 -25.94 -13.62 4.42
N ILE C 19 -24.96 -12.83 4.84
CA ILE C 19 -24.90 -12.34 6.23
C ILE C 19 -25.07 -10.82 6.26
N SER C 20 -25.95 -10.37 7.15
CA SER C 20 -26.27 -8.95 7.28
C SER C 20 -25.17 -8.14 7.99
N CYS C 21 -24.96 -6.92 7.51
CA CYS C 21 -23.98 -6.00 8.09
C CYS C 21 -24.75 -4.87 8.76
N LYS C 22 -24.31 -4.44 9.95
CA LYS C 22 -25.04 -3.40 10.69
C LYS C 22 -24.33 -2.05 10.68
N TYR C 23 -25.16 -0.99 10.67
CA TYR C 23 -24.66 0.39 10.69
C TYR C 23 -23.54 0.56 11.74
N GLY C 24 -22.54 1.37 11.40
CA GLY C 24 -21.41 1.62 12.31
C GLY C 24 -20.28 0.58 12.18
N GLN C 25 -20.57 -0.66 11.72
CA GLN C 25 -19.52 -1.67 11.54
C GLN C 25 -19.03 -1.60 10.10
N ASP C 26 -19.96 -1.79 9.17
CA ASP C 26 -19.67 -1.74 7.74
C ASP C 26 -20.97 -1.47 6.97
N TYR C 27 -20.86 -1.15 5.68
CA TYR C 27 -22.05 -0.88 4.86
C TYR C 27 -21.77 -1.15 3.37
N SER C 28 -22.82 -1.03 2.55
CA SER C 28 -22.70 -1.21 1.11
C SER C 28 -23.66 -0.23 0.42
N THR C 29 -23.17 0.50 -0.58
CA THR C 29 -24.00 1.48 -1.28
C THR C 29 -24.84 0.84 -2.38
N HIS C 30 -24.29 -0.18 -3.05
CA HIS C 30 -25.00 -0.88 -4.13
C HIS C 30 -24.93 -2.39 -3.91
N TRP C 31 -25.84 -3.13 -4.59
CA TRP C 31 -25.87 -4.60 -4.48
C TRP C 31 -24.47 -5.18 -4.68
N ASN C 32 -24.17 -6.29 -4.00
CA ASN C 32 -22.85 -6.91 -4.12
C ASN C 32 -22.89 -8.41 -3.85
N ASP C 33 -21.77 -9.06 -4.09
CA ASP C 33 -21.62 -10.50 -3.89
C ASP C 33 -20.21 -10.82 -3.38
N LEU C 34 -19.87 -10.25 -2.22
CA LEU C 34 -18.55 -10.45 -1.61
C LEU C 34 -18.69 -11.05 -0.21
N LEU C 35 -17.55 -11.31 0.43
CA LEU C 35 -17.52 -11.88 1.78
C LEU C 35 -17.45 -10.78 2.85
N PHE C 36 -16.87 -9.63 2.47
CA PHE C 36 -16.72 -8.50 3.39
C PHE C 36 -17.70 -7.39 2.99
N CYS C 37 -17.91 -6.44 3.91
CA CYS C 37 -18.80 -5.32 3.66
C CYS C 37 -17.92 -4.07 3.51
N LEU C 38 -18.41 -3.04 2.80
CA LEU C 38 -17.61 -1.83 2.60
C LEU C 38 -17.39 -1.15 3.95
N ARG C 39 -16.15 -0.81 4.22
CA ARG C 39 -15.75 -0.21 5.50
C ARG C 39 -16.39 1.16 5.73
N CYS C 40 -16.58 1.47 7.02
CA CYS C 40 -17.17 2.75 7.43
C CYS C 40 -16.01 3.73 7.71
N THR C 41 -16.19 4.97 7.29
CA THR C 41 -15.16 6.00 7.43
C THR C 41 -15.19 6.66 8.80
N ARG C 42 -13.99 6.82 9.36
CA ARG C 42 -13.80 7.44 10.67
C ARG C 42 -12.79 8.57 10.56
N CYS C 43 -12.87 9.56 11.47
CA CYS C 43 -11.96 10.71 11.43
C CYS C 43 -11.01 10.67 12.63
N ASP C 44 -9.81 11.25 12.44
CA ASP C 44 -8.78 11.27 13.47
C ASP C 44 -8.96 12.47 14.40
N SER C 45 -8.24 12.45 15.53
CA SER C 45 -8.30 13.54 16.51
C SER C 45 -8.15 14.89 15.82
N GLY C 46 -9.01 15.83 16.20
CA GLY C 46 -9.01 17.16 15.60
C GLY C 46 -10.07 17.26 14.48
N GLU C 47 -10.58 16.10 14.02
CA GLU C 47 -11.60 16.08 12.98
C GLU C 47 -12.92 15.52 13.55
N VAL C 48 -14.04 16.04 13.06
CA VAL C 48 -15.37 15.61 13.52
C VAL C 48 -16.12 14.91 12.39
N GLU C 49 -17.07 14.04 12.75
CA GLU C 49 -17.89 13.34 11.78
C GLU C 49 -19.05 14.22 11.36
N LEU C 50 -19.05 14.66 10.09
CA LEU C 50 -20.12 15.53 9.59
C LEU C 50 -21.43 14.76 9.51
N SER C 51 -21.35 13.53 9.00
CA SER C 51 -22.52 12.66 8.88
C SER C 51 -22.11 11.20 9.14
N PRO C 52 -22.65 10.52 10.16
CA PRO C 52 -22.29 9.09 10.46
C PRO C 52 -22.70 8.15 9.32
N CYS C 53 -22.08 6.95 9.25
CA CYS C 53 -22.39 6.00 8.20
C CYS C 53 -23.36 4.93 8.71
N THR C 54 -24.44 4.75 7.97
CA THR C 54 -25.45 3.78 8.30
C THR C 54 -25.25 2.55 7.40
N THR C 55 -26.09 1.54 7.56
CA THR C 55 -25.95 0.32 6.75
C THR C 55 -25.98 0.65 5.25
N THR C 56 -26.53 1.83 4.88
CA THR C 56 -26.61 2.24 3.47
C THR C 56 -25.99 3.63 3.21
N ARG C 57 -25.22 4.18 4.16
CA ARG C 57 -24.62 5.52 3.96
C ARG C 57 -23.15 5.59 4.39
N ASN C 58 -22.38 6.50 3.75
CA ASN C 58 -20.97 6.69 3.99
C ASN C 58 -20.68 7.90 4.92
N THR C 59 -19.70 7.76 5.83
CA THR C 59 -19.35 8.83 6.78
C THR C 59 -18.39 9.85 6.15
N VAL C 60 -18.66 11.14 6.44
CA VAL C 60 -17.84 12.25 5.95
C VAL C 60 -17.04 12.83 7.11
N CYS C 61 -15.85 13.39 6.83
CA CYS C 61 -15.00 13.96 7.88
C CYS C 61 -14.95 15.48 7.79
N GLN C 62 -14.85 16.11 8.96
CA GLN C 62 -14.81 17.55 9.10
C GLN C 62 -13.64 17.95 10.01
N CYS C 63 -13.13 19.17 9.85
CA CYS C 63 -12.01 19.64 10.66
C CYS C 63 -12.51 20.76 11.57
N GLU C 64 -11.88 20.91 12.75
CA GLU C 64 -12.31 21.91 13.73
C GLU C 64 -12.03 23.33 13.25
N GLU C 65 -12.93 24.25 13.62
CA GLU C 65 -12.83 25.66 13.25
C GLU C 65 -11.45 26.21 13.59
N GLY C 66 -11.00 27.19 12.80
CA GLY C 66 -9.68 27.79 13.01
C GLY C 66 -8.63 27.17 12.09
N THR C 67 -8.89 25.94 11.61
CA THR C 67 -7.97 25.24 10.73
C THR C 67 -8.55 25.17 9.30
N PHE C 68 -7.71 24.92 8.28
CA PHE C 68 -8.21 24.85 6.89
C PHE C 68 -7.48 23.80 6.05
N ARG C 69 -8.15 23.27 5.00
CA ARG C 69 -7.54 22.27 4.15
C ARG C 69 -8.14 22.30 2.74
N GLU C 70 -7.28 22.25 1.73
CA GLU C 70 -7.70 22.25 0.33
C GLU C 70 -7.67 20.84 -0.25
N GLU C 71 -8.56 20.56 -1.21
CA GLU C 71 -8.64 19.23 -1.83
C GLU C 71 -7.30 18.79 -2.41
N ASP C 72 -6.40 19.74 -2.63
CA ASP C 72 -5.07 19.45 -3.18
C ASP C 72 -4.02 19.27 -2.07
N SER C 73 -4.47 19.17 -0.82
CA SER C 73 -3.58 18.99 0.33
C SER C 73 -3.88 17.66 1.04
N PRO C 74 -2.90 17.03 1.70
CA PRO C 74 -3.13 15.73 2.41
C PRO C 74 -4.27 15.82 3.43
N GLU C 75 -4.40 14.79 4.29
CA GLU C 75 -5.45 14.77 5.32
C GLU C 75 -5.01 15.61 6.53
N MET C 76 -4.72 16.88 6.28
CA MET C 76 -4.28 17.80 7.33
C MET C 76 -4.98 19.15 7.19
N CYS C 77 -5.09 19.87 8.31
CA CYS C 77 -5.72 21.18 8.33
C CYS C 77 -4.70 22.18 8.89
N ARG C 78 -4.75 23.45 8.46
CA ARG C 78 -3.77 24.46 8.93
C ARG C 78 -4.48 25.66 9.54
N LYS C 79 -3.80 26.32 10.46
CA LYS C 79 -4.37 27.49 11.14
C LYS C 79 -4.55 28.66 10.17
N CYS C 80 -5.79 29.15 10.08
CA CYS C 80 -6.12 30.28 9.22
C CYS C 80 -5.47 31.54 9.79
N ARG C 81 -5.28 32.55 8.94
CA ARG C 81 -4.64 33.80 9.38
C ARG C 81 -5.59 34.59 10.28
N THR C 82 -5.05 35.12 11.38
CA THR C 82 -5.84 35.89 12.34
C THR C 82 -5.85 37.40 11.99
N GLY C 83 -4.90 37.83 11.15
CA GLY C 83 -4.81 39.23 10.74
C GLY C 83 -3.95 39.38 9.49
N CYS C 84 -4.56 39.84 8.39
CA CYS C 84 -3.86 40.03 7.13
C CYS C 84 -2.59 40.88 7.33
N PRO C 85 -1.58 40.75 6.47
CA PRO C 85 -0.31 41.55 6.60
C PRO C 85 -0.58 43.05 6.82
N ARG C 86 0.46 43.78 7.20
CA ARG C 86 0.35 45.22 7.45
C ARG C 86 -0.16 45.92 6.19
N GLY C 87 -1.00 46.94 6.38
CA GLY C 87 -1.57 47.69 5.24
C GLY C 87 -2.51 46.80 4.42
N MET C 88 -3.13 45.83 5.09
CA MET C 88 -4.05 44.90 4.42
C MET C 88 -5.39 44.88 5.18
N VAL C 89 -6.44 44.36 4.54
CA VAL C 89 -7.77 44.30 5.15
C VAL C 89 -8.30 42.86 5.12
N LYS C 90 -9.21 42.57 6.06
CA LYS C 90 -9.83 41.25 6.16
C LYS C 90 -11.27 41.34 5.63
N VAL C 91 -11.75 40.28 4.96
CA VAL C 91 -13.11 40.32 4.42
C VAL C 91 -13.68 38.90 4.18
N GLY C 92 -12.84 37.84 4.24
CA GLY C 92 -13.36 36.48 4.00
C GLY C 92 -13.33 35.61 5.26
N ASP C 93 -14.30 34.70 5.30
CA ASP C 93 -14.50 33.73 6.39
C ASP C 93 -13.69 32.47 6.15
N CYS C 94 -13.20 31.84 7.23
CA CYS C 94 -12.39 30.63 7.08
C CYS C 94 -13.20 29.40 7.49
N THR C 95 -13.26 28.47 6.54
CA THR C 95 -13.97 27.21 6.67
C THR C 95 -12.97 26.04 6.69
N PRO C 96 -13.17 24.99 7.49
CA PRO C 96 -12.19 23.86 7.57
C PRO C 96 -11.64 23.46 6.19
N TRP C 97 -12.39 23.75 5.13
CA TRP C 97 -11.94 23.44 3.76
C TRP C 97 -11.30 24.68 3.06
N SER C 98 -11.78 25.89 3.38
CA SER C 98 -11.27 27.13 2.77
C SER C 98 -10.39 27.96 3.74
N ASP C 99 -9.65 28.93 3.19
CA ASP C 99 -8.78 29.80 3.99
C ASP C 99 -9.36 31.23 4.07
N ILE C 100 -8.78 32.07 4.94
CA ILE C 100 -9.24 33.47 5.10
C ILE C 100 -8.97 34.26 3.83
N GLU C 101 -9.69 35.39 3.65
CA GLU C 101 -9.48 36.24 2.47
C GLU C 101 -9.06 37.64 2.91
N CYS C 102 -8.06 38.20 2.22
CA CYS C 102 -7.56 39.54 2.51
C CYS C 102 -7.73 40.44 1.28
N VAL C 103 -8.08 41.70 1.51
CA VAL C 103 -8.28 42.67 0.43
C VAL C 103 -7.49 43.95 0.71
N HIS C 104 -7.23 44.73 -0.34
CA HIS C 104 -6.49 45.99 -0.21
C HIS C 104 -7.45 47.17 -0.17
N LYS C 105 -7.12 48.18 0.64
CA LYS C 105 -7.97 49.38 0.79
C LYS C 105 -9.33 49.01 1.37
N GLU C 106 -9.74 49.72 2.43
CA GLU C 106 -11.02 49.46 3.10
C GLU C 106 -12.13 50.34 2.48
N SER C 107 -12.39 50.14 1.18
CA SER C 107 -13.42 50.90 0.46
C SER C 107 -13.06 52.39 0.36
N GLY C 108 -13.17 53.12 1.48
CA GLY C 108 -12.86 54.55 1.49
C GLY C 108 -11.53 54.82 2.20
N ASP C 109 -10.85 55.91 1.79
CA ASP C 109 -9.57 56.28 2.38
C ASP C 109 -8.58 55.12 2.31
N SER A 1 38.60 -1.38 -11.11
CA SER A 1 39.23 -0.03 -11.18
C SER A 1 39.34 0.55 -9.78
N GLU A 2 40.58 0.62 -9.27
CA GLU A 2 40.84 1.15 -7.92
C GLU A 2 40.24 2.56 -7.78
N GLY A 3 40.26 3.08 -6.55
CA GLY A 3 39.73 4.42 -6.26
C GLY A 3 38.53 4.35 -5.30
N LEU A 4 38.43 3.26 -4.53
CA LEU A 4 37.34 3.09 -3.57
C LEU A 4 37.89 2.62 -2.22
N CYS A 5 37.17 2.91 -1.14
CA CYS A 5 37.61 2.51 0.21
C CYS A 5 36.53 1.65 0.90
N PRO A 6 36.91 0.72 1.79
CA PRO A 6 35.92 -0.17 2.49
C PRO A 6 34.96 0.62 3.39
N PRO A 7 33.87 0.00 3.88
CA PRO A 7 32.88 0.69 4.76
C PRO A 7 33.56 1.37 5.95
N GLY A 8 33.03 2.53 6.34
CA GLY A 8 33.58 3.29 7.47
C GLY A 8 34.77 4.18 7.04
N HIS A 9 35.28 3.96 5.82
CA HIS A 9 36.41 4.73 5.31
C HIS A 9 36.07 5.45 4.01
N HIS A 10 36.85 6.48 3.69
CA HIS A 10 36.67 7.26 2.46
C HIS A 10 38.04 7.48 1.79
N ILE A 11 38.04 7.73 0.47
CA ILE A 11 39.29 7.89 -0.27
C ILE A 11 39.45 9.34 -0.80
N SER A 12 40.72 9.77 -0.93
CA SER A 12 41.02 11.11 -1.41
C SER A 12 40.79 11.23 -2.92
N GLU A 13 41.01 12.43 -3.47
CA GLU A 13 40.82 12.68 -4.89
C GLU A 13 41.90 11.96 -5.73
N ASP A 14 43.12 11.90 -5.19
CA ASP A 14 44.23 11.25 -5.89
C ASP A 14 44.17 9.72 -5.77
N GLY A 15 43.18 9.19 -5.03
CA GLY A 15 43.00 7.74 -4.88
C GLY A 15 44.19 7.01 -4.19
N ARG A 16 45.30 7.70 -3.85
CA ARG A 16 46.44 7.05 -3.21
C ARG A 16 46.43 7.28 -1.68
N ASP A 17 45.25 7.56 -1.11
CA ASP A 17 45.14 7.80 0.33
C ASP A 17 43.71 7.56 0.82
N CYS A 18 43.57 6.91 1.97
CA CYS A 18 42.27 6.62 2.57
C CYS A 18 42.24 7.12 4.02
N ILE A 19 41.16 7.80 4.41
CA ILE A 19 41.04 8.34 5.77
C ILE A 19 39.84 7.70 6.50
N SER A 20 40.08 7.37 7.77
CA SER A 20 39.09 6.76 8.64
C SER A 20 38.06 7.77 9.17
N CYS A 21 36.80 7.33 9.31
CA CYS A 21 35.74 8.20 9.82
C CYS A 21 35.38 7.70 11.23
N LYS A 22 34.86 8.60 12.09
CA LYS A 22 34.57 8.25 13.47
C LYS A 22 33.10 7.95 13.71
N TYR A 23 32.85 7.01 14.63
CA TYR A 23 31.49 6.62 15.00
C TYR A 23 30.68 7.89 15.35
N GLY A 24 29.43 7.93 14.90
CA GLY A 24 28.53 9.05 15.21
C GLY A 24 28.66 10.30 14.29
N GLN A 25 29.83 10.56 13.65
CA GLN A 25 29.96 11.75 12.79
C GLN A 25 29.19 11.54 11.47
N ASP A 26 29.64 10.56 10.70
CA ASP A 26 29.04 10.20 9.42
C ASP A 26 29.39 8.74 9.15
N TYR A 27 28.73 8.09 8.19
CA TYR A 27 28.99 6.68 7.92
C TYR A 27 29.04 6.34 6.46
N SER A 28 29.51 5.13 6.20
CA SER A 28 29.53 4.57 4.86
C SER A 28 28.98 3.15 4.95
N THR A 29 27.99 2.86 4.12
CA THR A 29 27.35 1.54 4.11
C THR A 29 27.97 0.60 3.08
N HIS A 30 28.35 1.18 1.94
CA HIS A 30 28.96 0.43 0.84
C HIS A 30 30.28 1.07 0.43
N TRP A 31 31.11 0.35 -0.34
CA TRP A 31 32.40 0.88 -0.79
C TRP A 31 32.21 2.29 -1.37
N ASN A 32 32.82 3.28 -0.72
CA ASN A 32 32.67 4.68 -1.14
C ASN A 32 33.84 5.13 -2.00
N ASP A 33 33.53 5.97 -3.00
CA ASP A 33 34.54 6.52 -3.91
C ASP A 33 34.54 8.05 -3.81
N LEU A 34 34.65 8.54 -2.58
CA LEU A 34 34.66 9.98 -2.32
C LEU A 34 35.57 10.31 -1.13
N LEU A 35 35.75 11.62 -0.88
CA LEU A 35 36.59 12.09 0.23
C LEU A 35 35.76 12.36 1.50
N PHE A 36 34.43 12.20 1.41
CA PHE A 36 33.54 12.48 2.55
C PHE A 36 32.80 11.21 2.99
N CYS A 37 32.23 11.26 4.19
CA CYS A 37 31.45 10.16 4.74
C CYS A 37 29.98 10.60 4.70
N LEU A 38 29.05 9.66 4.46
CA LEU A 38 27.64 10.03 4.33
C LEU A 38 26.98 10.28 5.68
N ARG A 39 25.98 11.15 5.65
CA ARG A 39 25.23 11.51 6.85
C ARG A 39 24.39 10.32 7.36
N CYS A 40 24.21 10.25 8.67
CA CYS A 40 23.41 9.17 9.28
C CYS A 40 21.97 9.67 9.53
N THR A 41 21.01 8.75 9.44
CA THR A 41 19.59 9.10 9.61
C THR A 41 19.12 8.86 11.04
N ARG A 42 18.28 9.78 11.53
CA ARG A 42 17.73 9.70 12.88
C ARG A 42 16.20 9.66 12.82
N CYS A 43 15.57 9.07 13.84
CA CYS A 43 14.11 8.94 13.87
C CYS A 43 13.48 9.79 14.97
N ASP A 44 12.20 10.13 14.77
CA ASP A 44 11.44 10.94 15.71
C ASP A 44 10.21 10.17 16.21
N SER A 45 9.56 10.69 17.25
CA SER A 45 8.38 10.06 17.83
C SER A 45 7.39 9.67 16.74
N GLY A 46 6.67 8.56 16.95
CA GLY A 46 5.71 8.05 15.96
C GLY A 46 6.41 7.05 15.01
N GLU A 47 7.75 7.04 15.03
CA GLU A 47 8.53 6.13 14.18
C GLU A 47 9.34 5.16 15.04
N VAL A 48 9.61 3.97 14.49
CA VAL A 48 10.37 2.95 15.21
C VAL A 48 11.71 2.70 14.53
N GLU A 49 12.75 2.63 15.36
CA GLU A 49 14.11 2.36 14.89
C GLU A 49 14.39 0.85 14.95
N LEU A 50 14.70 0.23 13.79
CA LEU A 50 14.94 -1.22 13.76
C LEU A 50 16.43 -1.57 13.83
N SER A 51 17.30 -0.81 13.16
CA SER A 51 18.75 -1.10 13.16
C SER A 51 19.59 0.12 13.59
N PRO A 52 20.73 -0.08 14.27
CA PRO A 52 21.62 1.03 14.73
C PRO A 52 22.50 1.65 13.61
N CYS A 53 22.96 2.89 13.84
CA CYS A 53 23.83 3.61 12.91
C CYS A 53 25.27 3.56 13.45
N THR A 54 26.23 3.13 12.61
CA THR A 54 27.65 3.05 13.01
C THR A 54 28.54 3.11 11.77
N THR A 55 29.86 3.18 11.98
CA THR A 55 30.82 3.22 10.86
C THR A 55 30.62 2.02 9.92
N THR A 56 29.92 0.98 10.40
CA THR A 56 29.63 -0.21 9.59
C THR A 56 28.12 -0.51 9.54
N ARG A 57 27.28 0.43 10.04
CA ARG A 57 25.82 0.22 10.04
C ARG A 57 25.06 1.53 9.77
N ASN A 58 23.82 1.38 9.36
CA ASN A 58 22.92 2.51 9.05
C ASN A 58 21.64 2.41 9.89
N THR A 59 21.11 3.54 10.38
CA THR A 59 19.90 3.47 11.20
C THR A 59 18.69 3.38 10.29
N VAL A 60 17.77 2.53 10.69
CA VAL A 60 16.56 2.28 9.92
C VAL A 60 15.38 2.94 10.60
N CYS A 61 14.57 3.62 9.80
CA CYS A 61 13.39 4.28 10.32
C CYS A 61 12.15 3.56 9.77
N GLN A 62 11.18 3.45 10.64
CA GLN A 62 9.92 2.79 10.34
C GLN A 62 8.82 3.62 10.96
N CYS A 63 7.62 3.56 10.40
CA CYS A 63 6.49 4.33 10.95
C CYS A 63 5.47 3.36 11.52
N GLU A 64 4.69 3.81 12.50
CA GLU A 64 3.72 2.95 13.17
C GLU A 64 2.58 2.56 12.25
N GLU A 65 2.10 1.31 12.43
CA GLU A 65 1.01 0.78 11.62
C GLU A 65 -0.16 1.74 11.58
N GLY A 66 -0.87 1.75 10.45
CA GLY A 66 -2.01 2.66 10.28
C GLY A 66 -1.58 3.95 9.55
N THR A 67 -0.26 4.18 9.43
CA THR A 67 0.26 5.37 8.75
C THR A 67 1.12 4.96 7.54
N PHE A 68 1.32 5.89 6.58
CA PHE A 68 2.13 5.57 5.39
C PHE A 68 3.00 6.74 4.96
N ARG A 69 4.06 6.48 4.16
CA ARG A 69 4.94 7.55 3.71
C ARG A 69 4.88 7.73 2.19
N GLU A 70 4.34 8.86 1.78
CA GLU A 70 4.22 9.22 0.36
C GLU A 70 5.33 10.18 -0.06
N GLU A 71 5.74 10.09 -1.32
CA GLU A 71 6.81 10.94 -1.85
C GLU A 71 6.51 12.44 -1.70
N ASP A 72 5.24 12.76 -1.49
CA ASP A 72 4.80 14.14 -1.33
C ASP A 72 5.06 14.67 0.10
N SER A 73 5.45 13.78 1.02
CA SER A 73 5.72 14.19 2.40
C SER A 73 7.25 14.21 2.68
N PRO A 74 7.76 15.09 3.53
CA PRO A 74 9.22 15.16 3.84
C PRO A 74 9.67 13.98 4.72
N GLU A 75 9.20 13.96 5.97
CA GLU A 75 9.54 12.88 6.92
C GLU A 75 8.34 12.56 7.82
N MET A 76 7.13 12.70 7.26
CA MET A 76 5.90 12.44 8.00
C MET A 76 5.17 11.22 7.40
N CYS A 77 4.21 10.68 8.14
CA CYS A 77 3.44 9.53 7.69
C CYS A 77 1.96 9.92 7.69
N ARG A 78 1.13 9.33 6.80
CA ARG A 78 -0.29 9.69 6.73
C ARG A 78 -1.14 8.48 7.02
N LYS A 79 -2.35 8.72 7.52
CA LYS A 79 -3.25 7.62 7.86
C LYS A 79 -3.68 6.89 6.60
N CYS A 80 -3.57 5.56 6.63
CA CYS A 80 -3.94 4.74 5.49
C CYS A 80 -5.44 4.83 5.29
N ARG A 81 -5.89 4.51 4.07
CA ARG A 81 -7.33 4.61 3.74
C ARG A 81 -8.19 3.96 4.82
N THR A 82 -9.13 4.74 5.34
CA THR A 82 -10.04 4.26 6.37
C THR A 82 -11.28 3.58 5.76
N GLY A 83 -11.19 3.23 4.47
CA GLY A 83 -12.29 2.57 3.76
C GLY A 83 -12.13 2.80 2.25
N CYS A 84 -11.90 1.70 1.51
CA CYS A 84 -11.72 1.78 0.05
C CYS A 84 -12.79 2.67 -0.60
N PRO A 85 -12.51 3.30 -1.75
CA PRO A 85 -13.50 4.19 -2.43
C PRO A 85 -14.83 3.48 -2.68
N ARG A 86 -15.92 4.26 -2.68
CA ARG A 86 -17.26 3.71 -2.90
C ARG A 86 -17.29 2.82 -4.15
N GLY A 87 -17.45 1.52 -3.95
CA GLY A 87 -17.50 0.55 -5.05
C GLY A 87 -16.16 -0.18 -5.20
N MET A 88 -15.50 -0.45 -4.07
CA MET A 88 -14.21 -1.16 -4.07
C MET A 88 -14.11 -2.04 -2.84
N VAL A 89 -13.11 -2.95 -2.81
CA VAL A 89 -12.95 -3.87 -1.68
C VAL A 89 -11.55 -3.85 -1.10
N LYS A 90 -11.47 -4.29 0.17
CA LYS A 90 -10.20 -4.39 0.89
C LYS A 90 -9.44 -5.62 0.41
N VAL A 91 -8.17 -5.43 0.02
CA VAL A 91 -7.37 -6.54 -0.50
C VAL A 91 -5.87 -6.40 -0.15
N GLY A 92 -5.37 -5.16 0.03
CA GLY A 92 -3.94 -4.99 0.31
C GLY A 92 -3.64 -4.46 1.71
N ASP A 93 -2.46 -4.86 2.20
CA ASP A 93 -1.91 -4.50 3.50
C ASP A 93 -1.20 -3.14 3.41
N CYS A 94 -1.22 -2.37 4.51
CA CYS A 94 -0.61 -1.05 4.51
C CYS A 94 0.71 -1.09 5.27
N THR A 95 1.76 -0.62 4.59
CA THR A 95 3.12 -0.61 5.13
C THR A 95 3.51 0.84 5.46
N PRO A 96 4.22 1.09 6.56
CA PRO A 96 4.60 2.47 6.97
C PRO A 96 5.09 3.34 5.78
N TRP A 97 5.56 2.69 4.69
CA TRP A 97 6.02 3.44 3.51
C TRP A 97 4.91 3.50 2.41
N SER A 98 4.22 2.37 2.13
CA SER A 98 3.18 2.31 1.09
C SER A 98 1.74 2.32 1.66
N ASP A 99 0.76 2.58 0.77
CA ASP A 99 -0.65 2.63 1.15
C ASP A 99 -1.36 1.28 0.90
N ILE A 100 -2.66 1.21 1.23
CA ILE A 100 -3.46 -0.02 1.07
C ILE A 100 -3.79 -0.28 -0.41
N GLU A 101 -4.44 -1.44 -0.67
CA GLU A 101 -4.87 -1.77 -2.04
C GLU A 101 -6.39 -1.97 -2.08
N CYS A 102 -7.03 -1.33 -3.05
CA CYS A 102 -8.48 -1.45 -3.25
C CYS A 102 -8.74 -2.00 -4.65
N VAL A 103 -9.75 -2.87 -4.80
CA VAL A 103 -10.05 -3.46 -6.10
C VAL A 103 -11.54 -3.32 -6.47
N HIS A 104 -11.78 -2.98 -7.74
CA HIS A 104 -13.14 -2.84 -8.27
C HIS A 104 -13.47 -4.05 -9.15
N LYS A 105 -14.67 -4.63 -8.99
CA LYS A 105 -15.07 -5.79 -9.79
C LYS A 105 -16.51 -5.65 -10.29
N GLU A 106 -17.48 -5.71 -9.38
CA GLU A 106 -18.89 -5.59 -9.76
C GLU A 106 -19.72 -5.00 -8.60
N SER A 107 -19.30 -3.83 -8.11
CA SER A 107 -19.99 -3.15 -7.02
C SER A 107 -20.56 -1.81 -7.49
N GLY A 108 -21.83 -1.82 -7.90
CA GLY A 108 -22.50 -0.61 -8.38
C GLY A 108 -23.04 -0.82 -9.80
N ASP A 109 -23.49 0.27 -10.43
CA ASP A 109 -24.02 0.22 -11.79
C ASP A 109 -23.91 1.58 -12.47
N SER B 1 28.91 5.98 -3.53
CA SER B 1 27.47 6.32 -3.69
C SER B 1 27.05 6.06 -5.14
N GLU B 2 26.30 4.98 -5.36
CA GLU B 2 25.83 4.62 -6.70
C GLU B 2 24.31 4.78 -6.82
N GLY B 3 23.60 4.49 -5.72
CA GLY B 3 22.14 4.61 -5.69
C GLY B 3 21.48 3.28 -6.01
N LEU B 4 22.01 2.20 -5.44
CA LEU B 4 21.47 0.86 -5.66
C LEU B 4 21.26 0.14 -4.33
N CYS B 5 20.18 -0.65 -4.22
CA CYS B 5 19.87 -1.38 -2.99
C CYS B 5 19.64 -2.88 -3.29
N PRO B 6 20.19 -3.82 -2.49
CA PRO B 6 19.99 -5.29 -2.73
C PRO B 6 18.51 -5.72 -2.60
N PRO B 7 18.16 -6.94 -3.04
CA PRO B 7 16.74 -7.43 -2.94
C PRO B 7 16.23 -7.43 -1.50
N GLY B 8 14.93 -7.12 -1.33
CA GLY B 8 14.33 -7.08 0.00
C GLY B 8 14.52 -5.72 0.70
N HIS B 9 15.18 -4.77 0.01
CA HIS B 9 15.43 -3.45 0.58
C HIS B 9 15.02 -2.33 -0.38
N HIS B 10 14.72 -1.17 0.19
CA HIS B 10 14.32 0.02 -0.57
C HIS B 10 15.14 1.23 -0.10
N ILE B 11 15.29 2.24 -0.96
CA ILE B 11 16.10 3.43 -0.63
C ILE B 11 15.21 4.67 -0.48
N SER B 12 15.34 5.38 0.66
CA SER B 12 14.52 6.58 0.90
C SER B 12 14.71 7.63 -0.19
N GLU B 13 13.82 8.62 -0.18
CA GLU B 13 13.82 9.72 -1.16
C GLU B 13 15.18 10.42 -1.25
N ASP B 14 15.88 10.48 -0.13
CA ASP B 14 17.16 11.16 -0.06
C ASP B 14 18.30 10.33 -0.72
N GLY B 15 17.99 9.11 -1.19
CA GLY B 15 18.99 8.28 -1.88
C GLY B 15 20.20 7.87 -1.01
N ARG B 16 20.32 8.35 0.25
CA ARG B 16 21.47 8.01 1.09
C ARG B 16 21.11 7.01 2.20
N ASP B 17 19.94 6.36 2.13
CA ASP B 17 19.56 5.41 3.18
C ASP B 17 18.71 4.28 2.61
N CYS B 18 19.00 3.05 3.04
CA CYS B 18 18.24 1.89 2.58
C CYS B 18 17.65 1.13 3.77
N ILE B 19 16.36 0.76 3.66
CA ILE B 19 15.66 0.08 4.75
C ILE B 19 14.96 -1.22 4.27
N SER B 20 15.09 -2.24 5.12
CA SER B 20 14.52 -3.58 4.95
C SER B 20 12.99 -3.57 5.04
N CYS B 21 12.33 -4.47 4.30
CA CYS B 21 10.87 -4.54 4.30
C CYS B 21 10.46 -5.78 5.11
N LYS B 22 9.21 -5.81 5.60
CA LYS B 22 8.75 -6.89 6.47
C LYS B 22 8.15 -8.05 5.70
N TYR B 23 8.40 -9.27 6.22
CA TYR B 23 7.87 -10.48 5.61
C TYR B 23 6.35 -10.37 5.46
N GLY B 24 5.83 -10.74 4.30
CA GLY B 24 4.40 -10.71 4.05
C GLY B 24 3.87 -9.30 3.72
N GLN B 25 4.53 -8.20 4.16
CA GLN B 25 4.05 -6.85 3.85
C GLN B 25 4.43 -6.50 2.42
N ASP B 26 5.74 -6.32 2.17
CA ASP B 26 6.24 -6.01 0.84
C ASP B 26 7.63 -6.61 0.66
N TYR B 27 8.08 -6.71 -0.59
CA TYR B 27 9.41 -7.26 -0.91
C TYR B 27 9.94 -6.75 -2.24
N SER B 28 11.19 -7.12 -2.54
CA SER B 28 11.82 -6.77 -3.80
C SER B 28 12.49 -8.04 -4.36
N THR B 29 12.24 -8.35 -5.64
CA THR B 29 12.79 -9.57 -6.25
C THR B 29 14.16 -9.32 -6.89
N HIS B 30 14.34 -8.13 -7.48
CA HIS B 30 15.59 -7.77 -8.14
C HIS B 30 16.12 -6.44 -7.61
N TRP B 31 17.41 -6.17 -7.84
CA TRP B 31 18.03 -4.91 -7.38
C TRP B 31 17.17 -3.71 -7.80
N ASN B 32 17.04 -2.73 -6.91
CA ASN B 32 16.23 -1.55 -7.20
C ASN B 32 16.84 -0.29 -6.58
N ASP B 33 16.33 0.87 -7.01
CA ASP B 33 16.80 2.15 -6.49
C ASP B 33 15.62 3.10 -6.28
N LEU B 34 14.66 2.64 -5.48
CA LEU B 34 13.46 3.43 -5.18
C LEU B 34 13.02 3.26 -3.73
N LEU B 35 12.29 4.25 -3.24
CA LEU B 35 11.77 4.25 -1.87
C LEU B 35 10.50 3.40 -1.75
N PHE B 36 10.15 2.68 -2.82
CA PHE B 36 8.96 1.82 -2.82
C PHE B 36 9.35 0.36 -2.71
N CYS B 37 8.55 -0.38 -1.97
CA CYS B 37 8.75 -1.81 -1.78
C CYS B 37 7.61 -2.51 -2.53
N LEU B 38 7.90 -3.59 -3.25
CA LEU B 38 6.86 -4.25 -4.04
C LEU B 38 5.86 -4.97 -3.14
N ARG B 39 4.60 -4.67 -3.37
CA ARG B 39 3.49 -5.22 -2.60
C ARG B 39 3.40 -6.74 -2.77
N CYS B 40 2.90 -7.40 -1.72
CA CYS B 40 2.78 -8.87 -1.70
C CYS B 40 1.38 -9.29 -2.19
N THR B 41 1.33 -10.42 -2.90
CA THR B 41 0.10 -10.96 -3.46
C THR B 41 -0.61 -11.92 -2.51
N ARG B 42 -1.93 -11.83 -2.49
CA ARG B 42 -2.77 -12.66 -1.64
C ARG B 42 -3.89 -13.31 -2.47
N CYS B 43 -4.41 -14.45 -2.02
CA CYS B 43 -5.45 -15.18 -2.76
C CYS B 43 -6.79 -15.11 -2.02
N ASP B 44 -7.88 -15.28 -2.77
CA ASP B 44 -9.23 -15.20 -2.23
C ASP B 44 -9.83 -16.59 -2.01
N SER B 45 -10.97 -16.64 -1.30
CA SER B 45 -11.66 -17.90 -1.00
C SER B 45 -11.78 -18.74 -2.28
N GLY B 46 -11.72 -20.06 -2.12
CA GLY B 46 -11.79 -20.98 -3.25
C GLY B 46 -10.38 -21.21 -3.83
N GLU B 47 -9.42 -20.35 -3.46
CA GLU B 47 -8.04 -20.47 -3.91
C GLU B 47 -7.12 -20.67 -2.70
N VAL B 48 -6.05 -21.44 -2.88
CA VAL B 48 -5.10 -21.72 -1.78
C VAL B 48 -3.74 -21.09 -2.09
N GLU B 49 -2.98 -20.82 -1.02
CA GLU B 49 -1.64 -20.25 -1.17
C GLU B 49 -0.62 -21.37 -1.37
N LEU B 50 0.08 -21.36 -2.52
CA LEU B 50 1.06 -22.40 -2.82
C LEU B 50 2.41 -22.09 -2.18
N SER B 51 2.84 -20.84 -2.30
CA SER B 51 4.12 -20.41 -1.75
C SER B 51 4.03 -18.95 -1.22
N PRO B 52 3.93 -18.72 0.10
CA PRO B 52 3.85 -17.34 0.67
C PRO B 52 5.03 -16.46 0.24
N CYS B 53 4.87 -15.12 0.33
CA CYS B 53 5.93 -14.19 -0.06
C CYS B 53 6.69 -13.67 1.15
N THR B 54 7.97 -13.45 0.94
CA THR B 54 8.86 -12.92 1.96
C THR B 54 9.62 -11.74 1.37
N THR B 55 10.49 -11.13 2.15
CA THR B 55 11.29 -9.99 1.66
C THR B 55 12.07 -10.37 0.38
N THR B 56 12.22 -11.68 0.13
CA THR B 56 12.94 -12.16 -1.06
C THR B 56 12.10 -13.14 -1.90
N ARG B 57 10.78 -13.23 -1.66
CA ARG B 57 9.94 -14.18 -2.42
C ARG B 57 8.59 -13.58 -2.84
N ASN B 58 7.99 -14.21 -3.86
CA ASN B 58 6.69 -13.80 -4.42
C ASN B 58 5.59 -14.82 -4.08
N THR B 59 4.38 -14.35 -3.74
CA THR B 59 3.27 -15.25 -3.39
C THR B 59 2.57 -15.77 -4.64
N VAL B 60 2.27 -17.07 -4.62
CA VAL B 60 1.58 -17.73 -5.72
C VAL B 60 0.21 -18.21 -5.24
N CYS B 61 -0.77 -18.25 -6.15
CA CYS B 61 -2.13 -18.70 -5.80
C CYS B 61 -2.41 -20.05 -6.43
N GLN B 62 -3.35 -20.77 -5.82
CA GLN B 62 -3.73 -22.11 -6.26
C GLN B 62 -5.25 -22.24 -6.27
N CYS B 63 -5.77 -23.15 -7.10
CA CYS B 63 -7.21 -23.36 -7.22
C CYS B 63 -7.53 -24.75 -6.67
N GLU B 64 -8.69 -24.89 -6.01
CA GLU B 64 -9.07 -26.16 -5.39
C GLU B 64 -9.37 -27.22 -6.45
N GLU B 65 -9.16 -28.49 -6.07
CA GLU B 65 -9.39 -29.62 -6.97
C GLU B 65 -10.76 -29.55 -7.63
N GLY B 66 -10.82 -29.93 -8.90
CA GLY B 66 -12.07 -29.89 -9.66
C GLY B 66 -12.17 -28.63 -10.53
N THR B 67 -11.21 -27.70 -10.39
CA THR B 67 -11.23 -26.46 -11.17
C THR B 67 -9.99 -26.40 -12.08
N PHE B 68 -10.01 -25.55 -13.13
CA PHE B 68 -8.85 -25.45 -14.04
C PHE B 68 -8.60 -24.02 -14.49
N ARG B 69 -7.31 -23.65 -14.67
CA ARG B 69 -6.96 -22.29 -15.10
C ARG B 69 -5.73 -22.26 -16.00
N GLU B 70 -5.94 -21.86 -17.26
CA GLU B 70 -4.84 -21.75 -18.22
C GLU B 70 -4.27 -20.33 -18.16
N GLU B 71 -2.97 -20.20 -18.45
CA GLU B 71 -2.29 -18.89 -18.39
C GLU B 71 -2.99 -17.83 -19.25
N ASP B 72 -3.80 -18.27 -20.20
CA ASP B 72 -4.53 -17.37 -21.10
C ASP B 72 -5.81 -16.81 -20.46
N SER B 73 -6.19 -17.34 -19.28
CA SER B 73 -7.40 -16.87 -18.59
C SER B 73 -7.06 -15.82 -17.51
N PRO B 74 -7.92 -14.83 -17.27
CA PRO B 74 -7.66 -13.77 -16.25
C PRO B 74 -8.18 -14.15 -14.84
N GLU B 75 -7.34 -14.86 -14.07
CA GLU B 75 -7.72 -15.27 -12.71
C GLU B 75 -9.08 -15.98 -12.70
N MET B 76 -9.32 -16.82 -13.72
CA MET B 76 -10.57 -17.57 -13.83
C MET B 76 -10.29 -19.08 -13.70
N CYS B 77 -11.18 -19.78 -12.98
CA CYS B 77 -11.05 -21.21 -12.79
C CYS B 77 -12.33 -21.86 -13.31
N ARG B 78 -12.22 -23.01 -13.99
CA ARG B 78 -13.40 -23.67 -14.55
C ARG B 78 -13.44 -25.13 -14.14
N LYS B 79 -14.62 -25.73 -14.18
CA LYS B 79 -14.80 -27.13 -13.77
C LYS B 79 -14.09 -28.08 -14.73
N CYS B 80 -13.19 -28.89 -14.16
CA CYS B 80 -12.42 -29.87 -14.91
C CYS B 80 -13.33 -31.02 -15.34
N ARG B 81 -12.99 -31.67 -16.45
CA ARG B 81 -13.78 -32.79 -16.97
C ARG B 81 -13.48 -34.07 -16.19
N THR B 82 -14.51 -34.88 -15.95
CA THR B 82 -14.36 -36.15 -15.22
C THR B 82 -14.35 -37.36 -16.15
N GLY B 83 -14.46 -37.13 -17.47
CA GLY B 83 -14.47 -38.22 -18.45
C GLY B 83 -14.96 -37.73 -19.82
N CYS B 84 -14.17 -37.98 -20.87
CA CYS B 84 -14.53 -37.57 -22.22
C CYS B 84 -15.71 -38.42 -22.75
N PRO B 85 -16.43 -37.93 -23.76
CA PRO B 85 -17.60 -38.69 -24.34
C PRO B 85 -17.18 -40.07 -24.84
N ARG B 86 -18.18 -40.92 -25.14
CA ARG B 86 -17.92 -42.27 -25.63
C ARG B 86 -17.00 -42.23 -26.86
N GLY B 87 -15.96 -43.07 -26.86
CA GLY B 87 -15.00 -43.12 -27.96
C GLY B 87 -13.62 -42.65 -27.50
N MET B 88 -13.60 -41.65 -26.61
CA MET B 88 -12.35 -41.11 -26.08
C MET B 88 -11.99 -41.82 -24.77
N VAL B 89 -10.70 -41.81 -24.43
CA VAL B 89 -10.23 -42.48 -23.21
C VAL B 89 -9.43 -41.48 -22.34
N LYS B 90 -9.78 -41.43 -21.05
CA LYS B 90 -9.09 -40.54 -20.10
C LYS B 90 -7.72 -41.14 -19.78
N VAL B 91 -6.66 -40.32 -19.92
CA VAL B 91 -5.29 -40.78 -19.66
C VAL B 91 -4.46 -39.74 -18.88
N GLY B 92 -4.95 -38.49 -18.79
CA GLY B 92 -4.20 -37.45 -18.08
C GLY B 92 -4.87 -36.98 -16.79
N ASP B 93 -4.02 -36.55 -15.87
CA ASP B 93 -4.40 -36.04 -14.56
C ASP B 93 -4.78 -34.56 -14.64
N CYS B 94 -5.75 -34.12 -13.80
CA CYS B 94 -6.21 -32.74 -13.86
C CYS B 94 -5.62 -31.95 -12.70
N THR B 95 -4.97 -30.85 -13.07
CA THR B 95 -4.30 -29.94 -12.16
C THR B 95 -5.05 -28.59 -12.14
N PRO B 96 -5.19 -27.93 -10.98
CA PRO B 96 -5.92 -26.63 -10.88
C PRO B 96 -5.60 -25.67 -12.05
N TRP B 97 -4.45 -25.86 -12.71
CA TRP B 97 -4.07 -25.01 -13.84
C TRP B 97 -4.54 -25.61 -15.19
N SER B 98 -4.24 -26.90 -15.43
CA SER B 98 -4.60 -27.57 -16.68
C SER B 98 -5.77 -28.56 -16.54
N ASP B 99 -6.35 -28.96 -17.68
CA ASP B 99 -7.46 -29.92 -17.70
C ASP B 99 -6.95 -31.35 -17.96
N ILE B 100 -7.86 -32.33 -17.93
CA ILE B 100 -7.51 -33.74 -18.16
C ILE B 100 -7.00 -33.96 -19.58
N GLU B 101 -6.50 -35.18 -19.85
CA GLU B 101 -6.02 -35.53 -21.20
C GLU B 101 -6.82 -36.73 -21.73
N CYS B 102 -7.28 -36.62 -22.97
CA CYS B 102 -8.03 -37.70 -23.61
C CYS B 102 -7.34 -38.14 -24.90
N VAL B 103 -7.36 -39.45 -25.15
CA VAL B 103 -6.74 -40.02 -26.35
C VAL B 103 -7.66 -41.09 -26.96
N HIS B 104 -7.75 -41.11 -28.29
CA HIS B 104 -8.59 -42.08 -28.98
C HIS B 104 -7.76 -43.32 -29.35
N LYS B 105 -8.31 -44.51 -29.06
CA LYS B 105 -7.62 -45.77 -29.35
C LYS B 105 -8.49 -46.70 -30.21
N GLU B 106 -9.13 -46.11 -31.24
CA GLU B 106 -10.00 -46.86 -32.16
C GLU B 106 -10.87 -47.91 -31.43
N SER B 107 -11.39 -47.52 -30.26
CA SER B 107 -12.22 -48.40 -29.46
C SER B 107 -13.49 -48.80 -30.22
N GLY B 108 -13.91 -50.05 -30.07
CA GLY B 108 -15.11 -50.55 -30.75
C GLY B 108 -14.84 -51.92 -31.38
N ASP B 109 -13.97 -51.96 -32.38
CA ASP B 109 -13.63 -53.20 -33.07
C ASP B 109 -12.38 -53.83 -32.46
N SER C 1 -33.74 -18.75 -9.75
CA SER C 1 -33.42 -18.04 -8.47
C SER C 1 -32.30 -17.02 -8.71
N GLU C 2 -32.36 -15.90 -8.01
CA GLU C 2 -31.36 -14.84 -8.16
C GLU C 2 -30.09 -15.20 -7.37
N GLY C 3 -29.06 -14.37 -7.51
CA GLY C 3 -27.79 -14.59 -6.82
C GLY C 3 -27.14 -13.26 -6.40
N LEU C 4 -27.97 -12.27 -6.07
CA LEU C 4 -27.49 -10.94 -5.66
C LEU C 4 -28.04 -10.59 -4.26
N CYS C 5 -27.32 -9.71 -3.55
CA CYS C 5 -27.74 -9.29 -2.21
C CYS C 5 -27.98 -7.75 -2.21
N PRO C 6 -29.11 -7.25 -1.71
CA PRO C 6 -29.39 -5.77 -1.71
C PRO C 6 -28.38 -4.97 -0.86
N PRO C 7 -28.33 -3.64 -1.01
CA PRO C 7 -27.38 -2.79 -0.23
C PRO C 7 -27.53 -3.00 1.28
N GLY C 8 -26.39 -3.18 1.96
CA GLY C 8 -26.38 -3.41 3.41
C GLY C 8 -26.21 -4.91 3.75
N HIS C 9 -26.23 -5.78 2.73
CA HIS C 9 -26.11 -7.21 2.93
C HIS C 9 -24.94 -7.77 2.11
N HIS C 10 -24.34 -8.87 2.59
CA HIS C 10 -23.24 -9.53 1.89
C HIS C 10 -23.57 -11.02 1.75
N ILE C 11 -22.99 -11.70 0.75
CA ILE C 11 -23.29 -13.12 0.52
C ILE C 11 -22.07 -14.02 0.80
N SER C 12 -22.35 -15.26 1.20
CA SER C 12 -21.31 -16.23 1.51
C SER C 12 -20.62 -16.71 0.23
N GLU C 13 -19.47 -17.37 0.39
CA GLU C 13 -18.70 -17.87 -0.77
C GLU C 13 -19.54 -18.83 -1.63
N ASP C 14 -20.31 -19.68 -0.96
CA ASP C 14 -21.16 -20.65 -1.64
C ASP C 14 -22.44 -20.03 -2.20
N GLY C 15 -22.67 -18.73 -1.96
CA GLY C 15 -23.86 -18.05 -2.48
C GLY C 15 -25.21 -18.59 -1.94
N ARG C 16 -25.21 -19.67 -1.13
CA ARG C 16 -26.46 -20.25 -0.62
C ARG C 16 -27.11 -19.38 0.48
N ASP C 17 -26.35 -18.46 1.08
CA ASP C 17 -26.90 -17.62 2.15
C ASP C 17 -26.30 -16.21 2.14
N CYS C 18 -27.06 -15.25 2.69
CA CYS C 18 -26.61 -13.86 2.76
C CYS C 18 -26.73 -13.34 4.19
N ILE C 19 -25.69 -12.65 4.67
CA ILE C 19 -25.67 -12.12 6.04
C ILE C 19 -25.85 -10.60 6.03
N SER C 20 -26.56 -10.10 7.03
CA SER C 20 -26.85 -8.67 7.16
C SER C 20 -25.71 -7.91 7.85
N CYS C 21 -25.45 -6.68 7.38
CA CYS C 21 -24.42 -5.82 7.95
C CYS C 21 -25.14 -4.67 8.68
N LYS C 22 -24.58 -4.22 9.82
CA LYS C 22 -25.24 -3.19 10.62
C LYS C 22 -24.52 -1.84 10.58
N TYR C 23 -25.32 -0.77 10.65
CA TYR C 23 -24.79 0.60 10.65
C TYR C 23 -23.68 0.73 11.70
N GLY C 24 -22.65 1.52 11.37
CA GLY C 24 -21.52 1.74 12.29
C GLY C 24 -20.40 0.69 12.14
N GLN C 25 -20.72 -0.55 11.66
CA GLN C 25 -19.68 -1.56 11.47
C GLN C 25 -19.23 -1.53 10.01
N ASP C 26 -20.19 -1.70 9.11
CA ASP C 26 -19.94 -1.66 7.67
C ASP C 26 -21.25 -1.36 6.93
N TYR C 27 -21.15 -0.93 5.67
CA TYR C 27 -22.35 -0.61 4.88
C TYR C 27 -22.09 -0.87 3.39
N SER C 28 -23.15 -0.72 2.58
CA SER C 28 -23.05 -0.87 1.14
C SER C 28 -24.00 0.14 0.46
N THR C 29 -23.50 0.88 -0.53
CA THR C 29 -24.30 1.89 -1.22
C THR C 29 -25.14 1.28 -2.34
N HIS C 30 -24.59 0.29 -3.04
CA HIS C 30 -25.29 -0.37 -4.14
C HIS C 30 -25.26 -1.89 -3.97
N TRP C 31 -26.15 -2.60 -4.68
CA TRP C 31 -26.21 -4.08 -4.60
C TRP C 31 -24.81 -4.67 -4.81
N ASN C 32 -24.54 -5.80 -4.16
CA ASN C 32 -23.23 -6.43 -4.26
C ASN C 32 -23.29 -7.95 -4.05
N ASP C 33 -22.15 -8.60 -4.28
CA ASP C 33 -22.04 -10.05 -4.13
C ASP C 33 -20.66 -10.41 -3.54
N LEU C 34 -20.40 -9.91 -2.34
CA LEU C 34 -19.12 -10.16 -1.65
C LEU C 34 -19.35 -10.83 -0.29
N LEU C 35 -18.25 -11.13 0.40
CA LEU C 35 -18.33 -11.76 1.73
C LEU C 35 -18.30 -10.69 2.83
N PHE C 36 -17.65 -9.56 2.54
CA PHE C 36 -17.53 -8.46 3.50
C PHE C 36 -18.35 -7.26 3.00
N CYS C 37 -18.60 -6.30 3.89
CA CYS C 37 -19.36 -5.10 3.55
C CYS C 37 -18.40 -3.92 3.50
N LEU C 38 -18.79 -2.83 2.83
CA LEU C 38 -17.91 -1.66 2.70
C LEU C 38 -17.68 -1.05 4.08
N ARG C 39 -16.42 -0.82 4.39
CA ARG C 39 -16.02 -0.27 5.68
C ARG C 39 -16.55 1.15 5.89
N CYS C 40 -16.76 1.50 7.16
CA CYS C 40 -17.29 2.80 7.55
C CYS C 40 -16.09 3.72 7.82
N THR C 41 -16.23 5.00 7.43
CA THR C 41 -15.15 5.97 7.57
C THR C 41 -15.13 6.62 8.96
N ARG C 42 -13.93 6.78 9.47
CA ARG C 42 -13.68 7.37 10.78
C ARG C 42 -12.69 8.53 10.63
N CYS C 43 -12.74 9.50 11.55
CA CYS C 43 -11.84 10.66 11.49
C CYS C 43 -10.86 10.63 12.66
N ASP C 44 -9.64 11.12 12.40
CA ASP C 44 -8.57 11.14 13.41
C ASP C 44 -8.67 12.38 14.29
N SER C 45 -7.90 12.38 15.40
CA SER C 45 -7.89 13.51 16.33
C SER C 45 -7.72 14.83 15.57
N GLY C 46 -8.50 15.84 15.97
CA GLY C 46 -8.48 17.14 15.32
C GLY C 46 -9.57 17.22 14.24
N GLU C 47 -10.13 16.05 13.83
CA GLU C 47 -11.20 16.03 12.84
C GLU C 47 -12.48 15.48 13.46
N VAL C 48 -13.62 16.00 13.01
CA VAL C 48 -14.93 15.58 13.53
C VAL C 48 -15.75 14.90 12.43
N GLU C 49 -16.70 14.05 12.83
CA GLU C 49 -17.58 13.37 11.88
C GLU C 49 -18.77 14.29 11.56
N LEU C 50 -18.83 14.77 10.32
CA LEU C 50 -19.92 15.67 9.92
C LEU C 50 -21.24 14.91 9.80
N SER C 51 -21.17 13.73 9.20
CA SER C 51 -22.35 12.89 9.04
C SER C 51 -21.98 11.41 9.29
N PRO C 52 -22.61 10.72 10.25
CA PRO C 52 -22.29 9.28 10.55
C PRO C 52 -22.70 8.36 9.40
N CYS C 53 -22.11 7.15 9.33
CA CYS C 53 -22.43 6.20 8.27
C CYS C 53 -23.42 5.17 8.77
N THR C 54 -24.49 4.99 8.01
CA THR C 54 -25.52 4.02 8.33
C THR C 54 -25.34 2.82 7.41
N THR C 55 -26.21 1.81 7.57
CA THR C 55 -26.12 0.62 6.73
C THR C 55 -26.17 0.99 5.23
N THR C 56 -26.66 2.20 4.90
CA THR C 56 -26.75 2.64 3.51
C THR C 56 -26.05 4.00 3.26
N ARG C 57 -25.23 4.50 4.20
CA ARG C 57 -24.58 5.82 4.01
C ARG C 57 -23.10 5.81 4.44
N ASN C 58 -22.33 6.76 3.89
CA ASN C 58 -20.91 6.91 4.15
C ASN C 58 -20.61 8.11 5.08
N THR C 59 -19.64 7.93 6.00
CA THR C 59 -19.28 8.99 6.96
C THR C 59 -18.27 9.98 6.35
N VAL C 60 -18.49 11.27 6.63
CA VAL C 60 -17.63 12.34 6.12
C VAL C 60 -16.80 12.92 7.27
N CYS C 61 -15.59 13.41 6.95
CA CYS C 61 -14.71 13.99 7.97
C CYS C 61 -14.56 15.50 7.78
N GLN C 62 -14.50 16.22 8.90
CA GLN C 62 -14.38 17.67 8.93
C GLN C 62 -13.26 18.06 9.91
N CYS C 63 -12.68 19.25 9.74
CA CYS C 63 -11.58 19.69 10.60
C CYS C 63 -12.11 20.82 11.48
N GLU C 64 -11.54 20.96 12.69
CA GLU C 64 -12.02 21.94 13.66
C GLU C 64 -11.73 23.37 13.22
N GLU C 65 -12.63 24.27 13.60
CA GLU C 65 -12.51 25.70 13.26
C GLU C 65 -11.12 26.23 13.61
N GLY C 66 -10.66 27.21 12.84
CA GLY C 66 -9.33 27.80 13.06
C GLY C 66 -8.27 27.14 12.16
N THR C 67 -8.60 25.95 11.61
CA THR C 67 -7.67 25.22 10.74
C THR C 67 -8.25 25.17 9.31
N PHE C 68 -7.40 24.88 8.30
CA PHE C 68 -7.89 24.83 6.90
C PHE C 68 -7.21 23.71 6.11
N ARG C 69 -7.94 23.08 5.18
CA ARG C 69 -7.39 22.00 4.37
C ARG C 69 -7.84 22.10 2.92
N GLU C 70 -6.92 21.77 2.02
CA GLU C 70 -7.19 21.77 0.58
C GLU C 70 -7.67 20.39 0.13
N GLU C 71 -8.57 20.38 -0.86
CA GLU C 71 -9.14 19.13 -1.37
C GLU C 71 -8.07 18.16 -1.89
N ASP C 72 -6.90 18.68 -2.18
CA ASP C 72 -5.80 17.88 -2.70
C ASP C 72 -4.92 17.30 -1.58
N SER C 73 -5.19 17.64 -0.32
CA SER C 73 -4.42 17.11 0.81
C SER C 73 -5.15 15.90 1.45
N PRO C 74 -4.43 14.87 1.90
CA PRO C 74 -5.07 13.67 2.53
C PRO C 74 -5.94 14.03 3.73
N GLU C 75 -5.31 14.62 4.75
CA GLU C 75 -6.02 15.03 5.97
C GLU C 75 -5.21 16.09 6.74
N MET C 76 -4.61 17.01 5.98
CA MET C 76 -3.80 18.07 6.55
C MET C 76 -4.60 19.36 6.71
N CYS C 77 -4.63 19.90 7.94
CA CYS C 77 -5.33 21.15 8.22
C CYS C 77 -4.31 22.12 8.82
N ARG C 78 -4.37 23.42 8.44
CA ARG C 78 -3.40 24.40 8.97
C ARG C 78 -4.13 25.59 9.58
N LYS C 79 -3.44 26.28 10.47
CA LYS C 79 -4.02 27.43 11.16
C LYS C 79 -4.24 28.60 10.21
N CYS C 80 -5.49 29.07 10.15
CA CYS C 80 -5.86 30.20 9.31
C CYS C 80 -5.21 31.46 9.90
N ARG C 81 -5.09 32.50 9.07
CA ARG C 81 -4.47 33.75 9.52
C ARG C 81 -5.43 34.53 10.43
N THR C 82 -4.91 35.01 11.56
CA THR C 82 -5.71 35.78 12.52
C THR C 82 -5.58 37.30 12.30
N GLY C 83 -5.05 37.69 11.15
CA GLY C 83 -4.86 39.11 10.82
C GLY C 83 -4.04 39.28 9.55
N CYS C 84 -4.68 39.76 8.48
CA CYS C 84 -4.01 39.97 7.20
C CYS C 84 -2.72 40.80 7.38
N PRO C 85 -1.75 40.71 6.47
CA PRO C 85 -0.48 41.49 6.58
C PRO C 85 -0.73 42.97 6.82
N ARG C 86 0.29 43.69 7.32
CA ARG C 86 0.15 45.13 7.59
C ARG C 86 -0.38 45.87 6.37
N GLY C 87 -1.35 46.76 6.59
CA GLY C 87 -1.96 47.53 5.51
C GLY C 87 -2.95 46.68 4.70
N MET C 88 -3.62 45.74 5.37
CA MET C 88 -4.59 44.87 4.71
C MET C 88 -5.93 44.92 5.45
N VAL C 89 -6.97 44.33 4.85
CA VAL C 89 -8.30 44.32 5.46
C VAL C 89 -8.88 42.90 5.46
N LYS C 90 -9.60 42.55 6.53
CA LYS C 90 -10.23 41.23 6.65
C LYS C 90 -11.63 41.30 6.06
N VAL C 91 -11.98 40.32 5.22
CA VAL C 91 -13.30 40.32 4.58
C VAL C 91 -13.86 38.90 4.38
N GLY C 92 -13.00 37.86 4.40
CA GLY C 92 -13.48 36.49 4.19
C GLY C 92 -13.36 35.62 5.44
N ASP C 93 -14.30 34.69 5.53
CA ASP C 93 -14.41 33.71 6.62
C ASP C 93 -13.59 32.46 6.33
N CYS C 94 -13.03 31.84 7.38
CA CYS C 94 -12.20 30.66 7.20
C CYS C 94 -12.99 29.41 7.62
N THR C 95 -13.06 28.48 6.68
CA THR C 95 -13.76 27.21 6.82
C THR C 95 -12.74 26.06 6.85
N PRO C 96 -12.94 25.01 7.65
CA PRO C 96 -11.95 23.89 7.75
C PRO C 96 -11.39 23.47 6.38
N TRP C 97 -12.13 23.76 5.31
CA TRP C 97 -11.67 23.43 3.94
C TRP C 97 -11.04 24.67 3.22
N SER C 98 -11.52 25.88 3.55
CA SER C 98 -11.04 27.12 2.92
C SER C 98 -10.17 27.95 3.87
N ASP C 99 -9.44 28.94 3.31
CA ASP C 99 -8.58 29.82 4.10
C ASP C 99 -9.17 31.24 4.18
N ILE C 100 -8.63 32.09 5.08
CA ILE C 100 -9.12 33.48 5.24
C ILE C 100 -8.91 34.27 3.94
N GLU C 101 -9.69 35.35 3.75
CA GLU C 101 -9.53 36.20 2.57
C GLU C 101 -9.17 37.63 2.97
N CYS C 102 -8.17 38.19 2.29
CA CYS C 102 -7.74 39.56 2.56
C CYS C 102 -7.88 40.41 1.30
N VAL C 103 -8.30 41.66 1.49
CA VAL C 103 -8.48 42.60 0.38
C VAL C 103 -7.88 43.97 0.76
N HIS C 104 -7.53 44.75 -0.28
CA HIS C 104 -6.94 46.07 -0.10
C HIS C 104 -8.03 47.15 -0.05
N LYS C 105 -7.74 48.26 0.65
CA LYS C 105 -8.67 49.40 0.79
C LYS C 105 -9.77 49.07 1.81
N GLU C 106 -9.87 49.92 2.83
CA GLU C 106 -10.88 49.74 3.88
C GLU C 106 -12.26 50.16 3.38
N SER C 107 -13.31 49.55 3.96
CA SER C 107 -14.69 49.86 3.59
C SER C 107 -15.23 51.00 4.44
N GLY C 108 -15.34 52.19 3.84
CA GLY C 108 -15.84 53.37 4.54
C GLY C 108 -15.47 54.65 3.81
N ASP C 109 -15.41 55.76 4.55
CA ASP C 109 -15.05 57.06 3.97
C ASP C 109 -14.16 57.85 4.93
N SER A 1 40.09 3.36 -13.35
CA SER A 1 39.80 4.64 -12.66
C SER A 1 40.34 4.58 -11.23
N GLU A 2 40.07 3.45 -10.55
CA GLU A 2 40.53 3.24 -9.17
C GLU A 2 39.99 4.35 -8.25
N GLY A 3 40.09 4.13 -6.93
CA GLY A 3 39.62 5.11 -5.96
C GLY A 3 38.45 4.55 -5.13
N LEU A 4 38.72 3.53 -4.32
CA LEU A 4 37.70 2.90 -3.49
C LEU A 4 38.20 2.74 -2.05
N CYS A 5 37.30 2.95 -1.08
CA CYS A 5 37.66 2.83 0.35
C CYS A 5 36.65 1.92 1.09
N PRO A 6 37.09 1.04 1.99
CA PRO A 6 36.16 0.13 2.74
C PRO A 6 35.15 0.91 3.64
N PRO A 7 34.11 0.24 4.15
CA PRO A 7 33.09 0.91 5.02
C PRO A 7 33.74 1.62 6.21
N GLY A 8 33.16 2.76 6.60
CA GLY A 8 33.67 3.55 7.72
C GLY A 8 34.82 4.48 7.29
N HIS A 9 35.34 4.30 6.07
CA HIS A 9 36.44 5.11 5.57
C HIS A 9 36.07 5.80 4.24
N HIS A 10 36.81 6.84 3.90
CA HIS A 10 36.60 7.60 2.67
C HIS A 10 37.95 7.86 1.99
N ILE A 11 37.92 8.07 0.67
CA ILE A 11 39.17 8.28 -0.10
C ILE A 11 39.24 9.71 -0.67
N SER A 12 40.46 10.28 -0.68
CA SER A 12 40.68 11.63 -1.19
C SER A 12 40.46 11.69 -2.71
N GLU A 13 40.54 12.91 -3.26
CA GLU A 13 40.36 13.11 -4.70
C GLU A 13 41.51 12.49 -5.50
N ASP A 14 42.71 12.44 -4.92
CA ASP A 14 43.87 11.87 -5.60
C ASP A 14 43.85 10.33 -5.57
N GLY A 15 42.86 9.73 -4.90
CA GLY A 15 42.72 8.27 -4.86
C GLY A 15 43.90 7.53 -4.17
N ARG A 16 44.97 8.23 -3.75
CA ARG A 16 46.12 7.56 -3.12
C ARG A 16 46.12 7.73 -1.59
N ASP A 17 44.98 8.15 -1.00
CA ASP A 17 44.90 8.33 0.45
C ASP A 17 43.47 8.11 0.97
N CYS A 18 43.36 7.39 2.09
CA CYS A 18 42.06 7.12 2.70
C CYS A 18 42.10 7.52 4.18
N ILE A 19 41.03 8.18 4.64
CA ILE A 19 40.95 8.65 6.03
C ILE A 19 39.77 7.98 6.77
N SER A 20 40.00 7.73 8.05
CA SER A 20 39.01 7.10 8.93
C SER A 20 37.97 8.10 9.43
N CYS A 21 36.72 7.64 9.55
CA CYS A 21 35.63 8.49 10.04
C CYS A 21 35.26 8.00 11.45
N LYS A 22 34.87 8.93 12.33
CA LYS A 22 34.59 8.60 13.73
C LYS A 22 33.11 8.31 14.00
N TYR A 23 32.89 7.38 14.93
CA TYR A 23 31.54 7.01 15.35
C TYR A 23 30.74 8.27 15.69
N GLY A 24 29.50 8.34 15.20
CA GLY A 24 28.60 9.47 15.49
C GLY A 24 28.73 10.69 14.55
N GLN A 25 29.88 10.94 13.88
CA GLN A 25 29.96 12.11 12.97
C GLN A 25 29.19 11.83 11.68
N ASP A 26 29.68 10.88 10.90
CA ASP A 26 29.06 10.46 9.65
C ASP A 26 29.47 9.01 9.40
N TYR A 27 28.86 8.34 8.42
CA TYR A 27 29.17 6.93 8.16
C TYR A 27 29.22 6.56 6.70
N SER A 28 29.67 5.33 6.48
CA SER A 28 29.69 4.75 5.14
C SER A 28 29.04 3.36 5.24
N THR A 29 28.04 3.12 4.39
CA THR A 29 27.32 1.85 4.38
C THR A 29 27.91 0.87 3.36
N HIS A 30 28.34 1.41 2.23
CA HIS A 30 28.91 0.61 1.14
C HIS A 30 30.25 1.22 0.70
N TRP A 31 31.05 0.46 -0.04
CA TRP A 31 32.37 0.94 -0.51
C TRP A 31 32.20 2.34 -1.12
N ASN A 32 32.85 3.32 -0.49
CA ASN A 32 32.73 4.72 -0.93
C ASN A 32 33.88 5.13 -1.84
N ASP A 33 33.56 5.94 -2.86
CA ASP A 33 34.54 6.44 -3.80
C ASP A 33 34.55 7.98 -3.77
N LEU A 34 34.58 8.51 -2.54
CA LEU A 34 34.59 9.96 -2.32
C LEU A 34 35.42 10.32 -1.11
N LEU A 35 35.59 11.62 -0.86
CA LEU A 35 36.37 12.11 0.28
C LEU A 35 35.47 12.52 1.47
N PHE A 36 34.14 12.31 1.34
CA PHE A 36 33.21 12.67 2.42
C PHE A 36 32.57 11.41 3.02
N CYS A 37 31.99 11.57 4.21
CA CYS A 37 31.30 10.47 4.89
C CYS A 37 29.79 10.80 4.85
N LEU A 38 28.96 9.77 4.63
CA LEU A 38 27.52 9.98 4.52
C LEU A 38 26.87 10.25 5.87
N ARG A 39 26.00 11.25 5.91
CA ARG A 39 25.30 11.64 7.13
C ARG A 39 24.36 10.53 7.64
N CYS A 40 24.19 10.48 8.96
CA CYS A 40 23.33 9.47 9.61
C CYS A 40 21.92 10.02 9.83
N THR A 41 20.94 9.12 9.77
CA THR A 41 19.53 9.48 9.94
C THR A 41 19.07 9.25 11.38
N ARG A 42 18.24 10.19 11.86
CA ARG A 42 17.72 10.13 13.23
C ARG A 42 16.20 9.93 13.21
N CYS A 43 15.65 9.34 14.29
CA CYS A 43 14.22 9.06 14.36
C CYS A 43 13.49 9.91 15.42
N ASP A 44 12.20 10.14 15.18
CA ASP A 44 11.36 10.93 16.07
C ASP A 44 10.11 10.14 16.48
N SER A 45 9.39 10.65 17.48
CA SER A 45 8.18 10.00 17.98
C SER A 45 7.24 9.62 16.83
N GLY A 46 6.52 8.52 17.00
CA GLY A 46 5.60 8.02 15.96
C GLY A 46 6.35 7.05 15.01
N GLU A 47 7.69 7.06 15.07
CA GLU A 47 8.51 6.19 14.23
C GLU A 47 9.32 5.25 15.12
N VAL A 48 9.68 4.08 14.57
CA VAL A 48 10.45 3.08 15.32
C VAL A 48 11.83 2.91 14.72
N GLU A 49 12.82 2.92 15.60
CA GLU A 49 14.22 2.72 15.21
C GLU A 49 14.58 1.24 15.35
N LEU A 50 14.80 0.54 14.22
CA LEU A 50 15.15 -0.90 14.30
C LEU A 50 16.65 -1.16 14.12
N SER A 51 17.41 -0.19 13.60
CA SER A 51 18.86 -0.39 13.39
C SER A 51 19.71 0.80 13.90
N PRO A 52 20.81 0.56 14.63
CA PRO A 52 21.72 1.64 15.15
C PRO A 52 22.68 2.23 14.07
N CYS A 53 23.18 3.45 14.33
CA CYS A 53 24.14 4.13 13.44
C CYS A 53 25.57 3.99 14.00
N THR A 54 26.50 3.54 13.15
CA THR A 54 27.92 3.39 13.55
C THR A 54 28.81 3.45 12.30
N THR A 55 30.13 3.49 12.50
CA THR A 55 31.08 3.55 11.37
C THR A 55 30.86 2.39 10.38
N THR A 56 30.14 1.35 10.82
CA THR A 56 29.83 0.20 9.96
C THR A 56 28.32 -0.08 9.89
N ARG A 57 27.49 0.85 10.41
CA ARG A 57 26.03 0.65 10.40
C ARG A 57 25.28 1.97 10.17
N ASN A 58 24.03 1.83 9.70
CA ASN A 58 23.16 2.96 9.41
C ASN A 58 21.85 2.81 10.20
N THR A 59 21.30 3.93 10.73
CA THR A 59 20.08 3.84 11.51
C THR A 59 18.87 3.81 10.60
N VAL A 60 17.95 2.94 10.96
CA VAL A 60 16.73 2.75 10.19
C VAL A 60 15.54 3.36 10.91
N CYS A 61 14.76 4.14 10.17
CA CYS A 61 13.55 4.72 10.68
C CYS A 61 12.37 4.04 9.98
N GLN A 62 11.33 3.81 10.75
CA GLN A 62 10.14 3.16 10.30
C GLN A 62 8.95 3.84 10.96
N CYS A 63 7.78 3.79 10.33
CA CYS A 63 6.59 4.44 10.91
C CYS A 63 5.61 3.35 11.35
N GLU A 64 4.81 3.67 12.37
CA GLU A 64 3.88 2.69 12.96
C GLU A 64 2.73 2.36 12.02
N GLU A 65 2.21 1.13 12.16
CA GLU A 65 1.10 0.65 11.33
C GLU A 65 -0.04 1.65 11.32
N GLY A 66 -0.76 1.72 10.20
CA GLY A 66 -1.88 2.65 10.05
C GLY A 66 -1.43 3.98 9.44
N THR A 67 -0.11 4.19 9.31
CA THR A 67 0.41 5.44 8.73
C THR A 67 1.16 5.16 7.42
N PHE A 68 1.35 6.18 6.56
CA PHE A 68 2.06 5.97 5.29
C PHE A 68 2.90 7.19 4.88
N ARG A 69 3.87 6.98 3.97
CA ARG A 69 4.73 8.09 3.52
C ARG A 69 4.51 8.36 2.03
N GLU A 70 3.95 9.53 1.75
CA GLU A 70 3.68 9.96 0.40
C GLU A 70 4.97 10.43 -0.27
N GLU A 71 5.04 10.23 -1.60
CA GLU A 71 6.22 10.64 -2.37
C GLU A 71 6.57 12.12 -2.18
N ASP A 72 5.60 12.89 -1.70
CA ASP A 72 5.79 14.32 -1.47
C ASP A 72 6.16 14.63 -0.01
N SER A 73 5.85 13.70 0.91
CA SER A 73 6.17 13.90 2.32
C SER A 73 7.69 13.74 2.57
N PRO A 74 8.32 14.59 3.40
CA PRO A 74 9.78 14.50 3.66
C PRO A 74 10.13 13.54 4.82
N GLU A 75 9.51 13.77 5.98
CA GLU A 75 9.77 12.92 7.16
C GLU A 75 8.49 12.74 8.00
N MET A 76 7.32 12.77 7.33
CA MET A 76 6.04 12.61 8.02
C MET A 76 5.30 11.40 7.47
N CYS A 77 4.34 10.88 8.25
CA CYS A 77 3.54 9.74 7.86
C CYS A 77 2.07 10.17 7.92
N ARG A 78 1.19 9.55 7.10
CA ARG A 78 -0.23 9.93 7.08
C ARG A 78 -1.09 8.70 7.30
N LYS A 79 -2.30 8.90 7.79
CA LYS A 79 -3.20 7.76 8.05
C LYS A 79 -3.59 7.09 6.74
N CYS A 80 -3.44 5.76 6.71
CA CYS A 80 -3.76 4.97 5.52
C CYS A 80 -5.26 5.03 5.29
N ARG A 81 -5.68 4.62 4.09
CA ARG A 81 -7.10 4.64 3.74
C ARG A 81 -7.95 3.97 4.81
N THR A 82 -9.00 4.66 5.23
CA THR A 82 -9.92 4.14 6.25
C THR A 82 -11.15 3.49 5.59
N GLY A 83 -11.06 3.21 4.28
CA GLY A 83 -12.14 2.59 3.52
C GLY A 83 -11.92 2.81 2.03
N CYS A 84 -11.64 1.72 1.29
CA CYS A 84 -11.39 1.80 -0.15
C CYS A 84 -12.42 2.71 -0.86
N PRO A 85 -12.08 3.32 -1.99
CA PRO A 85 -13.02 4.23 -2.73
C PRO A 85 -14.34 3.52 -3.06
N ARG A 86 -15.43 4.28 -3.12
CA ARG A 86 -16.75 3.72 -3.42
C ARG A 86 -16.72 2.90 -4.71
N GLY A 87 -17.02 1.60 -4.60
CA GLY A 87 -17.03 0.70 -5.74
C GLY A 87 -15.72 -0.10 -5.85
N MET A 88 -15.06 -0.34 -4.71
CA MET A 88 -13.81 -1.09 -4.67
C MET A 88 -13.78 -2.02 -3.46
N VAL A 89 -12.73 -2.85 -3.36
CA VAL A 89 -12.61 -3.79 -2.24
C VAL A 89 -11.20 -3.77 -1.65
N LYS A 90 -11.12 -4.22 -0.39
CA LYS A 90 -9.87 -4.28 0.35
C LYS A 90 -9.07 -5.53 -0.02
N VAL A 91 -7.80 -5.34 -0.42
CA VAL A 91 -6.95 -6.46 -0.80
C VAL A 91 -5.46 -6.20 -0.56
N GLY A 92 -5.05 -4.93 -0.37
CA GLY A 92 -3.63 -4.63 -0.15
C GLY A 92 -3.30 -4.14 1.24
N ASP A 93 -2.06 -4.47 1.65
CA ASP A 93 -1.49 -4.12 2.94
C ASP A 93 -0.86 -2.73 2.93
N CYS A 94 -0.92 -2.02 4.07
CA CYS A 94 -0.37 -0.67 4.16
C CYS A 94 0.96 -0.73 4.94
N THR A 95 1.98 -0.19 4.30
CA THR A 95 3.34 -0.14 4.85
C THR A 95 3.65 1.32 5.22
N PRO A 96 4.33 1.58 6.33
CA PRO A 96 4.61 2.98 6.79
C PRO A 96 5.06 3.90 5.63
N TRP A 97 5.59 3.32 4.55
CA TRP A 97 6.02 4.11 3.40
C TRP A 97 4.96 4.11 2.26
N SER A 98 4.31 2.96 2.01
CA SER A 98 3.31 2.84 0.93
C SER A 98 1.85 2.79 1.46
N ASP A 99 0.89 3.00 0.54
CA ASP A 99 -0.54 2.98 0.89
C ASP A 99 -1.17 1.60 0.64
N ILE A 100 -2.48 1.48 0.92
CA ILE A 100 -3.20 0.19 0.74
C ILE A 100 -3.55 -0.01 -0.75
N GLU A 101 -4.16 -1.16 -1.06
CA GLU A 101 -4.60 -1.44 -2.45
C GLU A 101 -6.11 -1.70 -2.51
N CYS A 102 -6.76 -1.05 -3.47
CA CYS A 102 -8.19 -1.21 -3.68
C CYS A 102 -8.43 -1.73 -5.10
N VAL A 103 -9.43 -2.61 -5.28
CA VAL A 103 -9.70 -3.18 -6.60
C VAL A 103 -11.19 -3.05 -7.01
N HIS A 104 -11.40 -2.71 -8.28
CA HIS A 104 -12.74 -2.57 -8.85
C HIS A 104 -13.05 -3.79 -9.73
N LYS A 105 -14.25 -4.36 -9.57
CA LYS A 105 -14.63 -5.54 -10.37
C LYS A 105 -16.15 -5.59 -10.64
N GLU A 106 -16.95 -6.02 -9.64
CA GLU A 106 -18.40 -6.13 -9.82
C GLU A 106 -19.13 -4.82 -9.48
N SER A 107 -18.51 -3.97 -8.66
CA SER A 107 -19.12 -2.69 -8.29
C SER A 107 -19.50 -1.88 -9.53
N GLY A 108 -20.75 -1.98 -9.96
CA GLY A 108 -21.22 -1.26 -11.14
C GLY A 108 -22.33 -2.03 -11.87
N ASP A 109 -23.35 -1.31 -12.32
CA ASP A 109 -24.47 -1.92 -13.04
C ASP A 109 -25.06 -3.10 -12.24
N SER B 1 23.61 3.84 -2.19
CA SER B 1 24.96 3.83 -2.80
C SER B 1 24.84 3.55 -4.30
N GLU B 2 25.38 4.45 -5.12
CA GLU B 2 25.34 4.30 -6.58
C GLU B 2 23.89 4.08 -7.07
N GLY B 3 22.91 4.53 -6.28
CA GLY B 3 21.49 4.38 -6.63
C GLY B 3 21.14 2.90 -6.85
N LEU B 4 21.67 2.03 -5.98
CA LEU B 4 21.41 0.59 -6.07
C LEU B 4 21.09 0.04 -4.67
N CYS B 5 20.13 -0.89 -4.58
CA CYS B 5 19.77 -1.51 -3.30
C CYS B 5 19.50 -3.01 -3.53
N PRO B 6 19.89 -3.91 -2.60
CA PRO B 6 19.68 -5.38 -2.79
C PRO B 6 18.19 -5.79 -2.62
N PRO B 7 17.81 -7.02 -3.01
CA PRO B 7 16.40 -7.49 -2.88
C PRO B 7 15.92 -7.44 -1.43
N GLY B 8 14.65 -7.11 -1.23
CA GLY B 8 14.07 -7.01 0.12
C GLY B 8 14.32 -5.62 0.74
N HIS B 9 15.08 -4.76 0.03
CA HIS B 9 15.39 -3.43 0.52
C HIS B 9 14.84 -2.33 -0.41
N HIS B 10 14.67 -1.14 0.16
CA HIS B 10 14.15 0.03 -0.56
C HIS B 10 15.00 1.25 -0.20
N ILE B 11 15.03 2.29 -1.05
CA ILE B 11 15.86 3.48 -0.78
C ILE B 11 14.96 4.68 -0.48
N SER B 12 15.18 5.34 0.66
CA SER B 12 14.36 6.49 1.05
C SER B 12 14.42 7.59 0.00
N GLU B 13 13.42 8.47 0.02
CA GLU B 13 13.32 9.58 -0.93
C GLU B 13 14.61 10.42 -0.97
N ASP B 14 15.41 10.37 0.11
CA ASP B 14 16.66 11.15 0.16
C ASP B 14 17.79 10.48 -0.65
N GLY B 15 17.52 9.30 -1.22
CA GLY B 15 18.52 8.61 -2.06
C GLY B 15 19.82 8.20 -1.33
N ARG B 16 20.00 8.56 -0.03
CA ARG B 16 21.23 8.22 0.68
C ARG B 16 21.01 7.17 1.77
N ASP B 17 19.86 6.47 1.78
CA ASP B 17 19.59 5.46 2.80
C ASP B 17 18.75 4.32 2.23
N CYS B 18 19.03 3.09 2.66
CA CYS B 18 18.27 1.94 2.20
C CYS B 18 17.74 1.21 3.42
N ILE B 19 16.44 0.87 3.39
CA ILE B 19 15.79 0.23 4.54
C ILE B 19 15.14 -1.12 4.21
N SER B 20 15.19 -2.00 5.19
CA SER B 20 14.62 -3.34 5.15
C SER B 20 13.08 -3.33 5.12
N CYS B 21 12.49 -4.30 4.41
CA CYS B 21 11.02 -4.39 4.33
C CYS B 21 10.61 -5.60 5.18
N LYS B 22 9.39 -5.57 5.73
CA LYS B 22 8.94 -6.61 6.65
C LYS B 22 8.41 -7.83 5.91
N TYR B 23 8.64 -9.01 6.50
CA TYR B 23 8.17 -10.26 5.92
C TYR B 23 6.64 -10.22 5.81
N GLY B 24 6.11 -10.59 4.65
CA GLY B 24 4.67 -10.61 4.45
C GLY B 24 4.05 -9.22 4.15
N GLN B 25 4.68 -8.09 4.58
CA GLN B 25 4.09 -6.77 4.29
C GLN B 25 4.40 -6.40 2.84
N ASP B 26 5.69 -6.25 2.53
CA ASP B 26 6.12 -5.93 1.18
C ASP B 26 7.53 -6.48 0.94
N TYR B 27 7.89 -6.69 -0.32
CA TYR B 27 9.22 -7.22 -0.68
C TYR B 27 9.71 -6.68 -2.03
N SER B 28 10.95 -7.05 -2.37
CA SER B 28 11.54 -6.69 -3.65
C SER B 28 12.19 -7.96 -4.23
N THR B 29 11.91 -8.27 -5.50
CA THR B 29 12.45 -9.50 -6.13
C THR B 29 13.79 -9.25 -6.80
N HIS B 30 13.97 -8.07 -7.41
CA HIS B 30 15.22 -7.73 -8.10
C HIS B 30 15.78 -6.42 -7.57
N TRP B 31 17.07 -6.16 -7.84
CA TRP B 31 17.71 -4.91 -7.37
C TRP B 31 16.86 -3.71 -7.76
N ASN B 32 16.69 -2.77 -6.84
CA ASN B 32 15.88 -1.59 -7.10
C ASN B 32 16.52 -0.33 -6.52
N ASP B 33 15.94 0.82 -6.84
CA ASP B 33 16.44 2.09 -6.36
C ASP B 33 15.27 3.07 -6.17
N LEU B 34 14.25 2.59 -5.45
CA LEU B 34 13.07 3.39 -5.18
C LEU B 34 12.62 3.26 -3.72
N LEU B 35 11.94 4.29 -3.24
CA LEU B 35 11.42 4.32 -1.86
C LEU B 35 10.13 3.50 -1.71
N PHE B 36 9.75 2.77 -2.78
CA PHE B 36 8.54 1.94 -2.76
C PHE B 36 8.93 0.46 -2.60
N CYS B 37 8.13 -0.27 -1.84
CA CYS B 37 8.34 -1.69 -1.61
C CYS B 37 7.22 -2.43 -2.35
N LEU B 38 7.53 -3.55 -3.02
CA LEU B 38 6.52 -4.28 -3.78
C LEU B 38 5.57 -5.03 -2.86
N ARG B 39 4.29 -4.74 -3.00
CA ARG B 39 3.24 -5.35 -2.19
C ARG B 39 3.17 -6.87 -2.41
N CYS B 40 2.72 -7.57 -1.38
CA CYS B 40 2.62 -9.03 -1.40
C CYS B 40 1.22 -9.44 -1.88
N THR B 41 1.16 -10.54 -2.60
CA THR B 41 -0.08 -11.05 -3.19
C THR B 41 -0.86 -11.94 -2.22
N ARG B 42 -2.18 -11.77 -2.24
CA ARG B 42 -3.09 -12.52 -1.39
C ARG B 42 -4.13 -13.25 -2.24
N CYS B 43 -4.69 -14.34 -1.72
CA CYS B 43 -5.68 -15.13 -2.47
C CYS B 43 -7.05 -15.01 -1.81
N ASP B 44 -8.11 -15.24 -2.60
CA ASP B 44 -9.49 -15.13 -2.12
C ASP B 44 -10.11 -16.50 -1.86
N SER B 45 -11.28 -16.50 -1.20
CA SER B 45 -11.99 -17.75 -0.89
C SER B 45 -12.09 -18.63 -2.13
N GLY B 46 -12.05 -19.94 -1.92
CA GLY B 46 -12.09 -20.90 -3.03
C GLY B 46 -10.67 -21.17 -3.56
N GLU B 47 -9.71 -20.31 -3.19
CA GLU B 47 -8.32 -20.47 -3.60
C GLU B 47 -7.43 -20.66 -2.38
N VAL B 48 -6.36 -21.44 -2.53
CA VAL B 48 -5.44 -21.73 -1.42
C VAL B 48 -4.06 -21.12 -1.71
N GLU B 49 -3.30 -20.85 -0.64
CA GLU B 49 -1.95 -20.29 -0.79
C GLU B 49 -0.96 -21.43 -1.03
N LEU B 50 -0.23 -21.38 -2.16
CA LEU B 50 0.73 -22.43 -2.49
C LEU B 50 2.09 -22.15 -1.85
N SER B 51 2.55 -20.91 -1.95
CA SER B 51 3.83 -20.50 -1.37
C SER B 51 3.77 -19.05 -0.84
N PRO B 52 3.81 -18.82 0.47
CA PRO B 52 3.77 -17.42 1.04
C PRO B 52 4.96 -16.57 0.56
N CYS B 53 4.81 -15.23 0.64
CA CYS B 53 5.88 -14.33 0.19
C CYS B 53 6.68 -13.79 1.37
N THR B 54 7.92 -13.44 1.06
CA THR B 54 8.85 -12.89 2.03
C THR B 54 9.63 -11.76 1.38
N THR B 55 10.57 -11.16 2.11
CA THR B 55 11.36 -10.05 1.56
C THR B 55 12.05 -10.46 0.26
N THR B 56 12.18 -11.77 0.02
CA THR B 56 12.83 -12.28 -1.20
C THR B 56 11.94 -13.26 -1.98
N ARG B 57 10.63 -13.33 -1.67
CA ARG B 57 9.74 -14.28 -2.35
C ARG B 57 8.38 -13.66 -2.72
N ASN B 58 7.73 -14.26 -3.72
CA ASN B 58 6.42 -13.84 -4.23
C ASN B 58 5.35 -14.89 -3.87
N THR B 59 4.15 -14.43 -3.47
CA THR B 59 3.07 -15.35 -3.08
C THR B 59 2.31 -15.83 -4.33
N VAL B 60 2.00 -17.13 -4.33
CA VAL B 60 1.27 -17.76 -5.43
C VAL B 60 -0.11 -18.20 -4.94
N CYS B 61 -1.10 -18.22 -5.84
CA CYS B 61 -2.46 -18.64 -5.48
C CYS B 61 -2.79 -19.98 -6.14
N GLN B 62 -3.61 -20.75 -5.43
CA GLN B 62 -4.00 -22.08 -5.87
C GLN B 62 -5.53 -22.19 -5.92
N CYS B 63 -6.03 -23.09 -6.76
CA CYS B 63 -7.47 -23.28 -6.91
C CYS B 63 -7.82 -24.67 -6.36
N GLU B 64 -8.98 -24.80 -5.73
CA GLU B 64 -9.39 -26.07 -5.12
C GLU B 64 -9.68 -27.12 -6.19
N GLU B 65 -9.50 -28.39 -5.82
CA GLU B 65 -9.72 -29.51 -6.73
C GLU B 65 -11.09 -29.42 -7.40
N GLY B 66 -11.13 -29.72 -8.71
CA GLY B 66 -12.36 -29.66 -9.47
C GLY B 66 -12.46 -28.37 -10.32
N THR B 67 -11.46 -27.48 -10.20
CA THR B 67 -11.46 -26.22 -10.95
C THR B 67 -10.26 -26.17 -11.90
N PHE B 68 -10.31 -25.30 -12.94
CA PHE B 68 -9.20 -25.20 -13.88
C PHE B 68 -9.00 -23.77 -14.41
N ARG B 69 -7.73 -23.39 -14.69
CA ARG B 69 -7.45 -22.03 -15.19
C ARG B 69 -6.67 -22.08 -16.51
N GLU B 70 -7.33 -21.64 -17.57
CA GLU B 70 -6.70 -21.60 -18.91
C GLU B 70 -5.81 -20.36 -19.04
N GLU B 71 -4.72 -20.50 -19.82
CA GLU B 71 -3.77 -19.40 -20.01
C GLU B 71 -4.45 -18.13 -20.54
N ASP B 72 -5.63 -18.29 -21.11
CA ASP B 72 -6.39 -17.15 -21.65
C ASP B 72 -7.05 -16.33 -20.54
N SER B 73 -7.26 -16.95 -19.36
CA SER B 73 -7.86 -16.26 -18.22
C SER B 73 -7.06 -16.56 -16.93
N PRO B 74 -6.04 -15.75 -16.60
CA PRO B 74 -5.21 -15.96 -15.39
C PRO B 74 -5.83 -15.36 -14.12
N GLU B 75 -7.17 -15.32 -14.07
CA GLU B 75 -7.88 -14.77 -12.90
C GLU B 75 -9.25 -15.43 -12.71
N MET B 76 -9.43 -16.63 -13.29
CA MET B 76 -10.68 -17.36 -13.18
C MET B 76 -10.43 -18.86 -13.09
N CYS B 77 -11.41 -19.60 -12.58
CA CYS B 77 -11.33 -21.05 -12.44
C CYS B 77 -12.62 -21.65 -13.00
N ARG B 78 -12.52 -22.79 -13.70
CA ARG B 78 -13.70 -23.43 -14.28
C ARG B 78 -13.76 -24.89 -13.88
N LYS B 79 -14.96 -25.46 -13.92
CA LYS B 79 -15.14 -26.86 -13.52
C LYS B 79 -14.45 -27.83 -14.47
N CYS B 80 -13.58 -28.66 -13.90
CA CYS B 80 -12.83 -29.65 -14.66
C CYS B 80 -13.76 -30.77 -15.11
N ARG B 81 -13.48 -31.36 -16.27
CA ARG B 81 -14.30 -32.44 -16.81
C ARG B 81 -14.03 -33.74 -16.06
N THR B 82 -15.09 -34.49 -15.75
CA THR B 82 -14.98 -35.77 -15.04
C THR B 82 -14.86 -36.95 -16.01
N GLY B 83 -15.24 -36.73 -17.28
CA GLY B 83 -15.17 -37.78 -18.30
C GLY B 83 -15.71 -37.26 -19.64
N CYS B 84 -14.95 -37.50 -20.71
CA CYS B 84 -15.34 -37.06 -22.04
C CYS B 84 -16.53 -37.88 -22.56
N PRO B 85 -17.33 -37.35 -23.50
CA PRO B 85 -18.52 -38.08 -24.04
C PRO B 85 -18.15 -39.45 -24.59
N ARG B 86 -19.17 -40.26 -24.91
CA ARG B 86 -18.93 -41.61 -25.44
C ARG B 86 -18.03 -41.55 -26.67
N GLY B 87 -17.09 -42.50 -26.76
CA GLY B 87 -16.15 -42.55 -27.88
C GLY B 87 -14.74 -42.15 -27.41
N MET B 88 -14.67 -41.17 -26.52
CA MET B 88 -13.40 -40.70 -25.98
C MET B 88 -13.06 -41.45 -24.68
N VAL B 89 -11.78 -41.48 -24.32
CA VAL B 89 -11.35 -42.16 -23.10
C VAL B 89 -10.54 -41.20 -22.20
N LYS B 90 -10.91 -41.15 -20.92
CA LYS B 90 -10.23 -40.31 -19.95
C LYS B 90 -8.88 -40.95 -19.58
N VAL B 91 -7.80 -40.16 -19.61
CA VAL B 91 -6.47 -40.68 -19.30
C VAL B 91 -5.53 -39.60 -18.72
N GLY B 92 -6.00 -38.34 -18.58
CA GLY B 92 -5.15 -37.28 -18.04
C GLY B 92 -5.63 -36.78 -16.68
N ASP B 93 -4.65 -36.31 -15.90
CA ASP B 93 -4.87 -35.78 -14.56
C ASP B 93 -5.28 -34.31 -14.63
N CYS B 94 -6.14 -33.87 -13.70
CA CYS B 94 -6.61 -32.48 -13.72
C CYS B 94 -5.94 -31.68 -12.60
N THR B 95 -5.33 -30.58 -13.01
CA THR B 95 -4.61 -29.67 -12.13
C THR B 95 -5.37 -28.34 -12.03
N PRO B 96 -5.45 -27.70 -10.86
CA PRO B 96 -6.20 -26.41 -10.70
C PRO B 96 -5.94 -25.44 -11.87
N TRP B 97 -4.82 -25.62 -12.59
CA TRP B 97 -4.49 -24.78 -13.74
C TRP B 97 -4.95 -25.44 -15.06
N SER B 98 -4.65 -26.74 -15.24
CA SER B 98 -5.00 -27.48 -16.47
C SER B 98 -6.19 -28.43 -16.31
N ASP B 99 -6.76 -28.89 -17.44
CA ASP B 99 -7.90 -29.82 -17.43
C ASP B 99 -7.43 -31.26 -17.72
N ILE B 100 -8.39 -32.20 -17.69
CA ILE B 100 -8.08 -33.63 -17.94
C ILE B 100 -7.66 -33.84 -19.40
N GLU B 101 -7.14 -35.05 -19.71
CA GLU B 101 -6.74 -35.38 -21.09
C GLU B 101 -7.57 -36.56 -21.59
N CYS B 102 -8.09 -36.43 -22.82
CA CYS B 102 -8.88 -37.48 -23.44
C CYS B 102 -8.22 -37.94 -24.74
N VAL B 103 -8.28 -39.24 -25.01
CA VAL B 103 -7.69 -39.81 -26.22
C VAL B 103 -8.69 -40.77 -26.88
N HIS B 104 -8.76 -40.73 -28.21
CA HIS B 104 -9.68 -41.60 -28.96
C HIS B 104 -9.19 -43.05 -28.94
N LYS B 105 -10.13 -43.97 -28.68
CA LYS B 105 -9.80 -45.40 -28.62
C LYS B 105 -10.97 -46.23 -29.15
N GLU B 106 -10.66 -47.43 -29.65
CA GLU B 106 -11.67 -48.34 -30.19
C GLU B 106 -11.85 -49.56 -29.27
N SER B 107 -12.86 -49.52 -28.42
CA SER B 107 -13.13 -50.63 -27.49
C SER B 107 -14.51 -51.25 -27.75
N GLY B 108 -14.94 -51.25 -29.02
CA GLY B 108 -16.23 -51.82 -29.41
C GLY B 108 -17.27 -50.71 -29.63
N ASP B 109 -17.93 -50.75 -30.79
CA ASP B 109 -18.95 -49.75 -31.13
C ASP B 109 -20.32 -50.21 -30.64
N SER C 1 -31.64 -15.65 -5.14
CA SER C 1 -31.84 -16.86 -6.00
C SER C 1 -30.98 -16.74 -7.26
N GLU C 2 -30.97 -15.54 -7.86
CA GLU C 2 -30.18 -15.30 -9.07
C GLU C 2 -28.68 -15.42 -8.78
N GLY C 3 -28.26 -14.91 -7.62
CA GLY C 3 -26.84 -14.96 -7.22
C GLY C 3 -26.33 -13.56 -6.82
N LEU C 4 -27.23 -12.67 -6.41
CA LEU C 4 -26.85 -11.32 -6.00
C LEU C 4 -27.39 -11.03 -4.59
N CYS C 5 -26.73 -10.13 -3.87
CA CYS C 5 -27.16 -9.77 -2.51
C CYS C 5 -27.47 -8.24 -2.45
N PRO C 6 -28.59 -7.82 -1.85
CA PRO C 6 -28.96 -6.37 -1.78
C PRO C 6 -27.96 -5.55 -0.93
N PRO C 7 -27.93 -4.22 -1.07
CA PRO C 7 -27.00 -3.35 -0.29
C PRO C 7 -27.12 -3.60 1.22
N GLY C 8 -25.97 -3.80 1.87
CA GLY C 8 -25.94 -4.05 3.31
C GLY C 8 -25.70 -5.54 3.63
N HIS C 9 -25.68 -6.40 2.60
CA HIS C 9 -25.48 -7.83 2.80
C HIS C 9 -24.38 -8.37 1.87
N HIS C 10 -23.65 -9.39 2.35
CA HIS C 10 -22.58 -10.02 1.57
C HIS C 10 -22.89 -11.52 1.41
N ILE C 11 -22.34 -12.14 0.35
CA ILE C 11 -22.62 -13.56 0.07
C ILE C 11 -21.36 -14.42 0.28
N SER C 12 -21.58 -15.70 0.64
CA SER C 12 -20.49 -16.64 0.89
C SER C 12 -19.87 -17.13 -0.42
N GLU C 13 -18.77 -17.87 -0.31
CA GLU C 13 -18.07 -18.41 -1.47
C GLU C 13 -18.96 -19.40 -2.23
N ASP C 14 -19.74 -20.20 -1.49
CA ASP C 14 -20.61 -21.20 -2.10
C ASP C 14 -21.92 -20.57 -2.64
N GLY C 15 -22.11 -19.26 -2.44
CA GLY C 15 -23.30 -18.56 -2.95
C GLY C 15 -24.64 -19.07 -2.35
N ARG C 16 -24.64 -20.12 -1.51
CA ARG C 16 -25.89 -20.65 -0.95
C ARG C 16 -26.43 -19.79 0.21
N ASP C 17 -25.62 -18.88 0.76
CA ASP C 17 -26.09 -18.04 1.88
C ASP C 17 -25.54 -16.61 1.81
N CYS C 18 -26.31 -15.69 2.39
CA CYS C 18 -25.92 -14.28 2.45
C CYS C 18 -26.05 -13.79 3.90
N ILE C 19 -25.04 -13.07 4.39
CA ILE C 19 -25.05 -12.57 5.77
C ILE C 19 -25.25 -11.05 5.81
N SER C 20 -25.96 -10.60 6.84
CA SER C 20 -26.26 -9.19 7.03
C SER C 20 -25.12 -8.42 7.73
N CYS C 21 -24.91 -7.19 7.29
CA CYS C 21 -23.89 -6.31 7.88
C CYS C 21 -24.63 -5.20 8.62
N LYS C 22 -24.09 -4.77 9.77
CA LYS C 22 -24.76 -3.75 10.59
C LYS C 22 -24.10 -2.39 10.52
N TYR C 23 -24.93 -1.35 10.58
CA TYR C 23 -24.46 0.05 10.56
C TYR C 23 -23.31 0.24 11.55
N GLY C 24 -22.33 1.06 11.17
CA GLY C 24 -21.17 1.35 12.02
C GLY C 24 -20.06 0.28 11.89
N GLN C 25 -20.40 -0.97 11.51
CA GLN C 25 -19.38 -2.00 11.34
C GLN C 25 -18.88 -1.94 9.90
N ASP C 26 -19.81 -2.10 8.96
CA ASP C 26 -19.53 -2.04 7.53
C ASP C 26 -20.83 -1.75 6.78
N TYR C 27 -20.74 -1.39 5.50
CA TYR C 27 -21.93 -1.09 4.69
C TYR C 27 -21.69 -1.36 3.21
N SER C 28 -22.76 -1.21 2.42
CA SER C 28 -22.69 -1.37 0.97
C SER C 28 -23.67 -0.36 0.34
N THR C 29 -23.21 0.40 -0.66
CA THR C 29 -24.05 1.41 -1.29
C THR C 29 -24.90 0.83 -2.42
N HIS C 30 -24.35 -0.13 -3.17
CA HIS C 30 -25.08 -0.76 -4.29
C HIS C 30 -24.99 -2.29 -4.22
N TRP C 31 -25.91 -2.97 -4.90
CA TRP C 31 -25.94 -4.44 -4.92
C TRP C 31 -24.55 -4.99 -5.29
N ASN C 32 -24.20 -6.15 -4.73
CA ASN C 32 -22.89 -6.74 -5.01
C ASN C 32 -22.87 -8.24 -4.71
N ASP C 33 -21.75 -8.88 -5.10
CA ASP C 33 -21.57 -10.31 -4.88
C ASP C 33 -20.18 -10.60 -4.29
N LEU C 34 -19.93 -10.04 -3.11
CA LEU C 34 -18.64 -10.22 -2.42
C LEU C 34 -18.84 -10.95 -1.09
N LEU C 35 -17.74 -11.19 -0.37
CA LEU C 35 -17.80 -11.88 0.92
C LEU C 35 -17.70 -10.89 2.08
N PHE C 36 -17.04 -9.74 1.84
CA PHE C 36 -16.87 -8.71 2.85
C PHE C 36 -17.79 -7.54 2.55
N CYS C 37 -17.97 -6.66 3.54
CA CYS C 37 -18.82 -5.48 3.38
C CYS C 37 -17.91 -4.26 3.30
N LEU C 38 -18.34 -3.21 2.59
CA LEU C 38 -17.50 -2.02 2.45
C LEU C 38 -17.30 -1.36 3.80
N ARG C 39 -16.05 -1.01 4.09
CA ARG C 39 -15.67 -0.43 5.36
C ARG C 39 -16.32 0.94 5.61
N CYS C 40 -16.52 1.25 6.89
CA CYS C 40 -17.12 2.51 7.32
C CYS C 40 -15.97 3.48 7.60
N THR C 41 -16.17 4.77 7.24
CA THR C 41 -15.13 5.77 7.40
C THR C 41 -15.12 6.37 8.81
N ARG C 42 -13.92 6.50 9.36
CA ARG C 42 -13.70 7.04 10.68
C ARG C 42 -12.70 8.19 10.60
N CYS C 43 -12.76 9.13 11.56
CA CYS C 43 -11.86 10.30 11.55
C CYS C 43 -10.89 10.22 12.74
N ASP C 44 -9.69 10.76 12.53
CA ASP C 44 -8.65 10.76 13.56
C ASP C 44 -8.78 11.95 14.50
N SER C 45 -8.04 11.91 15.61
CA SER C 45 -8.07 12.99 16.61
C SER C 45 -7.90 14.34 15.93
N GLY C 46 -8.73 15.30 16.34
CA GLY C 46 -8.71 16.64 15.76
C GLY C 46 -9.79 16.77 14.66
N GLU C 47 -10.32 15.63 14.18
CA GLU C 47 -11.36 15.64 13.16
C GLU C 47 -12.68 15.11 13.72
N VAL C 48 -13.79 15.66 13.24
CA VAL C 48 -15.13 15.27 13.71
C VAL C 48 -15.90 14.58 12.58
N GLU C 49 -16.86 13.73 12.95
CA GLU C 49 -17.70 13.04 11.97
C GLU C 49 -18.87 13.93 11.56
N LEU C 50 -18.89 14.38 10.31
CA LEU C 50 -19.95 15.25 9.82
C LEU C 50 -21.27 14.48 9.74
N SER C 51 -21.19 13.26 9.22
CA SER C 51 -22.36 12.40 9.09
C SER C 51 -21.97 10.92 9.33
N PRO C 52 -22.59 10.20 10.27
CA PRO C 52 -22.25 8.76 10.54
C PRO C 52 -22.65 7.86 9.36
N CYS C 53 -22.04 6.67 9.27
CA CYS C 53 -22.36 5.74 8.18
C CYS C 53 -23.32 4.66 8.65
N THR C 54 -24.38 4.50 7.90
CA THR C 54 -25.39 3.49 8.19
C THR C 54 -25.15 2.28 7.28
N THR C 55 -25.93 1.22 7.44
CA THR C 55 -25.75 0.03 6.61
C THR C 55 -25.83 0.37 5.11
N THR C 56 -26.37 1.55 4.76
CA THR C 56 -26.48 1.98 3.37
C THR C 56 -25.85 3.36 3.10
N ARG C 57 -25.04 3.88 4.04
CA ARG C 57 -24.42 5.22 3.85
C ARG C 57 -22.94 5.26 4.26
N ASN C 58 -22.23 6.30 3.77
CA ASN C 58 -20.80 6.50 4.04
C ASN C 58 -20.57 7.71 4.98
N THR C 59 -19.61 7.56 5.92
CA THR C 59 -19.28 8.63 6.88
C THR C 59 -18.29 9.64 6.29
N VAL C 60 -18.55 10.92 6.57
CA VAL C 60 -17.69 12.02 6.10
C VAL C 60 -16.89 12.56 7.29
N CYS C 61 -15.69 13.08 7.02
CA CYS C 61 -14.83 13.62 8.09
C CYS C 61 -14.73 15.14 7.99
N GLN C 62 -14.60 15.76 9.16
CA GLN C 62 -14.52 17.21 9.31
C GLN C 62 -13.34 17.57 10.20
N CYS C 63 -12.80 18.78 10.05
CA CYS C 63 -11.67 19.22 10.85
C CYS C 63 -12.13 20.36 11.76
N GLU C 64 -11.49 20.48 12.93
CA GLU C 64 -11.89 21.49 13.92
C GLU C 64 -11.60 22.91 13.44
N GLU C 65 -12.50 23.83 13.80
CA GLU C 65 -12.39 25.24 13.44
C GLU C 65 -11.00 25.79 13.78
N GLY C 66 -10.53 26.76 13.00
CA GLY C 66 -9.22 27.35 13.22
C GLY C 66 -8.17 26.74 12.29
N THR C 67 -8.44 25.51 11.80
CA THR C 67 -7.51 24.82 10.91
C THR C 67 -8.13 24.72 9.50
N PHE C 68 -7.30 24.48 8.45
CA PHE C 68 -7.83 24.41 7.08
C PHE C 68 -7.16 23.32 6.22
N ARG C 69 -7.93 22.77 5.26
CA ARG C 69 -7.40 21.73 4.36
C ARG C 69 -7.93 21.93 2.94
N GLU C 70 -7.04 22.27 2.02
CA GLU C 70 -7.41 22.48 0.60
C GLU C 70 -7.71 21.13 -0.06
N GLU C 71 -8.62 21.14 -1.03
CA GLU C 71 -8.99 19.93 -1.76
C GLU C 71 -7.74 19.25 -2.37
N ASP C 72 -6.68 20.02 -2.52
CA ASP C 72 -5.42 19.52 -3.09
C ASP C 72 -4.40 19.19 -1.99
N SER C 73 -4.56 19.81 -0.80
CA SER C 73 -3.65 19.56 0.31
C SER C 73 -3.84 18.14 0.89
N PRO C 74 -2.80 17.53 1.47
CA PRO C 74 -2.90 16.14 2.04
C PRO C 74 -4.03 16.03 3.08
N GLU C 75 -4.04 14.94 3.85
CA GLU C 75 -5.08 14.73 4.88
C GLU C 75 -4.65 15.38 6.20
N MET C 76 -4.40 16.70 6.14
CA MET C 76 -3.99 17.48 7.31
C MET C 76 -4.68 18.84 7.29
N CYS C 77 -4.74 19.51 8.45
CA CYS C 77 -5.37 20.82 8.54
C CYS C 77 -4.33 21.81 9.10
N ARG C 78 -4.33 23.07 8.58
CA ARG C 78 -3.34 24.06 9.03
C ARG C 78 -4.03 25.28 9.63
N LYS C 79 -3.33 25.98 10.50
CA LYS C 79 -3.89 27.15 11.19
C LYS C 79 -4.16 28.29 10.21
N CYS C 80 -5.43 28.73 10.18
CA CYS C 80 -5.87 29.81 9.31
C CYS C 80 -5.24 31.14 9.76
N ARG C 81 -4.95 32.01 8.82
CA ARG C 81 -4.35 33.31 9.12
C ARG C 81 -5.35 34.17 9.91
N THR C 82 -4.96 34.54 11.14
CA THR C 82 -5.82 35.36 12.01
C THR C 82 -5.70 36.86 11.71
N GLY C 83 -4.81 37.23 10.76
CA GLY C 83 -4.61 38.64 10.41
C GLY C 83 -3.76 38.76 9.14
N CYS C 84 -4.38 39.27 8.07
CA CYS C 84 -3.68 39.44 6.80
C CYS C 84 -2.39 40.28 6.98
N PRO C 85 -1.36 40.10 6.16
CA PRO C 85 -0.09 40.86 6.28
C PRO C 85 -0.32 42.35 6.54
N ARG C 86 0.72 43.05 7.00
CA ARG C 86 0.63 44.48 7.28
C ARG C 86 0.10 45.25 6.07
N GLY C 87 -0.89 46.11 6.29
CA GLY C 87 -1.48 46.91 5.21
C GLY C 87 -2.51 46.09 4.43
N MET C 88 -3.18 45.16 5.11
CA MET C 88 -4.19 44.31 4.47
C MET C 88 -5.49 44.34 5.27
N VAL C 89 -6.57 43.83 4.68
CA VAL C 89 -7.87 43.79 5.36
C VAL C 89 -8.52 42.41 5.18
N LYS C 90 -9.07 41.87 6.27
CA LYS C 90 -9.72 40.56 6.23
C LYS C 90 -11.09 40.70 5.55
N VAL C 91 -11.50 39.69 4.78
CA VAL C 91 -12.78 39.76 4.07
C VAL C 91 -13.45 38.38 3.96
N GLY C 92 -12.67 37.29 4.04
CA GLY C 92 -13.26 35.95 3.92
C GLY C 92 -13.21 35.13 5.21
N ASP C 93 -14.21 34.26 5.32
CA ASP C 93 -14.40 33.34 6.44
C ASP C 93 -13.57 32.07 6.24
N CYS C 94 -13.06 31.47 7.32
CA CYS C 94 -12.23 30.27 7.20
C CYS C 94 -13.03 29.03 7.61
N THR C 95 -13.05 28.09 6.68
CA THR C 95 -13.74 26.82 6.80
C THR C 95 -12.72 25.68 6.89
N PRO C 96 -12.93 24.64 7.70
CA PRO C 96 -11.94 23.53 7.85
C PRO C 96 -11.34 23.08 6.49
N TRP C 97 -12.06 23.35 5.39
CA TRP C 97 -11.57 23.00 4.04
C TRP C 97 -10.91 24.22 3.34
N SER C 98 -11.42 25.43 3.58
CA SER C 98 -10.90 26.66 2.95
C SER C 98 -10.09 27.54 3.91
N ASP C 99 -9.33 28.49 3.35
CA ASP C 99 -8.51 29.42 4.15
C ASP C 99 -9.14 30.83 4.16
N ILE C 100 -8.62 31.73 5.00
CA ILE C 100 -9.14 33.11 5.07
C ILE C 100 -8.90 33.87 3.77
N GLU C 101 -9.62 34.97 3.58
CA GLU C 101 -9.43 35.80 2.37
C GLU C 101 -8.97 37.20 2.76
N CYS C 102 -7.98 37.71 2.01
CA CYS C 102 -7.44 39.04 2.26
C CYS C 102 -7.64 39.93 1.02
N VAL C 103 -7.95 41.20 1.26
CA VAL C 103 -8.15 42.16 0.17
C VAL C 103 -7.54 43.52 0.55
N HIS C 104 -7.23 44.33 -0.46
CA HIS C 104 -6.64 45.65 -0.25
C HIS C 104 -7.74 46.71 -0.20
N LYS C 105 -7.63 47.65 0.75
CA LYS C 105 -8.62 48.72 0.90
C LYS C 105 -10.02 48.13 1.07
N GLU C 106 -11.00 49.00 1.35
CA GLU C 106 -12.39 48.56 1.54
C GLU C 106 -13.36 49.67 1.11
N SER C 107 -14.34 49.31 0.27
CA SER C 107 -15.35 50.25 -0.22
C SER C 107 -14.73 51.29 -1.17
N GLY C 108 -13.91 52.20 -0.62
CA GLY C 108 -13.26 53.23 -1.43
C GLY C 108 -12.83 54.42 -0.55
N ASP C 109 -13.67 54.76 0.44
CA ASP C 109 -13.37 55.87 1.35
C ASP C 109 -12.36 55.44 2.42
N SER A 1 40.63 1.07 -13.59
CA SER A 1 39.66 2.03 -12.95
C SER A 1 39.47 1.65 -11.48
N GLU A 2 40.12 2.41 -10.59
CA GLU A 2 40.02 2.16 -9.15
C GLU A 2 39.94 3.47 -8.37
N GLY A 3 39.65 3.38 -7.07
CA GLY A 3 39.54 4.55 -6.21
C GLY A 3 38.36 4.43 -5.26
N LEU A 4 38.35 3.35 -4.46
CA LEU A 4 37.27 3.10 -3.51
C LEU A 4 37.83 2.85 -2.10
N CYS A 5 37.07 3.24 -1.08
CA CYS A 5 37.50 3.06 0.31
C CYS A 5 36.46 2.18 1.07
N PRO A 6 36.90 1.27 1.97
CA PRO A 6 35.95 0.38 2.73
C PRO A 6 34.98 1.18 3.63
N PRO A 7 33.93 0.54 4.17
CA PRO A 7 32.95 1.24 5.06
C PRO A 7 33.64 1.95 6.23
N GLY A 8 33.11 3.11 6.61
CA GLY A 8 33.68 3.89 7.72
C GLY A 8 34.85 4.77 7.25
N HIS A 9 35.31 4.57 6.01
CA HIS A 9 36.42 5.32 5.47
C HIS A 9 36.04 6.03 4.15
N HIS A 10 36.82 7.05 3.80
CA HIS A 10 36.61 7.81 2.55
C HIS A 10 37.97 8.02 1.89
N ILE A 11 37.97 8.22 0.56
CA ILE A 11 39.22 8.37 -0.20
C ILE A 11 39.37 9.79 -0.77
N SER A 12 40.63 10.22 -0.93
CA SER A 12 40.94 11.55 -1.45
C SER A 12 40.75 11.62 -2.97
N GLU A 13 40.85 12.83 -3.51
CA GLU A 13 40.69 13.07 -4.94
C GLU A 13 41.72 12.28 -5.77
N ASP A 14 42.94 12.25 -5.26
CA ASP A 14 44.05 11.58 -5.93
C ASP A 14 44.00 10.06 -5.79
N GLY A 15 43.01 9.54 -5.02
CA GLY A 15 42.85 8.09 -4.86
C GLY A 15 44.04 7.37 -4.18
N ARG A 16 45.16 8.05 -3.88
CA ARG A 16 46.31 7.40 -3.26
C ARG A 16 46.27 7.45 -1.72
N ASP A 17 45.23 8.08 -1.14
CA ASP A 17 45.12 8.18 0.32
C ASP A 17 43.67 8.05 0.79
N CYS A 18 43.49 7.38 1.93
CA CYS A 18 42.16 7.18 2.52
C CYS A 18 42.19 7.64 3.99
N ILE A 19 41.17 8.40 4.40
CA ILE A 19 41.11 8.91 5.78
C ILE A 19 39.96 8.26 6.55
N SER A 20 40.19 8.04 7.85
CA SER A 20 39.23 7.42 8.75
C SER A 20 38.19 8.43 9.27
N CYS A 21 36.96 7.95 9.44
CA CYS A 21 35.86 8.78 9.94
C CYS A 21 35.53 8.29 11.36
N LYS A 22 34.99 9.18 12.21
CA LYS A 22 34.71 8.82 13.60
C LYS A 22 33.29 8.36 13.80
N TYR A 23 33.11 7.42 14.74
CA TYR A 23 31.79 6.89 15.07
C TYR A 23 30.90 8.07 15.50
N GLY A 24 29.66 8.07 15.05
CA GLY A 24 28.69 9.13 15.42
C GLY A 24 28.77 10.42 14.56
N GLN A 25 29.93 10.75 13.92
CA GLN A 25 29.99 11.98 13.11
C GLN A 25 29.27 11.79 11.78
N ASP A 26 29.75 10.83 11.00
CA ASP A 26 29.18 10.49 9.69
C ASP A 26 29.56 9.04 9.40
N TYR A 27 28.96 8.42 8.37
CA TYR A 27 29.25 7.02 8.06
C TYR A 27 29.32 6.71 6.59
N SER A 28 29.74 5.48 6.33
CA SER A 28 29.74 4.95 4.98
C SER A 28 29.15 3.54 5.06
N THR A 29 28.14 3.27 4.23
CA THR A 29 27.48 1.96 4.23
C THR A 29 28.10 1.02 3.19
N HIS A 30 28.48 1.60 2.06
CA HIS A 30 29.08 0.85 0.95
C HIS A 30 30.38 1.54 0.54
N TRP A 31 31.24 0.84 -0.22
CA TRP A 31 32.52 1.41 -0.65
C TRP A 31 32.29 2.81 -1.24
N ASN A 32 32.87 3.82 -0.59
CA ASN A 32 32.67 5.21 -1.01
C ASN A 32 33.81 5.70 -1.91
N ASP A 33 33.44 6.53 -2.90
CA ASP A 33 34.40 7.09 -3.83
C ASP A 33 34.39 8.62 -3.73
N LEU A 34 34.50 9.12 -2.49
CA LEU A 34 34.49 10.56 -2.24
C LEU A 34 35.41 10.92 -1.08
N LEU A 35 35.54 12.22 -0.80
CA LEU A 35 36.39 12.70 0.30
C LEU A 35 35.55 12.98 1.57
N PHE A 36 34.23 12.75 1.49
CA PHE A 36 33.33 13.01 2.63
C PHE A 36 32.67 11.72 3.12
N CYS A 37 32.11 11.78 4.33
CA CYS A 37 31.41 10.65 4.93
C CYS A 37 29.92 10.99 4.93
N LEU A 38 29.06 10.01 4.63
CA LEU A 38 27.62 10.25 4.55
C LEU A 38 27.03 10.53 5.93
N ARG A 39 25.91 11.24 5.95
CA ARG A 39 25.24 11.63 7.19
C ARG A 39 24.39 10.48 7.73
N CYS A 40 24.26 10.44 9.07
CA CYS A 40 23.46 9.39 9.73
C CYS A 40 22.04 9.91 9.98
N THR A 41 21.07 8.98 9.94
CA THR A 41 19.66 9.31 10.11
C THR A 41 19.19 9.07 11.55
N ARG A 42 18.36 9.99 12.04
CA ARG A 42 17.82 9.91 13.39
C ARG A 42 16.29 9.79 13.33
N CYS A 43 15.69 9.17 14.36
CA CYS A 43 14.25 8.96 14.39
C CYS A 43 13.56 9.78 15.50
N ASP A 44 12.26 10.04 15.29
CA ASP A 44 11.46 10.81 16.24
C ASP A 44 10.22 10.00 16.67
N SER A 45 9.53 10.49 17.71
CA SER A 45 8.33 9.83 18.24
C SER A 45 7.37 9.46 17.11
N GLY A 46 6.65 8.35 17.27
CA GLY A 46 5.73 7.87 16.26
C GLY A 46 6.44 6.92 15.28
N GLU A 47 7.79 6.92 15.31
CA GLU A 47 8.59 6.06 14.45
C GLU A 47 9.40 5.08 15.29
N VAL A 48 9.72 3.93 14.71
CA VAL A 48 10.50 2.90 15.40
C VAL A 48 11.88 2.73 14.76
N GLU A 49 12.89 2.56 15.60
CA GLU A 49 14.26 2.35 15.15
C GLU A 49 14.55 0.85 15.03
N LEU A 50 15.01 0.41 13.86
CA LEU A 50 15.27 -1.03 13.65
C LEU A 50 16.77 -1.37 13.79
N SER A 51 17.66 -0.47 13.36
CA SER A 51 19.11 -0.76 13.45
C SER A 51 19.93 0.48 13.89
N PRO A 52 21.07 0.28 14.58
CA PRO A 52 21.97 1.39 15.06
C PRO A 52 22.87 2.01 13.96
N CYS A 53 23.38 3.23 14.23
CA CYS A 53 24.27 3.95 13.31
C CYS A 53 25.74 3.78 13.78
N THR A 54 26.62 3.39 12.85
CA THR A 54 28.05 3.21 13.15
C THR A 54 28.86 3.25 11.86
N THR A 55 30.20 3.35 11.96
CA THR A 55 31.07 3.40 10.77
C THR A 55 30.82 2.20 9.85
N THR A 56 30.17 1.15 10.36
CA THR A 56 29.86 -0.04 9.56
C THR A 56 28.35 -0.36 9.61
N ARG A 57 27.54 0.60 10.09
CA ARG A 57 26.08 0.40 10.19
C ARG A 57 25.33 1.72 9.99
N ASN A 58 24.07 1.60 9.57
CA ASN A 58 23.19 2.75 9.33
C ASN A 58 21.92 2.63 10.15
N THR A 59 21.40 3.73 10.72
CA THR A 59 20.20 3.67 11.52
C THR A 59 18.97 3.66 10.63
N VAL A 60 18.03 2.81 11.00
CA VAL A 60 16.80 2.65 10.23
C VAL A 60 15.62 3.29 10.95
N CYS A 61 14.81 4.00 10.17
CA CYS A 61 13.61 4.59 10.68
C CYS A 61 12.42 3.85 10.07
N GLN A 62 11.42 3.65 10.88
CA GLN A 62 10.21 2.95 10.52
C GLN A 62 9.04 3.68 11.15
N CYS A 63 7.86 3.58 10.55
CA CYS A 63 6.68 4.26 11.10
C CYS A 63 5.70 3.21 11.61
N GLU A 64 4.86 3.62 12.58
CA GLU A 64 3.92 2.68 13.20
C GLU A 64 2.82 2.26 12.22
N GLU A 65 2.40 0.99 12.34
CA GLU A 65 1.36 0.44 11.46
C GLU A 65 0.14 1.34 11.42
N GLY A 66 -0.46 1.45 10.23
CA GLY A 66 -1.65 2.29 10.03
C GLY A 66 -1.28 3.66 9.43
N THR A 67 0.01 3.95 9.27
CA THR A 67 0.46 5.23 8.71
C THR A 67 1.24 5.01 7.41
N PHE A 68 1.38 6.05 6.57
CA PHE A 68 2.11 5.91 5.30
C PHE A 68 2.97 7.14 4.95
N ARG A 69 4.12 6.91 4.28
CA ARG A 69 5.01 8.01 3.88
C ARG A 69 5.13 8.10 2.36
N GLU A 70 4.60 9.19 1.80
CA GLU A 70 4.63 9.41 0.33
C GLU A 70 5.90 10.13 -0.10
N GLU A 71 6.34 9.84 -1.32
CA GLU A 71 7.52 10.50 -1.88
C GLU A 71 7.36 12.03 -1.85
N ASP A 72 6.12 12.48 -1.75
CA ASP A 72 5.79 13.90 -1.71
C ASP A 72 5.78 14.42 -0.26
N SER A 73 5.57 13.51 0.72
CA SER A 73 5.56 13.89 2.12
C SER A 73 6.97 14.36 2.54
N PRO A 74 7.10 15.31 3.48
CA PRO A 74 8.44 15.81 3.93
C PRO A 74 9.22 14.74 4.70
N GLU A 75 8.61 14.26 5.80
CA GLU A 75 9.23 13.23 6.64
C GLU A 75 8.22 12.67 7.67
N MET A 76 6.93 12.85 7.39
CA MET A 76 5.87 12.39 8.25
C MET A 76 5.15 11.19 7.64
N CYS A 77 4.27 10.57 8.44
CA CYS A 77 3.49 9.42 7.99
C CYS A 77 2.02 9.79 8.16
N ARG A 78 1.14 9.36 7.24
CA ARG A 78 -0.29 9.70 7.34
C ARG A 78 -1.12 8.45 7.47
N LYS A 79 -2.32 8.59 8.02
CA LYS A 79 -3.19 7.42 8.24
C LYS A 79 -3.62 6.82 6.91
N CYS A 80 -3.49 5.49 6.81
CA CYS A 80 -3.84 4.76 5.61
C CYS A 80 -5.33 4.86 5.38
N ARG A 81 -5.77 4.56 4.17
CA ARG A 81 -7.20 4.64 3.82
C ARG A 81 -8.06 3.96 4.87
N THR A 82 -9.05 4.70 5.37
CA THR A 82 -9.96 4.18 6.39
C THR A 82 -11.21 3.54 5.74
N GLY A 83 -11.11 3.26 4.42
CA GLY A 83 -12.21 2.65 3.68
C GLY A 83 -12.00 2.88 2.18
N CYS A 84 -11.74 1.80 1.44
CA CYS A 84 -11.51 1.88 -0.01
C CYS A 84 -12.54 2.79 -0.70
N PRO A 85 -12.20 3.43 -1.82
CA PRO A 85 -13.15 4.33 -2.55
C PRO A 85 -14.47 3.63 -2.86
N ARG A 86 -15.58 4.40 -2.83
CA ARG A 86 -16.90 3.85 -3.11
C ARG A 86 -16.91 3.02 -4.40
N GLY A 87 -17.17 1.71 -4.26
CA GLY A 87 -17.22 0.81 -5.40
C GLY A 87 -15.88 0.04 -5.56
N MET A 88 -15.16 -0.15 -4.45
CA MET A 88 -13.89 -0.87 -4.47
C MET A 88 -13.82 -1.85 -3.30
N VAL A 89 -12.77 -2.68 -3.27
CA VAL A 89 -12.62 -3.68 -2.21
C VAL A 89 -11.22 -3.68 -1.59
N LYS A 90 -11.16 -4.15 -0.34
CA LYS A 90 -9.90 -4.26 0.40
C LYS A 90 -9.11 -5.46 -0.11
N VAL A 91 -7.84 -5.22 -0.52
CA VAL A 91 -7.01 -6.30 -1.06
C VAL A 91 -5.51 -6.09 -0.73
N GLY A 92 -5.07 -4.85 -0.43
CA GLY A 92 -3.64 -4.61 -0.16
C GLY A 92 -3.34 -4.21 1.29
N ASP A 93 -2.12 -4.60 1.70
CA ASP A 93 -1.56 -4.34 3.03
C ASP A 93 -0.90 -2.95 3.09
N CYS A 94 -0.95 -2.30 4.25
CA CYS A 94 -0.38 -0.96 4.38
C CYS A 94 0.94 -1.02 5.18
N THR A 95 1.97 -0.45 4.56
CA THR A 95 3.32 -0.40 5.11
C THR A 95 3.63 1.06 5.51
N PRO A 96 4.32 1.30 6.64
CA PRO A 96 4.60 2.68 7.12
C PRO A 96 5.03 3.65 6.00
N TRP A 97 5.55 3.11 4.89
CA TRP A 97 5.97 3.95 3.76
C TRP A 97 4.92 3.99 2.62
N SER A 98 4.28 2.84 2.32
CA SER A 98 3.28 2.78 1.23
C SER A 98 1.84 2.70 1.76
N ASP A 99 0.87 2.95 0.85
CA ASP A 99 -0.56 2.93 1.21
C ASP A 99 -1.20 1.56 0.88
N ILE A 100 -2.51 1.43 1.17
CA ILE A 100 -3.24 0.17 0.92
C ILE A 100 -3.59 0.02 -0.57
N GLU A 101 -4.21 -1.12 -0.93
CA GLU A 101 -4.64 -1.35 -2.31
C GLU A 101 -6.15 -1.60 -2.37
N CYS A 102 -6.81 -0.89 -3.30
CA CYS A 102 -8.24 -1.04 -3.50
C CYS A 102 -8.48 -1.46 -4.95
N VAL A 103 -9.47 -2.34 -5.19
CA VAL A 103 -9.73 -2.82 -6.56
C VAL A 103 -11.21 -2.68 -6.94
N HIS A 104 -11.44 -2.22 -8.17
CA HIS A 104 -12.77 -2.07 -8.74
C HIS A 104 -13.00 -3.18 -9.77
N LYS A 105 -14.20 -3.79 -9.79
CA LYS A 105 -14.48 -4.85 -10.77
C LYS A 105 -15.96 -5.28 -10.75
N GLU A 106 -16.39 -5.98 -9.69
CA GLU A 106 -17.77 -6.46 -9.60
C GLU A 106 -18.76 -5.31 -9.44
N SER A 107 -18.36 -4.25 -8.75
CA SER A 107 -19.23 -3.09 -8.54
C SER A 107 -19.48 -2.37 -9.87
N GLY A 108 -20.73 -1.92 -10.08
CA GLY A 108 -21.10 -1.22 -11.31
C GLY A 108 -22.21 -1.97 -12.05
N ASP A 109 -22.28 -1.77 -13.37
CA ASP A 109 -23.28 -2.42 -14.20
C ASP A 109 -22.65 -3.54 -15.03
N SER B 1 27.09 6.91 -3.85
CA SER B 1 26.51 7.58 -5.05
C SER B 1 26.18 6.53 -6.13
N GLU B 2 25.79 5.32 -5.68
CA GLU B 2 25.44 4.24 -6.59
C GLU B 2 23.97 4.31 -7.00
N GLY B 3 23.10 4.39 -6.00
CA GLY B 3 21.65 4.48 -6.25
C GLY B 3 21.06 3.10 -6.56
N LEU B 4 21.50 2.08 -5.82
CA LEU B 4 21.01 0.71 -6.01
C LEU B 4 20.82 0.01 -4.66
N CYS B 5 19.77 -0.81 -4.55
CA CYS B 5 19.48 -1.53 -3.31
C CYS B 5 19.23 -3.03 -3.59
N PRO B 6 19.80 -3.95 -2.82
CA PRO B 6 19.60 -5.43 -3.05
C PRO B 6 18.12 -5.86 -2.87
N PRO B 7 17.75 -7.07 -3.29
CA PRO B 7 16.33 -7.56 -3.15
C PRO B 7 15.87 -7.56 -1.69
N GLY B 8 14.59 -7.25 -1.47
CA GLY B 8 14.02 -7.21 -0.12
C GLY B 8 14.28 -5.86 0.57
N HIS B 9 14.94 -4.93 -0.13
CA HIS B 9 15.26 -3.62 0.43
C HIS B 9 14.66 -2.48 -0.41
N HIS B 10 14.53 -1.32 0.23
CA HIS B 10 13.98 -0.11 -0.40
C HIS B 10 14.86 1.10 -0.04
N ILE B 11 14.82 2.14 -0.86
CA ILE B 11 15.66 3.34 -0.63
C ILE B 11 14.79 4.55 -0.26
N SER B 12 15.14 5.23 0.85
CA SER B 12 14.38 6.39 1.30
C SER B 12 14.36 7.47 0.23
N GLU B 13 13.46 8.43 0.37
CA GLU B 13 13.31 9.52 -0.58
C GLU B 13 14.61 10.32 -0.74
N ASP B 14 15.46 10.31 0.29
CA ASP B 14 16.72 11.06 0.25
C ASP B 14 17.79 10.34 -0.59
N GLY B 15 17.50 9.12 -1.08
CA GLY B 15 18.44 8.38 -1.91
C GLY B 15 19.77 8.01 -1.20
N ARG B 16 20.00 8.45 0.06
CA ARG B 16 21.24 8.14 0.76
C ARG B 16 21.09 6.97 1.75
N ASP B 17 19.89 6.39 1.90
CA ASP B 17 19.70 5.29 2.84
C ASP B 17 18.83 4.19 2.24
N CYS B 18 19.07 2.95 2.68
CA CYS B 18 18.29 1.82 2.22
C CYS B 18 17.77 1.08 3.46
N ILE B 19 16.47 0.75 3.45
CA ILE B 19 15.85 0.10 4.60
C ILE B 19 15.21 -1.26 4.24
N SER B 20 15.27 -2.16 5.20
CA SER B 20 14.72 -3.52 5.11
C SER B 20 13.19 -3.52 5.12
N CYS B 21 12.57 -4.46 4.38
CA CYS B 21 11.11 -4.57 4.32
C CYS B 21 10.71 -5.81 5.14
N LYS B 22 9.50 -5.81 5.71
CA LYS B 22 9.07 -6.89 6.59
C LYS B 22 8.54 -8.09 5.80
N TYR B 23 8.78 -9.28 6.35
CA TYR B 23 8.34 -10.52 5.73
C TYR B 23 6.81 -10.52 5.66
N GLY B 24 6.26 -10.73 4.46
CA GLY B 24 4.81 -10.77 4.28
C GLY B 24 4.14 -9.38 4.11
N GLN B 25 4.74 -8.27 4.63
CA GLN B 25 4.11 -6.95 4.45
C GLN B 25 4.34 -6.47 3.02
N ASP B 26 5.51 -6.80 2.47
CA ASP B 26 5.89 -6.42 1.11
C ASP B 26 7.31 -6.90 0.83
N TYR B 27 7.66 -7.05 -0.45
CA TYR B 27 9.00 -7.52 -0.83
C TYR B 27 9.46 -6.95 -2.17
N SER B 28 10.71 -7.25 -2.52
CA SER B 28 11.30 -6.84 -3.79
C SER B 28 11.97 -8.09 -4.40
N THR B 29 11.69 -8.37 -5.68
CA THR B 29 12.25 -9.57 -6.32
C THR B 29 13.59 -9.30 -7.01
N HIS B 30 13.75 -8.11 -7.59
CA HIS B 30 14.98 -7.76 -8.29
C HIS B 30 15.56 -6.44 -7.76
N TRP B 31 16.86 -6.21 -8.04
CA TRP B 31 17.53 -4.97 -7.60
C TRP B 31 16.70 -3.75 -7.99
N ASN B 32 16.49 -2.85 -7.03
CA ASN B 32 15.70 -1.64 -7.28
C ASN B 32 16.28 -0.44 -6.54
N ASP B 33 15.81 0.75 -6.91
CA ASP B 33 16.27 1.99 -6.30
C ASP B 33 15.08 2.93 -6.09
N LEU B 34 14.05 2.40 -5.41
CA LEU B 34 12.84 3.16 -5.13
C LEU B 34 12.41 3.01 -3.67
N LEU B 35 11.71 4.03 -3.18
CA LEU B 35 11.21 4.05 -1.80
C LEU B 35 9.93 3.20 -1.64
N PHE B 36 9.55 2.48 -2.70
CA PHE B 36 8.35 1.64 -2.66
C PHE B 36 8.72 0.16 -2.54
N CYS B 37 7.91 -0.57 -1.77
CA CYS B 37 8.10 -1.99 -1.57
C CYS B 37 6.95 -2.70 -2.30
N LEU B 38 7.24 -3.80 -3.00
CA LEU B 38 6.20 -4.50 -3.76
C LEU B 38 5.26 -5.26 -2.81
N ARG B 39 3.97 -5.01 -2.97
CA ARG B 39 2.95 -5.63 -2.15
C ARG B 39 2.92 -7.15 -2.34
N CYS B 40 2.51 -7.86 -1.30
CA CYS B 40 2.47 -9.33 -1.31
C CYS B 40 1.08 -9.80 -1.76
N THR B 41 1.07 -10.91 -2.50
CA THR B 41 -0.17 -11.48 -3.04
C THR B 41 -0.87 -12.40 -2.04
N ARG B 42 -2.20 -12.29 -2.01
CA ARG B 42 -3.03 -13.09 -1.12
C ARG B 42 -4.11 -13.83 -1.93
N CYS B 43 -4.60 -14.95 -1.41
CA CYS B 43 -5.61 -15.74 -2.11
C CYS B 43 -6.94 -15.68 -1.35
N ASP B 44 -8.05 -15.91 -2.08
CA ASP B 44 -9.39 -15.85 -1.51
C ASP B 44 -9.97 -17.25 -1.30
N SER B 45 -11.09 -17.31 -0.56
CA SER B 45 -11.76 -18.59 -0.27
C SER B 45 -11.91 -19.40 -1.56
N GLY B 46 -11.84 -20.73 -1.43
CA GLY B 46 -11.92 -21.62 -2.58
C GLY B 46 -10.52 -21.84 -3.18
N GLU B 47 -9.56 -20.97 -2.82
CA GLU B 47 -8.20 -21.08 -3.30
C GLU B 47 -7.25 -21.27 -2.12
N VAL B 48 -6.15 -22.00 -2.33
CA VAL B 48 -5.18 -22.28 -1.26
C VAL B 48 -3.84 -21.59 -1.54
N GLU B 49 -3.07 -21.33 -0.49
CA GLU B 49 -1.76 -20.72 -0.61
C GLU B 49 -0.70 -21.81 -0.83
N LEU B 50 -0.03 -21.79 -1.98
CA LEU B 50 0.98 -22.81 -2.28
C LEU B 50 2.30 -22.48 -1.60
N SER B 51 2.72 -21.22 -1.68
CA SER B 51 3.97 -20.77 -1.07
C SER B 51 3.82 -19.32 -0.53
N PRO B 52 4.21 -19.04 0.72
CA PRO B 52 4.11 -17.65 1.27
C PRO B 52 5.21 -16.73 0.71
N CYS B 53 5.00 -15.41 0.78
CA CYS B 53 6.00 -14.46 0.26
C CYS B 53 6.85 -13.89 1.39
N THR B 54 8.13 -13.74 1.08
CA THR B 54 9.10 -13.19 2.00
C THR B 54 9.78 -12.00 1.32
N THR B 55 10.72 -11.36 2.00
CA THR B 55 11.42 -10.20 1.44
C THR B 55 12.04 -10.54 0.08
N THR B 56 12.28 -11.82 -0.20
CA THR B 56 12.87 -12.25 -1.47
C THR B 56 12.02 -13.33 -2.18
N ARG B 57 10.76 -13.54 -1.74
CA ARG B 57 9.90 -14.56 -2.35
C ARG B 57 8.47 -14.05 -2.63
N ASN B 58 7.88 -14.58 -3.71
CA ASN B 58 6.55 -14.23 -4.16
C ASN B 58 5.51 -15.27 -3.72
N THR B 59 4.31 -14.83 -3.29
CA THR B 59 3.25 -15.76 -2.87
C THR B 59 2.47 -16.27 -4.09
N VAL B 60 2.18 -17.58 -4.09
CA VAL B 60 1.45 -18.21 -5.18
C VAL B 60 0.08 -18.67 -4.66
N CYS B 61 -0.91 -18.69 -5.56
CA CYS B 61 -2.26 -19.11 -5.19
C CYS B 61 -2.58 -20.45 -5.87
N GLN B 62 -3.52 -21.18 -5.28
CA GLN B 62 -3.90 -22.50 -5.76
C GLN B 62 -5.42 -22.61 -5.77
N CYS B 63 -5.96 -23.48 -6.62
CA CYS B 63 -7.40 -23.67 -6.72
C CYS B 63 -7.72 -25.08 -6.24
N GLU B 64 -8.88 -25.25 -5.59
CA GLU B 64 -9.27 -26.55 -5.01
C GLU B 64 -9.55 -27.58 -6.10
N GLU B 65 -9.37 -28.86 -5.74
CA GLU B 65 -9.58 -29.97 -6.68
C GLU B 65 -10.95 -29.85 -7.37
N GLY B 66 -10.95 -30.05 -8.68
CA GLY B 66 -12.18 -29.97 -9.47
C GLY B 66 -12.30 -28.64 -10.23
N THR B 67 -11.28 -27.76 -10.11
CA THR B 67 -11.30 -26.47 -10.79
C THR B 67 -10.18 -26.37 -11.83
N PHE B 68 -10.31 -25.42 -12.77
CA PHE B 68 -9.32 -25.24 -13.83
C PHE B 68 -9.06 -23.73 -14.07
N ARG B 69 -7.81 -23.37 -14.42
CA ARG B 69 -7.50 -21.95 -14.67
C ARG B 69 -6.65 -21.78 -15.93
N GLU B 70 -7.25 -21.14 -16.94
CA GLU B 70 -6.55 -20.87 -18.20
C GLU B 70 -5.76 -19.56 -18.08
N GLU B 71 -4.65 -19.48 -18.81
CA GLU B 71 -3.78 -18.30 -18.77
C GLU B 71 -4.54 -17.00 -19.09
N ASP B 72 -5.69 -17.14 -19.73
CA ASP B 72 -6.52 -15.99 -20.11
C ASP B 72 -7.40 -15.50 -18.94
N SER B 73 -7.58 -16.36 -17.93
CA SER B 73 -8.41 -16.01 -16.76
C SER B 73 -7.54 -15.32 -15.67
N PRO B 74 -7.95 -14.17 -15.13
CA PRO B 74 -7.16 -13.46 -14.07
C PRO B 74 -7.23 -14.16 -12.71
N GLU B 75 -8.45 -14.32 -12.19
CA GLU B 75 -8.65 -14.97 -10.88
C GLU B 75 -9.93 -15.83 -10.90
N MET B 76 -10.17 -16.53 -12.02
CA MET B 76 -11.34 -17.38 -12.15
C MET B 76 -10.95 -18.86 -12.27
N CYS B 77 -11.84 -19.75 -11.83
CA CYS B 77 -11.62 -21.18 -11.89
C CYS B 77 -12.85 -21.85 -12.52
N ARG B 78 -12.63 -22.87 -13.36
CA ARG B 78 -13.73 -23.57 -14.03
C ARG B 78 -13.76 -25.03 -13.61
N LYS B 79 -14.93 -25.63 -13.65
CA LYS B 79 -15.10 -27.03 -13.27
C LYS B 79 -14.39 -27.96 -14.25
N CYS B 80 -13.48 -28.79 -13.72
CA CYS B 80 -12.73 -29.75 -14.53
C CYS B 80 -13.65 -30.88 -14.98
N ARG B 81 -13.29 -31.53 -16.09
CA ARG B 81 -14.10 -32.63 -16.62
C ARG B 81 -13.75 -33.95 -15.93
N THR B 82 -14.77 -34.76 -15.64
CA THR B 82 -14.56 -36.06 -14.99
C THR B 82 -14.60 -37.22 -15.99
N GLY B 83 -14.65 -36.91 -17.29
CA GLY B 83 -14.69 -37.95 -18.32
C GLY B 83 -15.19 -37.38 -19.65
N CYS B 84 -14.49 -37.71 -20.74
CA CYS B 84 -14.86 -37.23 -22.08
C CYS B 84 -16.09 -38.01 -22.61
N PRO B 85 -16.82 -37.47 -23.60
CA PRO B 85 -18.02 -38.17 -24.18
C PRO B 85 -17.65 -39.54 -24.76
N ARG B 86 -18.66 -40.28 -25.21
CA ARG B 86 -18.45 -41.61 -25.79
C ARG B 86 -17.59 -41.51 -27.04
N GLY B 87 -16.60 -42.41 -27.15
CA GLY B 87 -15.69 -42.42 -28.30
C GLY B 87 -14.27 -42.05 -27.88
N MET B 88 -14.16 -41.08 -26.97
CA MET B 88 -12.87 -40.63 -26.46
C MET B 88 -12.51 -41.40 -25.19
N VAL B 89 -11.23 -41.37 -24.81
CA VAL B 89 -10.77 -42.07 -23.61
C VAL B 89 -10.01 -41.11 -22.68
N LYS B 90 -10.43 -41.10 -21.41
CA LYS B 90 -9.79 -40.26 -20.40
C LYS B 90 -8.46 -40.89 -19.98
N VAL B 91 -7.38 -40.09 -19.98
CA VAL B 91 -6.06 -40.60 -19.62
C VAL B 91 -5.15 -39.51 -19.01
N GLY B 92 -5.66 -38.28 -18.84
CA GLY B 92 -4.85 -37.20 -18.27
C GLY B 92 -5.37 -36.74 -16.92
N ASP B 93 -4.41 -36.27 -16.10
CA ASP B 93 -4.65 -35.77 -14.76
C ASP B 93 -5.08 -34.31 -14.81
N CYS B 94 -5.95 -33.90 -13.87
CA CYS B 94 -6.45 -32.52 -13.86
C CYS B 94 -5.80 -31.73 -12.73
N THR B 95 -5.21 -30.62 -13.13
CA THR B 95 -4.52 -29.71 -12.24
C THR B 95 -5.31 -28.40 -12.14
N PRO B 96 -5.44 -27.77 -10.97
CA PRO B 96 -6.23 -26.50 -10.83
C PRO B 96 -5.96 -25.50 -11.97
N TRP B 97 -4.80 -25.63 -12.63
CA TRP B 97 -4.43 -24.74 -13.74
C TRP B 97 -4.88 -25.32 -15.11
N SER B 98 -4.59 -26.61 -15.35
CA SER B 98 -4.93 -27.26 -16.64
C SER B 98 -6.11 -28.25 -16.53
N ASP B 99 -6.67 -28.63 -17.69
CA ASP B 99 -7.79 -29.58 -17.75
C ASP B 99 -7.28 -31.01 -17.97
N ILE B 100 -8.20 -31.99 -17.97
CA ILE B 100 -7.83 -33.41 -18.17
C ILE B 100 -7.35 -33.63 -19.62
N GLU B 101 -6.84 -34.84 -19.90
CA GLU B 101 -6.40 -35.16 -21.28
C GLU B 101 -7.16 -36.38 -21.80
N CYS B 102 -7.69 -36.25 -23.02
CA CYS B 102 -8.43 -37.35 -23.65
C CYS B 102 -7.75 -37.73 -24.97
N VAL B 103 -7.73 -39.03 -25.26
CA VAL B 103 -7.11 -39.54 -26.48
C VAL B 103 -8.02 -40.58 -27.15
N HIS B 104 -8.09 -40.54 -28.48
CA HIS B 104 -8.91 -41.47 -29.25
C HIS B 104 -8.02 -42.53 -29.90
N LYS B 105 -8.41 -43.80 -29.78
CA LYS B 105 -7.64 -44.91 -30.36
C LYS B 105 -8.54 -45.81 -31.21
N GLU B 106 -9.55 -46.42 -30.58
CA GLU B 106 -10.48 -47.31 -31.28
C GLU B 106 -11.63 -47.72 -30.36
N SER B 107 -11.29 -48.03 -29.10
CA SER B 107 -12.29 -48.46 -28.10
C SER B 107 -12.87 -49.84 -28.45
N GLY B 108 -13.68 -49.91 -29.51
CA GLY B 108 -14.29 -51.17 -29.94
C GLY B 108 -15.58 -50.92 -30.73
N ASP B 109 -16.05 -51.95 -31.44
CA ASP B 109 -17.27 -51.85 -32.24
C ASP B 109 -18.29 -52.91 -31.81
N SER C 1 -29.03 -20.39 -9.18
CA SER C 1 -30.13 -19.55 -9.72
C SER C 1 -29.89 -18.09 -9.35
N GLU C 2 -29.50 -17.86 -8.09
CA GLU C 2 -29.24 -16.50 -7.60
C GLU C 2 -27.75 -16.30 -7.34
N GLY C 3 -27.35 -15.08 -6.97
CA GLY C 3 -25.95 -14.77 -6.69
C GLY C 3 -25.72 -13.29 -6.31
N LEU C 4 -26.80 -12.47 -6.28
CA LEU C 4 -26.68 -11.05 -5.92
C LEU C 4 -27.38 -10.78 -4.59
N CYS C 5 -26.81 -9.87 -3.80
CA CYS C 5 -27.39 -9.50 -2.50
C CYS C 5 -27.70 -7.98 -2.49
N PRO C 6 -28.85 -7.53 -1.96
CA PRO C 6 -29.21 -6.08 -1.95
C PRO C 6 -28.22 -5.24 -1.11
N PRO C 7 -28.26 -3.91 -1.22
CA PRO C 7 -27.34 -3.02 -0.44
C PRO C 7 -27.44 -3.26 1.07
N GLY C 8 -26.29 -3.47 1.71
CA GLY C 8 -26.24 -3.74 3.14
C GLY C 8 -26.05 -5.24 3.43
N HIS C 9 -25.93 -6.06 2.38
CA HIS C 9 -25.77 -7.49 2.54
C HIS C 9 -24.66 -8.03 1.62
N HIS C 10 -24.12 -9.20 1.97
CA HIS C 10 -23.07 -9.85 1.18
C HIS C 10 -23.40 -11.35 1.05
N ILE C 11 -22.90 -12.00 0.00
CA ILE C 11 -23.20 -13.42 -0.24
C ILE C 11 -21.95 -14.32 -0.08
N SER C 12 -22.18 -15.57 0.31
CA SER C 12 -21.08 -16.53 0.52
C SER C 12 -20.51 -16.98 -0.82
N GLU C 13 -19.45 -17.78 -0.75
CA GLU C 13 -18.79 -18.30 -1.95
C GLU C 13 -19.70 -19.28 -2.70
N ASP C 14 -20.44 -20.10 -1.94
CA ASP C 14 -21.34 -21.08 -2.53
C ASP C 14 -22.66 -20.44 -3.03
N GLY C 15 -22.83 -19.12 -2.81
CA GLY C 15 -24.03 -18.42 -3.28
C GLY C 15 -25.36 -18.91 -2.66
N ARG C 16 -25.35 -19.97 -1.82
CA ARG C 16 -26.58 -20.50 -1.24
C ARG C 16 -27.07 -19.67 -0.04
N ASP C 17 -26.24 -18.75 0.49
CA ASP C 17 -26.67 -17.94 1.64
C ASP C 17 -26.07 -16.53 1.62
N CYS C 18 -26.78 -15.60 2.25
CA CYS C 18 -26.34 -14.20 2.34
C CYS C 18 -26.36 -13.76 3.81
N ILE C 19 -25.29 -13.08 4.24
CA ILE C 19 -25.20 -12.61 5.63
C ILE C 19 -25.38 -11.09 5.68
N SER C 20 -26.15 -10.64 6.68
CA SER C 20 -26.45 -9.23 6.86
C SER C 20 -25.28 -8.44 7.46
N CYS C 21 -25.10 -7.21 6.98
CA CYS C 21 -24.05 -6.31 7.48
C CYS C 21 -24.74 -5.20 8.27
N LYS C 22 -24.20 -4.85 9.44
CA LYS C 22 -24.84 -3.85 10.30
C LYS C 22 -24.12 -2.51 10.30
N TYR C 23 -24.92 -1.44 10.43
CA TYR C 23 -24.40 -0.07 10.48
C TYR C 23 -23.25 0.04 11.48
N GLY C 24 -22.24 0.84 11.14
CA GLY C 24 -21.08 1.04 12.02
C GLY C 24 -19.99 -0.06 11.84
N GLN C 25 -20.37 -1.28 11.40
CA GLN C 25 -19.37 -2.33 11.18
C GLN C 25 -18.92 -2.31 9.71
N ASP C 26 -19.87 -2.01 8.83
CA ASP C 26 -19.61 -1.95 7.38
C ASP C 26 -20.95 -1.72 6.65
N TYR C 27 -20.88 -1.31 5.37
CA TYR C 27 -22.10 -1.05 4.59
C TYR C 27 -21.88 -1.26 3.08
N SER C 28 -22.96 -1.16 2.32
CA SER C 28 -22.92 -1.26 0.87
C SER C 28 -23.92 -0.26 0.29
N THR C 29 -23.50 0.53 -0.70
CA THR C 29 -24.37 1.54 -1.31
C THR C 29 -25.22 0.96 -2.44
N HIS C 30 -24.63 0.04 -3.20
CA HIS C 30 -25.34 -0.59 -4.32
C HIS C 30 -25.22 -2.12 -4.23
N TRP C 31 -26.11 -2.83 -4.95
CA TRP C 31 -26.09 -4.31 -4.93
C TRP C 31 -24.66 -4.81 -5.19
N ASN C 32 -24.31 -5.95 -4.58
CA ASN C 32 -22.97 -6.50 -4.75
C ASN C 32 -22.96 -8.03 -4.62
N ASP C 33 -21.84 -8.63 -5.02
CA ASP C 33 -21.67 -10.08 -4.96
C ASP C 33 -20.28 -10.42 -4.38
N LEU C 34 -20.05 -9.97 -3.15
CA LEU C 34 -18.77 -10.20 -2.46
C LEU C 34 -18.98 -10.89 -1.12
N LEU C 35 -17.88 -11.18 -0.42
CA LEU C 35 -17.96 -11.85 0.89
C LEU C 35 -17.90 -10.82 2.03
N PHE C 36 -17.22 -9.70 1.79
CA PHE C 36 -17.09 -8.63 2.78
C PHE C 36 -17.94 -7.42 2.36
N CYS C 37 -18.18 -6.52 3.30
CA CYS C 37 -18.98 -5.32 3.03
C CYS C 37 -18.05 -4.11 2.99
N LEU C 38 -18.51 -3.01 2.37
CA LEU C 38 -17.69 -1.81 2.26
C LEU C 38 -17.45 -1.23 3.65
N ARG C 39 -16.19 -0.96 3.94
CA ARG C 39 -15.76 -0.44 5.25
C ARG C 39 -16.35 0.94 5.54
N CYS C 40 -16.54 1.22 6.83
CA CYS C 40 -17.11 2.50 7.28
C CYS C 40 -15.94 3.45 7.58
N THR C 41 -16.12 4.72 7.22
CA THR C 41 -15.06 5.72 7.39
C THR C 41 -15.06 6.32 8.79
N ARG C 42 -13.85 6.51 9.31
CA ARG C 42 -13.63 7.09 10.63
C ARG C 42 -12.61 8.22 10.51
N CYS C 43 -12.66 9.18 11.45
CA CYS C 43 -11.74 10.33 11.41
C CYS C 43 -10.76 10.27 12.57
N ASP C 44 -9.59 10.88 12.38
CA ASP C 44 -8.53 10.89 13.40
C ASP C 44 -8.68 12.09 14.34
N SER C 45 -7.94 12.05 15.45
CA SER C 45 -7.97 13.13 16.45
C SER C 45 -7.83 14.48 15.76
N GLY C 46 -8.66 15.44 16.18
CA GLY C 46 -8.66 16.78 15.59
C GLY C 46 -9.74 16.89 14.50
N GLU C 47 -10.26 15.74 14.04
CA GLU C 47 -11.30 15.72 13.01
C GLU C 47 -12.61 15.21 13.61
N VAL C 48 -13.73 15.75 13.12
CA VAL C 48 -15.07 15.36 13.60
C VAL C 48 -15.85 14.66 12.49
N GLU C 49 -16.81 13.83 12.87
CA GLU C 49 -17.65 13.13 11.90
C GLU C 49 -18.83 14.02 11.50
N LEU C 50 -18.86 14.44 10.23
CA LEU C 50 -19.94 15.30 9.74
C LEU C 50 -21.26 14.53 9.69
N SER C 51 -21.19 13.30 9.18
CA SER C 51 -22.35 12.44 9.08
C SER C 51 -21.93 10.97 9.33
N PRO C 52 -22.60 10.23 10.22
CA PRO C 52 -22.24 8.79 10.50
C PRO C 52 -22.64 7.87 9.34
N CYS C 53 -22.02 6.68 9.26
CA CYS C 53 -22.34 5.74 8.19
C CYS C 53 -23.26 4.65 8.70
N THR C 54 -24.35 4.45 7.97
CA THR C 54 -25.32 3.43 8.31
C THR C 54 -25.14 2.24 7.37
N THR C 55 -25.97 1.21 7.53
CA THR C 55 -25.86 0.04 6.66
C THR C 55 -25.97 0.43 5.18
N THR C 56 -26.51 1.64 4.89
CA THR C 56 -26.66 2.10 3.51
C THR C 56 -26.03 3.49 3.27
N ARG C 57 -25.17 3.99 4.19
CA ARG C 57 -24.56 5.32 4.00
C ARG C 57 -23.06 5.35 4.37
N ASN C 58 -22.35 6.36 3.86
CA ASN C 58 -20.94 6.56 4.06
C ASN C 58 -20.64 7.74 5.02
N THR C 59 -19.64 7.56 5.90
CA THR C 59 -19.27 8.59 6.88
C THR C 59 -18.30 9.63 6.26
N VAL C 60 -18.54 10.90 6.57
CA VAL C 60 -17.72 12.00 6.07
C VAL C 60 -16.88 12.56 7.24
N CYS C 61 -15.69 13.10 6.93
CA CYS C 61 -14.81 13.64 7.96
C CYS C 61 -14.73 15.18 7.87
N GLN C 62 -14.61 15.79 9.04
CA GLN C 62 -14.55 17.24 9.19
C GLN C 62 -13.35 17.62 10.03
N CYS C 63 -12.83 18.83 9.86
CA CYS C 63 -11.66 19.29 10.63
C CYS C 63 -12.12 20.44 11.53
N GLU C 64 -11.46 20.56 12.70
CA GLU C 64 -11.84 21.57 13.69
C GLU C 64 -11.54 22.98 13.22
N GLU C 65 -12.42 23.92 13.61
CA GLU C 65 -12.28 25.33 13.25
C GLU C 65 -10.88 25.85 13.57
N GLY C 66 -10.41 26.81 12.79
CA GLY C 66 -9.08 27.38 12.97
C GLY C 66 -8.06 26.75 12.02
N THR C 67 -8.38 25.54 11.53
CA THR C 67 -7.49 24.82 10.60
C THR C 67 -8.12 24.81 9.19
N PHE C 68 -7.32 24.57 8.14
CA PHE C 68 -7.86 24.56 6.76
C PHE C 68 -7.22 23.48 5.89
N ARG C 69 -7.96 22.96 4.89
CA ARG C 69 -7.42 21.93 4.00
C ARG C 69 -8.06 21.98 2.60
N GLU C 70 -7.19 21.91 1.60
CA GLU C 70 -7.64 21.92 0.19
C GLU C 70 -7.93 20.51 -0.30
N GLU C 71 -8.89 20.40 -1.23
CA GLU C 71 -9.24 19.10 -1.81
C GLU C 71 -8.03 18.49 -2.53
N ASP C 72 -7.07 19.34 -2.88
CA ASP C 72 -5.85 18.90 -3.56
C ASP C 72 -4.68 18.81 -2.56
N SER C 73 -4.78 19.55 -1.44
CA SER C 73 -3.74 19.50 -0.41
C SER C 73 -3.81 18.16 0.35
N PRO C 74 -2.70 17.66 0.89
CA PRO C 74 -2.68 16.36 1.63
C PRO C 74 -3.85 16.22 2.62
N GLU C 75 -3.99 15.02 3.20
CA GLU C 75 -5.09 14.75 4.17
C GLU C 75 -4.76 15.37 5.53
N MET C 76 -4.50 16.68 5.53
CA MET C 76 -4.17 17.41 6.76
C MET C 76 -4.84 18.80 6.74
N CYS C 77 -4.86 19.45 7.91
CA CYS C 77 -5.44 20.78 8.05
C CYS C 77 -4.37 21.73 8.59
N ARG C 78 -4.38 23.01 8.19
CA ARG C 78 -3.36 23.96 8.66
C ARG C 78 -4.01 25.18 9.31
N LYS C 79 -3.28 25.81 10.22
CA LYS C 79 -3.81 26.97 10.94
C LYS C 79 -4.00 28.15 9.98
N CYS C 80 -5.23 28.66 9.96
CA CYS C 80 -5.60 29.79 9.11
C CYS C 80 -4.91 31.05 9.60
N ARG C 81 -4.97 32.10 8.79
CA ARG C 81 -4.36 33.38 9.13
C ARG C 81 -5.23 34.13 10.14
N THR C 82 -4.58 34.71 11.14
CA THR C 82 -5.29 35.48 12.19
C THR C 82 -5.14 36.99 11.98
N GLY C 83 -4.71 37.41 10.77
CA GLY C 83 -4.54 38.82 10.45
C GLY C 83 -3.69 39.00 9.20
N CYS C 84 -4.33 39.48 8.11
CA CYS C 84 -3.64 39.69 6.85
C CYS C 84 -2.33 40.49 7.05
N PRO C 85 -1.37 40.43 6.13
CA PRO C 85 -0.07 41.17 6.27
C PRO C 85 -0.28 42.63 6.70
N ARG C 86 0.81 43.30 7.05
CA ARG C 86 0.74 44.70 7.49
C ARG C 86 0.18 45.58 6.37
N GLY C 87 -0.84 46.38 6.69
CA GLY C 87 -1.46 47.27 5.71
C GLY C 87 -2.48 46.51 4.85
N MET C 88 -3.14 45.51 5.44
CA MET C 88 -4.13 44.71 4.72
C MET C 88 -5.51 44.80 5.38
N VAL C 89 -6.52 44.29 4.70
CA VAL C 89 -7.90 44.32 5.22
C VAL C 89 -8.50 42.90 5.21
N LYS C 90 -9.17 42.54 6.31
CA LYS C 90 -9.80 41.23 6.44
C LYS C 90 -11.21 41.26 5.85
N VAL C 91 -11.56 40.25 5.05
CA VAL C 91 -12.89 40.20 4.43
C VAL C 91 -13.40 38.76 4.23
N GLY C 92 -12.52 37.74 4.34
CA GLY C 92 -12.98 36.35 4.14
C GLY C 92 -12.94 35.52 5.41
N ASP C 93 -13.87 34.57 5.46
CA ASP C 93 -14.03 33.62 6.56
C ASP C 93 -13.26 32.34 6.28
N CYS C 94 -12.72 31.70 7.33
CA CYS C 94 -11.93 30.48 7.14
C CYS C 94 -12.76 29.25 7.55
N THR C 95 -12.85 28.33 6.60
CA THR C 95 -13.59 27.09 6.73
C THR C 95 -12.61 25.90 6.75
N PRO C 96 -12.84 24.86 7.55
CA PRO C 96 -11.89 23.70 7.63
C PRO C 96 -11.35 23.28 6.24
N TRP C 97 -12.09 23.60 5.18
CA TRP C 97 -11.67 23.29 3.81
C TRP C 97 -10.99 24.50 3.11
N SER C 98 -11.51 25.72 3.37
CA SER C 98 -10.99 26.96 2.73
C SER C 98 -10.17 27.84 3.70
N ASP C 99 -9.42 28.79 3.12
CA ASP C 99 -8.60 29.73 3.91
C ASP C 99 -9.26 31.12 3.97
N ILE C 100 -8.64 32.05 4.72
CA ILE C 100 -9.19 33.43 4.86
C ILE C 100 -8.97 34.22 3.57
N GLU C 101 -9.63 35.40 3.46
CA GLU C 101 -9.45 36.27 2.28
C GLU C 101 -8.95 37.65 2.72
N CYS C 102 -7.96 38.17 1.99
CA CYS C 102 -7.40 39.49 2.28
C CYS C 102 -7.55 40.40 1.07
N VAL C 103 -7.85 41.68 1.32
CA VAL C 103 -8.02 42.68 0.26
C VAL C 103 -7.32 43.98 0.64
N HIS C 104 -7.02 44.80 -0.36
CA HIS C 104 -6.35 46.09 -0.13
C HIS C 104 -7.36 47.23 -0.08
N LYS C 105 -7.24 48.08 0.94
CA LYS C 105 -8.13 49.23 1.12
C LYS C 105 -9.61 48.81 1.02
N GLU C 106 -10.51 49.79 1.15
CA GLU C 106 -11.95 49.53 1.09
C GLU C 106 -12.41 49.45 -0.37
N SER C 107 -13.68 49.07 -0.57
CA SER C 107 -14.25 48.96 -1.92
C SER C 107 -14.70 50.33 -2.41
N GLY C 108 -15.50 51.03 -1.60
CA GLY C 108 -16.01 52.35 -1.97
C GLY C 108 -15.93 53.31 -0.77
N ASP C 109 -16.42 54.54 -0.96
CA ASP C 109 -16.39 55.55 0.10
C ASP C 109 -17.75 56.25 0.21
N SER A 1 37.02 3.85 -10.83
CA SER A 1 36.84 2.44 -10.34
C SER A 1 38.21 1.84 -9.98
N GLU A 2 39.10 2.68 -9.44
CA GLU A 2 40.45 2.24 -9.05
C GLU A 2 40.91 2.96 -7.77
N GLY A 3 39.96 3.34 -6.91
CA GLY A 3 40.26 4.04 -5.67
C GLY A 3 39.05 4.05 -4.72
N LEU A 4 38.68 2.89 -4.19
CA LEU A 4 37.55 2.79 -3.27
C LEU A 4 38.04 2.50 -1.85
N CYS A 5 37.29 2.99 -0.85
CA CYS A 5 37.65 2.78 0.56
C CYS A 5 36.50 2.05 1.30
N PRO A 6 36.80 1.20 2.29
CA PRO A 6 35.75 0.44 3.05
C PRO A 6 34.84 1.36 3.88
N PRO A 7 33.71 0.84 4.39
CA PRO A 7 32.76 1.66 5.22
C PRO A 7 33.48 2.31 6.41
N GLY A 8 33.06 3.53 6.76
CA GLY A 8 33.67 4.27 7.86
C GLY A 8 34.88 5.10 7.39
N HIS A 9 35.37 4.83 6.16
CA HIS A 9 36.52 5.54 5.62
C HIS A 9 36.16 6.21 4.28
N HIS A 10 36.92 7.25 3.93
CA HIS A 10 36.71 7.96 2.67
C HIS A 10 38.06 8.19 1.98
N ILE A 11 38.06 8.34 0.64
CA ILE A 11 39.30 8.52 -0.11
C ILE A 11 39.36 9.92 -0.76
N SER A 12 40.56 10.52 -0.74
CA SER A 12 40.78 11.84 -1.30
C SER A 12 40.57 11.83 -2.81
N GLU A 13 40.52 13.02 -3.42
CA GLU A 13 40.33 13.16 -4.86
C GLU A 13 41.54 12.56 -5.62
N ASP A 14 42.71 12.56 -4.98
CA ASP A 14 43.93 12.03 -5.61
C ASP A 14 43.96 10.49 -5.57
N GLY A 15 42.97 9.86 -4.93
CA GLY A 15 42.90 8.39 -4.87
C GLY A 15 44.09 7.71 -4.13
N ARG A 16 45.12 8.46 -3.69
CA ARG A 16 46.26 7.85 -3.01
C ARG A 16 46.23 8.07 -1.49
N ASP A 17 45.06 8.43 -0.94
CA ASP A 17 44.95 8.66 0.51
C ASP A 17 43.52 8.38 1.03
N CYS A 18 43.44 7.68 2.16
CA CYS A 18 42.16 7.36 2.79
C CYS A 18 42.19 7.80 4.26
N ILE A 19 41.12 8.46 4.73
CA ILE A 19 41.07 8.95 6.11
C ILE A 19 39.87 8.37 6.86
N SER A 20 40.08 8.14 8.15
CA SER A 20 39.07 7.58 9.05
C SER A 20 38.05 8.63 9.49
N CYS A 21 36.79 8.20 9.65
CA CYS A 21 35.72 9.09 10.10
C CYS A 21 35.35 8.68 11.53
N LYS A 22 34.80 9.61 12.32
CA LYS A 22 34.50 9.32 13.73
C LYS A 22 33.05 8.94 13.97
N TYR A 23 32.86 8.04 14.94
CA TYR A 23 31.53 7.59 15.34
C TYR A 23 30.63 8.82 15.62
N GLY A 24 29.40 8.77 15.14
CA GLY A 24 28.43 9.85 15.38
C GLY A 24 28.54 11.08 14.44
N GLN A 25 29.73 11.37 13.84
CA GLN A 25 29.83 12.54 12.95
C GLN A 25 29.05 12.27 11.65
N ASP A 26 29.56 11.35 10.84
CA ASP A 26 28.94 10.95 9.58
C ASP A 26 29.34 9.50 9.31
N TYR A 27 28.65 8.81 8.41
CA TYR A 27 28.95 7.41 8.14
C TYR A 27 28.98 7.07 6.67
N SER A 28 29.51 5.88 6.42
CA SER A 28 29.54 5.33 5.08
C SER A 28 29.00 3.90 5.17
N THR A 29 28.02 3.58 4.34
CA THR A 29 27.40 2.25 4.34
C THR A 29 28.05 1.30 3.33
N HIS A 30 28.43 1.86 2.18
CA HIS A 30 29.04 1.09 1.10
C HIS A 30 30.39 1.71 0.72
N TRP A 31 31.24 0.95 -0.01
CA TRP A 31 32.55 1.46 -0.42
C TRP A 31 32.40 2.85 -1.04
N ASN A 32 33.01 3.84 -0.39
CA ASN A 32 32.89 5.23 -0.84
C ASN A 32 33.98 5.61 -1.84
N ASP A 33 33.63 6.52 -2.75
CA ASP A 33 34.56 7.02 -3.76
C ASP A 33 34.63 8.54 -3.69
N LEU A 34 34.72 9.04 -2.45
CA LEU A 34 34.79 10.48 -2.20
C LEU A 34 35.66 10.78 -0.97
N LEU A 35 35.88 12.06 -0.70
CA LEU A 35 36.69 12.48 0.46
C LEU A 35 35.82 12.81 1.68
N PHE A 36 34.49 12.84 1.50
CA PHE A 36 33.56 13.16 2.58
C PHE A 36 32.84 11.91 3.09
N CYS A 37 32.23 12.05 4.27
CA CYS A 37 31.46 10.98 4.89
C CYS A 37 29.99 11.40 4.79
N LEU A 38 29.05 10.45 4.67
CA LEU A 38 27.64 10.81 4.51
C LEU A 38 26.94 11.00 5.84
N ARG A 39 25.95 11.89 5.84
CA ARG A 39 25.17 12.18 7.04
C ARG A 39 24.36 10.96 7.48
N CYS A 40 24.15 10.84 8.80
CA CYS A 40 23.38 9.72 9.36
C CYS A 40 21.91 10.17 9.56
N THR A 41 21.00 9.21 9.43
CA THR A 41 19.56 9.48 9.56
C THR A 41 19.10 9.38 11.01
N ARG A 42 18.22 10.29 11.40
CA ARG A 42 17.69 10.34 12.76
C ARG A 42 16.16 10.15 12.74
N CYS A 43 15.60 9.63 13.84
CA CYS A 43 14.15 9.37 13.91
C CYS A 43 13.47 10.28 14.94
N ASP A 44 12.16 10.51 14.72
CA ASP A 44 11.35 11.35 15.60
C ASP A 44 10.11 10.60 16.09
N SER A 45 9.41 11.17 17.08
CA SER A 45 8.21 10.55 17.64
C SER A 45 7.25 10.11 16.53
N GLY A 46 6.53 9.03 16.77
CA GLY A 46 5.61 8.47 15.77
C GLY A 46 6.33 7.47 14.86
N GLU A 47 7.68 7.48 14.91
CA GLU A 47 8.49 6.56 14.10
C GLU A 47 9.30 5.64 15.01
N VAL A 48 9.61 4.45 14.52
CA VAL A 48 10.38 3.47 15.29
C VAL A 48 11.76 3.24 14.66
N GLU A 49 12.76 3.15 15.53
CA GLU A 49 14.14 2.89 15.11
C GLU A 49 14.41 1.39 15.15
N LEU A 50 14.80 0.81 14.00
CA LEU A 50 15.03 -0.65 13.93
C LEU A 50 16.53 -1.01 14.04
N SER A 51 17.40 -0.25 13.35
CA SER A 51 18.83 -0.54 13.36
C SER A 51 19.66 0.69 13.81
N PRO A 52 20.81 0.50 14.48
CA PRO A 52 21.70 1.62 14.96
C PRO A 52 22.55 2.26 13.84
N CYS A 53 22.98 3.51 14.08
CA CYS A 53 23.85 4.26 13.16
C CYS A 53 25.29 4.24 13.72
N THR A 54 26.27 3.91 12.86
CA THR A 54 27.68 3.84 13.28
C THR A 54 28.61 3.94 12.06
N THR A 55 29.93 4.08 12.30
CA THR A 55 30.90 4.16 11.19
C THR A 55 30.77 2.96 10.24
N THR A 56 30.12 1.89 10.71
CA THR A 56 29.90 0.70 9.90
C THR A 56 28.41 0.32 9.86
N ARG A 57 27.52 1.22 10.35
CA ARG A 57 26.08 0.94 10.37
C ARG A 57 25.24 2.20 10.07
N ASN A 58 23.99 1.98 9.67
CA ASN A 58 23.05 3.06 9.34
C ASN A 58 21.77 2.94 10.17
N THR A 59 21.21 4.08 10.64
CA THR A 59 19.97 4.03 11.44
C THR A 59 18.78 3.91 10.51
N VAL A 60 17.84 3.06 10.92
CA VAL A 60 16.65 2.82 10.15
C VAL A 60 15.46 3.49 10.82
N CYS A 61 14.67 4.19 10.01
CA CYS A 61 13.47 4.83 10.49
C CYS A 61 12.30 4.08 9.87
N GLN A 62 11.27 3.93 10.67
CA GLN A 62 10.05 3.25 10.30
C GLN A 62 8.90 3.97 10.94
N CYS A 63 7.71 3.89 10.36
CA CYS A 63 6.55 4.59 10.93
C CYS A 63 5.54 3.56 11.47
N GLU A 64 4.72 3.99 12.42
CA GLU A 64 3.76 3.09 13.07
C GLU A 64 2.67 2.65 12.10
N GLU A 65 2.25 1.38 12.23
CA GLU A 65 1.23 0.80 11.36
C GLU A 65 0.00 1.70 11.27
N GLY A 66 -0.67 1.67 10.12
CA GLY A 66 -1.85 2.49 9.89
C GLY A 66 -1.51 3.83 9.23
N THR A 67 -0.20 4.17 9.18
CA THR A 67 0.25 5.43 8.57
C THR A 67 1.06 5.15 7.30
N PHE A 68 1.23 6.16 6.42
CA PHE A 68 1.99 5.96 5.16
C PHE A 68 2.84 7.20 4.81
N ARG A 69 4.02 6.98 4.21
CA ARG A 69 4.90 8.08 3.82
C ARG A 69 5.11 8.11 2.30
N GLU A 70 4.60 9.17 1.69
CA GLU A 70 4.72 9.37 0.26
C GLU A 70 5.88 10.32 -0.04
N GLU A 71 6.55 10.12 -1.18
CA GLU A 71 7.69 10.94 -1.58
C GLU A 71 7.31 12.42 -1.74
N ASP A 72 6.02 12.67 -1.93
CA ASP A 72 5.51 14.03 -2.10
C ASP A 72 5.41 14.76 -0.75
N SER A 73 5.32 14.00 0.35
CA SER A 73 5.23 14.58 1.69
C SER A 73 6.63 14.76 2.30
N PRO A 74 6.84 15.74 3.18
CA PRO A 74 8.17 15.98 3.81
C PRO A 74 8.41 15.10 5.05
N GLU A 75 9.02 13.92 4.86
CA GLU A 75 9.31 12.97 5.97
C GLU A 75 8.15 12.91 6.99
N MET A 76 6.96 12.61 6.49
CA MET A 76 5.76 12.52 7.32
C MET A 76 4.98 11.25 6.98
N CYS A 77 4.11 10.81 7.90
CA CYS A 77 3.29 9.63 7.67
C CYS A 77 1.81 10.03 7.80
N ARG A 78 0.94 9.48 6.95
CA ARG A 78 -0.48 9.83 6.99
C ARG A 78 -1.31 8.57 7.16
N LYS A 79 -2.50 8.71 7.71
CA LYS A 79 -3.37 7.56 7.94
C LYS A 79 -3.79 6.97 6.60
N CYS A 80 -3.67 5.64 6.49
CA CYS A 80 -4.01 4.95 5.25
C CYS A 80 -5.51 5.08 5.02
N ARG A 81 -5.91 4.96 3.74
CA ARG A 81 -7.32 5.09 3.37
C ARG A 81 -8.22 4.27 4.31
N THR A 82 -9.08 4.98 5.03
CA THR A 82 -10.01 4.36 5.99
C THR A 82 -11.27 3.82 5.28
N GLY A 83 -11.21 3.71 3.94
CA GLY A 83 -12.35 3.22 3.15
C GLY A 83 -12.07 3.45 1.66
N CYS A 84 -11.79 2.37 0.92
CA CYS A 84 -11.50 2.47 -0.52
C CYS A 84 -12.56 3.34 -1.23
N PRO A 85 -12.22 4.02 -2.32
CA PRO A 85 -13.20 4.88 -3.07
C PRO A 85 -14.46 4.10 -3.45
N ARG A 86 -15.61 4.80 -3.44
CA ARG A 86 -16.89 4.18 -3.79
C ARG A 86 -16.79 3.41 -5.10
N GLY A 87 -17.09 2.11 -5.06
CA GLY A 87 -17.01 1.25 -6.24
C GLY A 87 -15.76 0.36 -6.23
N MET A 88 -14.92 0.50 -5.18
CA MET A 88 -13.69 -0.29 -5.07
C MET A 88 -13.79 -1.25 -3.87
N VAL A 89 -12.76 -2.09 -3.69
CA VAL A 89 -12.76 -3.07 -2.59
C VAL A 89 -11.36 -3.17 -1.95
N LYS A 90 -11.31 -3.66 -0.70
CA LYS A 90 -10.06 -3.81 0.05
C LYS A 90 -9.30 -5.09 -0.34
N VAL A 91 -7.98 -4.98 -0.56
CA VAL A 91 -7.16 -6.15 -0.92
C VAL A 91 -5.67 -5.98 -0.56
N GLY A 92 -5.19 -4.72 -0.34
CA GLY A 92 -3.76 -4.53 -0.05
C GLY A 92 -3.47 -4.05 1.38
N ASP A 93 -2.29 -4.44 1.84
CA ASP A 93 -1.73 -4.12 3.15
C ASP A 93 -1.04 -2.75 3.13
N CYS A 94 -1.10 -2.03 4.27
CA CYS A 94 -0.51 -0.69 4.33
C CYS A 94 0.79 -0.72 5.12
N THR A 95 1.83 -0.19 4.47
CA THR A 95 3.17 -0.13 5.02
C THR A 95 3.49 1.31 5.44
N PRO A 96 4.18 1.53 6.56
CA PRO A 96 4.49 2.91 7.05
C PRO A 96 4.92 3.86 5.92
N TRP A 97 5.42 3.31 4.81
CA TRP A 97 5.84 4.12 3.66
C TRP A 97 4.76 4.14 2.55
N SER A 98 4.18 2.96 2.21
CA SER A 98 3.18 2.89 1.13
C SER A 98 1.73 2.85 1.66
N ASP A 99 0.77 3.10 0.76
CA ASP A 99 -0.66 3.11 1.11
C ASP A 99 -1.32 1.75 0.81
N ILE A 100 -2.61 1.61 1.16
CA ILE A 100 -3.36 0.38 0.93
C ILE A 100 -3.65 0.18 -0.57
N GLU A 101 -4.25 -0.97 -0.91
CA GLU A 101 -4.62 -1.24 -2.31
C GLU A 101 -6.13 -1.42 -2.43
N CYS A 102 -6.71 -0.74 -3.42
CA CYS A 102 -8.15 -0.82 -3.68
C CYS A 102 -8.37 -1.36 -5.10
N VAL A 103 -9.42 -2.17 -5.27
CA VAL A 103 -9.71 -2.76 -6.60
C VAL A 103 -11.18 -2.53 -6.99
N HIS A 104 -11.39 -2.20 -8.27
CA HIS A 104 -12.72 -1.95 -8.81
C HIS A 104 -13.21 -3.18 -9.60
N LYS A 105 -14.47 -3.56 -9.39
CA LYS A 105 -15.04 -4.72 -10.08
C LYS A 105 -16.55 -4.57 -10.24
N GLU A 106 -17.26 -4.35 -9.13
CA GLU A 106 -18.71 -4.19 -9.16
C GLU A 106 -19.13 -2.75 -8.85
N SER A 107 -19.99 -2.20 -9.70
CA SER A 107 -20.48 -0.83 -9.52
C SER A 107 -21.83 -0.65 -10.24
N GLY A 108 -21.86 -1.01 -11.53
CA GLY A 108 -23.09 -0.91 -12.32
C GLY A 108 -22.81 -1.23 -13.79
N ASP A 109 -22.61 -0.19 -14.60
CA ASP A 109 -22.34 -0.36 -16.03
C ASP A 109 -23.43 -1.21 -16.70
N SER B 1 29.38 4.79 -4.86
CA SER B 1 27.92 4.91 -4.57
C SER B 1 27.15 5.01 -5.89
N GLU B 2 26.14 4.14 -6.06
CA GLU B 2 25.33 4.13 -7.28
C GLU B 2 23.86 4.43 -6.96
N GLY B 3 23.33 3.79 -5.92
CA GLY B 3 21.94 3.99 -5.50
C GLY B 3 21.06 2.78 -5.82
N LEU B 4 21.59 1.57 -5.62
CA LEU B 4 20.84 0.34 -5.87
C LEU B 4 20.64 -0.43 -4.56
N CYS B 5 19.48 -1.09 -4.42
CA CYS B 5 19.17 -1.86 -3.22
C CYS B 5 18.82 -3.32 -3.58
N PRO B 6 19.36 -4.33 -2.87
CA PRO B 6 19.08 -5.77 -3.17
C PRO B 6 17.63 -6.19 -2.86
N PRO B 7 17.19 -7.36 -3.31
CA PRO B 7 15.78 -7.84 -3.06
C PRO B 7 15.43 -7.79 -1.57
N GLY B 8 14.16 -7.44 -1.28
CA GLY B 8 13.69 -7.34 0.10
C GLY B 8 14.02 -5.97 0.73
N HIS B 9 14.75 -5.12 -0.01
CA HIS B 9 15.14 -3.81 0.49
C HIS B 9 14.69 -2.68 -0.46
N HIS B 10 14.52 -1.48 0.11
CA HIS B 10 14.10 -0.30 -0.63
C HIS B 10 14.96 0.91 -0.23
N ILE B 11 15.04 1.92 -1.10
CA ILE B 11 15.89 3.10 -0.83
C ILE B 11 15.02 4.35 -0.59
N SER B 12 15.27 5.04 0.54
CA SER B 12 14.48 6.22 0.92
C SER B 12 14.56 7.32 -0.14
N GLU B 13 13.68 8.31 0.00
CA GLU B 13 13.57 9.45 -0.92
C GLU B 13 14.90 10.16 -1.14
N ASP B 14 15.70 10.24 -0.09
CA ASP B 14 16.99 10.93 -0.14
C ASP B 14 18.07 10.11 -0.88
N GLY B 15 17.73 8.90 -1.33
CA GLY B 15 18.66 8.07 -2.09
C GLY B 15 19.95 7.66 -1.33
N ARG B 16 20.17 8.14 -0.09
CA ARG B 16 21.38 7.81 0.65
C ARG B 16 21.15 6.74 1.73
N ASP B 17 19.96 6.11 1.78
CA ASP B 17 19.70 5.09 2.78
C ASP B 17 18.80 3.99 2.22
N CYS B 18 19.04 2.76 2.69
CA CYS B 18 18.23 1.62 2.26
C CYS B 18 17.69 0.93 3.50
N ILE B 19 16.39 0.63 3.48
CA ILE B 19 15.72 0.04 4.64
C ILE B 19 15.06 -1.31 4.30
N SER B 20 15.10 -2.19 5.30
CA SER B 20 14.53 -3.54 5.24
C SER B 20 13.00 -3.51 5.22
N CYS B 21 12.39 -4.46 4.50
CA CYS B 21 10.92 -4.54 4.41
C CYS B 21 10.49 -5.74 5.26
N LYS B 22 9.29 -5.65 5.85
CA LYS B 22 8.83 -6.68 6.78
C LYS B 22 8.24 -7.90 6.10
N TYR B 23 8.44 -9.05 6.73
CA TYR B 23 7.95 -10.33 6.22
C TYR B 23 6.44 -10.24 6.00
N GLY B 24 6.01 -10.53 4.77
CA GLY B 24 4.58 -10.50 4.43
C GLY B 24 4.03 -9.08 4.17
N GLN B 25 4.65 -8.00 4.73
CA GLN B 25 4.13 -6.64 4.47
C GLN B 25 4.38 -6.25 3.02
N ASP B 26 5.50 -6.72 2.46
CA ASP B 26 5.88 -6.42 1.08
C ASP B 26 7.27 -6.99 0.80
N TYR B 27 7.65 -7.06 -0.49
CA TYR B 27 8.97 -7.57 -0.87
C TYR B 27 9.44 -7.01 -2.22
N SER B 28 10.68 -7.36 -2.57
CA SER B 28 11.28 -6.97 -3.85
C SER B 28 11.92 -8.22 -4.47
N THR B 29 11.63 -8.49 -5.74
CA THR B 29 12.16 -9.70 -6.40
C THR B 29 13.50 -9.47 -7.10
N HIS B 30 13.70 -8.29 -7.69
CA HIS B 30 14.95 -7.98 -8.41
C HIS B 30 15.55 -6.65 -7.96
N TRP B 31 16.86 -6.48 -8.26
CA TRP B 31 17.58 -5.25 -7.91
C TRP B 31 16.79 -4.02 -8.35
N ASN B 32 16.53 -3.10 -7.41
CA ASN B 32 15.77 -1.89 -7.70
C ASN B 32 16.34 -0.70 -6.93
N ASP B 33 15.92 0.51 -7.33
CA ASP B 33 16.38 1.73 -6.68
C ASP B 33 15.21 2.69 -6.44
N LEU B 34 14.23 2.21 -5.65
CA LEU B 34 13.04 3.01 -5.34
C LEU B 34 12.65 2.89 -3.86
N LEU B 35 11.96 3.92 -3.37
CA LEU B 35 11.49 3.95 -1.98
C LEU B 35 10.21 3.11 -1.79
N PHE B 36 9.79 2.38 -2.83
CA PHE B 36 8.60 1.55 -2.76
C PHE B 36 8.96 0.07 -2.64
N CYS B 37 8.15 -0.65 -1.87
CA CYS B 37 8.32 -2.07 -1.67
C CYS B 37 7.15 -2.74 -2.39
N LEU B 38 7.39 -3.84 -3.11
CA LEU B 38 6.30 -4.48 -3.86
C LEU B 38 5.34 -5.23 -2.94
N ARG B 39 4.07 -4.91 -3.09
CA ARG B 39 3.00 -5.49 -2.29
C ARG B 39 2.90 -7.01 -2.51
N CYS B 40 2.43 -7.70 -1.45
CA CYS B 40 2.29 -9.15 -1.48
C CYS B 40 0.86 -9.53 -1.93
N THR B 41 0.78 -10.61 -2.71
CA THR B 41 -0.49 -11.09 -3.27
C THR B 41 -1.22 -12.00 -2.29
N ARG B 42 -2.54 -11.86 -2.25
CA ARG B 42 -3.39 -12.65 -1.35
C ARG B 42 -4.42 -13.42 -2.18
N CYS B 43 -4.91 -14.55 -1.65
CA CYS B 43 -5.89 -15.38 -2.36
C CYS B 43 -7.23 -15.32 -1.62
N ASP B 44 -8.32 -15.60 -2.35
CA ASP B 44 -9.68 -15.54 -1.79
C ASP B 44 -10.24 -16.93 -1.57
N SER B 45 -11.38 -17.00 -0.84
CA SER B 45 -12.04 -18.27 -0.54
C SER B 45 -12.17 -19.11 -1.81
N GLY B 46 -12.09 -20.43 -1.64
CA GLY B 46 -12.16 -21.35 -2.77
C GLY B 46 -10.75 -21.57 -3.37
N GLU B 47 -9.80 -20.70 -3.00
CA GLU B 47 -8.42 -20.82 -3.46
C GLU B 47 -7.49 -21.00 -2.27
N VAL B 48 -6.40 -21.75 -2.46
CA VAL B 48 -5.44 -22.01 -1.37
C VAL B 48 -4.09 -21.35 -1.68
N GLU B 49 -3.33 -21.07 -0.62
CA GLU B 49 -2.00 -20.45 -0.78
C GLU B 49 -0.98 -21.55 -1.07
N LEU B 50 -0.38 -21.54 -2.27
CA LEU B 50 0.60 -22.55 -2.63
C LEU B 50 1.94 -22.28 -1.94
N SER B 51 2.36 -21.02 -1.98
CA SER B 51 3.60 -20.60 -1.35
C SER B 51 3.47 -19.17 -0.78
N PRO B 52 3.73 -18.92 0.51
CA PRO B 52 3.64 -17.53 1.09
C PRO B 52 4.79 -16.64 0.58
N CYS B 53 4.62 -15.31 0.68
CA CYS B 53 5.66 -14.39 0.21
C CYS B 53 6.48 -13.86 1.37
N THR B 54 7.78 -13.76 1.12
CA THR B 54 8.73 -13.25 2.08
C THR B 54 9.42 -12.04 1.48
N THR B 55 10.32 -11.41 2.23
CA THR B 55 11.04 -10.23 1.71
C THR B 55 11.74 -10.56 0.38
N THR B 56 11.94 -11.86 0.09
CA THR B 56 12.59 -12.27 -1.16
C THR B 56 11.75 -13.29 -1.95
N ARG B 57 10.46 -13.47 -1.62
CA ARG B 57 9.61 -14.44 -2.33
C ARG B 57 8.21 -13.88 -2.65
N ASN B 58 7.59 -14.42 -3.70
CA ASN B 58 6.27 -14.02 -4.17
C ASN B 58 5.20 -15.07 -3.82
N THR B 59 3.99 -14.60 -3.42
CA THR B 59 2.90 -15.52 -3.04
C THR B 59 2.13 -15.98 -4.30
N VAL B 60 1.81 -17.27 -4.32
CA VAL B 60 1.07 -17.88 -5.43
C VAL B 60 -0.30 -18.35 -4.93
N CYS B 61 -1.30 -18.35 -5.82
CA CYS B 61 -2.65 -18.78 -5.46
C CYS B 61 -2.96 -20.12 -6.12
N GLN B 62 -3.74 -20.93 -5.42
CA GLN B 62 -4.12 -22.26 -5.85
C GLN B 62 -5.64 -22.40 -5.89
N CYS B 63 -6.14 -23.28 -6.73
CA CYS B 63 -7.59 -23.51 -6.85
C CYS B 63 -7.89 -24.92 -6.33
N GLU B 64 -9.04 -25.07 -5.67
CA GLU B 64 -9.41 -26.35 -5.07
C GLU B 64 -9.73 -27.41 -6.13
N GLU B 65 -9.57 -28.68 -5.75
CA GLU B 65 -9.81 -29.80 -6.67
C GLU B 65 -11.17 -29.67 -7.34
N GLY B 66 -11.24 -30.03 -8.62
CA GLY B 66 -12.48 -29.95 -9.39
C GLY B 66 -12.55 -28.66 -10.23
N THR B 67 -11.56 -27.77 -10.08
CA THR B 67 -11.53 -26.51 -10.84
C THR B 67 -10.35 -26.49 -11.81
N PHE B 68 -10.40 -25.59 -12.82
CA PHE B 68 -9.33 -25.51 -13.81
C PHE B 68 -8.99 -24.03 -14.07
N ARG B 69 -7.70 -23.74 -14.31
CA ARG B 69 -7.29 -22.36 -14.59
C ARG B 69 -6.00 -22.30 -15.42
N GLU B 70 -6.12 -21.73 -16.62
CA GLU B 70 -4.98 -21.58 -17.52
C GLU B 70 -4.44 -20.15 -17.45
N GLU B 71 -3.14 -19.97 -17.68
CA GLU B 71 -2.52 -18.65 -17.62
C GLU B 71 -3.23 -17.64 -18.54
N ASP B 72 -3.97 -18.16 -19.51
CA ASP B 72 -4.70 -17.33 -20.46
C ASP B 72 -6.16 -17.09 -20.00
N SER B 73 -6.47 -17.40 -18.74
CA SER B 73 -7.82 -17.22 -18.20
C SER B 73 -7.90 -15.94 -17.34
N PRO B 74 -9.07 -15.29 -17.25
CA PRO B 74 -9.24 -14.05 -16.44
C PRO B 74 -9.40 -14.34 -14.94
N GLU B 75 -8.30 -14.75 -14.29
CA GLU B 75 -8.28 -15.07 -12.84
C GLU B 75 -9.57 -15.79 -12.40
N MET B 76 -10.02 -16.75 -13.21
CA MET B 76 -11.22 -17.52 -12.92
C MET B 76 -10.91 -19.02 -12.93
N CYS B 77 -11.79 -19.82 -12.31
CA CYS B 77 -11.62 -21.27 -12.27
C CYS B 77 -12.86 -21.94 -12.88
N ARG B 78 -12.65 -23.01 -13.66
CA ARG B 78 -13.76 -23.71 -14.31
C ARG B 78 -13.81 -25.16 -13.84
N LYS B 79 -15.00 -25.74 -13.89
CA LYS B 79 -15.20 -27.13 -13.45
C LYS B 79 -14.48 -28.10 -14.39
N CYS B 80 -13.59 -28.92 -13.81
CA CYS B 80 -12.84 -29.90 -14.57
C CYS B 80 -13.76 -31.03 -15.03
N ARG B 81 -13.57 -31.48 -16.28
CA ARG B 81 -14.38 -32.56 -16.84
C ARG B 81 -14.11 -33.86 -16.10
N THR B 82 -15.19 -34.58 -15.76
CA THR B 82 -15.08 -35.85 -15.04
C THR B 82 -15.14 -37.06 -16.00
N GLY B 83 -15.63 -36.84 -17.23
CA GLY B 83 -15.74 -37.91 -18.23
C GLY B 83 -16.05 -37.34 -19.61
N CYS B 84 -15.33 -37.81 -20.62
CA CYS B 84 -15.52 -37.36 -22.00
C CYS B 84 -16.65 -38.16 -22.68
N PRO B 85 -17.19 -37.69 -23.81
CA PRO B 85 -18.28 -38.39 -24.54
C PRO B 85 -18.05 -39.91 -24.65
N ARG B 86 -19.09 -40.64 -25.05
CA ARG B 86 -19.01 -42.10 -25.18
C ARG B 86 -17.84 -42.51 -26.09
N GLY B 87 -17.70 -41.83 -27.24
CA GLY B 87 -16.63 -42.15 -28.19
C GLY B 87 -15.30 -41.49 -27.80
N MET B 88 -14.98 -41.53 -26.50
CA MET B 88 -13.74 -40.96 -25.99
C MET B 88 -13.30 -41.71 -24.73
N VAL B 89 -12.01 -41.61 -24.40
CA VAL B 89 -11.47 -42.28 -23.21
C VAL B 89 -10.67 -41.30 -22.35
N LYS B 90 -11.01 -41.22 -21.06
CA LYS B 90 -10.29 -40.36 -20.12
C LYS B 90 -8.98 -41.04 -19.72
N VAL B 91 -7.86 -40.33 -19.86
CA VAL B 91 -6.54 -40.89 -19.52
C VAL B 91 -5.61 -39.88 -18.83
N GLY B 92 -6.07 -38.62 -18.65
CA GLY B 92 -5.22 -37.61 -18.01
C GLY B 92 -5.75 -37.16 -16.66
N ASP B 93 -4.82 -36.78 -15.81
CA ASP B 93 -5.08 -36.29 -14.45
C ASP B 93 -5.41 -34.80 -14.47
N CYS B 94 -6.31 -34.35 -13.57
CA CYS B 94 -6.71 -32.94 -13.57
C CYS B 94 -6.08 -32.21 -12.39
N THR B 95 -5.38 -31.14 -12.75
CA THR B 95 -4.70 -30.26 -11.81
C THR B 95 -5.42 -28.89 -11.80
N PRO B 96 -5.62 -28.24 -10.66
CA PRO B 96 -6.37 -26.94 -10.60
C PRO B 96 -6.02 -25.98 -11.75
N TRP B 97 -4.84 -26.15 -12.36
CA TRP B 97 -4.41 -25.29 -13.46
C TRP B 97 -4.89 -25.83 -14.84
N SER B 98 -4.66 -27.14 -15.06
CA SER B 98 -5.03 -27.80 -16.32
C SER B 98 -6.26 -28.72 -16.20
N ASP B 99 -6.84 -29.10 -17.34
CA ASP B 99 -8.00 -29.98 -17.38
C ASP B 99 -7.58 -31.43 -17.68
N ILE B 100 -8.55 -32.37 -17.63
CA ILE B 100 -8.26 -33.80 -17.90
C ILE B 100 -7.83 -34.00 -19.35
N GLU B 101 -7.33 -35.21 -19.66
CA GLU B 101 -6.91 -35.53 -21.03
C GLU B 101 -7.77 -36.68 -21.57
N CYS B 102 -8.27 -36.52 -22.79
CA CYS B 102 -9.09 -37.56 -23.42
C CYS B 102 -8.47 -37.98 -24.75
N VAL B 103 -8.55 -39.28 -25.03
CA VAL B 103 -7.98 -39.84 -26.26
C VAL B 103 -8.91 -40.93 -26.82
N HIS B 104 -8.90 -41.10 -28.15
CA HIS B 104 -9.73 -42.10 -28.81
C HIS B 104 -8.88 -43.32 -29.20
N LYS B 105 -9.39 -44.52 -28.89
CA LYS B 105 -8.67 -45.76 -29.20
C LYS B 105 -9.63 -46.80 -29.80
N GLU B 106 -10.69 -47.13 -29.05
CA GLU B 106 -11.67 -48.12 -29.49
C GLU B 106 -13.05 -47.85 -28.86
N SER B 107 -14.10 -48.28 -29.54
CA SER B 107 -15.47 -48.09 -29.06
C SER B 107 -16.27 -49.40 -29.15
N GLY B 108 -15.93 -50.25 -30.12
CA GLY B 108 -16.61 -51.53 -30.30
C GLY B 108 -16.97 -51.79 -31.78
N ASP B 109 -16.29 -51.09 -32.70
CA ASP B 109 -16.54 -51.25 -34.14
C ASP B 109 -18.02 -51.08 -34.45
N SER C 1 -30.07 -19.27 -9.36
CA SER C 1 -30.97 -18.23 -9.93
C SER C 1 -30.73 -16.90 -9.20
N GLU C 2 -30.22 -15.91 -9.94
CA GLU C 2 -29.94 -14.59 -9.37
C GLU C 2 -29.04 -14.71 -8.13
N GLY C 3 -27.75 -15.02 -8.36
CA GLY C 3 -26.80 -15.17 -7.26
C GLY C 3 -26.22 -13.82 -6.83
N LEU C 4 -27.11 -12.83 -6.66
CA LEU C 4 -26.71 -11.48 -6.24
C LEU C 4 -27.21 -11.18 -4.84
N CYS C 5 -26.53 -10.27 -4.13
CA CYS C 5 -26.93 -9.89 -2.78
C CYS C 5 -27.25 -8.36 -2.75
N PRO C 6 -28.41 -7.93 -2.23
CA PRO C 6 -28.78 -6.48 -2.20
C PRO C 6 -27.83 -5.65 -1.31
N PRO C 7 -27.88 -4.32 -1.39
CA PRO C 7 -27.00 -3.43 -0.55
C PRO C 7 -27.14 -3.73 0.93
N GLY C 8 -26.01 -3.75 1.64
CA GLY C 8 -26.01 -4.01 3.08
C GLY C 8 -25.77 -5.51 3.38
N HIS C 9 -25.60 -6.34 2.35
CA HIS C 9 -25.39 -7.76 2.53
C HIS C 9 -24.27 -8.29 1.63
N HIS C 10 -23.59 -9.35 2.09
CA HIS C 10 -22.51 -9.99 1.34
C HIS C 10 -22.81 -11.47 1.16
N ILE C 11 -22.22 -12.10 0.13
CA ILE C 11 -22.48 -13.51 -0.16
C ILE C 11 -21.23 -14.38 0.06
N SER C 12 -21.45 -15.66 0.42
CA SER C 12 -20.35 -16.59 0.65
C SER C 12 -19.71 -17.03 -0.66
N GLU C 13 -18.61 -17.76 -0.58
CA GLU C 13 -17.90 -18.24 -1.76
C GLU C 13 -18.76 -19.23 -2.55
N ASP C 14 -19.51 -20.08 -1.84
CA ASP C 14 -20.36 -21.08 -2.48
C ASP C 14 -21.67 -20.46 -3.02
N GLY C 15 -21.89 -19.16 -2.79
CA GLY C 15 -23.10 -18.48 -3.28
C GLY C 15 -24.43 -19.03 -2.72
N ARG C 16 -24.42 -20.11 -1.92
CA ARG C 16 -25.66 -20.68 -1.37
C ARG C 16 -26.23 -19.88 -0.19
N ASP C 17 -25.48 -18.90 0.34
CA ASP C 17 -25.97 -18.11 1.47
C ASP C 17 -25.40 -16.69 1.49
N CYS C 18 -26.18 -15.77 2.07
CA CYS C 18 -25.77 -14.37 2.19
C CYS C 18 -25.90 -13.92 3.64
N ILE C 19 -24.87 -13.21 4.15
CA ILE C 19 -24.87 -12.73 5.52
C ILE C 19 -25.12 -11.21 5.55
N SER C 20 -25.82 -10.77 6.58
CA SER C 20 -26.16 -9.35 6.74
C SER C 20 -25.02 -8.54 7.35
N CYS C 21 -24.87 -7.30 6.86
CA CYS C 21 -23.84 -6.39 7.36
C CYS C 21 -24.58 -5.25 8.10
N LYS C 22 -24.09 -4.86 9.28
CA LYS C 22 -24.77 -3.86 10.09
C LYS C 22 -24.03 -2.52 10.15
N TYR C 23 -24.83 -1.44 10.23
CA TYR C 23 -24.31 -0.07 10.33
C TYR C 23 -23.20 0.02 11.40
N GLY C 24 -22.17 0.82 11.12
CA GLY C 24 -21.06 1.00 12.06
C GLY C 24 -19.97 -0.08 11.92
N GLN C 25 -20.31 -1.30 11.45
CA GLN C 25 -19.29 -2.34 11.27
C GLN C 25 -18.80 -2.34 9.81
N ASP C 26 -19.72 -2.01 8.89
CA ASP C 26 -19.43 -1.94 7.45
C ASP C 26 -20.75 -1.70 6.70
N TYR C 27 -20.66 -1.33 5.42
CA TYR C 27 -21.88 -1.08 4.62
C TYR C 27 -21.63 -1.33 3.13
N SER C 28 -22.70 -1.22 2.35
CA SER C 28 -22.64 -1.36 0.90
C SER C 28 -23.66 -0.39 0.29
N THR C 29 -23.25 0.39 -0.70
CA THR C 29 -24.12 1.39 -1.33
C THR C 29 -24.94 0.79 -2.47
N HIS C 30 -24.33 -0.14 -3.23
CA HIS C 30 -25.02 -0.78 -4.36
C HIS C 30 -24.87 -2.30 -4.27
N TRP C 31 -25.73 -3.02 -5.01
CA TRP C 31 -25.69 -4.50 -4.99
C TRP C 31 -24.25 -4.99 -5.25
N ASN C 32 -23.90 -6.13 -4.64
CA ASN C 32 -22.55 -6.68 -4.79
C ASN C 32 -22.55 -8.20 -4.64
N ASP C 33 -21.38 -8.79 -4.92
CA ASP C 33 -21.20 -10.23 -4.81
C ASP C 33 -19.80 -10.55 -4.26
N LEU C 34 -19.56 -10.13 -3.01
CA LEU C 34 -18.26 -10.36 -2.37
C LEU C 34 -18.45 -10.97 -0.98
N LEU C 35 -17.33 -11.30 -0.33
CA LEU C 35 -17.36 -11.90 1.01
C LEU C 35 -17.27 -10.83 2.10
N PHE C 36 -16.64 -9.70 1.78
CA PHE C 36 -16.48 -8.59 2.72
C PHE C 36 -17.42 -7.43 2.35
N CYS C 37 -17.63 -6.52 3.30
CA CYS C 37 -18.51 -5.37 3.09
C CYS C 37 -17.66 -4.11 3.00
N LEU C 38 -18.20 -3.04 2.41
CA LEU C 38 -17.44 -1.78 2.27
C LEU C 38 -17.23 -1.17 3.66
N ARG C 39 -15.98 -0.88 3.96
CA ARG C 39 -15.58 -0.33 5.26
C ARG C 39 -16.20 1.04 5.53
N CYS C 40 -16.40 1.33 6.82
CA CYS C 40 -16.98 2.60 7.25
C CYS C 40 -15.83 3.58 7.53
N THR C 41 -16.02 4.84 7.15
CA THR C 41 -14.98 5.85 7.30
C THR C 41 -14.97 6.48 8.69
N ARG C 42 -13.79 6.56 9.27
CA ARG C 42 -13.58 7.13 10.59
C ARG C 42 -12.56 8.27 10.49
N CYS C 43 -12.61 9.23 11.42
CA CYS C 43 -11.68 10.37 11.39
C CYS C 43 -10.72 10.30 12.57
N ASP C 44 -9.51 10.83 12.37
CA ASP C 44 -8.47 10.82 13.40
C ASP C 44 -8.61 12.01 14.34
N SER C 45 -7.87 11.97 15.46
CA SER C 45 -7.90 13.04 16.45
C SER C 45 -7.74 14.40 15.77
N GLY C 46 -8.58 15.36 16.19
CA GLY C 46 -8.57 16.70 15.60
C GLY C 46 -9.64 16.82 14.50
N GLU C 47 -10.19 15.68 14.04
CA GLU C 47 -11.23 15.70 13.01
C GLU C 47 -12.54 15.14 13.57
N VAL C 48 -13.66 15.71 13.10
CA VAL C 48 -14.99 15.29 13.54
C VAL C 48 -15.75 14.63 12.38
N GLU C 49 -16.72 13.78 12.71
CA GLU C 49 -17.53 13.10 11.69
C GLU C 49 -18.72 14.00 11.34
N LEU C 50 -18.77 14.46 10.07
CA LEU C 50 -19.86 15.33 9.63
C LEU C 50 -21.17 14.56 9.55
N SER C 51 -21.09 13.34 9.00
CA SER C 51 -22.26 12.48 8.86
C SER C 51 -21.86 11.01 9.10
N PRO C 52 -22.48 10.29 10.05
CA PRO C 52 -22.13 8.85 10.32
C PRO C 52 -22.55 7.93 9.16
N CYS C 53 -21.92 6.74 9.08
CA CYS C 53 -22.22 5.80 8.02
C CYS C 53 -23.14 4.70 8.52
N THR C 54 -24.22 4.47 7.78
CA THR C 54 -25.17 3.42 8.11
C THR C 54 -24.97 2.27 7.14
N THR C 55 -25.78 1.22 7.27
CA THR C 55 -25.65 0.06 6.38
C THR C 55 -25.76 0.49 4.90
N THR C 56 -26.30 1.70 4.64
CA THR C 56 -26.46 2.19 3.27
C THR C 56 -25.83 3.59 3.04
N ARG C 57 -24.97 4.07 3.97
CA ARG C 57 -24.36 5.41 3.81
C ARG C 57 -22.87 5.43 4.17
N ASN C 58 -22.16 6.44 3.64
CA ASN C 58 -20.74 6.63 3.84
C ASN C 58 -20.44 7.81 4.80
N THR C 59 -19.46 7.63 5.72
CA THR C 59 -19.10 8.68 6.68
C THR C 59 -18.12 9.70 6.10
N VAL C 60 -18.36 10.98 6.39
CA VAL C 60 -17.51 12.08 5.92
C VAL C 60 -16.71 12.64 7.10
N CYS C 61 -15.51 13.17 6.83
CA CYS C 61 -14.67 13.72 7.90
C CYS C 61 -14.57 15.25 7.81
N GLN C 62 -14.43 15.87 8.98
CA GLN C 62 -14.36 17.32 9.12
C GLN C 62 -13.22 17.68 10.07
N CYS C 63 -12.68 18.89 9.95
CA CYS C 63 -11.58 19.33 10.82
C CYS C 63 -12.12 20.45 11.72
N GLU C 64 -11.51 20.61 12.89
CA GLU C 64 -11.98 21.58 13.87
C GLU C 64 -11.76 23.03 13.42
N GLU C 65 -12.64 23.92 13.86
CA GLU C 65 -12.57 25.34 13.51
C GLU C 65 -11.17 25.90 13.75
N GLY C 66 -10.78 26.87 12.93
CA GLY C 66 -9.46 27.49 13.05
C GLY C 66 -8.40 26.73 12.26
N THR C 67 -8.78 25.59 11.64
CA THR C 67 -7.84 24.78 10.86
C THR C 67 -8.18 24.84 9.37
N PHE C 68 -7.24 24.47 8.49
CA PHE C 68 -7.47 24.54 7.04
C PHE C 68 -6.90 23.30 6.32
N ARG C 69 -7.58 22.82 5.26
CA ARG C 69 -7.10 21.65 4.51
C ARG C 69 -7.19 21.90 2.99
N GLU C 70 -6.03 21.87 2.34
CA GLU C 70 -5.95 22.05 0.88
C GLU C 70 -6.03 20.71 0.16
N GLU C 71 -6.59 20.72 -1.06
CA GLU C 71 -6.76 19.50 -1.85
C GLU C 71 -5.44 18.74 -2.03
N ASP C 72 -4.32 19.42 -1.82
CA ASP C 72 -2.99 18.81 -1.96
C ASP C 72 -2.65 17.91 -0.75
N SER C 73 -3.40 18.07 0.35
CA SER C 73 -3.18 17.28 1.55
C SER C 73 -4.54 16.70 2.03
N PRO C 74 -4.85 15.44 1.73
CA PRO C 74 -6.16 14.82 2.14
C PRO C 74 -6.20 14.40 3.62
N GLU C 75 -5.11 14.61 4.36
CA GLU C 75 -5.09 14.22 5.78
C GLU C 75 -4.22 15.19 6.60
N MET C 76 -4.31 16.48 6.27
CA MET C 76 -3.54 17.51 6.98
C MET C 76 -4.40 18.77 7.19
N CYS C 77 -4.31 19.34 8.39
CA CYS C 77 -5.04 20.55 8.72
C CYS C 77 -4.04 21.61 9.20
N ARG C 78 -4.24 22.88 8.81
CA ARG C 78 -3.31 23.95 9.20
C ARG C 78 -4.03 25.10 9.88
N LYS C 79 -3.34 25.79 10.77
CA LYS C 79 -3.92 26.92 11.49
C LYS C 79 -4.19 28.09 10.53
N CYS C 80 -5.46 28.52 10.51
CA CYS C 80 -5.89 29.62 9.66
C CYS C 80 -5.27 30.93 10.16
N ARG C 81 -4.96 31.82 9.21
CA ARG C 81 -4.36 33.12 9.55
C ARG C 81 -5.37 33.97 10.33
N THR C 82 -4.97 34.37 11.54
CA THR C 82 -5.83 35.19 12.40
C THR C 82 -5.58 36.70 12.17
N GLY C 83 -4.70 37.04 11.23
CA GLY C 83 -4.38 38.44 10.93
C GLY C 83 -3.53 38.53 9.66
N CYS C 84 -4.15 39.01 8.57
CA CYS C 84 -3.45 39.16 7.29
C CYS C 84 -2.13 39.93 7.47
N PRO C 85 -1.11 39.71 6.63
CA PRO C 85 0.20 40.42 6.73
C PRO C 85 0.03 41.92 7.04
N ARG C 86 1.11 42.54 7.51
CA ARG C 86 1.09 43.97 7.84
C ARG C 86 0.60 44.79 6.65
N GLY C 87 -0.35 45.69 6.90
CA GLY C 87 -0.91 46.55 5.85
C GLY C 87 -1.95 45.79 5.02
N MET C 88 -2.68 44.87 5.66
CA MET C 88 -3.70 44.08 4.96
C MET C 88 -5.06 44.22 5.67
N VAL C 89 -6.11 43.73 5.01
CA VAL C 89 -7.46 43.80 5.56
C VAL C 89 -8.12 42.40 5.55
N LYS C 90 -8.65 42.00 6.72
CA LYS C 90 -9.31 40.70 6.85
C LYS C 90 -10.76 40.84 6.37
N VAL C 91 -11.28 39.81 5.69
CA VAL C 91 -12.66 39.89 5.19
C VAL C 91 -13.26 38.50 4.84
N GLY C 92 -12.46 37.41 4.88
CA GLY C 92 -13.01 36.09 4.53
C GLY C 92 -13.06 35.14 5.73
N ASP C 93 -14.05 34.26 5.68
CA ASP C 93 -14.32 33.24 6.71
C ASP C 93 -13.46 31.99 6.47
N CYS C 94 -13.04 31.33 7.56
CA CYS C 94 -12.20 30.14 7.43
C CYS C 94 -12.99 28.88 7.77
N THR C 95 -12.96 27.96 6.81
CA THR C 95 -13.62 26.66 6.89
C THR C 95 -12.55 25.57 6.97
N PRO C 96 -12.72 24.52 7.78
CA PRO C 96 -11.67 23.46 7.92
C PRO C 96 -11.04 23.06 6.57
N TRP C 97 -11.77 23.28 5.47
CA TRP C 97 -11.26 22.98 4.12
C TRP C 97 -10.62 24.23 3.46
N SER C 98 -11.17 25.43 3.70
CA SER C 98 -10.66 26.67 3.10
C SER C 98 -9.90 27.56 4.11
N ASP C 99 -9.13 28.53 3.59
CA ASP C 99 -8.36 29.44 4.42
C ASP C 99 -9.00 30.85 4.44
N ILE C 100 -8.58 31.70 5.38
CA ILE C 100 -9.12 33.07 5.48
C ILE C 100 -8.83 33.85 4.20
N GLU C 101 -9.54 34.97 4.00
CA GLU C 101 -9.31 35.80 2.80
C GLU C 101 -8.83 37.19 3.21
N CYS C 102 -7.84 37.70 2.47
CA CYS C 102 -7.28 39.02 2.73
C CYS C 102 -7.46 39.91 1.51
N VAL C 103 -7.76 41.18 1.75
CA VAL C 103 -7.96 42.16 0.67
C VAL C 103 -7.15 43.44 0.95
N HIS C 104 -6.86 44.20 -0.10
CA HIS C 104 -6.09 45.44 0.03
C HIS C 104 -7.01 46.65 -0.09
N LYS C 105 -6.88 47.60 0.84
CA LYS C 105 -7.70 48.82 0.85
C LYS C 105 -9.18 48.49 0.65
N GLU C 106 -9.91 48.31 1.76
CA GLU C 106 -11.34 47.98 1.71
C GLU C 106 -12.19 49.20 2.09
N SER C 107 -12.93 49.72 1.10
CA SER C 107 -13.80 50.88 1.31
C SER C 107 -13.00 52.09 1.80
N GLY C 108 -13.57 53.29 1.63
CA GLY C 108 -12.92 54.53 2.04
C GLY C 108 -13.36 54.94 3.44
N ASP C 109 -13.04 54.09 4.44
CA ASP C 109 -13.40 54.35 5.85
C ASP C 109 -14.83 54.91 5.99
N SER A 1 39.31 1.52 -13.32
CA SER A 1 39.54 2.53 -12.24
C SER A 1 40.13 1.84 -11.02
N GLU A 2 40.50 2.64 -10.02
CA GLU A 2 41.09 2.11 -8.79
C GLU A 2 41.13 3.20 -7.70
N GLY A 3 39.95 3.55 -7.17
CA GLY A 3 39.85 4.57 -6.12
C GLY A 3 38.64 4.32 -5.23
N LEU A 4 38.65 3.17 -4.52
CA LEU A 4 37.55 2.81 -3.63
C LEU A 4 38.07 2.58 -2.21
N CYS A 5 37.26 2.94 -1.21
CA CYS A 5 37.64 2.76 0.19
C CYS A 5 36.61 1.86 0.92
N PRO A 6 37.03 0.93 1.79
CA PRO A 6 36.09 0.02 2.51
C PRO A 6 35.11 0.80 3.43
N PRO A 7 34.06 0.15 3.93
CA PRO A 7 33.06 0.82 4.84
C PRO A 7 33.74 1.49 6.02
N GLY A 8 33.21 2.64 6.44
CA GLY A 8 33.78 3.38 7.57
C GLY A 8 34.94 4.29 7.13
N HIS A 9 35.47 4.06 5.92
CA HIS A 9 36.59 4.83 5.40
C HIS A 9 36.22 5.52 4.08
N HIS A 10 36.96 6.56 3.73
CA HIS A 10 36.75 7.31 2.48
C HIS A 10 38.11 7.54 1.80
N ILE A 11 38.11 7.76 0.48
CA ILE A 11 39.36 7.94 -0.26
C ILE A 11 39.48 9.36 -0.82
N SER A 12 40.73 9.82 -0.95
CA SER A 12 41.04 11.16 -1.44
C SER A 12 40.82 11.25 -2.96
N GLU A 13 41.03 12.45 -3.51
CA GLU A 13 40.87 12.71 -4.94
C GLU A 13 41.92 11.97 -5.77
N ASP A 14 43.15 11.95 -5.26
CA ASP A 14 44.26 11.28 -5.94
C ASP A 14 44.21 9.76 -5.79
N GLY A 15 43.24 9.23 -5.04
CA GLY A 15 43.08 7.78 -4.87
C GLY A 15 44.27 7.07 -4.16
N ARG A 16 45.37 7.78 -3.84
CA ARG A 16 46.52 7.14 -3.18
C ARG A 16 46.49 7.33 -1.65
N ASP A 17 45.31 7.68 -1.10
CA ASP A 17 45.18 7.88 0.35
C ASP A 17 43.73 7.71 0.82
N CYS A 18 43.56 7.02 1.95
CA CYS A 18 42.23 6.80 2.53
C CYS A 18 42.24 7.23 4.00
N ILE A 19 41.20 7.96 4.43
CA ILE A 19 41.11 8.43 5.82
C ILE A 19 39.94 7.77 6.55
N SER A 20 40.17 7.53 7.85
CA SER A 20 39.19 6.90 8.72
C SER A 20 38.15 7.90 9.25
N CYS A 21 36.90 7.44 9.39
CA CYS A 21 35.81 8.29 9.90
C CYS A 21 35.46 7.78 11.30
N LYS A 22 34.94 8.68 12.17
CA LYS A 22 34.64 8.29 13.54
C LYS A 22 33.17 8.02 13.78
N TYR A 23 32.91 7.05 14.68
CA TYR A 23 31.55 6.67 15.05
C TYR A 23 30.73 7.93 15.40
N GLY A 24 29.48 7.97 14.95
CA GLY A 24 28.58 9.09 15.25
C GLY A 24 28.73 10.33 14.33
N GLN A 25 29.90 10.58 13.71
CA GLN A 25 30.04 11.76 12.83
C GLN A 25 29.29 11.54 11.51
N ASP A 26 29.74 10.55 10.76
CA ASP A 26 29.15 10.18 9.47
C ASP A 26 29.51 8.71 9.21
N TYR A 27 28.85 8.07 8.24
CA TYR A 27 29.12 6.66 7.96
C TYR A 27 29.17 6.32 6.49
N SER A 28 29.62 5.09 6.25
CA SER A 28 29.63 4.55 4.90
C SER A 28 29.03 3.14 4.98
N THR A 29 28.03 2.87 4.14
CA THR A 29 27.38 1.56 4.13
C THR A 29 27.99 0.63 3.08
N HIS A 30 28.37 1.22 1.95
CA HIS A 30 28.96 0.48 0.83
C HIS A 30 30.29 1.12 0.43
N TRP A 31 31.11 0.40 -0.35
CA TRP A 31 32.42 0.92 -0.79
C TRP A 31 32.23 2.33 -1.36
N ASN A 32 32.85 3.32 -0.70
CA ASN A 32 32.71 4.71 -1.12
C ASN A 32 33.88 5.17 -1.99
N ASP A 33 33.55 6.01 -2.98
CA ASP A 33 34.55 6.55 -3.90
C ASP A 33 34.55 8.09 -3.78
N LEU A 34 34.66 8.58 -2.55
CA LEU A 34 34.65 10.01 -2.27
C LEU A 34 35.58 10.35 -1.11
N LEU A 35 35.74 11.65 -0.85
CA LEU A 35 36.60 12.13 0.25
C LEU A 35 35.78 12.41 1.52
N PHE A 36 34.45 12.24 1.45
CA PHE A 36 33.57 12.52 2.60
C PHE A 36 32.84 11.25 3.05
N CYS A 37 32.28 11.31 4.25
CA CYS A 37 31.50 10.21 4.82
C CYS A 37 30.03 10.63 4.80
N LEU A 38 29.11 9.69 4.54
CA LEU A 38 27.70 10.06 4.44
C LEU A 38 27.05 10.31 5.80
N ARG A 39 26.07 11.19 5.80
CA ARG A 39 25.34 11.55 7.01
C ARG A 39 24.49 10.37 7.53
N CYS A 40 24.31 10.32 8.84
CA CYS A 40 23.51 9.25 9.47
C CYS A 40 22.07 9.73 9.68
N THR A 41 21.12 8.78 9.60
CA THR A 41 19.70 9.10 9.73
C THR A 41 19.20 8.91 11.16
N ARG A 42 18.34 9.82 11.60
CA ARG A 42 17.76 9.78 12.94
C ARG A 42 16.23 9.74 12.84
N CYS A 43 15.57 9.17 13.86
CA CYS A 43 14.11 9.05 13.85
C CYS A 43 13.45 9.91 14.94
N ASP A 44 12.18 10.25 14.70
CA ASP A 44 11.40 11.07 15.62
C ASP A 44 10.16 10.31 16.09
N SER A 45 9.48 10.85 17.13
CA SER A 45 8.28 10.22 17.68
C SER A 45 7.30 9.83 16.57
N GLY A 46 6.57 8.74 16.78
CA GLY A 46 5.64 8.22 15.78
C GLY A 46 6.35 7.22 14.84
N GLU A 47 7.69 7.21 14.89
CA GLU A 47 8.48 6.30 14.06
C GLU A 47 9.31 5.37 14.96
N VAL A 48 9.60 4.17 14.47
CA VAL A 48 10.37 3.18 15.23
C VAL A 48 11.73 2.93 14.59
N GLU A 49 12.75 2.85 15.44
CA GLU A 49 14.12 2.58 15.01
C GLU A 49 14.38 1.07 15.07
N LEU A 50 14.72 0.47 13.93
CA LEU A 50 14.97 -0.98 13.89
C LEU A 50 16.46 -1.34 13.97
N SER A 51 17.33 -0.52 13.36
CA SER A 51 18.77 -0.81 13.37
C SER A 51 19.62 0.43 13.79
N PRO A 52 20.76 0.22 14.46
CA PRO A 52 21.68 1.33 14.93
C PRO A 52 22.58 1.95 13.82
N CYS A 53 23.07 3.16 14.07
CA CYS A 53 24.00 3.87 13.18
C CYS A 53 25.44 3.69 13.69
N THR A 54 26.35 3.30 12.80
CA THR A 54 27.76 3.09 13.16
C THR A 54 28.65 3.12 11.91
N THR A 55 29.97 3.19 12.10
CA THR A 55 30.91 3.22 10.96
C THR A 55 30.69 2.03 10.02
N THR A 56 30.02 0.98 10.51
CA THR A 56 29.71 -0.20 9.71
C THR A 56 28.20 -0.50 9.72
N ARG A 57 27.38 0.45 10.19
CA ARG A 57 25.93 0.26 10.26
C ARG A 57 25.16 1.56 9.98
N ASN A 58 23.91 1.40 9.54
CA ASN A 58 23.02 2.51 9.22
C ASN A 58 21.73 2.40 10.03
N THR A 59 21.18 3.53 10.52
CA THR A 59 19.96 3.48 11.32
C THR A 59 18.76 3.40 10.41
N VAL A 60 17.81 2.57 10.83
CA VAL A 60 16.60 2.34 10.06
C VAL A 60 15.43 3.03 10.72
N CYS A 61 14.65 3.72 9.88
CA CYS A 61 13.46 4.38 10.33
C CYS A 61 12.26 3.66 9.75
N GLN A 62 11.24 3.55 10.57
CA GLN A 62 10.00 2.88 10.22
C GLN A 62 8.88 3.65 10.89
N CYS A 63 7.67 3.57 10.33
CA CYS A 63 6.53 4.30 10.89
C CYS A 63 5.52 3.31 11.47
N GLU A 64 4.72 3.78 12.44
CA GLU A 64 3.76 2.91 13.11
C GLU A 64 2.63 2.50 12.16
N GLU A 65 2.17 1.25 12.33
CA GLU A 65 1.10 0.70 11.48
C GLU A 65 -0.09 1.65 11.45
N GLY A 66 -0.80 1.67 10.31
CA GLY A 66 -1.95 2.54 10.13
C GLY A 66 -1.56 3.85 9.41
N THR A 67 -0.25 4.12 9.28
CA THR A 67 0.21 5.34 8.62
C THR A 67 1.06 4.99 7.37
N PHE A 68 1.22 5.96 6.44
CA PHE A 68 2.00 5.70 5.21
C PHE A 68 2.85 6.91 4.79
N ARG A 69 4.02 6.66 4.17
CA ARG A 69 4.89 7.76 3.73
C ARG A 69 5.03 7.78 2.21
N GLU A 70 4.48 8.83 1.61
CA GLU A 70 4.54 9.03 0.15
C GLU A 70 5.80 9.78 -0.24
N GLU A 71 6.31 9.51 -1.44
CA GLU A 71 7.53 10.15 -1.94
C GLU A 71 7.45 11.68 -1.91
N ASP A 72 6.24 12.20 -1.83
CA ASP A 72 6.01 13.65 -1.79
C ASP A 72 5.82 14.20 -0.37
N SER A 73 6.04 13.36 0.65
CA SER A 73 5.89 13.78 2.04
C SER A 73 7.27 13.87 2.74
N PRO A 74 7.54 14.87 3.58
CA PRO A 74 8.85 15.02 4.27
C PRO A 74 8.90 14.26 5.62
N GLU A 75 9.62 13.11 5.66
CA GLU A 75 9.75 12.30 6.90
C GLU A 75 8.43 12.26 7.70
N MET A 76 7.30 12.28 6.99
CA MET A 76 5.98 12.23 7.63
C MET A 76 5.18 11.03 7.13
N CYS A 77 4.24 10.57 7.95
CA CYS A 77 3.38 9.44 7.60
C CYS A 77 1.92 9.89 7.67
N ARG A 78 1.05 9.33 6.82
CA ARG A 78 -0.37 9.72 6.82
C ARG A 78 -1.23 8.50 7.07
N LYS A 79 -2.45 8.71 7.57
CA LYS A 79 -3.34 7.59 7.87
C LYS A 79 -3.74 6.87 6.57
N CYS A 80 -3.65 5.54 6.59
CA CYS A 80 -3.99 4.72 5.44
C CYS A 80 -5.48 4.85 5.20
N ARG A 81 -5.91 4.58 3.97
CA ARG A 81 -7.34 4.68 3.60
C ARG A 81 -8.21 3.99 4.66
N THR A 82 -9.16 4.75 5.22
CA THR A 82 -10.07 4.23 6.24
C THR A 82 -11.27 3.50 5.60
N GLY A 83 -11.17 3.18 4.30
CA GLY A 83 -12.23 2.50 3.57
C GLY A 83 -12.06 2.71 2.07
N CYS A 84 -11.80 1.61 1.33
CA CYS A 84 -11.61 1.67 -0.11
C CYS A 84 -12.68 2.55 -0.80
N PRO A 85 -12.38 3.17 -1.95
CA PRO A 85 -13.36 4.04 -2.65
C PRO A 85 -14.69 3.33 -2.91
N ARG A 86 -15.79 4.09 -2.93
CA ARG A 86 -17.12 3.52 -3.17
C ARG A 86 -17.13 2.65 -4.43
N GLY A 87 -17.27 1.34 -4.23
CA GLY A 87 -17.28 0.38 -5.33
C GLY A 87 -15.92 -0.33 -5.46
N MET A 88 -15.27 -0.60 -4.32
CA MET A 88 -13.98 -1.28 -4.31
C MET A 88 -13.89 -2.17 -3.07
N VAL A 89 -12.89 -3.06 -3.03
CA VAL A 89 -12.73 -3.99 -1.89
C VAL A 89 -11.33 -3.98 -1.29
N LYS A 90 -11.28 -4.41 -0.04
CA LYS A 90 -10.02 -4.51 0.73
C LYS A 90 -9.27 -5.78 0.37
N VAL A 91 -8.00 -5.63 -0.03
CA VAL A 91 -7.18 -6.81 -0.40
C VAL A 91 -5.68 -6.59 -0.16
N GLY A 92 -5.22 -5.34 -0.01
CA GLY A 92 -3.79 -5.08 0.18
C GLY A 92 -3.44 -4.54 1.57
N ASP A 93 -2.21 -4.88 1.97
CA ASP A 93 -1.60 -4.52 3.24
C ASP A 93 -1.00 -3.10 3.21
N CYS A 94 -1.06 -2.39 4.35
CA CYS A 94 -0.52 -1.04 4.42
C CYS A 94 0.79 -1.06 5.20
N THR A 95 1.82 -0.51 4.56
CA THR A 95 3.17 -0.46 5.11
C THR A 95 3.50 0.99 5.48
N PRO A 96 4.20 1.25 6.59
CA PRO A 96 4.51 2.64 7.04
C PRO A 96 4.95 3.56 5.89
N TRP A 97 5.45 2.99 4.79
CA TRP A 97 5.86 3.78 3.63
C TRP A 97 4.77 3.75 2.50
N SER A 98 4.13 2.59 2.25
CA SER A 98 3.11 2.47 1.18
C SER A 98 1.67 2.45 1.73
N ASP A 99 0.70 2.67 0.83
CA ASP A 99 -0.73 2.67 1.19
C ASP A 99 -1.39 1.30 0.94
N ILE A 100 -2.70 1.18 1.26
CA ILE A 100 -3.43 -0.08 1.06
C ILE A 100 -3.76 -0.32 -0.41
N GLU A 101 -4.33 -1.50 -0.73
CA GLU A 101 -4.72 -1.80 -2.11
C GLU A 101 -6.24 -2.03 -2.19
N CYS A 102 -6.87 -1.36 -3.15
CA CYS A 102 -8.30 -1.50 -3.38
C CYS A 102 -8.54 -2.01 -4.80
N VAL A 103 -9.53 -2.88 -4.99
CA VAL A 103 -9.81 -3.44 -6.33
C VAL A 103 -11.29 -3.31 -6.71
N HIS A 104 -11.51 -2.92 -7.97
CA HIS A 104 -12.86 -2.79 -8.53
C HIS A 104 -13.14 -3.96 -9.50
N LYS A 105 -14.31 -4.59 -9.37
CA LYS A 105 -14.66 -5.72 -10.26
C LYS A 105 -16.12 -6.18 -10.01
N GLU A 106 -16.35 -6.90 -8.90
CA GLU A 106 -17.69 -7.40 -8.59
C GLU A 106 -18.47 -6.36 -7.76
N SER A 107 -18.69 -5.20 -8.36
CA SER A 107 -19.43 -4.11 -7.72
C SER A 107 -19.91 -3.09 -8.75
N GLY A 108 -21.08 -3.35 -9.34
CA GLY A 108 -21.65 -2.47 -10.35
C GLY A 108 -20.83 -2.53 -11.65
N ASP A 109 -21.25 -1.76 -12.66
CA ASP A 109 -20.55 -1.73 -13.94
C ASP A 109 -19.61 -0.53 -14.02
N SER B 1 27.28 7.98 -3.98
CA SER B 1 26.84 6.56 -3.96
C SER B 1 26.22 6.21 -5.33
N GLU B 2 26.27 4.92 -5.68
CA GLU B 2 25.71 4.45 -6.95
C GLU B 2 24.18 4.59 -6.96
N GLY B 3 23.55 4.37 -5.80
CA GLY B 3 22.10 4.50 -5.69
C GLY B 3 21.40 3.16 -5.99
N LEU B 4 21.97 2.06 -5.48
CA LEU B 4 21.40 0.74 -5.70
C LEU B 4 21.23 0.00 -4.37
N CYS B 5 20.14 -0.77 -4.24
CA CYS B 5 19.86 -1.51 -3.02
C CYS B 5 19.60 -3.01 -3.33
N PRO B 6 20.06 -3.95 -2.48
CA PRO B 6 19.85 -5.41 -2.72
C PRO B 6 18.37 -5.84 -2.56
N PRO B 7 18.01 -7.05 -2.99
CA PRO B 7 16.60 -7.54 -2.88
C PRO B 7 16.10 -7.54 -1.42
N GLY B 8 14.82 -7.22 -1.23
CA GLY B 8 14.23 -7.18 0.10
C GLY B 8 14.43 -5.82 0.79
N HIS B 9 15.19 -4.91 0.14
CA HIS B 9 15.46 -3.59 0.69
C HIS B 9 15.03 -2.48 -0.26
N HIS B 10 14.80 -1.30 0.30
CA HIS B 10 14.39 -0.12 -0.48
C HIS B 10 15.22 1.10 -0.04
N ILE B 11 15.37 2.10 -0.91
CA ILE B 11 16.17 3.28 -0.58
C ILE B 11 15.26 4.52 -0.45
N SER B 12 15.38 5.24 0.67
CA SER B 12 14.54 6.41 0.92
C SER B 12 14.71 7.47 -0.17
N GLU B 13 13.80 8.45 -0.17
CA GLU B 13 13.79 9.54 -1.16
C GLU B 13 15.13 10.25 -1.26
N ASP B 14 15.84 10.31 -0.15
CA ASP B 14 17.14 11.00 -0.10
C ASP B 14 18.26 10.19 -0.76
N GLY B 15 17.97 8.97 -1.22
CA GLY B 15 18.97 8.15 -1.92
C GLY B 15 20.19 7.75 -1.06
N ARG B 16 20.31 8.22 0.19
CA ARG B 16 21.47 7.90 1.02
C ARG B 16 21.15 6.92 2.16
N ASP B 17 19.98 6.25 2.12
CA ASP B 17 19.63 5.31 3.17
C ASP B 17 18.77 4.17 2.64
N CYS B 18 19.07 2.94 3.07
CA CYS B 18 18.32 1.77 2.62
C CYS B 18 17.78 1.00 3.82
N ILE B 19 16.49 0.62 3.76
CA ILE B 19 15.83 -0.07 4.88
C ILE B 19 15.17 -1.41 4.42
N SER B 20 15.26 -2.39 5.31
CA SER B 20 14.70 -3.73 5.17
C SER B 20 13.17 -3.70 5.21
N CYS B 21 12.52 -4.62 4.47
CA CYS B 21 11.05 -4.66 4.43
C CYS B 21 10.58 -5.88 5.26
N LYS B 22 9.33 -5.85 5.73
CA LYS B 22 8.81 -6.90 6.61
C LYS B 22 8.20 -8.07 5.84
N TYR B 23 8.36 -9.26 6.43
CA TYR B 23 7.83 -10.48 5.85
C TYR B 23 6.31 -10.32 5.63
N GLY B 24 5.85 -10.63 4.42
CA GLY B 24 4.42 -10.56 4.11
C GLY B 24 3.90 -9.13 3.81
N GLN B 25 4.56 -8.06 4.33
CA GLN B 25 4.08 -6.70 4.05
C GLN B 25 4.46 -6.30 2.63
N ASP B 26 5.73 -6.48 2.30
CA ASP B 26 6.24 -6.17 0.97
C ASP B 26 7.64 -6.74 0.78
N TYR B 27 8.05 -6.87 -0.48
CA TYR B 27 9.37 -7.42 -0.82
C TYR B 27 9.89 -6.88 -2.15
N SER B 28 11.13 -7.25 -2.49
CA SER B 28 11.74 -6.89 -3.76
C SER B 28 12.40 -8.16 -4.33
N THR B 29 12.13 -8.46 -5.61
CA THR B 29 12.68 -9.67 -6.23
C THR B 29 14.04 -9.41 -6.89
N HIS B 30 14.21 -8.22 -7.47
CA HIS B 30 15.45 -7.86 -8.13
C HIS B 30 15.99 -6.53 -7.59
N TRP B 31 17.28 -6.26 -7.83
CA TRP B 31 17.90 -5.02 -7.35
C TRP B 31 17.06 -3.81 -7.76
N ASN B 32 16.88 -2.86 -6.84
CA ASN B 32 16.07 -1.67 -7.11
C ASN B 32 16.72 -0.42 -6.51
N ASP B 33 16.22 0.75 -6.93
CA ASP B 33 16.73 2.02 -6.44
C ASP B 33 15.57 2.99 -6.20
N LEU B 34 14.62 2.55 -5.37
CA LEU B 34 13.44 3.36 -5.06
C LEU B 34 13.01 3.19 -3.60
N LEU B 35 12.28 4.19 -3.10
CA LEU B 35 11.76 4.18 -1.73
C LEU B 35 10.50 3.31 -1.60
N PHE B 36 10.15 2.59 -2.68
CA PHE B 36 8.97 1.73 -2.67
C PHE B 36 9.37 0.27 -2.55
N CYS B 37 8.55 -0.47 -1.81
CA CYS B 37 8.74 -1.90 -1.63
C CYS B 37 7.59 -2.59 -2.38
N LEU B 38 7.87 -3.67 -3.11
CA LEU B 38 6.80 -4.31 -3.87
C LEU B 38 5.81 -5.03 -2.97
N ARG B 39 4.55 -4.71 -3.15
CA ARG B 39 3.45 -5.25 -2.36
C ARG B 39 3.33 -6.78 -2.54
N CYS B 40 2.84 -7.45 -1.51
CA CYS B 40 2.69 -8.91 -1.53
C CYS B 40 1.28 -9.29 -1.99
N THR B 41 1.20 -10.37 -2.77
CA THR B 41 -0.06 -10.86 -3.35
C THR B 41 -0.82 -11.77 -2.40
N ARG B 42 -2.13 -11.62 -2.40
CA ARG B 42 -3.03 -12.41 -1.56
C ARG B 42 -4.08 -13.12 -2.42
N CYS B 43 -4.60 -14.25 -1.92
CA CYS B 43 -5.60 -15.02 -2.67
C CYS B 43 -6.95 -14.94 -1.96
N ASP B 44 -8.05 -15.16 -2.72
CA ASP B 44 -9.40 -15.07 -2.18
C ASP B 44 -9.99 -16.46 -1.93
N SER B 45 -11.13 -16.49 -1.22
CA SER B 45 -11.81 -17.75 -0.90
C SER B 45 -11.96 -18.60 -2.17
N GLY B 46 -11.90 -19.91 -1.99
CA GLY B 46 -11.98 -20.84 -3.12
C GLY B 46 -10.57 -21.08 -3.70
N GLU B 47 -9.60 -20.21 -3.34
CA GLU B 47 -8.23 -20.35 -3.79
C GLU B 47 -7.31 -20.55 -2.58
N VAL B 48 -6.24 -21.32 -2.76
CA VAL B 48 -5.30 -21.60 -1.66
C VAL B 48 -3.93 -20.98 -1.96
N GLU B 49 -3.16 -20.72 -0.90
CA GLU B 49 -1.82 -20.16 -1.06
C GLU B 49 -0.82 -21.29 -1.28
N LEU B 50 -0.10 -21.27 -2.41
CA LEU B 50 0.86 -22.32 -2.73
C LEU B 50 2.22 -22.04 -2.10
N SER B 51 2.67 -20.79 -2.21
CA SER B 51 3.96 -20.39 -1.65
C SER B 51 3.91 -18.94 -1.11
N PRO B 52 3.85 -18.72 0.21
CA PRO B 52 3.80 -17.33 0.79
C PRO B 52 4.99 -16.47 0.33
N CYS B 53 4.88 -15.14 0.45
CA CYS B 53 5.95 -14.25 0.02
C CYS B 53 6.78 -13.77 1.21
N THR B 54 8.07 -13.59 0.93
CA THR B 54 9.04 -13.13 1.92
C THR B 54 9.76 -11.93 1.33
N THR B 55 10.62 -11.27 2.11
CA THR B 55 11.35 -10.10 1.61
C THR B 55 12.12 -10.45 0.32
N THR B 56 12.31 -11.75 0.04
CA THR B 56 13.01 -12.20 -1.16
C THR B 56 12.16 -13.21 -1.97
N ARG B 57 10.85 -13.31 -1.67
CA ARG B 57 9.98 -14.27 -2.38
C ARG B 57 8.63 -13.65 -2.79
N ASN B 58 7.98 -14.29 -3.77
CA ASN B 58 6.68 -13.85 -4.31
C ASN B 58 5.57 -14.86 -3.96
N THR B 59 4.37 -14.36 -3.60
CA THR B 59 3.26 -15.23 -3.24
C THR B 59 2.51 -15.71 -4.49
N VAL B 60 2.17 -17.01 -4.48
CA VAL B 60 1.44 -17.64 -5.57
C VAL B 60 0.07 -18.10 -5.08
N CYS B 61 -0.92 -18.12 -5.99
CA CYS B 61 -2.27 -18.54 -5.63
C CYS B 61 -2.58 -19.89 -6.28
N GLN B 62 -3.52 -20.61 -5.68
CA GLN B 62 -3.92 -21.94 -6.13
C GLN B 62 -5.44 -22.04 -6.16
N CYS B 63 -5.97 -22.93 -7.00
CA CYS B 63 -7.41 -23.11 -7.13
C CYS B 63 -7.75 -24.50 -6.59
N GLU B 64 -8.93 -24.65 -5.97
CA GLU B 64 -9.32 -25.92 -5.36
C GLU B 64 -9.58 -26.99 -6.41
N GLU B 65 -9.38 -28.25 -6.02
CA GLU B 65 -9.57 -29.39 -6.91
C GLU B 65 -10.93 -29.32 -7.61
N GLY B 66 -10.95 -29.66 -8.89
CA GLY B 66 -12.18 -29.63 -9.68
C GLY B 66 -12.30 -28.35 -10.52
N THR B 67 -11.32 -27.44 -10.40
CA THR B 67 -11.33 -26.17 -11.14
C THR B 67 -10.18 -26.11 -12.16
N PHE B 68 -10.29 -25.21 -13.15
CA PHE B 68 -9.26 -25.09 -14.19
C PHE B 68 -8.95 -23.61 -14.45
N ARG B 69 -7.68 -23.28 -14.75
CA ARG B 69 -7.30 -21.88 -15.01
C ARG B 69 -6.30 -21.77 -16.16
N GLU B 70 -6.73 -21.16 -17.27
CA GLU B 70 -5.86 -20.96 -18.43
C GLU B 70 -5.15 -19.62 -18.33
N GLU B 71 -3.94 -19.54 -18.89
CA GLU B 71 -3.14 -18.30 -18.84
C GLU B 71 -3.91 -17.09 -19.40
N ASP B 72 -4.94 -17.37 -20.18
CA ASP B 72 -5.77 -16.31 -20.78
C ASP B 72 -6.92 -15.86 -19.85
N SER B 73 -7.00 -16.45 -18.65
CA SER B 73 -8.05 -16.09 -17.69
C SER B 73 -7.49 -15.14 -16.60
N PRO B 74 -8.12 -13.99 -16.32
CA PRO B 74 -7.60 -13.05 -15.27
C PRO B 74 -7.49 -13.70 -13.89
N GLU B 75 -8.63 -14.09 -13.31
CA GLU B 75 -8.65 -14.72 -11.98
C GLU B 75 -9.88 -15.64 -11.83
N MET B 76 -10.29 -16.27 -12.93
CA MET B 76 -11.45 -17.16 -12.93
C MET B 76 -11.02 -18.63 -12.97
N CYS B 77 -11.88 -19.50 -12.47
CA CYS B 77 -11.62 -20.94 -12.46
C CYS B 77 -12.84 -21.65 -13.06
N ARG B 78 -12.60 -22.68 -13.87
CA ARG B 78 -13.71 -23.42 -14.51
C ARG B 78 -13.72 -24.87 -14.06
N LYS B 79 -14.88 -25.49 -14.10
CA LYS B 79 -15.02 -26.89 -13.67
C LYS B 79 -14.29 -27.83 -14.62
N CYS B 80 -13.37 -28.64 -14.06
CA CYS B 80 -12.60 -29.61 -14.82
C CYS B 80 -13.51 -30.75 -15.26
N ARG B 81 -13.16 -31.38 -16.38
CA ARG B 81 -13.94 -32.50 -16.92
C ARG B 81 -13.63 -33.79 -16.16
N THR B 82 -14.66 -34.59 -15.93
CA THR B 82 -14.51 -35.87 -15.20
C THR B 82 -14.33 -37.06 -16.16
N GLY B 83 -14.69 -36.87 -17.44
CA GLY B 83 -14.57 -37.92 -18.45
C GLY B 83 -15.08 -37.45 -19.80
N CYS B 84 -14.29 -37.70 -20.85
CA CYS B 84 -14.67 -37.30 -22.22
C CYS B 84 -15.85 -38.15 -22.73
N PRO B 85 -16.60 -37.68 -23.73
CA PRO B 85 -17.76 -38.46 -24.28
C PRO B 85 -17.35 -39.85 -24.77
N ARG B 86 -18.34 -40.69 -25.07
CA ARG B 86 -18.07 -42.05 -25.54
C ARG B 86 -17.17 -42.03 -26.77
N GLY B 87 -16.17 -42.92 -26.78
CA GLY B 87 -15.22 -43.00 -27.89
C GLY B 87 -13.84 -42.52 -27.46
N MET B 88 -13.80 -41.52 -26.58
CA MET B 88 -12.54 -40.97 -26.08
C MET B 88 -12.15 -41.67 -24.77
N VAL B 89 -10.85 -41.62 -24.43
CA VAL B 89 -10.36 -42.27 -23.21
C VAL B 89 -9.58 -41.28 -22.35
N LYS B 90 -9.93 -41.22 -21.06
CA LYS B 90 -9.25 -40.33 -20.12
C LYS B 90 -7.88 -40.91 -19.77
N VAL B 91 -6.83 -40.08 -19.92
CA VAL B 91 -5.47 -40.54 -19.64
C VAL B 91 -4.63 -39.49 -18.89
N GLY B 92 -5.12 -38.24 -18.79
CA GLY B 92 -4.37 -37.18 -18.11
C GLY B 92 -5.03 -36.72 -16.82
N ASP B 93 -4.17 -36.27 -15.90
CA ASP B 93 -4.55 -35.76 -14.59
C ASP B 93 -4.95 -34.28 -14.67
N CYS B 94 -5.91 -33.86 -13.83
CA CYS B 94 -6.38 -32.48 -13.87
C CYS B 94 -5.80 -31.68 -12.71
N THR B 95 -5.16 -30.58 -13.09
CA THR B 95 -4.52 -29.66 -12.16
C THR B 95 -5.31 -28.34 -12.15
N PRO B 96 -5.50 -27.68 -11.01
CA PRO B 96 -6.31 -26.41 -10.94
C PRO B 96 -5.97 -25.45 -12.10
N TRP B 97 -4.78 -25.59 -12.69
CA TRP B 97 -4.37 -24.74 -13.81
C TRP B 97 -4.81 -25.33 -15.17
N SER B 98 -4.50 -26.62 -15.40
CA SER B 98 -4.82 -27.29 -16.67
C SER B 98 -5.99 -28.29 -16.56
N ASP B 99 -6.53 -28.69 -17.72
CA ASP B 99 -7.64 -29.64 -17.77
C ASP B 99 -7.12 -31.07 -17.98
N ILE B 100 -8.04 -32.04 -18.01
CA ILE B 100 -7.67 -33.46 -18.20
C ILE B 100 -7.16 -33.72 -19.63
N GLU B 101 -6.65 -34.93 -19.87
CA GLU B 101 -6.18 -35.29 -21.22
C GLU B 101 -6.97 -36.49 -21.74
N CYS B 102 -7.43 -36.40 -22.99
CA CYS B 102 -8.18 -37.48 -23.62
C CYS B 102 -7.49 -37.91 -24.92
N VAL B 103 -7.51 -39.22 -25.17
CA VAL B 103 -6.89 -39.78 -26.38
C VAL B 103 -7.82 -40.83 -27.00
N HIS B 104 -7.90 -40.84 -28.33
CA HIS B 104 -8.74 -41.79 -29.05
C HIS B 104 -7.90 -42.99 -29.53
N LYS B 105 -8.41 -44.20 -29.29
CA LYS B 105 -7.71 -45.42 -29.69
C LYS B 105 -8.70 -46.42 -30.33
N GLU B 106 -8.21 -47.63 -30.63
CA GLU B 106 -9.04 -48.67 -31.25
C GLU B 106 -10.42 -48.78 -30.58
N SER B 107 -10.46 -48.52 -29.26
CA SER B 107 -11.71 -48.58 -28.50
C SER B 107 -12.68 -47.49 -28.96
N GLY B 108 -13.67 -47.88 -29.78
CA GLY B 108 -14.66 -46.94 -30.29
C GLY B 108 -15.86 -47.67 -30.88
N ASP B 109 -15.72 -48.12 -32.14
CA ASP B 109 -16.79 -48.84 -32.82
C ASP B 109 -16.49 -50.34 -32.87
N SER C 1 -31.09 -19.72 -10.61
CA SER C 1 -31.22 -19.07 -9.27
C SER C 1 -30.36 -17.81 -9.23
N GLU C 2 -30.87 -16.76 -8.57
CA GLU C 2 -30.16 -15.49 -8.46
C GLU C 2 -28.88 -15.66 -7.64
N GLY C 3 -28.02 -14.63 -7.66
CA GLY C 3 -26.76 -14.68 -6.92
C GLY C 3 -26.32 -13.27 -6.49
N LEU C 4 -27.28 -12.42 -6.12
CA LEU C 4 -26.98 -11.06 -5.69
C LEU C 4 -27.77 -10.71 -4.43
N CYS C 5 -27.19 -9.85 -3.57
CA CYS C 5 -27.85 -9.42 -2.34
C CYS C 5 -28.02 -7.88 -2.35
N PRO C 6 -29.11 -7.34 -1.78
CA PRO C 6 -29.34 -5.87 -1.76
C PRO C 6 -28.28 -5.11 -0.94
N PRO C 7 -28.20 -3.78 -1.06
CA PRO C 7 -27.20 -2.97 -0.29
C PRO C 7 -27.29 -3.22 1.22
N GLY C 8 -26.14 -3.46 1.84
CA GLY C 8 -26.07 -3.72 3.28
C GLY C 8 -25.95 -5.22 3.59
N HIS C 9 -25.91 -6.06 2.56
CA HIS C 9 -25.82 -7.51 2.74
C HIS C 9 -24.68 -8.10 1.90
N HIS C 10 -24.09 -9.19 2.40
CA HIS C 10 -23.00 -9.89 1.72
C HIS C 10 -23.31 -11.39 1.67
N ILE C 11 -22.72 -12.12 0.71
CA ILE C 11 -22.99 -13.56 0.57
C ILE C 11 -21.74 -14.39 0.88
N SER C 12 -21.96 -15.62 1.37
CA SER C 12 -20.87 -16.52 1.70
C SER C 12 -20.14 -16.96 0.43
N GLU C 13 -19.04 -17.70 0.61
CA GLU C 13 -18.24 -18.19 -0.53
C GLU C 13 -19.06 -19.11 -1.41
N ASP C 14 -19.86 -19.97 -0.80
CA ASP C 14 -20.70 -20.92 -1.53
C ASP C 14 -21.98 -20.25 -2.08
N GLY C 15 -22.20 -18.96 -1.76
CA GLY C 15 -23.37 -18.23 -2.26
C GLY C 15 -24.75 -18.80 -1.80
N ARG C 16 -24.79 -19.94 -1.08
CA ARG C 16 -26.05 -20.53 -0.63
C ARG C 16 -26.77 -19.67 0.41
N ASP C 17 -26.06 -18.72 1.05
CA ASP C 17 -26.67 -17.88 2.08
C ASP C 17 -26.17 -16.44 2.02
N CYS C 18 -26.95 -15.53 2.61
CA CYS C 18 -26.59 -14.12 2.66
C CYS C 18 -26.67 -13.62 4.11
N ILE C 19 -25.65 -12.87 4.55
CA ILE C 19 -25.60 -12.37 5.92
C ILE C 19 -25.74 -10.84 5.92
N SER C 20 -26.47 -10.34 6.92
CA SER C 20 -26.72 -8.90 7.07
C SER C 20 -25.56 -8.17 7.76
N CYS C 21 -25.30 -6.95 7.29
CA CYS C 21 -24.24 -6.11 7.87
C CYS C 21 -24.94 -4.96 8.59
N LYS C 22 -24.40 -4.52 9.74
CA LYS C 22 -25.07 -3.48 10.53
C LYS C 22 -24.34 -2.14 10.49
N TYR C 23 -25.16 -1.07 10.55
CA TYR C 23 -24.64 0.30 10.55
C TYR C 23 -23.54 0.45 11.61
N GLY C 24 -22.51 1.23 11.31
CA GLY C 24 -21.40 1.46 12.24
C GLY C 24 -20.29 0.38 12.16
N GLN C 25 -20.59 -0.86 11.72
CA GLN C 25 -19.55 -1.89 11.60
C GLN C 25 -19.05 -1.90 10.16
N ASP C 26 -19.99 -2.07 9.24
CA ASP C 26 -19.69 -2.07 7.81
C ASP C 26 -20.98 -1.73 7.06
N TYR C 27 -20.88 -1.33 5.79
CA TYR C 27 -22.06 -0.97 5.01
C TYR C 27 -21.80 -1.13 3.50
N SER C 28 -22.87 -1.04 2.69
CA SER C 28 -22.77 -1.14 1.25
C SER C 28 -23.73 -0.14 0.59
N THR C 29 -23.28 0.57 -0.45
CA THR C 29 -24.12 1.57 -1.12
C THR C 29 -24.99 0.94 -2.21
N HIS C 30 -24.46 -0.07 -2.90
CA HIS C 30 -25.20 -0.73 -3.99
C HIS C 30 -25.14 -2.26 -3.83
N TRP C 31 -26.05 -2.96 -4.53
CA TRP C 31 -26.09 -4.43 -4.47
C TRP C 31 -24.69 -5.01 -4.70
N ASN C 32 -24.39 -6.14 -4.06
CA ASN C 32 -23.07 -6.76 -4.18
C ASN C 32 -23.12 -8.27 -3.95
N ASP C 33 -21.99 -8.93 -4.21
CA ASP C 33 -21.86 -10.37 -4.02
C ASP C 33 -20.46 -10.70 -3.48
N LEU C 34 -20.16 -10.15 -2.30
CA LEU C 34 -18.85 -10.37 -1.66
C LEU C 34 -19.00 -11.09 -0.32
N LEU C 35 -17.86 -11.34 0.33
CA LEU C 35 -17.86 -12.02 1.65
C LEU C 35 -17.82 -10.96 2.76
N PHE C 36 -17.23 -9.81 2.47
CA PHE C 36 -17.11 -8.70 3.41
C PHE C 36 -17.97 -7.52 2.95
N CYS C 37 -18.21 -6.58 3.86
CA CYS C 37 -19.02 -5.40 3.55
C CYS C 37 -18.10 -4.19 3.47
N LEU C 38 -18.53 -3.12 2.79
CA LEU C 38 -17.68 -1.93 2.65
C LEU C 38 -17.45 -1.29 4.01
N ARG C 39 -16.19 -1.03 4.31
CA ARG C 39 -15.80 -0.44 5.59
C ARG C 39 -16.39 0.96 5.76
N CYS C 40 -16.64 1.32 7.01
CA CYS C 40 -17.22 2.62 7.34
C CYS C 40 -16.08 3.59 7.65
N THR C 41 -16.25 4.85 7.27
CA THR C 41 -15.20 5.86 7.44
C THR C 41 -15.24 6.50 8.82
N ARG C 42 -14.04 6.71 9.36
CA ARG C 42 -13.83 7.30 10.68
C ARG C 42 -12.83 8.45 10.55
N CYS C 43 -12.89 9.42 11.46
CA CYS C 43 -11.98 10.58 11.40
C CYS C 43 -11.00 10.54 12.58
N ASP C 44 -9.80 11.05 12.34
CA ASP C 44 -8.73 11.06 13.34
C ASP C 44 -8.82 12.32 14.22
N SER C 45 -8.05 12.32 15.32
CA SER C 45 -8.03 13.46 16.25
C SER C 45 -7.86 14.77 15.48
N GLY C 46 -8.62 15.77 15.88
CA GLY C 46 -8.60 17.08 15.22
C GLY C 46 -9.70 17.16 14.15
N GLU C 47 -10.27 15.99 13.76
CA GLU C 47 -11.35 15.97 12.77
C GLU C 47 -12.62 15.39 13.40
N VAL C 48 -13.77 15.92 12.97
CA VAL C 48 -15.07 15.47 13.48
C VAL C 48 -15.87 14.81 12.36
N GLU C 49 -16.81 13.94 12.73
CA GLU C 49 -17.67 13.27 11.76
C GLU C 49 -18.86 14.16 11.42
N LEU C 50 -18.91 14.67 10.18
CA LEU C 50 -20.00 15.55 9.77
C LEU C 50 -21.32 14.78 9.68
N SER C 51 -21.25 13.57 9.14
CA SER C 51 -22.43 12.72 9.00
C SER C 51 -22.05 11.25 9.25
N PRO C 52 -22.67 10.54 10.21
CA PRO C 52 -22.34 9.10 10.47
C PRO C 52 -22.76 8.19 9.30
N CYS C 53 -22.14 6.99 9.22
CA CYS C 53 -22.45 6.05 8.15
C CYS C 53 -23.40 4.97 8.65
N THR C 54 -24.48 4.78 7.91
CA THR C 54 -25.47 3.77 8.23
C THR C 54 -25.27 2.57 7.31
N THR C 55 -26.12 1.56 7.46
CA THR C 55 -26.01 0.36 6.62
C THR C 55 -26.05 0.73 5.12
N THR C 56 -26.55 1.93 4.78
CA THR C 56 -26.63 2.36 3.38
C THR C 56 -25.98 3.73 3.11
N ARG C 57 -25.17 4.27 4.05
CA ARG C 57 -24.53 5.59 3.84
C ARG C 57 -23.06 5.62 4.28
N ASN C 58 -22.32 6.60 3.74
CA ASN C 58 -20.89 6.80 4.01
C ASN C 58 -20.63 7.98 4.98
N THR C 59 -19.67 7.81 5.90
CA THR C 59 -19.34 8.87 6.87
C THR C 59 -18.35 9.87 6.25
N VAL C 60 -18.59 11.17 6.52
CA VAL C 60 -17.74 12.24 6.01
C VAL C 60 -16.92 12.83 7.17
N CYS C 61 -15.71 13.33 6.86
CA CYS C 61 -14.85 13.92 7.87
C CYS C 61 -14.71 15.44 7.69
N GLN C 62 -14.66 16.13 8.81
CA GLN C 62 -14.55 17.59 8.86
C GLN C 62 -13.47 17.97 9.86
N CYS C 63 -12.88 19.16 9.71
CA CYS C 63 -11.80 19.58 10.60
C CYS C 63 -12.32 20.73 11.47
N GLU C 64 -11.74 20.86 12.67
CA GLU C 64 -12.21 21.87 13.63
C GLU C 64 -11.91 23.29 13.17
N GLU C 65 -12.81 24.20 13.54
CA GLU C 65 -12.69 25.62 13.16
C GLU C 65 -11.29 26.15 13.52
N GLY C 66 -10.82 27.12 12.71
CA GLY C 66 -9.50 27.70 12.93
C GLY C 66 -8.45 27.07 12.01
N THR C 67 -8.74 25.87 11.50
CA THR C 67 -7.81 25.15 10.60
C THR C 67 -8.42 25.06 9.18
N PHE C 68 -7.57 24.80 8.16
CA PHE C 68 -8.06 24.72 6.78
C PHE C 68 -7.32 23.66 5.95
N ARG C 69 -7.97 23.10 4.91
CA ARG C 69 -7.33 22.09 4.07
C ARG C 69 -7.46 22.42 2.59
N GLU C 70 -6.40 22.12 1.87
CA GLU C 70 -6.34 22.34 0.42
C GLU C 70 -6.59 21.03 -0.31
N GLU C 71 -7.15 21.11 -1.52
CA GLU C 71 -7.45 19.91 -2.31
C GLU C 71 -6.22 19.01 -2.50
N ASP C 72 -5.04 19.59 -2.28
CA ASP C 72 -3.78 18.85 -2.41
C ASP C 72 -3.30 18.29 -1.06
N SER C 73 -4.19 18.29 -0.05
CA SER C 73 -3.85 17.79 1.28
C SER C 73 -4.71 16.53 1.61
N PRO C 74 -4.12 15.34 1.77
CA PRO C 74 -4.90 14.10 2.08
C PRO C 74 -5.78 14.26 3.33
N GLU C 75 -5.15 14.41 4.50
CA GLU C 75 -5.90 14.56 5.76
C GLU C 75 -5.17 15.53 6.70
N MET C 76 -4.85 16.73 6.20
CA MET C 76 -4.15 17.74 6.99
C MET C 76 -4.90 19.08 6.96
N CYS C 77 -4.90 19.77 8.11
CA CYS C 77 -5.55 21.07 8.24
C CYS C 77 -4.49 22.07 8.73
N ARG C 78 -4.58 23.35 8.32
CA ARG C 78 -3.61 24.35 8.73
C ARG C 78 -4.29 25.55 9.36
N LYS C 79 -3.61 26.22 10.26
CA LYS C 79 -4.19 27.37 10.96
C LYS C 79 -4.40 28.55 10.01
N CYS C 80 -5.65 29.04 9.99
CA CYS C 80 -6.00 30.18 9.16
C CYS C 80 -5.29 31.42 9.70
N ARG C 81 -5.30 32.51 8.93
CA ARG C 81 -4.65 33.75 9.37
C ARG C 81 -5.61 34.58 10.22
N THR C 82 -5.16 34.91 11.43
CA THR C 82 -5.98 35.70 12.37
C THR C 82 -5.90 37.21 12.09
N GLY C 83 -5.16 37.60 11.05
CA GLY C 83 -5.01 39.01 10.70
C GLY C 83 -4.18 39.18 9.43
N CYS C 84 -4.81 39.69 8.37
CA CYS C 84 -4.12 39.92 7.10
C CYS C 84 -2.84 40.76 7.31
N PRO C 85 -1.88 40.72 6.38
CA PRO C 85 -0.61 41.50 6.53
C PRO C 85 -0.88 42.98 6.85
N ARG C 86 0.15 43.69 7.30
CA ARG C 86 0.01 45.11 7.65
C ARG C 86 -0.50 45.89 6.44
N GLY C 87 -1.54 46.70 6.66
CA GLY C 87 -2.13 47.51 5.58
C GLY C 87 -3.14 46.69 4.76
N MET C 88 -3.76 45.68 5.39
CA MET C 88 -4.74 44.84 4.72
C MET C 88 -6.09 44.90 5.44
N VAL C 89 -7.12 44.30 4.82
CA VAL C 89 -8.46 44.29 5.39
C VAL C 89 -9.06 42.88 5.33
N LYS C 90 -9.79 42.51 6.39
CA LYS C 90 -10.43 41.19 6.48
C LYS C 90 -11.80 41.23 5.80
N VAL C 91 -12.15 40.16 5.07
CA VAL C 91 -13.44 40.10 4.37
C VAL C 91 -13.93 38.65 4.20
N GLY C 92 -13.04 37.64 4.30
CA GLY C 92 -13.49 36.25 4.12
C GLY C 92 -13.41 35.42 5.40
N ASP C 93 -14.34 34.46 5.47
CA ASP C 93 -14.49 33.52 6.57
C ASP C 93 -13.66 32.26 6.30
N CYS C 94 -13.12 31.63 7.35
CA CYS C 94 -12.30 30.44 7.15
C CYS C 94 -13.08 29.18 7.53
N THR C 95 -13.15 28.28 6.55
CA THR C 95 -13.84 27.02 6.65
C THR C 95 -12.82 25.87 6.63
N PRO C 96 -12.99 24.80 7.41
CA PRO C 96 -11.99 23.68 7.44
C PRO C 96 -11.47 23.31 6.05
N TRP C 97 -12.24 23.61 5.00
CA TRP C 97 -11.82 23.33 3.62
C TRP C 97 -11.21 24.58 2.91
N SER C 98 -11.69 25.78 3.28
CA SER C 98 -11.22 27.04 2.67
C SER C 98 -10.33 27.87 3.60
N ASP C 99 -9.63 28.85 3.02
CA ASP C 99 -8.75 29.75 3.78
C ASP C 99 -9.39 31.15 3.90
N ILE C 100 -8.84 32.01 4.77
CA ILE C 100 -9.38 33.37 4.95
C ILE C 100 -9.17 34.23 3.70
N GLU C 101 -9.91 35.35 3.60
CA GLU C 101 -9.75 36.26 2.44
C GLU C 101 -9.34 37.65 2.91
N CYS C 102 -8.36 38.24 2.21
CA CYS C 102 -7.87 39.57 2.52
C CYS C 102 -8.04 40.49 1.31
N VAL C 103 -8.41 41.75 1.57
CA VAL C 103 -8.62 42.73 0.50
C VAL C 103 -7.92 44.05 0.83
N HIS C 104 -7.56 44.82 -0.21
CA HIS C 104 -6.89 46.10 -0.03
C HIS C 104 -7.86 47.26 -0.28
N LYS C 105 -7.87 48.24 0.64
CA LYS C 105 -8.74 49.40 0.52
C LYS C 105 -10.21 49.00 0.31
N GLU C 106 -11.00 49.06 1.38
CA GLU C 106 -12.42 48.71 1.30
C GLU C 106 -13.28 49.97 1.38
N SER C 107 -14.22 50.11 0.45
CA SER C 107 -15.12 51.27 0.40
C SER C 107 -14.31 52.58 0.38
N GLY C 108 -13.10 52.53 -0.21
CA GLY C 108 -12.24 53.72 -0.29
C GLY C 108 -11.70 54.11 1.08
N ASP C 109 -12.31 55.15 1.67
CA ASP C 109 -11.89 55.63 2.99
C ASP C 109 -13.06 56.31 3.71
N SER A 1 37.40 0.36 -12.02
CA SER A 1 38.60 1.23 -11.81
C SER A 1 38.85 1.38 -10.31
N GLU A 2 40.14 1.35 -9.92
CA GLU A 2 40.52 1.47 -8.52
C GLU A 2 40.25 2.91 -8.02
N GLY A 3 40.18 3.09 -6.70
CA GLY A 3 39.94 4.40 -6.10
C GLY A 3 38.72 4.37 -5.18
N LEU A 4 38.65 3.34 -4.32
CA LEU A 4 37.54 3.19 -3.38
C LEU A 4 38.06 2.83 -1.99
N CYS A 5 37.29 3.18 -0.95
CA CYS A 5 37.69 2.87 0.44
C CYS A 5 36.62 1.99 1.12
N PRO A 6 37.01 1.06 2.02
CA PRO A 6 36.02 0.16 2.72
C PRO A 6 35.04 0.95 3.61
N PRO A 7 33.97 0.32 4.10
CA PRO A 7 32.97 1.01 4.98
C PRO A 7 33.63 1.69 6.18
N GLY A 8 33.10 2.85 6.57
CA GLY A 8 33.66 3.60 7.70
C GLY A 8 34.85 4.48 7.27
N HIS A 9 35.37 4.23 6.06
CA HIS A 9 36.50 4.99 5.55
C HIS A 9 36.18 5.64 4.19
N HIS A 10 36.98 6.64 3.84
CA HIS A 10 36.83 7.37 2.57
C HIS A 10 38.21 7.54 1.94
N ILE A 11 38.26 7.71 0.61
CA ILE A 11 39.54 7.85 -0.10
C ILE A 11 39.71 9.26 -0.68
N SER A 12 40.97 9.70 -0.80
CA SER A 12 41.28 11.03 -1.31
C SER A 12 41.13 11.10 -2.84
N GLU A 13 41.35 12.30 -3.38
CA GLU A 13 41.22 12.54 -4.83
C GLU A 13 42.27 11.76 -5.63
N ASP A 14 43.49 11.73 -5.10
CA ASP A 14 44.59 11.03 -5.76
C ASP A 14 44.52 9.51 -5.59
N GLY A 15 43.53 9.02 -4.84
CA GLY A 15 43.34 7.57 -4.65
C GLY A 15 44.51 6.86 -3.93
N ARG A 16 45.63 7.56 -3.63
CA ARG A 16 46.77 6.91 -2.96
C ARG A 16 46.73 7.11 -1.44
N ASP A 17 45.57 7.51 -0.90
CA ASP A 17 45.44 7.73 0.55
C ASP A 17 43.98 7.61 0.99
N CYS A 18 43.76 7.00 2.16
CA CYS A 18 42.41 6.84 2.70
C CYS A 18 42.37 7.38 4.13
N ILE A 19 41.33 8.17 4.43
CA ILE A 19 41.17 8.77 5.75
C ILE A 19 40.01 8.12 6.52
N SER A 20 40.25 7.89 7.80
CA SER A 20 39.28 7.25 8.69
C SER A 20 38.21 8.23 9.18
N CYS A 21 36.97 7.74 9.32
CA CYS A 21 35.87 8.56 9.82
C CYS A 21 35.51 8.07 11.22
N LYS A 22 35.01 8.96 12.08
CA LYS A 22 34.70 8.60 13.46
C LYS A 22 33.24 8.23 13.66
N TYR A 23 33.01 7.29 14.58
CA TYR A 23 31.65 6.84 14.91
C TYR A 23 30.81 8.07 15.28
N GLY A 24 29.56 8.10 14.82
CA GLY A 24 28.63 9.19 15.13
C GLY A 24 28.76 10.45 14.23
N GLN A 25 29.92 10.74 13.60
CA GLN A 25 30.02 11.94 12.75
C GLN A 25 29.28 11.73 11.42
N ASP A 26 29.75 10.76 10.65
CA ASP A 26 29.16 10.40 9.35
C ASP A 26 29.52 8.93 9.10
N TYR A 27 28.87 8.28 8.12
CA TYR A 27 29.14 6.87 7.86
C TYR A 27 29.21 6.51 6.40
N SER A 28 29.65 5.29 6.17
CA SER A 28 29.68 4.72 4.83
C SER A 28 29.09 3.32 4.93
N THR A 29 28.09 3.03 4.10
CA THR A 29 27.44 1.71 4.11
C THR A 29 28.07 0.77 3.09
N HIS A 30 28.46 1.33 1.95
CA HIS A 30 29.06 0.57 0.85
C HIS A 30 30.39 1.22 0.46
N TRP A 31 31.23 0.49 -0.29
CA TRP A 31 32.53 1.02 -0.72
C TRP A 31 32.35 2.41 -1.32
N ASN A 32 32.95 3.43 -0.67
CA ASN A 32 32.82 4.81 -1.12
C ASN A 32 34.00 5.26 -1.95
N ASP A 33 33.72 6.12 -2.94
CA ASP A 33 34.77 6.65 -3.82
C ASP A 33 34.78 8.18 -3.74
N LEU A 34 34.84 8.68 -2.50
CA LEU A 34 34.86 10.13 -2.25
C LEU A 34 35.80 10.46 -1.08
N LEU A 35 35.98 11.76 -0.83
CA LEU A 35 36.84 12.24 0.26
C LEU A 35 36.01 12.53 1.53
N PHE A 36 34.68 12.39 1.45
CA PHE A 36 33.78 12.67 2.58
C PHE A 36 33.01 11.41 2.97
N CYS A 37 32.41 11.44 4.16
CA CYS A 37 31.60 10.32 4.65
C CYS A 37 30.14 10.76 4.60
N LEU A 38 29.21 9.81 4.37
CA LEU A 38 27.79 10.16 4.25
C LEU A 38 27.16 10.47 5.60
N ARG A 39 26.11 11.28 5.55
CA ARG A 39 25.39 11.67 6.75
C ARG A 39 24.53 10.50 7.27
N CYS A 40 24.34 10.44 8.59
CA CYS A 40 23.53 9.36 9.19
C CYS A 40 22.09 9.86 9.40
N THR A 41 21.13 8.92 9.30
CA THR A 41 19.71 9.25 9.44
C THR A 41 19.23 9.09 10.89
N ARG A 42 18.35 9.99 11.32
CA ARG A 42 17.80 9.98 12.67
C ARG A 42 16.26 9.95 12.60
N CYS A 43 15.62 9.40 13.63
CA CYS A 43 14.16 9.28 13.65
C CYS A 43 13.51 10.15 14.73
N ASP A 44 12.24 10.49 14.50
CA ASP A 44 11.46 11.32 15.43
C ASP A 44 10.23 10.58 15.92
N SER A 45 9.58 11.13 16.96
CA SER A 45 8.37 10.52 17.54
C SER A 45 7.38 10.13 16.44
N GLY A 46 6.64 9.05 16.69
CA GLY A 46 5.67 8.53 15.71
C GLY A 46 6.36 7.51 14.78
N GLU A 47 7.70 7.49 14.79
CA GLU A 47 8.48 6.56 13.97
C GLU A 47 9.27 5.61 14.87
N VAL A 48 9.56 4.41 14.36
CA VAL A 48 10.30 3.40 15.12
C VAL A 48 11.68 3.16 14.50
N GLU A 49 12.67 3.03 15.37
CA GLU A 49 14.05 2.74 14.97
C GLU A 49 14.28 1.23 14.96
N LEU A 50 14.68 0.68 13.81
CA LEU A 50 14.87 -0.78 13.70
C LEU A 50 16.35 -1.21 13.79
N SER A 51 17.28 -0.45 13.20
CA SER A 51 18.71 -0.82 13.23
C SER A 51 19.60 0.38 13.62
N PRO A 52 20.75 0.16 14.25
CA PRO A 52 21.68 1.25 14.68
C PRO A 52 22.53 1.86 13.54
N CYS A 53 23.00 3.09 13.77
CA CYS A 53 23.86 3.82 12.84
C CYS A 53 25.32 3.76 13.34
N THR A 54 26.24 3.35 12.47
CA THR A 54 27.67 3.24 12.84
C THR A 54 28.53 3.23 11.57
N THR A 55 29.87 3.33 11.71
CA THR A 55 30.76 3.32 10.54
C THR A 55 30.53 2.07 9.68
N THR A 56 29.88 1.05 10.26
CA THR A 56 29.56 -0.18 9.53
C THR A 56 28.06 -0.51 9.58
N ARG A 57 27.24 0.47 10.01
CA ARG A 57 25.79 0.28 10.11
C ARG A 57 25.03 1.58 9.78
N ASN A 58 23.76 1.42 9.40
CA ASN A 58 22.89 2.55 9.05
C ASN A 58 21.61 2.52 9.91
N THR A 59 21.12 3.70 10.34
CA THR A 59 19.91 3.73 11.18
C THR A 59 18.69 3.61 10.28
N VAL A 60 17.74 2.81 10.76
CA VAL A 60 16.53 2.55 10.02
C VAL A 60 15.35 3.29 10.64
N CYS A 61 14.58 3.93 9.78
CA CYS A 61 13.39 4.62 10.20
C CYS A 61 12.18 3.89 9.65
N GLN A 62 11.16 3.83 10.47
CA GLN A 62 9.92 3.17 10.14
C GLN A 62 8.79 3.96 10.80
N CYS A 63 7.60 3.88 10.24
CA CYS A 63 6.46 4.63 10.81
C CYS A 63 5.44 3.63 11.37
N GLU A 64 4.64 4.10 12.33
CA GLU A 64 3.66 3.23 13.00
C GLU A 64 2.54 2.83 12.04
N GLU A 65 2.06 1.59 12.21
CA GLU A 65 0.99 1.04 11.37
C GLU A 65 -0.20 2.00 11.30
N GLY A 66 -0.83 2.06 10.12
CA GLY A 66 -1.98 2.94 9.91
C GLY A 66 -1.58 4.24 9.22
N THR A 67 -0.27 4.49 9.08
CA THR A 67 0.22 5.72 8.43
C THR A 67 1.07 5.37 7.20
N PHE A 68 1.26 6.33 6.26
CA PHE A 68 2.05 6.08 5.05
C PHE A 68 2.92 7.29 4.66
N ARG A 69 4.04 7.05 3.97
CA ARG A 69 4.94 8.15 3.56
C ARG A 69 4.98 8.29 2.04
N GLU A 70 4.45 9.40 1.56
CA GLU A 70 4.41 9.71 0.12
C GLU A 70 5.66 10.48 -0.31
N GLU A 71 6.07 10.28 -1.56
CA GLU A 71 7.26 10.94 -2.11
C GLU A 71 7.15 12.47 -2.07
N ASP A 72 5.93 12.96 -1.95
CA ASP A 72 5.65 14.39 -1.92
C ASP A 72 5.98 15.03 -0.55
N SER A 73 6.03 14.21 0.52
CA SER A 73 6.32 14.73 1.86
C SER A 73 7.23 13.78 2.66
N PRO A 74 8.49 14.14 2.93
CA PRO A 74 9.42 13.27 3.72
C PRO A 74 9.25 13.46 5.24
N GLU A 75 9.85 12.55 6.02
CA GLU A 75 9.75 12.63 7.49
C GLU A 75 8.31 12.84 7.97
N MET A 76 7.34 12.47 7.13
CA MET A 76 5.92 12.62 7.45
C MET A 76 5.13 11.37 7.00
N CYS A 77 4.18 10.94 7.84
CA CYS A 77 3.35 9.79 7.54
C CYS A 77 1.88 10.25 7.56
N ARG A 78 1.04 9.72 6.66
CA ARG A 78 -0.39 10.11 6.63
C ARG A 78 -1.24 8.87 6.84
N LYS A 79 -2.46 9.06 7.31
CA LYS A 79 -3.34 7.92 7.58
C LYS A 79 -3.73 7.21 6.28
N CYS A 80 -3.60 5.88 6.30
CA CYS A 80 -3.94 5.07 5.13
C CYS A 80 -5.45 5.17 4.92
N ARG A 81 -5.90 4.91 3.69
CA ARG A 81 -7.32 5.01 3.35
C ARG A 81 -8.17 4.29 4.42
N THR A 82 -9.10 5.03 5.03
CA THR A 82 -9.98 4.48 6.06
C THR A 82 -11.19 3.75 5.43
N GLY A 83 -11.11 3.47 4.12
CA GLY A 83 -12.19 2.79 3.41
C GLY A 83 -12.02 2.99 1.90
N CYS A 84 -11.74 1.90 1.18
CA CYS A 84 -11.53 1.95 -0.28
C CYS A 84 -12.61 2.82 -0.96
N PRO A 85 -12.32 3.42 -2.12
CA PRO A 85 -13.31 4.27 -2.85
C PRO A 85 -14.64 3.55 -3.08
N ARG A 86 -15.74 4.31 -3.06
CA ARG A 86 -17.07 3.73 -3.27
C ARG A 86 -17.11 2.83 -4.51
N GLY A 87 -17.25 1.52 -4.28
CA GLY A 87 -17.28 0.54 -5.38
C GLY A 87 -15.95 -0.21 -5.50
N MET A 88 -15.21 -0.32 -4.40
CA MET A 88 -13.92 -1.01 -4.40
C MET A 88 -13.83 -1.94 -3.17
N VAL A 89 -12.83 -2.83 -3.15
CA VAL A 89 -12.69 -3.78 -2.03
C VAL A 89 -11.30 -3.80 -1.39
N LYS A 90 -11.27 -4.30 -0.17
CA LYS A 90 -10.03 -4.40 0.62
C LYS A 90 -9.22 -5.65 0.26
N VAL A 91 -7.96 -5.44 -0.12
CA VAL A 91 -7.08 -6.56 -0.49
C VAL A 91 -5.59 -6.29 -0.20
N GLY A 92 -5.19 -5.01 -0.02
CA GLY A 92 -3.77 -4.72 0.23
C GLY A 92 -3.46 -4.21 1.63
N ASP A 93 -2.25 -4.54 2.05
CA ASP A 93 -1.67 -4.16 3.35
C ASP A 93 -1.03 -2.78 3.26
N CYS A 94 -1.08 -2.00 4.36
CA CYS A 94 -0.50 -0.65 4.35
C CYS A 94 0.81 -0.66 5.11
N THR A 95 1.84 -0.19 4.41
CA THR A 95 3.20 -0.13 4.94
C THR A 95 3.51 1.33 5.32
N PRO A 96 4.20 1.59 6.43
CA PRO A 96 4.50 2.98 6.89
C PRO A 96 4.94 3.90 5.75
N TRP A 97 5.44 3.32 4.65
CA TRP A 97 5.89 4.12 3.50
C TRP A 97 4.83 4.13 2.36
N SER A 98 4.19 2.98 2.08
CA SER A 98 3.19 2.88 0.99
C SER A 98 1.74 2.82 1.51
N ASP A 99 0.77 3.05 0.60
CA ASP A 99 -0.66 3.02 0.95
C ASP A 99 -1.30 1.64 0.74
N ILE A 100 -2.60 1.52 1.08
CA ILE A 100 -3.33 0.24 0.93
C ILE A 100 -3.65 -0.04 -0.54
N GLU A 101 -4.23 -1.23 -0.81
CA GLU A 101 -4.64 -1.58 -2.18
C GLU A 101 -6.15 -1.80 -2.25
N CYS A 102 -6.77 -1.19 -3.26
CA CYS A 102 -8.22 -1.30 -3.47
C CYS A 102 -8.46 -1.89 -4.87
N VAL A 103 -9.51 -2.70 -5.01
CA VAL A 103 -9.83 -3.33 -6.30
C VAL A 103 -11.31 -3.12 -6.69
N HIS A 104 -11.53 -2.85 -7.97
CA HIS A 104 -12.87 -2.63 -8.51
C HIS A 104 -13.35 -3.91 -9.25
N LYS A 105 -14.58 -4.34 -8.97
CA LYS A 105 -15.14 -5.52 -9.62
C LYS A 105 -16.32 -5.16 -10.52
N GLU A 106 -17.37 -4.58 -9.93
CA GLU A 106 -18.56 -4.17 -10.68
C GLU A 106 -19.47 -3.32 -9.80
N SER A 107 -19.50 -2.01 -10.08
CA SER A 107 -20.33 -1.09 -9.30
C SER A 107 -21.05 -0.05 -10.20
N GLY A 108 -20.63 0.06 -11.46
CA GLY A 108 -21.24 1.01 -12.40
C GLY A 108 -21.12 0.53 -13.84
N ASP A 109 -21.47 -0.75 -14.07
CA ASP A 109 -21.39 -1.33 -15.41
C ASP A 109 -22.09 -2.69 -15.44
N SER B 1 24.10 10.91 -6.61
CA SER B 1 24.92 9.90 -7.34
C SER B 1 24.16 8.57 -7.38
N GLU B 2 24.76 7.56 -8.01
CA GLU B 2 24.16 6.23 -8.11
C GLU B 2 23.75 5.73 -6.72
N GLY B 3 22.96 4.65 -6.67
CA GLY B 3 22.51 4.09 -5.39
C GLY B 3 21.51 2.94 -5.60
N LEU B 4 22.00 1.69 -5.58
CA LEU B 4 21.13 0.52 -5.75
C LEU B 4 20.98 -0.20 -4.41
N CYS B 5 19.84 -0.88 -4.22
CA CYS B 5 19.58 -1.59 -2.96
C CYS B 5 19.34 -3.10 -3.23
N PRO B 6 19.83 -4.01 -2.38
CA PRO B 6 19.64 -5.49 -2.57
C PRO B 6 18.15 -5.91 -2.44
N PRO B 7 17.80 -7.14 -2.83
CA PRO B 7 16.39 -7.63 -2.73
C PRO B 7 15.87 -7.55 -1.29
N GLY B 8 14.57 -7.23 -1.14
CA GLY B 8 13.95 -7.12 0.18
C GLY B 8 14.16 -5.75 0.83
N HIS B 9 14.92 -4.86 0.15
CA HIS B 9 15.21 -3.54 0.68
C HIS B 9 14.78 -2.43 -0.29
N HIS B 10 14.58 -1.23 0.26
CA HIS B 10 14.18 -0.06 -0.52
C HIS B 10 15.03 1.15 -0.09
N ILE B 11 15.18 2.15 -0.98
CA ILE B 11 16.00 3.33 -0.68
C ILE B 11 15.10 4.59 -0.56
N SER B 12 15.22 5.32 0.55
CA SER B 12 14.38 6.51 0.77
C SER B 12 14.58 7.53 -0.35
N GLU B 13 13.64 8.48 -0.44
CA GLU B 13 13.68 9.52 -1.48
C GLU B 13 15.01 10.28 -1.49
N ASP B 14 15.73 10.28 -0.36
CA ASP B 14 17.01 10.98 -0.28
C ASP B 14 18.15 10.18 -0.94
N GLY B 15 17.86 8.97 -1.43
CA GLY B 15 18.85 8.16 -2.13
C GLY B 15 20.08 7.76 -1.27
N ARG B 16 20.19 8.22 0.00
CA ARG B 16 21.36 7.91 0.83
C ARG B 16 21.04 6.94 1.97
N ASP B 17 19.85 6.30 1.97
CA ASP B 17 19.51 5.37 3.05
C ASP B 17 18.64 4.22 2.54
N CYS B 18 18.92 2.99 2.99
CA CYS B 18 18.14 1.83 2.58
C CYS B 18 17.60 1.09 3.80
N ILE B 19 16.31 0.72 3.73
CA ILE B 19 15.64 0.04 4.86
C ILE B 19 14.94 -1.28 4.41
N SER B 20 14.98 -2.23 5.32
CA SER B 20 14.38 -3.57 5.20
C SER B 20 12.84 -3.52 5.21
N CYS B 21 12.19 -4.43 4.48
CA CYS B 21 10.72 -4.47 4.42
C CYS B 21 10.26 -5.69 5.25
N LYS B 22 8.98 -5.69 5.68
CA LYS B 22 8.48 -6.74 6.55
C LYS B 22 7.94 -7.93 5.78
N TYR B 23 8.11 -9.12 6.36
CA TYR B 23 7.64 -10.35 5.74
C TYR B 23 6.12 -10.27 5.61
N GLY B 24 5.62 -10.63 4.43
CA GLY B 24 4.17 -10.62 4.19
C GLY B 24 3.60 -9.22 3.87
N GLN B 25 4.24 -8.11 4.33
CA GLN B 25 3.70 -6.78 4.01
C GLN B 25 4.07 -6.41 2.58
N ASP B 26 5.38 -6.30 2.33
CA ASP B 26 5.89 -5.97 1.01
C ASP B 26 7.29 -6.55 0.82
N TYR B 27 7.72 -6.69 -0.43
CA TYR B 27 9.06 -7.22 -0.73
C TYR B 27 9.58 -6.72 -2.08
N SER B 28 10.83 -7.09 -2.39
CA SER B 28 11.46 -6.77 -3.66
C SER B 28 12.10 -8.04 -4.21
N THR B 29 11.85 -8.38 -5.47
CA THR B 29 12.38 -9.60 -6.08
C THR B 29 13.74 -9.37 -6.75
N HIS B 30 13.91 -8.20 -7.36
CA HIS B 30 15.17 -7.87 -8.06
C HIS B 30 15.74 -6.56 -7.55
N TRP B 31 17.02 -6.32 -7.82
CA TRP B 31 17.70 -5.08 -7.39
C TRP B 31 16.87 -3.86 -7.78
N ASN B 32 16.77 -2.89 -6.88
CA ASN B 32 15.99 -1.68 -7.15
C ASN B 32 16.61 -0.46 -6.49
N ASP B 33 16.20 0.72 -6.96
CA ASP B 33 16.70 1.99 -6.43
C ASP B 33 15.51 2.95 -6.23
N LEU B 34 14.53 2.48 -5.46
CA LEU B 34 13.33 3.26 -5.19
C LEU B 34 12.88 3.12 -3.73
N LEU B 35 12.16 4.13 -3.26
CA LEU B 35 11.63 4.15 -1.89
C LEU B 35 10.34 3.33 -1.76
N PHE B 36 9.97 2.60 -2.82
CA PHE B 36 8.75 1.79 -2.82
C PHE B 36 9.09 0.30 -2.65
N CYS B 37 8.24 -0.39 -1.90
CA CYS B 37 8.37 -1.82 -1.66
C CYS B 37 7.22 -2.50 -2.41
N LEU B 38 7.49 -3.62 -3.08
CA LEU B 38 6.46 -4.31 -3.87
C LEU B 38 5.49 -5.08 -2.98
N ARG B 39 4.21 -4.77 -3.13
CA ARG B 39 3.14 -5.38 -2.36
C ARG B 39 3.04 -6.90 -2.62
N CYS B 40 2.57 -7.61 -1.60
CA CYS B 40 2.43 -9.07 -1.65
C CYS B 40 1.02 -9.43 -2.15
N THR B 41 0.93 -10.53 -2.92
CA THR B 41 -0.32 -11.00 -3.50
C THR B 41 -1.09 -11.91 -2.56
N ARG B 42 -2.41 -11.75 -2.55
CA ARG B 42 -3.28 -12.54 -1.68
C ARG B 42 -4.33 -13.27 -2.55
N CYS B 43 -4.85 -14.40 -2.04
CA CYS B 43 -5.83 -15.19 -2.78
C CYS B 43 -7.20 -15.11 -2.08
N ASP B 44 -8.27 -15.36 -2.85
CA ASP B 44 -9.64 -15.28 -2.33
C ASP B 44 -10.22 -16.66 -2.07
N SER B 45 -11.37 -16.70 -1.37
CA SER B 45 -12.04 -17.95 -1.05
C SER B 45 -12.16 -18.83 -2.30
N GLY B 46 -12.08 -20.14 -2.10
CA GLY B 46 -12.13 -21.09 -3.20
C GLY B 46 -10.71 -21.33 -3.76
N GLU B 47 -9.76 -20.44 -3.39
CA GLU B 47 -8.37 -20.57 -3.82
C GLU B 47 -7.47 -20.73 -2.60
N VAL B 48 -6.40 -21.52 -2.73
CA VAL B 48 -5.48 -21.77 -1.61
C VAL B 48 -4.11 -21.17 -1.91
N GLU B 49 -3.36 -20.86 -0.85
CA GLU B 49 -2.01 -20.30 -1.00
C GLU B 49 -0.99 -21.44 -1.19
N LEU B 50 -0.25 -21.40 -2.31
CA LEU B 50 0.73 -22.44 -2.61
C LEU B 50 2.07 -22.14 -1.95
N SER B 51 2.52 -20.88 -2.06
CA SER B 51 3.80 -20.47 -1.48
C SER B 51 3.71 -19.02 -0.96
N PRO B 52 3.65 -18.79 0.37
CA PRO B 52 3.59 -17.39 0.93
C PRO B 52 4.80 -16.55 0.51
N CYS B 53 4.67 -15.22 0.58
CA CYS B 53 5.76 -14.33 0.17
C CYS B 53 6.53 -13.78 1.38
N THR B 54 7.78 -13.43 1.11
CA THR B 54 8.69 -12.87 2.10
C THR B 54 9.45 -11.72 1.46
N THR B 55 10.36 -11.11 2.21
CA THR B 55 11.14 -9.98 1.68
C THR B 55 11.86 -10.36 0.38
N THR B 56 12.01 -11.66 0.12
CA THR B 56 12.69 -12.13 -1.10
C THR B 56 11.83 -13.12 -1.90
N ARG B 57 10.51 -13.23 -1.59
CA ARG B 57 9.65 -14.19 -2.31
C ARG B 57 8.29 -13.58 -2.70
N ASN B 58 7.63 -14.24 -3.66
CA ASN B 58 6.33 -13.82 -4.20
C ASN B 58 5.24 -14.87 -3.88
N THR B 59 4.03 -14.41 -3.53
CA THR B 59 2.94 -15.31 -3.19
C THR B 59 2.23 -15.83 -4.43
N VAL B 60 1.94 -17.14 -4.42
CA VAL B 60 1.25 -17.80 -5.52
C VAL B 60 -0.13 -18.27 -5.06
N CYS B 61 -1.10 -18.31 -5.99
CA CYS B 61 -2.46 -18.74 -5.65
C CYS B 61 -2.76 -20.10 -6.29
N GLN B 62 -3.63 -20.85 -5.64
CA GLN B 62 -4.02 -22.19 -6.06
C GLN B 62 -5.54 -22.29 -6.12
N CYS B 63 -6.06 -23.18 -6.97
CA CYS B 63 -7.50 -23.37 -7.12
C CYS B 63 -7.84 -24.77 -6.58
N GLU B 64 -9.01 -24.91 -5.95
CA GLU B 64 -9.40 -26.18 -5.32
C GLU B 64 -9.67 -27.24 -6.38
N GLU B 65 -9.47 -28.51 -6.00
CA GLU B 65 -9.66 -29.65 -6.90
C GLU B 65 -11.02 -29.57 -7.60
N GLY B 66 -11.04 -29.92 -8.89
CA GLY B 66 -12.27 -29.89 -9.68
C GLY B 66 -12.36 -28.61 -10.54
N THR B 67 -11.39 -27.68 -10.39
CA THR B 67 -11.38 -26.42 -11.14
C THR B 67 -10.21 -26.40 -12.13
N PHE B 68 -10.28 -25.51 -13.14
CA PHE B 68 -9.22 -25.44 -14.15
C PHE B 68 -8.91 -23.97 -14.49
N ARG B 69 -7.63 -23.66 -14.77
CA ARG B 69 -7.25 -22.29 -15.12
C ARG B 69 -5.97 -22.23 -15.97
N GLU B 70 -6.13 -21.74 -17.20
CA GLU B 70 -5.01 -21.59 -18.13
C GLU B 70 -4.53 -20.13 -18.11
N GLU B 71 -3.24 -19.91 -18.36
CA GLU B 71 -2.66 -18.57 -18.33
C GLU B 71 -3.42 -17.58 -19.24
N ASP B 72 -4.19 -18.11 -20.17
CA ASP B 72 -4.97 -17.29 -21.11
C ASP B 72 -6.23 -16.70 -20.44
N SER B 73 -6.60 -17.22 -19.25
CA SER B 73 -7.76 -16.74 -18.51
C SER B 73 -7.43 -16.64 -17.01
N PRO B 74 -7.04 -15.46 -16.50
CA PRO B 74 -6.70 -15.30 -15.05
C PRO B 74 -7.93 -15.05 -14.16
N GLU B 75 -7.72 -15.09 -12.84
CA GLU B 75 -8.80 -14.87 -11.86
C GLU B 75 -10.09 -15.62 -12.24
N MET B 76 -9.94 -16.73 -12.97
CA MET B 76 -11.10 -17.52 -13.39
C MET B 76 -10.78 -19.02 -13.34
N CYS B 77 -11.67 -19.81 -12.71
CA CYS B 77 -11.49 -21.25 -12.60
C CYS B 77 -12.72 -21.92 -13.23
N ARG B 78 -12.51 -23.03 -13.96
CA ARG B 78 -13.63 -23.73 -14.60
C ARG B 78 -13.68 -25.18 -14.14
N LYS B 79 -14.86 -25.78 -14.20
CA LYS B 79 -15.02 -27.17 -13.77
C LYS B 79 -14.27 -28.13 -14.70
N CYS B 80 -13.38 -28.92 -14.11
CA CYS B 80 -12.58 -29.88 -14.85
C CYS B 80 -13.46 -31.03 -15.30
N ARG B 81 -13.12 -31.61 -16.46
CA ARG B 81 -13.89 -32.73 -17.01
C ARG B 81 -13.59 -34.02 -16.25
N THR B 82 -14.64 -34.83 -16.01
CA THR B 82 -14.50 -36.09 -15.29
C THR B 82 -14.53 -37.31 -16.23
N GLY B 83 -14.54 -37.06 -17.56
CA GLY B 83 -14.57 -38.15 -18.54
C GLY B 83 -15.09 -37.65 -19.89
N CYS B 84 -14.35 -37.95 -20.96
CA CYS B 84 -14.73 -37.52 -22.30
C CYS B 84 -15.91 -38.37 -22.83
N PRO B 85 -16.65 -37.90 -23.85
CA PRO B 85 -17.80 -38.66 -24.42
C PRO B 85 -17.40 -40.07 -24.88
N ARG B 86 -18.39 -40.93 -25.13
CA ARG B 86 -18.14 -42.29 -25.57
C ARG B 86 -17.24 -42.30 -26.81
N GLY B 87 -16.24 -43.18 -26.80
CA GLY B 87 -15.29 -43.28 -27.92
C GLY B 87 -13.89 -42.80 -27.47
N MET B 88 -13.87 -41.78 -26.61
CA MET B 88 -12.62 -41.23 -26.09
C MET B 88 -12.26 -41.90 -24.77
N VAL B 89 -10.97 -41.88 -24.41
CA VAL B 89 -10.50 -42.51 -23.17
C VAL B 89 -9.73 -41.50 -22.32
N LYS B 90 -10.05 -41.45 -21.02
CA LYS B 90 -9.37 -40.57 -20.09
C LYS B 90 -7.99 -41.14 -19.76
N VAL B 91 -6.95 -40.32 -19.87
CA VAL B 91 -5.58 -40.79 -19.60
C VAL B 91 -4.73 -39.74 -18.86
N GLY B 92 -5.22 -38.50 -18.74
CA GLY B 92 -4.45 -37.44 -18.05
C GLY B 92 -5.09 -36.99 -16.74
N ASP B 93 -4.20 -36.55 -15.85
CA ASP B 93 -4.55 -36.05 -14.52
C ASP B 93 -4.95 -34.57 -14.60
N CYS B 94 -5.89 -34.14 -13.74
CA CYS B 94 -6.35 -32.76 -13.78
C CYS B 94 -5.78 -31.95 -12.62
N THR B 95 -5.14 -30.85 -13.01
CA THR B 95 -4.51 -29.92 -12.08
C THR B 95 -5.28 -28.59 -12.10
N PRO B 96 -5.49 -27.92 -10.98
CA PRO B 96 -6.28 -26.65 -10.93
C PRO B 96 -5.95 -25.70 -12.11
N TRP B 97 -4.77 -25.86 -12.71
CA TRP B 97 -4.37 -25.01 -13.84
C TRP B 97 -4.79 -25.62 -15.20
N SER B 98 -4.49 -26.91 -15.42
CA SER B 98 -4.82 -27.60 -16.68
C SER B 98 -5.98 -28.60 -16.53
N ASP B 99 -6.56 -29.01 -17.67
CA ASP B 99 -7.68 -29.97 -17.67
C ASP B 99 -7.17 -31.40 -17.92
N ILE B 100 -8.09 -32.38 -17.91
CA ILE B 100 -7.74 -33.79 -18.13
C ILE B 100 -7.26 -34.01 -19.56
N GLU B 101 -6.72 -35.21 -19.82
CA GLU B 101 -6.26 -35.56 -21.18
C GLU B 101 -7.06 -36.75 -21.71
N CYS B 102 -7.48 -36.65 -22.97
CA CYS B 102 -8.24 -37.73 -23.60
C CYS B 102 -7.54 -38.19 -24.87
N VAL B 103 -7.57 -39.50 -25.12
CA VAL B 103 -6.94 -40.08 -26.31
C VAL B 103 -7.87 -41.15 -26.90
N HIS B 104 -7.94 -41.19 -28.24
CA HIS B 104 -8.79 -42.17 -28.94
C HIS B 104 -8.22 -43.59 -28.78
N LYS B 105 -9.11 -44.59 -28.81
CA LYS B 105 -8.70 -45.99 -28.67
C LYS B 105 -9.82 -46.91 -29.14
N GLU B 106 -9.51 -47.79 -30.10
CA GLU B 106 -10.49 -48.73 -30.64
C GLU B 106 -10.26 -50.13 -30.07
N SER B 107 -11.06 -50.49 -29.05
CA SER B 107 -10.94 -51.80 -28.41
C SER B 107 -11.35 -52.92 -29.38
N GLY B 108 -12.46 -52.69 -30.10
CA GLY B 108 -12.96 -53.67 -31.06
C GLY B 108 -14.37 -53.31 -31.52
N ASP B 109 -14.62 -53.43 -32.83
CA ASP B 109 -15.93 -53.10 -33.40
C ASP B 109 -16.63 -54.38 -33.88
N SER C 1 -32.81 -17.13 -6.87
CA SER C 1 -31.51 -17.81 -6.59
C SER C 1 -30.48 -17.42 -7.66
N GLU C 2 -30.56 -16.17 -8.15
CA GLU C 2 -29.64 -15.68 -9.18
C GLU C 2 -28.21 -15.62 -8.64
N GLY C 3 -28.06 -15.23 -7.37
CA GLY C 3 -26.74 -15.12 -6.73
C GLY C 3 -26.35 -13.66 -6.53
N LEU C 4 -27.31 -12.85 -6.06
CA LEU C 4 -27.06 -11.42 -5.82
C LEU C 4 -27.64 -11.03 -4.45
N CYS C 5 -26.98 -10.07 -3.77
CA CYS C 5 -27.46 -9.61 -2.46
C CYS C 5 -27.75 -8.09 -2.52
N PRO C 6 -28.90 -7.61 -2.04
CA PRO C 6 -29.23 -6.15 -2.08
C PRO C 6 -28.24 -5.31 -1.24
N PRO C 7 -28.21 -3.99 -1.39
CA PRO C 7 -27.27 -3.12 -0.63
C PRO C 7 -27.37 -3.33 0.88
N GLY C 8 -26.21 -3.37 1.53
CA GLY C 8 -26.13 -3.58 2.98
C GLY C 8 -25.94 -5.05 3.35
N HIS C 9 -25.94 -5.95 2.34
CA HIS C 9 -25.79 -7.38 2.59
C HIS C 9 -24.65 -7.96 1.74
N HIS C 10 -24.00 -9.01 2.26
CA HIS C 10 -22.89 -9.69 1.55
C HIS C 10 -23.23 -11.18 1.43
N ILE C 11 -22.66 -11.86 0.42
CA ILE C 11 -22.95 -13.28 0.20
C ILE C 11 -21.72 -14.17 0.47
N SER C 12 -21.96 -15.42 0.88
CA SER C 12 -20.88 -16.36 1.17
C SER C 12 -20.15 -16.79 -0.10
N GLU C 13 -19.06 -17.52 0.07
CA GLU C 13 -18.25 -18.00 -1.06
C GLU C 13 -19.06 -18.96 -1.95
N ASP C 14 -19.81 -19.83 -1.29
CA ASP C 14 -20.64 -20.82 -1.98
C ASP C 14 -21.93 -20.20 -2.54
N GLY C 15 -22.18 -18.91 -2.27
CA GLY C 15 -23.37 -18.22 -2.79
C GLY C 15 -24.72 -18.78 -2.25
N ARG C 16 -24.71 -19.88 -1.46
CA ARG C 16 -25.95 -20.46 -0.95
C ARG C 16 -26.61 -19.61 0.15
N ASP C 17 -25.85 -18.70 0.80
CA ASP C 17 -26.43 -17.88 1.87
C ASP C 17 -25.88 -16.45 1.87
N CYS C 18 -26.67 -15.53 2.41
CA CYS C 18 -26.28 -14.12 2.51
C CYS C 18 -26.44 -13.63 3.95
N ILE C 19 -25.44 -12.91 4.46
CA ILE C 19 -25.47 -12.40 5.83
C ILE C 19 -25.60 -10.86 5.84
N SER C 20 -26.36 -10.36 6.79
CA SER C 20 -26.63 -8.93 6.94
C SER C 20 -25.49 -8.19 7.67
N CYS C 21 -25.23 -6.95 7.22
CA CYS C 21 -24.20 -6.10 7.83
C CYS C 21 -24.94 -4.96 8.56
N LYS C 22 -24.41 -4.54 9.72
CA LYS C 22 -25.09 -3.52 10.52
C LYS C 22 -24.39 -2.16 10.50
N TYR C 23 -25.20 -1.11 10.57
CA TYR C 23 -24.72 0.27 10.60
C TYR C 23 -23.63 0.43 11.66
N GLY C 24 -22.61 1.24 11.36
CA GLY C 24 -21.51 1.47 12.29
C GLY C 24 -20.38 0.42 12.17
N GLN C 25 -20.69 -0.82 11.72
CA GLN C 25 -19.64 -1.84 11.57
C GLN C 25 -19.13 -1.80 10.12
N ASP C 26 -20.08 -1.94 9.19
CA ASP C 26 -19.77 -1.91 7.75
C ASP C 26 -21.06 -1.62 6.98
N TYR C 27 -20.93 -1.23 5.71
CA TYR C 27 -22.11 -0.95 4.87
C TYR C 27 -21.82 -1.21 3.38
N SER C 28 -22.86 -1.08 2.57
CA SER C 28 -22.76 -1.23 1.12
C SER C 28 -23.77 -0.25 0.48
N THR C 29 -23.31 0.52 -0.51
CA THR C 29 -24.17 1.52 -1.15
C THR C 29 -25.04 0.91 -2.26
N HIS C 30 -24.50 -0.07 -2.99
CA HIS C 30 -25.24 -0.71 -4.08
C HIS C 30 -25.21 -2.24 -3.97
N TRP C 31 -26.12 -2.92 -4.66
CA TRP C 31 -26.17 -4.39 -4.64
C TRP C 31 -24.78 -4.94 -4.95
N ASN C 32 -24.39 -6.02 -4.25
CA ASN C 32 -23.06 -6.59 -4.44
C ASN C 32 -23.05 -8.11 -4.24
N ASP C 33 -21.90 -8.71 -4.53
CA ASP C 33 -21.71 -10.15 -4.39
C ASP C 33 -20.31 -10.44 -3.81
N LEU C 34 -20.08 -9.98 -2.57
CA LEU C 34 -18.79 -10.18 -1.90
C LEU C 34 -18.99 -10.90 -0.56
N LEU C 35 -17.88 -11.17 0.14
CA LEU C 35 -17.92 -11.86 1.44
C LEU C 35 -17.89 -10.85 2.59
N PHE C 36 -17.27 -9.69 2.33
CA PHE C 36 -17.14 -8.62 3.32
C PHE C 36 -18.00 -7.42 2.90
N CYS C 37 -18.24 -6.51 3.84
CA CYS C 37 -19.04 -5.31 3.56
C CYS C 37 -18.10 -4.10 3.53
N LEU C 38 -18.48 -3.03 2.84
CA LEU C 38 -17.62 -1.84 2.74
C LEU C 38 -17.46 -1.20 4.11
N ARG C 39 -16.21 -0.89 4.44
CA ARG C 39 -15.86 -0.30 5.72
C ARG C 39 -16.47 1.09 5.92
N CYS C 40 -16.71 1.42 7.19
CA CYS C 40 -17.28 2.72 7.58
C CYS C 40 -16.12 3.67 7.87
N THR C 41 -16.30 4.94 7.51
CA THR C 41 -15.25 5.94 7.68
C THR C 41 -15.27 6.56 9.08
N ARG C 42 -14.07 6.70 9.63
CA ARG C 42 -13.87 7.27 10.96
C ARG C 42 -12.86 8.40 10.87
N CYS C 43 -12.92 9.36 11.80
CA CYS C 43 -12.00 10.50 11.78
C CYS C 43 -11.04 10.44 12.98
N ASP C 44 -9.81 10.92 12.75
CA ASP C 44 -8.77 10.91 13.79
C ASP C 44 -8.89 12.12 14.70
N SER C 45 -8.14 12.10 15.81
CA SER C 45 -8.15 13.20 16.77
C SER C 45 -7.97 14.53 16.06
N GLY C 46 -8.76 15.52 16.45
CA GLY C 46 -8.72 16.84 15.82
C GLY C 46 -9.82 16.96 14.74
N GLU C 47 -10.40 15.82 14.32
CA GLU C 47 -11.46 15.83 13.33
C GLU C 47 -12.77 15.30 13.92
N VAL C 48 -13.89 15.87 13.46
CA VAL C 48 -15.23 15.47 13.94
C VAL C 48 -16.00 14.81 12.80
N GLU C 49 -16.97 13.97 13.14
CA GLU C 49 -17.80 13.31 12.12
C GLU C 49 -18.97 14.21 11.72
N LEU C 50 -19.03 14.59 10.44
CA LEU C 50 -20.09 15.46 9.96
C LEU C 50 -21.41 14.69 9.85
N SER C 51 -21.34 13.48 9.31
CA SER C 51 -22.52 12.63 9.16
C SER C 51 -22.15 11.15 9.39
N PRO C 52 -22.77 10.45 10.36
CA PRO C 52 -22.46 9.00 10.62
C PRO C 52 -22.86 8.09 9.45
N CYS C 53 -22.26 6.90 9.38
CA CYS C 53 -22.56 5.97 8.29
C CYS C 53 -23.51 4.88 8.75
N THR C 54 -24.58 4.71 7.98
CA THR C 54 -25.56 3.67 8.26
C THR C 54 -25.27 2.48 7.36
N THR C 55 -26.07 1.42 7.49
CA THR C 55 -25.88 0.25 6.64
C THR C 55 -25.97 0.65 5.15
N THR C 56 -26.49 1.87 4.86
CA THR C 56 -26.63 2.34 3.46
C THR C 56 -25.96 3.69 3.17
N ARG C 57 -25.08 4.19 4.07
CA ARG C 57 -24.45 5.50 3.87
C ARG C 57 -22.99 5.53 4.35
N ASN C 58 -22.21 6.49 3.83
CA ASN C 58 -20.80 6.66 4.14
C ASN C 58 -20.57 7.88 5.07
N THR C 59 -19.65 7.74 6.05
CA THR C 59 -19.35 8.81 7.01
C THR C 59 -18.34 9.82 6.43
N VAL C 60 -18.60 11.10 6.69
CA VAL C 60 -17.75 12.19 6.22
C VAL C 60 -16.96 12.76 7.42
N CYS C 61 -15.76 13.30 7.16
CA CYS C 61 -14.93 13.83 8.23
C CYS C 61 -14.83 15.36 8.17
N GLN C 62 -14.78 15.95 9.35
CA GLN C 62 -14.70 17.39 9.54
C GLN C 62 -13.49 17.75 10.39
N CYS C 63 -12.96 18.96 10.24
CA CYS C 63 -11.81 19.40 11.03
C CYS C 63 -12.27 20.54 11.93
N GLU C 64 -11.63 20.68 13.10
CA GLU C 64 -12.04 21.70 14.08
C GLU C 64 -11.74 23.12 13.58
N GLU C 65 -12.64 24.04 13.94
CA GLU C 65 -12.50 25.46 13.54
C GLU C 65 -11.11 25.99 13.87
N GLY C 66 -10.64 26.94 13.06
CA GLY C 66 -9.32 27.53 13.25
C GLY C 66 -8.29 26.88 12.33
N THR C 67 -8.58 25.66 11.84
CA THR C 67 -7.67 24.94 10.96
C THR C 67 -8.27 24.89 9.53
N PHE C 68 -7.44 24.61 8.50
CA PHE C 68 -7.94 24.56 7.13
C PHE C 68 -7.30 23.45 6.30
N ARG C 69 -7.99 23.00 5.24
CA ARG C 69 -7.48 21.92 4.39
C ARG C 69 -7.22 22.44 2.96
N GLU C 70 -5.95 22.46 2.60
CA GLU C 70 -5.53 22.92 1.26
C GLU C 70 -5.98 21.89 0.22
N GLU C 71 -6.27 22.35 -0.99
CA GLU C 71 -6.70 21.46 -2.07
C GLU C 71 -5.71 20.32 -2.30
N ASP C 72 -4.49 20.50 -1.83
CA ASP C 72 -3.43 19.50 -1.98
C ASP C 72 -3.24 18.65 -0.72
N SER C 73 -3.67 19.17 0.45
CA SER C 73 -3.53 18.44 1.71
C SER C 73 -4.38 17.15 1.70
N PRO C 74 -3.88 16.01 2.18
CA PRO C 74 -4.64 14.73 2.19
C PRO C 74 -5.55 14.58 3.42
N GLU C 75 -4.95 14.58 4.62
CA GLU C 75 -5.73 14.44 5.86
C GLU C 75 -5.14 15.34 6.97
N MET C 76 -4.70 16.53 6.57
CA MET C 76 -4.10 17.49 7.50
C MET C 76 -4.82 18.83 7.43
N CYS C 77 -4.87 19.53 8.57
CA CYS C 77 -5.51 20.84 8.65
C CYS C 77 -4.47 21.84 9.17
N ARG C 78 -4.48 23.10 8.69
CA ARG C 78 -3.48 24.09 9.13
C ARG C 78 -4.17 25.32 9.72
N LYS C 79 -3.48 26.01 10.61
CA LYS C 79 -4.04 27.19 11.27
C LYS C 79 -4.26 28.34 10.30
N CYS C 80 -5.51 28.80 10.24
CA CYS C 80 -5.90 29.91 9.38
C CYS C 80 -5.24 31.19 9.93
N ARG C 81 -5.03 32.17 9.05
CA ARG C 81 -4.40 33.43 9.48
C ARG C 81 -5.37 34.23 10.34
N THR C 82 -4.93 34.64 11.53
CA THR C 82 -5.75 35.40 12.46
C THR C 82 -5.62 36.92 12.24
N GLY C 83 -4.94 37.32 11.16
CA GLY C 83 -4.75 38.74 10.86
C GLY C 83 -3.95 38.93 9.57
N CYS C 84 -4.62 39.42 8.53
CA CYS C 84 -3.98 39.65 7.24
C CYS C 84 -2.73 40.54 7.41
N PRO C 85 -1.73 40.43 6.53
CA PRO C 85 -0.49 41.27 6.62
C PRO C 85 -0.80 42.75 6.89
N ARG C 86 0.20 43.50 7.35
CA ARG C 86 0.02 44.92 7.65
C ARG C 86 -0.46 45.66 6.40
N GLY C 87 -1.38 46.62 6.61
CA GLY C 87 -1.93 47.40 5.50
C GLY C 87 -2.87 46.55 4.64
N MET C 88 -3.59 45.62 5.29
CA MET C 88 -4.53 44.74 4.59
C MET C 88 -5.89 44.77 5.29
N VAL C 89 -6.93 44.25 4.64
CA VAL C 89 -8.28 44.23 5.22
C VAL C 89 -8.84 42.79 5.22
N LYS C 90 -9.54 42.46 6.31
CA LYS C 90 -10.16 41.15 6.47
C LYS C 90 -11.56 41.19 5.87
N VAL C 91 -11.98 40.09 5.21
CA VAL C 91 -13.30 40.06 4.60
C VAL C 91 -13.82 38.62 4.36
N GLY C 92 -12.94 37.60 4.41
CA GLY C 92 -13.40 36.22 4.18
C GLY C 92 -13.31 35.34 5.43
N ASP C 93 -14.26 34.40 5.48
CA ASP C 93 -14.42 33.43 6.56
C ASP C 93 -13.59 32.17 6.30
N CYS C 94 -13.06 31.56 7.38
CA CYS C 94 -12.24 30.37 7.24
C CYS C 94 -13.04 29.13 7.68
N THR C 95 -13.10 28.19 6.74
CA THR C 95 -13.81 26.93 6.89
C THR C 95 -12.79 25.79 6.94
N PRO C 96 -12.97 24.75 7.76
CA PRO C 96 -11.98 23.63 7.85
C PRO C 96 -11.43 23.20 6.47
N TRP C 97 -12.19 23.47 5.41
CA TRP C 97 -11.77 23.13 4.04
C TRP C 97 -11.09 24.35 3.34
N SER C 98 -11.56 25.57 3.61
CA SER C 98 -11.04 26.80 2.99
C SER C 98 -10.18 27.64 3.96
N ASP C 99 -9.42 28.60 3.40
CA ASP C 99 -8.57 29.50 4.19
C ASP C 99 -9.15 30.92 4.23
N ILE C 100 -8.63 31.78 5.13
CA ILE C 100 -9.11 33.18 5.24
C ILE C 100 -8.84 33.95 3.95
N GLU C 101 -9.63 35.02 3.72
CA GLU C 101 -9.42 35.87 2.53
C GLU C 101 -9.10 37.30 2.94
N CYS C 102 -8.09 37.89 2.31
CA CYS C 102 -7.69 39.26 2.60
C CYS C 102 -7.81 40.13 1.36
N VAL C 103 -8.24 41.37 1.58
CA VAL C 103 -8.41 42.36 0.50
C VAL C 103 -7.71 43.67 0.84
N HIS C 104 -7.33 44.44 -0.19
CA HIS C 104 -6.66 45.72 0.04
C HIS C 104 -7.63 46.87 -0.23
N LYS C 105 -7.66 47.84 0.70
CA LYS C 105 -8.56 49.01 0.57
C LYS C 105 -9.98 48.56 0.21
N GLU C 106 -10.82 48.36 1.24
CA GLU C 106 -12.20 47.94 1.03
C GLU C 106 -13.14 49.16 0.98
N SER C 107 -13.74 49.40 -0.18
CA SER C 107 -14.66 50.52 -0.36
C SER C 107 -13.98 51.84 0.05
N GLY C 108 -14.70 52.95 -0.12
CA GLY C 108 -14.18 54.28 0.22
C GLY C 108 -13.73 54.32 1.69
N ASP C 109 -12.51 54.78 1.93
CA ASP C 109 -11.96 54.88 3.28
C ASP C 109 -12.07 53.53 4.01
N SER A 1 36.40 1.61 -12.60
CA SER A 1 37.47 2.58 -12.25
C SER A 1 37.97 2.29 -10.83
N GLU A 2 39.23 2.64 -10.57
CA GLU A 2 39.85 2.42 -9.25
C GLU A 2 39.63 3.64 -8.35
N GLY A 3 40.07 3.53 -7.10
CA GLY A 3 39.94 4.61 -6.13
C GLY A 3 38.70 4.43 -5.26
N LEU A 4 38.70 3.38 -4.44
CA LEU A 4 37.57 3.09 -3.55
C LEU A 4 38.06 2.86 -2.12
N CYS A 5 37.22 3.22 -1.14
CA CYS A 5 37.57 3.06 0.28
C CYS A 5 36.53 2.16 1.00
N PRO A 6 36.94 1.25 1.90
CA PRO A 6 35.98 0.35 2.62
C PRO A 6 34.99 1.13 3.52
N PRO A 7 33.92 0.49 4.01
CA PRO A 7 32.92 1.16 4.89
C PRO A 7 33.60 1.86 6.09
N GLY A 8 33.10 3.04 6.45
CA GLY A 8 33.67 3.81 7.57
C GLY A 8 34.87 4.65 7.11
N HIS A 9 35.43 4.33 5.93
CA HIS A 9 36.58 5.03 5.39
C HIS A 9 36.20 5.75 4.09
N HIS A 10 36.95 6.79 3.73
CA HIS A 10 36.71 7.55 2.50
C HIS A 10 38.05 7.80 1.78
N ILE A 11 38.01 8.00 0.46
CA ILE A 11 39.22 8.22 -0.32
C ILE A 11 39.30 9.64 -0.89
N SER A 12 40.52 10.17 -1.01
CA SER A 12 40.75 11.51 -1.53
C SER A 12 40.55 11.58 -3.05
N GLU A 13 40.68 12.78 -3.60
CA GLU A 13 40.51 13.00 -5.05
C GLU A 13 41.59 12.28 -5.85
N ASP A 14 42.81 12.30 -5.34
CA ASP A 14 43.95 11.68 -6.04
C ASP A 14 43.96 10.13 -5.88
N GLY A 15 43.00 9.59 -5.13
CA GLY A 15 42.89 8.13 -4.96
C GLY A 15 44.11 7.46 -4.25
N ARG A 16 45.19 8.21 -3.93
CA ARG A 16 46.35 7.61 -3.28
C ARG A 16 46.32 7.79 -1.75
N ASP A 17 45.14 8.12 -1.19
CA ASP A 17 45.02 8.32 0.25
C ASP A 17 43.58 8.12 0.74
N CYS A 18 43.44 7.44 1.88
CA CYS A 18 42.13 7.19 2.49
C CYS A 18 42.17 7.63 3.96
N ILE A 19 41.12 8.31 4.42
CA ILE A 19 41.06 8.79 5.80
C ILE A 19 39.88 8.16 6.56
N SER A 20 40.12 7.89 7.83
CA SER A 20 39.14 7.27 8.73
C SER A 20 38.11 8.29 9.26
N CYS A 21 36.86 7.83 9.41
CA CYS A 21 35.78 8.68 9.93
C CYS A 21 35.46 8.17 11.34
N LYS A 22 34.97 9.04 12.22
CA LYS A 22 34.69 8.66 13.60
C LYS A 22 33.22 8.39 13.87
N TYR A 23 32.98 7.44 14.77
CA TYR A 23 31.63 7.05 15.17
C TYR A 23 30.81 8.30 15.54
N GLY A 24 29.56 8.34 15.09
CA GLY A 24 28.65 9.45 15.42
C GLY A 24 28.75 10.71 14.52
N GLN A 25 29.90 10.99 13.86
CA GLN A 25 29.98 12.21 13.02
C GLN A 25 29.26 12.00 11.69
N ASP A 26 29.68 10.97 10.97
CA ASP A 26 29.12 10.63 9.65
C ASP A 26 29.47 9.16 9.38
N TYR A 27 28.84 8.53 8.38
CA TYR A 27 29.11 7.11 8.11
C TYR A 27 29.16 6.74 6.65
N SER A 28 29.59 5.51 6.43
CA SER A 28 29.60 4.94 5.09
C SER A 28 29.03 3.51 5.21
N THR A 29 28.02 3.21 4.40
CA THR A 29 27.39 1.88 4.44
C THR A 29 28.01 0.93 3.41
N HIS A 30 28.36 1.47 2.25
CA HIS A 30 28.94 0.70 1.16
C HIS A 30 30.25 1.35 0.69
N TRP A 31 31.08 0.60 -0.06
CA TRP A 31 32.36 1.11 -0.56
C TRP A 31 32.14 2.49 -1.19
N ASN A 32 32.75 3.52 -0.60
CA ASN A 32 32.59 4.89 -1.08
C ASN A 32 33.75 5.31 -1.98
N ASP A 33 33.44 6.18 -2.95
CA ASP A 33 34.43 6.69 -3.89
C ASP A 33 34.50 8.23 -3.79
N LEU A 34 34.58 8.70 -2.55
CA LEU A 34 34.64 10.15 -2.28
C LEU A 34 35.55 10.43 -1.08
N LEU A 35 35.78 11.72 -0.81
CA LEU A 35 36.62 12.14 0.32
C LEU A 35 35.76 12.50 1.56
N PHE A 36 34.44 12.46 1.42
CA PHE A 36 33.53 12.79 2.53
C PHE A 36 32.81 11.53 3.03
N CYS A 37 32.25 11.61 4.22
CA CYS A 37 31.49 10.52 4.83
C CYS A 37 30.02 10.93 4.82
N LEU A 38 29.10 9.97 4.63
CA LEU A 38 27.68 10.31 4.54
C LEU A 38 27.08 10.64 5.91
N ARG A 39 25.88 11.21 5.88
CA ARG A 39 25.17 11.61 7.09
C ARG A 39 24.34 10.47 7.69
N CYS A 40 24.19 10.50 9.01
CA CYS A 40 23.41 9.48 9.72
C CYS A 40 21.97 9.99 9.92
N THR A 41 21.01 9.06 9.91
CA THR A 41 19.60 9.41 10.06
C THR A 41 19.12 9.18 11.50
N ARG A 42 18.29 10.10 11.98
CA ARG A 42 17.73 10.03 13.34
C ARG A 42 16.21 9.94 13.28
N CYS A 43 15.60 9.34 14.31
CA CYS A 43 14.15 9.16 14.35
C CYS A 43 13.47 10.00 15.44
N ASP A 44 12.18 10.27 15.23
CA ASP A 44 11.38 11.06 16.17
C ASP A 44 10.14 10.26 16.59
N SER A 45 9.44 10.76 17.63
CA SER A 45 8.23 10.11 18.15
C SER A 45 7.28 9.75 17.01
N GLY A 46 6.57 8.63 17.18
CA GLY A 46 5.65 8.16 16.15
C GLY A 46 6.37 7.20 15.17
N GLU A 47 7.71 7.21 15.22
CA GLU A 47 8.52 6.35 14.37
C GLU A 47 9.33 5.37 15.21
N VAL A 48 9.67 4.22 14.64
CA VAL A 48 10.42 3.19 15.37
C VAL A 48 11.81 3.00 14.75
N GLU A 49 12.78 2.81 15.63
CA GLU A 49 14.17 2.58 15.24
C GLU A 49 14.42 1.08 15.11
N LEU A 50 14.87 0.61 13.93
CA LEU A 50 15.12 -0.82 13.75
C LEU A 50 16.61 -1.17 13.89
N SER A 51 17.51 -0.28 13.45
CA SER A 51 18.96 -0.56 13.52
C SER A 51 19.78 0.68 13.98
N PRO A 52 20.92 0.47 14.64
CA PRO A 52 21.83 1.57 15.12
C PRO A 52 22.73 2.20 14.03
N CYS A 53 23.23 3.42 14.30
CA CYS A 53 24.16 4.14 13.41
C CYS A 53 25.60 3.98 13.93
N THR A 54 26.53 3.60 13.03
CA THR A 54 27.93 3.42 13.40
C THR A 54 28.81 3.48 12.15
N THR A 55 30.14 3.55 12.31
CA THR A 55 31.05 3.63 11.16
C THR A 55 30.82 2.46 10.19
N THR A 56 30.18 1.40 10.66
CA THR A 56 29.85 0.24 9.83
C THR A 56 28.35 -0.10 9.89
N ARG A 57 27.53 0.83 10.43
CA ARG A 57 26.08 0.59 10.54
C ARG A 57 25.29 1.87 10.24
N ASN A 58 24.03 1.67 9.81
CA ASN A 58 23.13 2.78 9.48
C ASN A 58 21.84 2.68 10.30
N THR A 59 21.31 3.82 10.79
CA THR A 59 20.08 3.79 11.57
C THR A 59 18.87 3.75 10.67
N VAL A 60 17.91 2.92 11.07
CA VAL A 60 16.69 2.75 10.30
C VAL A 60 15.53 3.43 10.99
N CYS A 61 14.74 4.15 10.18
CA CYS A 61 13.55 4.78 10.66
C CYS A 61 12.36 4.05 10.04
N GLN A 62 11.34 3.89 10.83
CA GLN A 62 10.12 3.19 10.44
C GLN A 62 8.95 3.93 11.07
N CYS A 63 7.77 3.83 10.47
CA CYS A 63 6.60 4.52 11.00
C CYS A 63 5.61 3.49 11.54
N GLU A 64 4.82 3.88 12.53
CA GLU A 64 3.89 2.96 13.19
C GLU A 64 2.74 2.56 12.26
N GLU A 65 2.26 1.33 12.45
CA GLU A 65 1.16 0.77 11.65
C GLU A 65 -0.02 1.73 11.62
N GLY A 66 -0.77 1.70 10.51
CA GLY A 66 -1.93 2.57 10.34
C GLY A 66 -1.55 3.86 9.60
N THR A 67 -0.25 4.17 9.52
CA THR A 67 0.22 5.38 8.84
C THR A 67 1.08 5.02 7.61
N PHE A 68 1.24 5.96 6.67
CA PHE A 68 2.04 5.69 5.46
C PHE A 68 2.89 6.90 5.04
N ARG A 69 4.00 6.66 4.32
CA ARG A 69 4.87 7.76 3.88
C ARG A 69 4.90 7.87 2.36
N GLU A 70 4.34 8.98 1.87
CA GLU A 70 4.30 9.27 0.43
C GLU A 70 5.55 10.05 0.00
N GLU A 71 5.97 9.86 -1.25
CA GLU A 71 7.18 10.53 -1.78
C GLU A 71 7.12 12.05 -1.64
N ASP A 72 5.92 12.58 -1.45
CA ASP A 72 5.72 14.02 -1.32
C ASP A 72 5.82 14.50 0.14
N SER A 73 5.84 13.56 1.09
CA SER A 73 5.92 13.90 2.51
C SER A 73 7.36 14.28 2.91
N PRO A 74 7.58 15.33 3.71
CA PRO A 74 8.96 15.74 4.13
C PRO A 74 9.59 14.74 5.10
N GLU A 75 8.80 14.29 6.07
CA GLU A 75 9.27 13.32 7.08
C GLU A 75 8.14 12.84 8.00
N MET A 76 6.89 12.97 7.53
CA MET A 76 5.72 12.56 8.28
C MET A 76 5.03 11.38 7.61
N CYS A 77 4.05 10.79 8.30
CA CYS A 77 3.30 9.66 7.80
C CYS A 77 1.81 10.04 7.79
N ARG A 78 0.98 9.36 6.98
CA ARG A 78 -0.45 9.70 6.91
C ARG A 78 -1.29 8.47 7.17
N LYS A 79 -2.51 8.65 7.64
CA LYS A 79 -3.38 7.52 7.93
C LYS A 79 -3.75 6.80 6.64
N CYS A 80 -3.65 5.46 6.67
CA CYS A 80 -3.96 4.65 5.50
C CYS A 80 -5.44 4.77 5.23
N ARG A 81 -5.85 4.57 3.98
CA ARG A 81 -7.26 4.68 3.60
C ARG A 81 -8.16 3.94 4.59
N THR A 82 -9.06 4.68 5.23
CA THR A 82 -9.98 4.12 6.23
C THR A 82 -11.21 3.46 5.57
N GLY A 83 -11.14 3.22 4.26
CA GLY A 83 -12.24 2.60 3.52
C GLY A 83 -12.04 2.78 2.02
N CYS A 84 -11.78 1.67 1.31
CA CYS A 84 -11.56 1.69 -0.13
C CYS A 84 -12.65 2.55 -0.84
N PRO A 85 -12.35 3.15 -1.99
CA PRO A 85 -13.34 3.99 -2.74
C PRO A 85 -14.66 3.26 -2.97
N ARG A 86 -15.76 4.02 -2.96
CA ARG A 86 -17.10 3.46 -3.17
C ARG A 86 -17.14 2.59 -4.43
N GLY A 87 -17.17 1.27 -4.22
CA GLY A 87 -17.23 0.32 -5.34
C GLY A 87 -15.93 -0.50 -5.43
N MET A 88 -15.18 -0.59 -4.33
CA MET A 88 -13.93 -1.34 -4.29
C MET A 88 -13.89 -2.23 -3.04
N VAL A 89 -12.84 -3.04 -2.92
CA VAL A 89 -12.71 -3.94 -1.77
C VAL A 89 -11.30 -4.01 -1.21
N LYS A 90 -11.21 -4.41 0.06
CA LYS A 90 -9.94 -4.56 0.77
C LYS A 90 -9.20 -5.81 0.29
N VAL A 91 -7.90 -5.66 0.00
CA VAL A 91 -7.08 -6.79 -0.45
C VAL A 91 -5.59 -6.60 -0.14
N GLY A 92 -5.13 -5.35 0.05
CA GLY A 92 -3.70 -5.11 0.32
C GLY A 92 -3.43 -4.58 1.73
N ASP A 93 -2.23 -4.94 2.20
CA ASP A 93 -1.69 -4.56 3.51
C ASP A 93 -1.04 -3.17 3.45
N CYS A 94 -1.11 -2.42 4.57
CA CYS A 94 -0.55 -1.07 4.58
C CYS A 94 0.77 -1.09 5.35
N THR A 95 1.79 -0.57 4.66
CA THR A 95 3.16 -0.51 5.18
C THR A 95 3.50 0.93 5.59
N PRO A 96 4.22 1.14 6.69
CA PRO A 96 4.55 2.51 7.18
C PRO A 96 4.96 3.47 6.04
N TRP A 97 5.42 2.91 4.92
CA TRP A 97 5.82 3.74 3.77
C TRP A 97 4.74 3.75 2.65
N SER A 98 4.10 2.60 2.36
CA SER A 98 3.09 2.52 1.28
C SER A 98 1.65 2.43 1.81
N ASP A 99 0.67 2.68 0.92
CA ASP A 99 -0.76 2.65 1.27
C ASP A 99 -1.37 1.25 1.03
N ILE A 100 -2.68 1.12 1.31
CA ILE A 100 -3.40 -0.17 1.13
C ILE A 100 -3.73 -0.41 -0.35
N GLU A 101 -4.32 -1.59 -0.64
CA GLU A 101 -4.72 -1.91 -2.02
C GLU A 101 -6.23 -2.11 -2.11
N CYS A 102 -6.85 -1.47 -3.09
CA CYS A 102 -8.29 -1.57 -3.33
C CYS A 102 -8.53 -2.13 -4.73
N VAL A 103 -9.57 -2.95 -4.90
CA VAL A 103 -9.88 -3.55 -6.21
C VAL A 103 -11.35 -3.35 -6.59
N HIS A 104 -11.58 -3.03 -7.87
CA HIS A 104 -12.92 -2.84 -8.40
C HIS A 104 -13.31 -4.07 -9.25
N LYS A 105 -14.52 -4.59 -9.02
CA LYS A 105 -15.00 -5.76 -9.76
C LYS A 105 -16.44 -6.10 -9.39
N GLU A 106 -17.25 -6.44 -10.40
CA GLU A 106 -18.66 -6.78 -10.19
C GLU A 106 -19.36 -5.74 -9.31
N SER A 107 -19.94 -4.72 -9.95
CA SER A 107 -20.65 -3.66 -9.23
C SER A 107 -21.96 -3.28 -9.93
N GLY A 108 -22.48 -4.16 -10.80
CA GLY A 108 -23.71 -3.91 -11.53
C GLY A 108 -23.72 -4.60 -12.88
N ASP A 109 -22.58 -4.53 -13.59
CA ASP A 109 -22.46 -5.15 -14.91
C ASP A 109 -22.78 -6.65 -14.83
N SER B 1 27.55 8.94 -6.22
CA SER B 1 26.60 7.97 -5.59
C SER B 1 26.08 7.01 -6.66
N GLU B 2 26.02 5.72 -6.31
CA GLU B 2 25.54 4.70 -7.24
C GLU B 2 24.00 4.67 -7.22
N GLY B 3 23.43 4.55 -6.02
CA GLY B 3 21.98 4.50 -5.86
C GLY B 3 21.43 3.12 -6.20
N LEU B 4 21.89 2.09 -5.47
CA LEU B 4 21.44 0.72 -5.68
C LEU B 4 21.21 0.01 -4.35
N CYS B 5 20.18 -0.84 -4.30
CA CYS B 5 19.86 -1.58 -3.06
C CYS B 5 19.60 -3.08 -3.38
N PRO B 6 20.13 -4.02 -2.59
CA PRO B 6 19.91 -5.49 -2.84
C PRO B 6 18.43 -5.90 -2.68
N PRO B 7 18.03 -7.10 -3.12
CA PRO B 7 16.62 -7.57 -2.99
C PRO B 7 16.15 -7.58 -1.53
N GLY B 8 14.86 -7.25 -1.33
CA GLY B 8 14.27 -7.22 0.01
C GLY B 8 14.47 -5.84 0.68
N HIS B 9 15.23 -4.95 0.04
CA HIS B 9 15.49 -3.62 0.59
C HIS B 9 15.05 -2.51 -0.38
N HIS B 10 14.81 -1.33 0.19
CA HIS B 10 14.39 -0.15 -0.58
C HIS B 10 15.20 1.07 -0.12
N ILE B 11 15.31 2.10 -0.97
CA ILE B 11 16.11 3.28 -0.63
C ILE B 11 15.20 4.52 -0.42
N SER B 12 15.36 5.18 0.74
CA SER B 12 14.53 6.33 1.08
C SER B 12 14.64 7.45 0.05
N GLU B 13 13.74 8.43 0.17
CA GLU B 13 13.66 9.58 -0.73
C GLU B 13 14.99 10.32 -0.87
N ASP B 14 15.76 10.33 0.20
CA ASP B 14 17.05 11.03 0.22
C ASP B 14 18.15 10.26 -0.54
N GLY B 15 17.83 9.06 -1.04
CA GLY B 15 18.80 8.28 -1.83
C GLY B 15 20.07 7.86 -1.04
N ARG B 16 20.24 8.29 0.22
CA ARG B 16 21.45 7.94 0.98
C ARG B 16 21.15 6.92 2.10
N ASP B 17 19.98 6.27 2.07
CA ASP B 17 19.65 5.28 3.10
C ASP B 17 18.82 4.15 2.52
N CYS B 18 19.10 2.92 2.96
CA CYS B 18 18.35 1.76 2.48
C CYS B 18 17.81 1.02 3.69
N ILE B 19 16.52 0.66 3.63
CA ILE B 19 15.85 0.02 4.76
C ILE B 19 15.22 -1.33 4.40
N SER B 20 15.27 -2.23 5.37
CA SER B 20 14.73 -3.59 5.28
C SER B 20 13.19 -3.59 5.23
N CYS B 21 12.60 -4.53 4.48
CA CYS B 21 11.14 -4.62 4.37
C CYS B 21 10.69 -5.84 5.19
N LYS B 22 9.43 -5.87 5.62
CA LYS B 22 8.94 -6.94 6.49
C LYS B 22 8.32 -8.09 5.71
N TYR B 23 8.50 -9.30 6.24
CA TYR B 23 7.96 -10.50 5.62
C TYR B 23 6.44 -10.39 5.51
N GLY B 24 5.91 -10.71 4.34
CA GLY B 24 4.46 -10.67 4.13
C GLY B 24 3.90 -9.24 3.86
N GLN B 25 4.57 -8.15 4.31
CA GLN B 25 4.04 -6.80 4.06
C GLN B 25 4.42 -6.33 2.66
N ASP B 26 5.62 -6.71 2.21
CA ASP B 26 6.12 -6.35 0.88
C ASP B 26 7.53 -6.89 0.67
N TYR B 27 7.97 -6.96 -0.59
CA TYR B 27 9.31 -7.47 -0.91
C TYR B 27 9.83 -6.92 -2.24
N SER B 28 11.08 -7.26 -2.54
CA SER B 28 11.71 -6.90 -3.80
C SER B 28 12.38 -8.17 -4.36
N THR B 29 12.13 -8.50 -5.64
CA THR B 29 12.70 -9.70 -6.24
C THR B 29 14.04 -9.43 -6.92
N HIS B 30 14.17 -8.25 -7.53
CA HIS B 30 15.41 -7.87 -8.22
C HIS B 30 15.95 -6.55 -7.68
N TRP B 31 17.24 -6.28 -7.96
CA TRP B 31 17.88 -5.04 -7.49
C TRP B 31 17.02 -3.83 -7.85
N ASN B 32 16.88 -2.90 -6.90
CA ASN B 32 16.06 -1.71 -7.13
C ASN B 32 16.71 -0.47 -6.53
N ASP B 33 16.17 0.70 -6.87
CA ASP B 33 16.68 1.97 -6.36
C ASP B 33 15.52 2.95 -6.12
N LEU B 34 14.53 2.49 -5.35
CA LEU B 34 13.36 3.30 -5.05
C LEU B 34 12.94 3.14 -3.59
N LEU B 35 12.19 4.13 -3.10
CA LEU B 35 11.68 4.11 -1.72
C LEU B 35 10.43 3.23 -1.59
N PHE B 36 10.07 2.52 -2.67
CA PHE B 36 8.90 1.64 -2.65
C PHE B 36 9.32 0.18 -2.57
N CYS B 37 8.50 -0.59 -1.84
CA CYS B 37 8.71 -2.02 -1.68
C CYS B 37 7.58 -2.68 -2.47
N LEU B 38 7.87 -3.76 -3.22
CA LEU B 38 6.82 -4.38 -4.03
C LEU B 38 5.81 -5.12 -3.16
N ARG B 39 4.55 -4.78 -3.37
CA ARG B 39 3.44 -5.33 -2.63
C ARG B 39 3.30 -6.84 -2.85
N CYS B 40 2.79 -7.54 -1.83
CA CYS B 40 2.63 -9.00 -1.87
C CYS B 40 1.21 -9.36 -2.36
N THR B 41 1.13 -10.48 -3.07
CA THR B 41 -0.13 -10.95 -3.66
C THR B 41 -0.89 -11.86 -2.69
N ARG B 42 -2.21 -11.71 -2.67
CA ARG B 42 -3.09 -12.50 -1.81
C ARG B 42 -4.13 -13.23 -2.64
N CYS B 43 -4.64 -14.36 -2.12
CA CYS B 43 -5.64 -15.16 -2.84
C CYS B 43 -6.99 -15.08 -2.12
N ASP B 44 -8.08 -15.33 -2.86
CA ASP B 44 -9.43 -15.24 -2.32
C ASP B 44 -10.01 -16.64 -2.03
N SER B 45 -11.13 -16.68 -1.32
CA SER B 45 -11.80 -17.94 -0.98
C SER B 45 -11.94 -18.82 -2.22
N GLY B 46 -11.86 -20.13 -2.02
CA GLY B 46 -11.92 -21.08 -3.13
C GLY B 46 -10.52 -21.29 -3.73
N GLU B 47 -9.57 -20.40 -3.39
CA GLU B 47 -8.19 -20.50 -3.87
C GLU B 47 -7.28 -20.75 -2.67
N VAL B 48 -6.20 -21.53 -2.86
CA VAL B 48 -5.26 -21.84 -1.77
C VAL B 48 -3.89 -21.21 -2.06
N GLU B 49 -3.13 -20.97 -1.00
CA GLU B 49 -1.79 -20.39 -1.14
C GLU B 49 -0.78 -21.51 -1.37
N LEU B 50 -0.10 -21.48 -2.54
CA LEU B 50 0.89 -22.51 -2.86
C LEU B 50 2.24 -22.20 -2.21
N SER B 51 2.66 -20.95 -2.31
CA SER B 51 3.93 -20.50 -1.74
C SER B 51 3.81 -19.06 -1.21
N PRO B 52 3.85 -18.81 0.11
CA PRO B 52 3.76 -17.42 0.67
C PRO B 52 4.95 -16.56 0.24
N CYS B 53 4.80 -15.22 0.31
CA CYS B 53 5.88 -14.31 -0.10
C CYS B 53 6.66 -13.78 1.09
N THR B 54 7.95 -13.64 0.87
CA THR B 54 8.88 -13.10 1.85
C THR B 54 9.66 -11.97 1.21
N THR B 55 10.58 -11.36 1.95
CA THR B 55 11.37 -10.25 1.41
C THR B 55 12.09 -10.66 0.11
N THR B 56 12.21 -11.98 -0.13
CA THR B 56 12.87 -12.48 -1.33
C THR B 56 11.98 -13.46 -2.13
N ARG B 57 10.66 -13.51 -1.84
CA ARG B 57 9.76 -14.44 -2.54
C ARG B 57 8.43 -13.79 -2.96
N ASN B 58 7.80 -14.41 -3.96
CA ASN B 58 6.51 -13.96 -4.51
C ASN B 58 5.40 -14.96 -4.16
N THR B 59 4.20 -14.46 -3.80
CA THR B 59 3.09 -15.36 -3.44
C THR B 59 2.35 -15.85 -4.68
N VAL B 60 2.02 -17.14 -4.67
CA VAL B 60 1.31 -17.78 -5.78
C VAL B 60 -0.08 -18.25 -5.28
N CYS B 61 -1.05 -18.26 -6.19
CA CYS B 61 -2.40 -18.69 -5.85
C CYS B 61 -2.72 -20.03 -6.51
N GLN B 62 -3.52 -20.83 -5.81
CA GLN B 62 -3.91 -22.16 -6.25
C GLN B 62 -5.43 -22.28 -6.30
N CYS B 63 -5.93 -23.18 -7.13
CA CYS B 63 -7.37 -23.38 -7.27
C CYS B 63 -7.71 -24.77 -6.73
N GLU B 64 -8.87 -24.90 -6.09
CA GLU B 64 -9.27 -26.17 -5.48
C GLU B 64 -9.55 -27.24 -6.54
N GLU B 65 -9.36 -28.51 -6.16
CA GLU B 65 -9.57 -29.64 -7.06
C GLU B 65 -10.94 -29.55 -7.74
N GLY B 66 -10.99 -29.92 -9.03
CA GLY B 66 -12.22 -29.87 -9.81
C GLY B 66 -12.34 -28.57 -10.63
N THR B 67 -11.37 -27.66 -10.48
CA THR B 67 -11.40 -26.38 -11.21
C THR B 67 -10.23 -26.29 -12.20
N PHE B 68 -10.33 -25.39 -13.19
CA PHE B 68 -9.27 -25.27 -14.22
C PHE B 68 -8.93 -23.78 -14.45
N ARG B 69 -7.65 -23.49 -14.74
CA ARG B 69 -7.22 -22.11 -14.98
C ARG B 69 -6.11 -22.04 -16.05
N GLU B 70 -6.45 -21.44 -17.19
CA GLU B 70 -5.47 -21.27 -18.29
C GLU B 70 -4.77 -19.93 -18.15
N GLU B 71 -3.51 -19.87 -18.59
CA GLU B 71 -2.71 -18.63 -18.50
C GLU B 71 -3.41 -17.44 -19.17
N ASP B 72 -4.36 -17.73 -20.04
CA ASP B 72 -5.10 -16.69 -20.77
C ASP B 72 -6.19 -16.03 -19.89
N SER B 73 -6.50 -16.65 -18.73
CA SER B 73 -7.52 -16.11 -17.83
C SER B 73 -7.10 -16.31 -16.35
N PRO B 74 -6.36 -15.37 -15.76
CA PRO B 74 -5.92 -15.48 -14.35
C PRO B 74 -6.88 -14.81 -13.36
N GLU B 75 -8.19 -14.98 -13.59
CA GLU B 75 -9.21 -14.38 -12.70
C GLU B 75 -10.44 -15.27 -12.51
N MET B 76 -10.45 -16.42 -13.18
CA MET B 76 -11.58 -17.35 -13.08
C MET B 76 -11.12 -18.80 -13.15
N CYS B 77 -11.90 -19.70 -12.53
CA CYS B 77 -11.61 -21.12 -12.52
C CYS B 77 -12.83 -21.85 -13.11
N ARG B 78 -12.62 -22.89 -13.93
CA ARG B 78 -13.75 -23.61 -14.54
C ARG B 78 -13.74 -25.07 -14.14
N LYS B 79 -14.91 -25.70 -14.16
CA LYS B 79 -15.03 -27.09 -13.75
C LYS B 79 -14.31 -28.01 -14.73
N CYS B 80 -13.38 -28.82 -14.18
CA CYS B 80 -12.60 -29.76 -14.97
C CYS B 80 -13.51 -30.90 -15.45
N ARG B 81 -13.24 -31.40 -16.65
CA ARG B 81 -14.04 -32.49 -17.22
C ARG B 81 -13.74 -33.80 -16.49
N THR B 82 -14.78 -34.61 -16.28
CA THR B 82 -14.62 -35.90 -15.59
C THR B 82 -14.52 -37.07 -16.58
N GLY B 83 -14.93 -36.86 -17.84
CA GLY B 83 -14.87 -37.91 -18.86
C GLY B 83 -15.41 -37.40 -20.19
N CYS B 84 -14.69 -37.70 -21.27
CA CYS B 84 -15.08 -37.27 -22.61
C CYS B 84 -16.26 -38.12 -23.13
N PRO B 85 -17.04 -37.63 -24.10
CA PRO B 85 -18.20 -38.41 -24.66
C PRO B 85 -17.77 -39.79 -25.16
N ARG B 86 -18.76 -40.64 -25.47
CA ARG B 86 -18.48 -41.98 -25.97
C ARG B 86 -17.56 -41.93 -27.19
N GLY B 87 -16.54 -42.80 -27.20
CA GLY B 87 -15.57 -42.85 -28.30
C GLY B 87 -14.17 -42.43 -27.82
N MET B 88 -14.13 -41.43 -26.94
CA MET B 88 -12.87 -40.94 -26.39
C MET B 88 -12.54 -41.64 -25.08
N VAL B 89 -11.25 -41.67 -24.72
CA VAL B 89 -10.80 -42.33 -23.49
C VAL B 89 -9.99 -41.36 -22.63
N LYS B 90 -10.28 -41.34 -21.33
CA LYS B 90 -9.57 -40.49 -20.38
C LYS B 90 -8.17 -41.04 -20.13
N VAL B 91 -7.14 -40.20 -20.25
CA VAL B 91 -5.76 -40.64 -20.05
C VAL B 91 -4.90 -39.59 -19.34
N GLY B 92 -5.41 -38.35 -19.17
CA GLY B 92 -4.64 -37.30 -18.52
C GLY B 92 -5.20 -36.88 -17.17
N ASP B 93 -4.30 -36.43 -16.31
CA ASP B 93 -4.59 -35.95 -14.95
C ASP B 93 -5.01 -34.48 -14.98
N CYS B 94 -5.92 -34.07 -14.09
CA CYS B 94 -6.39 -32.69 -14.08
C CYS B 94 -5.77 -31.91 -12.92
N THR B 95 -5.14 -30.81 -13.31
CA THR B 95 -4.46 -29.88 -12.39
C THR B 95 -5.25 -28.55 -12.37
N PRO B 96 -5.41 -27.90 -11.23
CA PRO B 96 -6.20 -26.63 -11.14
C PRO B 96 -5.92 -25.66 -12.30
N TRP B 97 -4.76 -25.79 -12.95
CA TRP B 97 -4.40 -24.92 -14.08
C TRP B 97 -4.84 -25.53 -15.43
N SER B 98 -4.57 -26.83 -15.62
CA SER B 98 -4.89 -27.53 -16.88
C SER B 98 -6.09 -28.49 -16.74
N ASP B 99 -6.64 -28.93 -17.88
CA ASP B 99 -7.77 -29.86 -17.91
C ASP B 99 -7.28 -31.30 -18.18
N ILE B 100 -8.21 -32.26 -18.17
CA ILE B 100 -7.87 -33.67 -18.42
C ILE B 100 -7.46 -33.89 -19.88
N GLU B 101 -6.91 -35.08 -20.17
CA GLU B 101 -6.53 -35.43 -21.55
C GLU B 101 -7.34 -36.61 -22.05
N CYS B 102 -7.83 -36.51 -23.28
CA CYS B 102 -8.61 -37.58 -23.89
C CYS B 102 -7.93 -38.06 -25.19
N VAL B 103 -7.98 -39.36 -25.43
CA VAL B 103 -7.36 -39.94 -26.64
C VAL B 103 -8.29 -41.00 -27.25
N HIS B 104 -8.40 -40.97 -28.58
CA HIS B 104 -9.23 -41.93 -29.32
C HIS B 104 -8.37 -42.99 -30.01
N LYS B 105 -8.88 -44.23 -30.06
CA LYS B 105 -8.16 -45.32 -30.70
C LYS B 105 -9.15 -46.39 -31.20
N GLU B 106 -9.75 -47.15 -30.27
CA GLU B 106 -10.72 -48.21 -30.62
C GLU B 106 -11.22 -48.92 -29.36
N SER B 107 -12.43 -49.48 -29.44
CA SER B 107 -13.02 -50.20 -28.32
C SER B 107 -14.28 -50.95 -28.75
N GLY B 108 -15.23 -50.22 -29.34
CA GLY B 108 -16.49 -50.82 -29.81
C GLY B 108 -16.64 -50.65 -31.32
N ASP B 109 -15.95 -51.51 -32.09
CA ASP B 109 -16.01 -51.47 -33.55
C ASP B 109 -17.43 -51.78 -34.04
N SER C 1 -31.52 -19.21 -6.64
CA SER C 1 -32.49 -18.08 -6.78
C SER C 1 -31.75 -16.75 -6.55
N GLU C 2 -31.60 -15.96 -7.62
CA GLU C 2 -30.93 -14.65 -7.55
C GLU C 2 -29.69 -14.67 -6.62
N GLY C 3 -28.50 -14.94 -7.18
CA GLY C 3 -27.27 -15.00 -6.37
C GLY C 3 -26.72 -13.60 -6.07
N LEU C 4 -27.62 -12.66 -5.72
CA LEU C 4 -27.21 -11.29 -5.40
C LEU C 4 -27.76 -10.91 -4.02
N CYS C 5 -27.08 -9.97 -3.34
CA CYS C 5 -27.52 -9.52 -2.01
C CYS C 5 -27.81 -8.00 -2.03
N PRO C 6 -28.95 -7.53 -1.52
CA PRO C 6 -29.27 -6.06 -1.51
C PRO C 6 -28.26 -5.25 -0.69
N PRO C 7 -28.26 -3.91 -0.80
CA PRO C 7 -27.30 -3.06 -0.03
C PRO C 7 -27.45 -3.25 1.48
N GLY C 8 -26.31 -3.38 2.17
CA GLY C 8 -26.29 -3.58 3.62
C GLY C 8 -26.02 -5.05 3.99
N HIS C 9 -26.06 -5.95 3.00
CA HIS C 9 -25.82 -7.37 3.23
C HIS C 9 -24.68 -7.91 2.36
N HIS C 10 -24.06 -9.00 2.83
CA HIS C 10 -22.97 -9.65 2.09
C HIS C 10 -23.28 -11.15 1.94
N ILE C 11 -22.70 -11.80 0.93
CA ILE C 11 -22.97 -13.22 0.68
C ILE C 11 -21.73 -14.09 0.92
N SER C 12 -21.96 -15.36 1.31
CA SER C 12 -20.86 -16.29 1.57
C SER C 12 -20.21 -16.75 0.26
N GLU C 13 -19.10 -17.49 0.39
CA GLU C 13 -18.37 -17.99 -0.79
C GLU C 13 -19.22 -18.97 -1.59
N ASP C 14 -19.95 -19.82 -0.89
CA ASP C 14 -20.80 -20.82 -1.51
C ASP C 14 -22.12 -20.22 -2.04
N GLY C 15 -22.34 -18.92 -1.81
CA GLY C 15 -23.55 -18.24 -2.31
C GLY C 15 -24.88 -18.77 -1.73
N ARG C 16 -24.86 -19.84 -0.91
CA ARG C 16 -26.11 -20.40 -0.37
C ARG C 16 -26.72 -19.54 0.75
N ASP C 17 -25.94 -18.61 1.34
CA ASP C 17 -26.47 -17.78 2.42
C ASP C 17 -25.92 -16.35 2.38
N CYS C 18 -26.71 -15.42 2.92
CA CYS C 18 -26.32 -14.01 2.97
C CYS C 18 -26.44 -13.49 4.41
N ILE C 19 -25.43 -12.74 4.87
CA ILE C 19 -25.43 -12.20 6.23
C ILE C 19 -25.64 -10.67 6.22
N SER C 20 -26.34 -10.19 7.23
CA SER C 20 -26.66 -8.77 7.37
C SER C 20 -25.52 -7.97 8.02
N CYS C 21 -25.32 -6.74 7.54
CA CYS C 21 -24.32 -5.84 8.09
C CYS C 21 -25.06 -4.72 8.81
N LYS C 22 -24.57 -4.32 9.99
CA LYS C 22 -25.25 -3.30 10.79
C LYS C 22 -24.57 -1.94 10.74
N TYR C 23 -25.40 -0.89 10.80
CA TYR C 23 -24.91 0.50 10.78
C TYR C 23 -23.74 0.68 11.77
N GLY C 24 -22.76 1.49 11.38
CA GLY C 24 -21.59 1.74 12.23
C GLY C 24 -20.49 0.66 12.08
N GLN C 25 -20.83 -0.58 11.67
CA GLN C 25 -19.82 -1.61 11.47
C GLN C 25 -19.36 -1.55 10.02
N ASP C 26 -20.31 -1.74 9.10
CA ASP C 26 -20.05 -1.69 7.66
C ASP C 26 -21.35 -1.41 6.92
N TYR C 27 -21.27 -1.05 5.63
CA TYR C 27 -22.47 -0.76 4.82
C TYR C 27 -22.21 -0.98 3.34
N SER C 28 -23.26 -0.85 2.53
CA SER C 28 -23.16 -0.97 1.08
C SER C 28 -24.13 0.03 0.44
N THR C 29 -23.65 0.81 -0.54
CA THR C 29 -24.48 1.82 -1.19
C THR C 29 -25.34 1.21 -2.31
N HIS C 30 -24.79 0.23 -3.01
CA HIS C 30 -25.50 -0.44 -4.10
C HIS C 30 -25.40 -1.96 -3.96
N TRP C 31 -26.29 -2.69 -4.66
CA TRP C 31 -26.30 -4.16 -4.61
C TRP C 31 -24.89 -4.70 -4.85
N ASN C 32 -24.57 -5.83 -4.21
CA ASN C 32 -23.24 -6.43 -4.34
C ASN C 32 -23.27 -7.93 -4.05
N ASP C 33 -22.13 -8.58 -4.29
CA ASP C 33 -22.00 -10.02 -4.07
C ASP C 33 -20.59 -10.34 -3.53
N LEU C 34 -20.30 -9.87 -2.31
CA LEU C 34 -19.00 -10.08 -1.68
C LEU C 34 -19.14 -10.77 -0.32
N LEU C 35 -18.00 -11.10 0.30
CA LEU C 35 -17.99 -11.75 1.62
C LEU C 35 -18.05 -10.69 2.73
N PHE C 36 -17.52 -9.50 2.45
CA PHE C 36 -17.48 -8.41 3.41
C PHE C 36 -18.36 -7.26 2.91
N CYS C 37 -18.69 -6.32 3.80
CA CYS C 37 -19.50 -5.15 3.43
C CYS C 37 -18.56 -3.95 3.41
N LEU C 38 -18.92 -2.87 2.70
CA LEU C 38 -18.01 -1.73 2.59
C LEU C 38 -17.81 -1.09 3.96
N ARG C 39 -16.55 -0.82 4.26
CA ARG C 39 -16.13 -0.26 5.54
C ARG C 39 -16.69 1.14 5.78
N CYS C 40 -16.89 1.46 7.06
CA CYS C 40 -17.41 2.77 7.46
C CYS C 40 -16.20 3.67 7.74
N THR C 41 -16.32 4.96 7.40
CA THR C 41 -15.22 5.90 7.57
C THR C 41 -15.19 6.49 8.97
N ARG C 42 -13.96 6.63 9.48
CA ARG C 42 -13.71 7.17 10.81
C ARG C 42 -12.73 8.34 10.70
N CYS C 43 -12.78 9.26 11.65
CA CYS C 43 -11.89 10.43 11.63
C CYS C 43 -10.88 10.38 12.77
N ASP C 44 -9.67 10.86 12.48
CA ASP C 44 -8.56 10.87 13.44
C ASP C 44 -8.67 12.07 14.38
N SER C 45 -7.88 12.07 15.45
CA SER C 45 -7.87 13.16 16.43
C SER C 45 -7.77 14.51 15.72
N GLY C 46 -8.56 15.48 16.18
CA GLY C 46 -8.60 16.81 15.57
C GLY C 46 -9.65 16.89 14.46
N GLU C 47 -10.14 15.72 14.00
CA GLU C 47 -11.17 15.68 12.96
C GLU C 47 -12.48 15.14 13.54
N VAL C 48 -13.60 15.67 13.05
CA VAL C 48 -14.93 15.26 13.51
C VAL C 48 -15.73 14.65 12.36
N GLU C 49 -16.71 13.81 12.69
CA GLU C 49 -17.56 13.19 11.68
C GLU C 49 -18.73 14.13 11.37
N LEU C 50 -18.81 14.61 10.12
CA LEU C 50 -19.87 15.55 9.73
C LEU C 50 -21.22 14.83 9.72
N SER C 51 -21.22 13.61 9.19
CA SER C 51 -22.43 12.80 9.12
C SER C 51 -22.08 11.31 9.33
N PRO C 52 -22.71 10.60 10.27
CA PRO C 52 -22.40 9.15 10.53
C PRO C 52 -22.86 8.24 9.38
N CYS C 53 -22.27 7.04 9.28
CA CYS C 53 -22.63 6.09 8.24
C CYS C 53 -23.57 5.04 8.78
N THR C 54 -24.68 4.85 8.06
CA THR C 54 -25.67 3.86 8.41
C THR C 54 -25.52 2.65 7.50
N THR C 55 -26.37 1.65 7.69
CA THR C 55 -26.28 0.44 6.85
C THR C 55 -26.38 0.81 5.35
N THR C 56 -26.91 2.00 5.04
CA THR C 56 -27.04 2.43 3.63
C THR C 56 -26.41 3.82 3.36
N ARG C 57 -25.58 4.34 4.29
CA ARG C 57 -24.96 5.68 4.08
C ARG C 57 -23.47 5.71 4.44
N ASN C 58 -22.75 6.67 3.84
CA ASN C 58 -21.31 6.85 4.03
C ASN C 58 -20.99 8.04 4.97
N THR C 59 -19.99 7.86 5.83
CA THR C 59 -19.57 8.90 6.80
C THR C 59 -18.61 9.90 6.14
N VAL C 60 -18.83 11.19 6.45
CA VAL C 60 -17.99 12.28 5.92
C VAL C 60 -17.11 12.81 7.04
N CYS C 61 -15.92 13.32 6.69
CA CYS C 61 -14.98 13.85 7.69
C CYS C 61 -14.83 15.37 7.58
N GLN C 62 -14.71 16.02 8.74
CA GLN C 62 -14.57 17.47 8.85
C GLN C 62 -13.46 17.78 9.86
N CYS C 63 -12.84 18.95 9.75
CA CYS C 63 -11.75 19.32 10.66
C CYS C 63 -12.22 20.47 11.56
N GLU C 64 -11.59 20.59 12.73
CA GLU C 64 -11.99 21.60 13.73
C GLU C 64 -11.70 23.02 13.26
N GLU C 65 -12.58 23.94 13.63
CA GLU C 65 -12.45 25.35 13.27
C GLU C 65 -11.05 25.88 13.58
N GLY C 66 -10.59 26.85 12.79
CA GLY C 66 -9.27 27.42 12.96
C GLY C 66 -8.23 26.73 12.07
N THR C 67 -8.57 25.53 11.57
CA THR C 67 -7.67 24.77 10.70
C THR C 67 -8.24 24.71 9.27
N PHE C 68 -7.40 24.40 8.26
CA PHE C 68 -7.88 24.36 6.87
C PHE C 68 -7.24 23.24 6.04
N ARG C 69 -7.89 22.86 4.93
CA ARG C 69 -7.38 21.80 4.06
C ARG C 69 -7.14 22.31 2.64
N GLU C 70 -5.89 22.20 2.21
CA GLU C 70 -5.50 22.59 0.85
C GLU C 70 -5.40 21.36 -0.04
N GLU C 71 -5.66 21.54 -1.33
CA GLU C 71 -5.61 20.42 -2.29
C GLU C 71 -4.26 19.71 -2.29
N ASP C 72 -3.24 20.39 -1.78
CA ASP C 72 -1.88 19.83 -1.71
C ASP C 72 -1.70 18.84 -0.54
N SER C 73 -2.67 18.81 0.38
CA SER C 73 -2.60 17.91 1.54
C SER C 73 -4.03 17.46 1.95
N PRO C 74 -4.53 16.34 1.45
CA PRO C 74 -5.90 15.85 1.77
C PRO C 74 -5.94 14.91 2.98
N GLU C 75 -5.04 15.10 3.95
CA GLU C 75 -5.02 14.25 5.16
C GLU C 75 -4.56 15.02 6.41
N MET C 76 -4.41 16.34 6.29
CA MET C 76 -4.00 17.19 7.41
C MET C 76 -4.70 18.55 7.31
N CYS C 77 -4.78 19.27 8.42
CA CYS C 77 -5.41 20.59 8.45
C CYS C 77 -4.38 21.60 8.96
N ARG C 78 -4.41 22.86 8.46
CA ARG C 78 -3.44 23.86 8.89
C ARG C 78 -4.12 25.09 9.47
N LYS C 79 -3.43 25.79 10.36
CA LYS C 79 -4.00 26.96 11.01
C LYS C 79 -4.21 28.11 10.02
N CYS C 80 -5.46 28.58 9.95
CA CYS C 80 -5.82 29.68 9.07
C CYS C 80 -5.18 30.96 9.58
N ARG C 81 -5.01 31.94 8.68
CA ARG C 81 -4.39 33.20 9.06
C ARG C 81 -5.38 34.04 9.88
N THR C 82 -4.92 34.49 11.06
CA THR C 82 -5.75 35.29 11.97
C THR C 82 -5.80 36.78 11.56
N GLY C 83 -4.85 37.21 10.73
CA GLY C 83 -4.79 38.60 10.28
C GLY C 83 -3.98 38.73 9.00
N CYS C 84 -4.62 39.24 7.94
CA CYS C 84 -3.97 39.42 6.65
C CYS C 84 -2.68 40.24 6.80
N PRO C 85 -1.71 40.10 5.89
CA PRO C 85 -0.42 40.87 5.98
C PRO C 85 -0.64 42.34 6.27
N ARG C 86 0.42 43.04 6.71
CA ARG C 86 0.33 44.46 7.02
C ARG C 86 -0.14 45.25 5.81
N GLY C 87 -1.07 46.19 6.04
CA GLY C 87 -1.62 47.02 4.97
C GLY C 87 -2.64 46.24 4.11
N MET C 88 -3.32 45.27 4.73
CA MET C 88 -4.32 44.46 4.03
C MET C 88 -5.65 44.48 4.77
N VAL C 89 -6.67 43.88 4.17
CA VAL C 89 -8.01 43.83 4.76
C VAL C 89 -8.53 42.39 4.80
N LYS C 90 -9.24 42.05 5.87
CA LYS C 90 -9.82 40.71 6.03
C LYS C 90 -11.29 40.79 5.63
N VAL C 91 -11.74 39.83 4.80
CA VAL C 91 -13.13 39.84 4.33
C VAL C 91 -13.70 38.42 4.11
N GLY C 92 -12.85 37.37 4.14
CA GLY C 92 -13.35 36.00 3.93
C GLY C 92 -13.27 35.14 5.18
N ASP C 93 -14.22 34.20 5.26
CA ASP C 93 -14.36 33.24 6.35
C ASP C 93 -13.53 31.99 6.08
N CYS C 94 -12.99 31.38 7.14
CA CYS C 94 -12.18 30.18 6.97
C CYS C 94 -12.95 28.93 7.42
N THR C 95 -13.02 28.00 6.47
CA THR C 95 -13.73 26.73 6.63
C THR C 95 -12.70 25.60 6.67
N PRO C 96 -12.87 24.55 7.48
CA PRO C 96 -11.87 23.43 7.56
C PRO C 96 -11.35 23.01 6.18
N TRP C 97 -12.14 23.27 5.13
CA TRP C 97 -11.74 22.95 3.75
C TRP C 97 -11.08 24.16 3.04
N SER C 98 -11.57 25.38 3.33
CA SER C 98 -11.05 26.61 2.69
C SER C 98 -10.21 27.47 3.64
N ASP C 99 -9.45 28.43 3.06
CA ASP C 99 -8.61 29.35 3.84
C ASP C 99 -9.24 30.75 3.88
N ILE C 100 -8.70 31.66 4.72
CA ILE C 100 -9.24 33.03 4.81
C ILE C 100 -9.05 33.79 3.50
N GLU C 101 -9.78 34.91 3.34
CA GLU C 101 -9.62 35.74 2.13
C GLU C 101 -9.18 37.13 2.53
N CYS C 102 -8.17 37.66 1.81
CA CYS C 102 -7.67 39.00 2.07
C CYS C 102 -7.82 39.88 0.84
N VAL C 103 -8.16 41.15 1.07
CA VAL C 103 -8.34 42.13 0.00
C VAL C 103 -7.60 43.42 0.32
N HIS C 104 -7.28 44.21 -0.72
CA HIS C 104 -6.58 45.48 -0.51
C HIS C 104 -7.56 46.65 -0.68
N LYS C 105 -7.54 47.60 0.27
CA LYS C 105 -8.43 48.76 0.21
C LYS C 105 -9.89 48.32 0.04
N GLU C 106 -10.81 49.29 0.00
CA GLU C 106 -12.23 48.99 -0.15
C GLU C 106 -12.90 50.08 -1.02
N SER C 107 -12.90 51.32 -0.53
CA SER C 107 -13.52 52.43 -1.26
C SER C 107 -12.82 53.75 -0.91
N GLY C 108 -12.55 53.96 0.38
CA GLY C 108 -11.89 55.18 0.84
C GLY C 108 -11.31 55.00 2.23
N ASP C 109 -11.19 56.10 2.98
CA ASP C 109 -10.64 56.06 4.34
C ASP C 109 -11.56 56.81 5.31
N SER A 1 39.34 -0.63 -11.04
CA SER A 1 40.01 0.62 -10.57
C SER A 1 40.40 0.46 -9.09
N GLU A 2 41.57 0.99 -8.73
CA GLU A 2 42.06 0.90 -7.35
C GLU A 2 41.85 2.23 -6.61
N GLY A 3 40.59 2.68 -6.55
CA GLY A 3 40.24 3.92 -5.87
C GLY A 3 38.95 3.76 -5.05
N LEU A 4 38.92 2.73 -4.20
CA LEU A 4 37.75 2.46 -3.35
C LEU A 4 38.16 2.36 -1.89
N CYS A 5 37.28 2.80 -0.98
CA CYS A 5 37.55 2.74 0.46
C CYS A 5 36.48 1.90 1.18
N PRO A 6 36.85 1.00 2.11
CA PRO A 6 35.85 0.14 2.84
C PRO A 6 34.87 0.98 3.70
N PRO A 7 33.77 0.39 4.20
CA PRO A 7 32.77 1.12 5.03
C PRO A 7 33.44 1.83 6.21
N GLY A 8 32.93 3.01 6.56
CA GLY A 8 33.48 3.80 7.67
C GLY A 8 34.68 4.65 7.23
N HIS A 9 35.16 4.44 5.99
CA HIS A 9 36.30 5.17 5.47
C HIS A 9 35.98 5.80 4.12
N HIS A 10 36.76 6.81 3.74
CA HIS A 10 36.60 7.50 2.45
C HIS A 10 37.97 7.70 1.80
N ILE A 11 37.99 7.85 0.48
CA ILE A 11 39.25 7.98 -0.26
C ILE A 11 39.38 9.38 -0.90
N SER A 12 40.63 9.86 -1.00
CA SER A 12 40.92 11.16 -1.58
C SER A 12 40.73 11.16 -3.09
N GLU A 13 40.90 12.32 -3.72
CA GLU A 13 40.76 12.46 -5.17
C GLU A 13 41.88 11.72 -5.90
N ASP A 14 43.08 11.70 -5.30
CA ASP A 14 44.23 11.03 -5.92
C ASP A 14 44.18 9.50 -5.76
N GLY A 15 43.16 8.99 -5.06
CA GLY A 15 43.00 7.55 -4.88
C GLY A 15 44.16 6.84 -4.12
N ARG A 16 45.25 7.55 -3.76
CA ARG A 16 46.37 6.93 -3.05
C ARG A 16 46.32 7.20 -1.53
N ASP A 17 45.15 7.60 -1.01
CA ASP A 17 45.02 7.88 0.42
C ASP A 17 43.56 7.76 0.89
N CYS A 18 43.39 7.13 2.06
CA CYS A 18 42.05 6.95 2.64
C CYS A 18 42.07 7.46 4.09
N ILE A 19 41.03 8.22 4.47
CA ILE A 19 40.94 8.77 5.83
C ILE A 19 39.78 8.13 6.59
N SER A 20 39.99 7.96 7.89
CA SER A 20 39.01 7.36 8.79
C SER A 20 37.94 8.36 9.24
N CYS A 21 36.68 7.89 9.37
CA CYS A 21 35.58 8.74 9.80
C CYS A 21 35.19 8.32 11.22
N LYS A 22 34.50 9.21 11.97
CA LYS A 22 34.15 8.91 13.35
C LYS A 22 32.71 8.45 13.50
N TYR A 23 32.49 7.55 14.47
CA TYR A 23 31.16 7.03 14.77
C TYR A 23 30.26 8.22 15.15
N GLY A 24 29.02 8.21 14.67
CA GLY A 24 28.05 9.27 15.01
C GLY A 24 28.17 10.56 14.14
N GLN A 25 29.34 10.89 13.55
CA GLN A 25 29.45 12.12 12.74
C GLN A 25 28.82 11.94 11.35
N ASP A 26 29.22 10.87 10.68
CA ASP A 26 28.74 10.54 9.33
C ASP A 26 29.10 9.07 9.05
N TYR A 27 28.52 8.46 8.01
CA TYR A 27 28.79 7.04 7.74
C TYR A 27 28.88 6.69 6.27
N SER A 28 29.29 5.44 6.06
CA SER A 28 29.32 4.85 4.73
C SER A 28 28.78 3.43 4.88
N THR A 29 27.78 3.07 4.07
CA THR A 29 27.18 1.75 4.13
C THR A 29 27.83 0.76 3.16
N HIS A 30 28.20 1.27 1.98
CA HIS A 30 28.83 0.47 0.94
C HIS A 30 30.17 1.08 0.55
N TRP A 31 31.02 0.31 -0.14
CA TRP A 31 32.34 0.82 -0.56
C TRP A 31 32.17 2.19 -1.22
N ASN A 32 32.76 3.22 -0.60
CA ASN A 32 32.62 4.58 -1.09
C ASN A 32 33.79 4.98 -2.01
N ASP A 33 33.49 5.88 -2.96
CA ASP A 33 34.49 6.38 -3.89
C ASP A 33 34.48 7.91 -3.90
N LEU A 34 34.56 8.48 -2.70
CA LEU A 34 34.56 9.94 -2.52
C LEU A 34 35.44 10.35 -1.35
N LEU A 35 35.56 11.67 -1.15
CA LEU A 35 36.39 12.22 -0.06
C LEU A 35 35.52 12.55 1.17
N PHE A 36 34.21 12.30 1.10
CA PHE A 36 33.30 12.63 2.21
C PHE A 36 32.61 11.37 2.74
N CYS A 37 32.03 11.50 3.95
CA CYS A 37 31.30 10.41 4.58
C CYS A 37 29.82 10.83 4.55
N LEU A 38 28.91 9.88 4.29
CA LEU A 38 27.49 10.22 4.18
C LEU A 38 26.83 10.54 5.51
N ARG A 39 25.61 11.03 5.44
CA ARG A 39 24.84 11.42 6.62
C ARG A 39 24.02 10.27 7.20
N CYS A 40 23.83 10.30 8.52
CA CYS A 40 23.05 9.27 9.22
C CYS A 40 21.59 9.72 9.37
N THR A 41 20.67 8.74 9.36
CA THR A 41 19.23 9.01 9.48
C THR A 41 18.78 8.91 10.93
N ARG A 42 17.89 9.82 11.32
CA ARG A 42 17.34 9.86 12.67
C ARG A 42 15.81 9.74 12.63
N CYS A 43 15.21 9.23 13.70
CA CYS A 43 13.75 9.04 13.75
C CYS A 43 13.10 9.97 14.78
N ASP A 44 11.82 10.27 14.55
CA ASP A 44 11.03 11.14 15.42
C ASP A 44 9.78 10.42 15.91
N SER A 45 9.09 10.99 16.91
CA SER A 45 7.87 10.40 17.47
C SER A 45 6.92 9.96 16.34
N GLY A 46 6.20 8.87 16.59
CA GLY A 46 5.29 8.32 15.58
C GLY A 46 6.03 7.31 14.68
N GLU A 47 7.38 7.34 14.72
CA GLU A 47 8.20 6.42 13.93
C GLU A 47 9.03 5.53 14.86
N VAL A 48 9.34 4.32 14.40
CA VAL A 48 10.11 3.36 15.20
C VAL A 48 11.49 3.11 14.59
N GLU A 49 12.49 3.16 15.44
CA GLU A 49 13.88 2.90 15.04
C GLU A 49 14.20 1.42 15.29
N LEU A 50 14.38 0.61 14.24
CA LEU A 50 14.67 -0.82 14.43
C LEU A 50 16.16 -1.18 14.28
N SER A 51 16.97 -0.27 13.70
CA SER A 51 18.40 -0.55 13.52
C SER A 51 19.30 0.66 13.90
N PRO A 52 20.46 0.46 14.55
CA PRO A 52 21.41 1.57 14.94
C PRO A 52 22.28 2.12 13.78
N CYS A 53 22.81 3.34 13.97
CA CYS A 53 23.71 4.01 13.01
C CYS A 53 25.17 3.85 13.47
N THR A 54 26.05 3.44 12.55
CA THR A 54 27.48 3.28 12.86
C THR A 54 28.31 3.28 11.57
N THR A 55 29.64 3.42 11.70
CA THR A 55 30.53 3.44 10.50
C THR A 55 30.33 2.18 9.64
N THR A 56 29.72 1.14 10.22
CA THR A 56 29.44 -0.10 9.50
C THR A 56 27.95 -0.47 9.56
N ARG A 57 27.10 0.48 10.00
CA ARG A 57 25.66 0.24 10.11
C ARG A 57 24.87 1.52 9.83
N ASN A 58 23.61 1.35 9.42
CA ASN A 58 22.71 2.46 9.10
C ASN A 58 21.43 2.37 9.95
N THR A 59 20.91 3.52 10.42
CA THR A 59 19.69 3.49 11.24
C THR A 59 18.48 3.37 10.35
N VAL A 60 17.54 2.55 10.80
CA VAL A 60 16.33 2.30 10.05
C VAL A 60 15.16 3.01 10.69
N CYS A 61 14.42 3.73 9.86
CA CYS A 61 13.23 4.41 10.31
C CYS A 61 12.03 3.73 9.65
N GLN A 62 10.98 3.61 10.44
CA GLN A 62 9.74 2.99 10.01
C GLN A 62 8.61 3.68 10.74
N CYS A 63 7.41 3.68 10.17
CA CYS A 63 6.29 4.38 10.81
C CYS A 63 5.26 3.35 11.30
N GLU A 64 4.45 3.77 12.29
CA GLU A 64 3.49 2.86 12.91
C GLU A 64 2.37 2.48 11.94
N GLU A 65 1.87 1.24 12.09
CA GLU A 65 0.81 0.72 11.23
C GLU A 65 -0.36 1.70 11.17
N GLY A 66 -1.04 1.73 10.02
CA GLY A 66 -2.17 2.62 9.81
C GLY A 66 -1.74 3.95 9.16
N THR A 67 -0.42 4.20 9.07
CA THR A 67 0.09 5.43 8.47
C THR A 67 0.88 5.14 7.18
N PHE A 68 1.08 6.15 6.32
CA PHE A 68 1.81 5.96 5.06
C PHE A 68 2.70 7.17 4.70
N ARG A 69 3.85 6.92 4.08
CA ARG A 69 4.76 8.00 3.70
C ARG A 69 4.93 8.09 2.19
N GLU A 70 4.42 9.17 1.61
CA GLU A 70 4.52 9.42 0.17
C GLU A 70 5.67 10.37 -0.14
N GLU A 71 6.27 10.21 -1.33
CA GLU A 71 7.40 11.04 -1.75
C GLU A 71 7.08 12.55 -1.65
N ASP A 72 5.80 12.87 -1.63
CA ASP A 72 5.34 14.26 -1.55
C ASP A 72 5.25 14.76 -0.09
N SER A 73 5.66 13.94 0.88
CA SER A 73 5.62 14.31 2.30
C SER A 73 7.04 14.34 2.89
N PRO A 74 7.36 15.28 3.79
CA PRO A 74 8.72 15.37 4.41
C PRO A 74 8.83 14.52 5.70
N GLU A 75 9.35 13.29 5.58
CA GLU A 75 9.49 12.39 6.75
C GLU A 75 8.17 12.34 7.56
N MET A 76 7.04 12.50 6.85
CA MET A 76 5.72 12.47 7.47
C MET A 76 4.97 11.21 7.03
N CYS A 77 4.08 10.74 7.91
CA CYS A 77 3.26 9.57 7.63
C CYS A 77 1.80 10.00 7.76
N ARG A 78 0.92 9.52 6.88
CA ARG A 78 -0.50 9.91 6.92
C ARG A 78 -1.37 8.68 7.07
N LYS A 79 -2.58 8.85 7.59
CA LYS A 79 -3.47 7.72 7.79
C LYS A 79 -3.88 7.12 6.46
N CYS A 80 -3.77 5.78 6.38
CA CYS A 80 -4.10 5.06 5.17
C CYS A 80 -5.59 5.19 4.92
N ARG A 81 -6.03 4.80 3.73
CA ARG A 81 -7.45 4.91 3.36
C ARG A 81 -8.33 4.31 4.46
N THR A 82 -9.27 5.11 4.94
CA THR A 82 -10.22 4.68 5.97
C THR A 82 -11.44 3.98 5.35
N GLY A 83 -11.32 3.60 4.06
CA GLY A 83 -12.38 2.94 3.32
C GLY A 83 -12.14 3.11 1.83
N CYS A 84 -11.86 2.00 1.12
CA CYS A 84 -11.59 2.05 -0.32
C CYS A 84 -12.59 2.97 -1.06
N PRO A 85 -12.20 3.61 -2.17
CA PRO A 85 -13.11 4.53 -2.92
C PRO A 85 -14.45 3.87 -3.25
N ARG A 86 -15.52 4.67 -3.31
CA ARG A 86 -16.86 4.16 -3.61
C ARG A 86 -16.83 3.33 -4.89
N GLY A 87 -17.16 2.04 -4.78
CA GLY A 87 -17.17 1.14 -5.92
C GLY A 87 -15.85 0.38 -6.02
N MET A 88 -15.29 -0.02 -4.88
CA MET A 88 -14.05 -0.78 -4.83
C MET A 88 -14.08 -1.78 -3.68
N VAL A 89 -13.01 -2.59 -3.55
CA VAL A 89 -12.95 -3.63 -2.50
C VAL A 89 -11.61 -3.59 -1.76
N LYS A 90 -11.60 -4.15 -0.55
CA LYS A 90 -10.39 -4.21 0.29
C LYS A 90 -9.59 -5.47 -0.06
N VAL A 91 -8.29 -5.30 -0.36
CA VAL A 91 -7.43 -6.44 -0.72
C VAL A 91 -5.94 -6.25 -0.38
N GLY A 92 -5.47 -5.00 -0.25
CA GLY A 92 -4.03 -4.78 0.03
C GLY A 92 -3.74 -4.22 1.43
N ASP A 93 -2.56 -4.60 1.90
CA ASP A 93 -1.99 -4.21 3.20
C ASP A 93 -1.30 -2.86 3.11
N CYS A 94 -1.35 -2.08 4.21
CA CYS A 94 -0.76 -0.74 4.21
C CYS A 94 0.55 -0.75 5.01
N THR A 95 1.59 -0.26 4.34
CA THR A 95 2.94 -0.20 4.90
C THR A 95 3.27 1.25 5.27
N PRO A 96 3.93 1.50 6.40
CA PRO A 96 4.25 2.88 6.84
C PRO A 96 4.73 3.80 5.70
N TRP A 97 5.26 3.20 4.62
CA TRP A 97 5.72 3.99 3.47
C TRP A 97 4.68 3.98 2.31
N SER A 98 4.02 2.83 2.06
CA SER A 98 3.04 2.70 0.95
C SER A 98 1.58 2.69 1.43
N ASP A 99 0.64 2.90 0.49
CA ASP A 99 -0.80 2.94 0.79
C ASP A 99 -1.46 1.56 0.58
N ILE A 100 -2.77 1.48 0.83
CA ILE A 100 -3.53 0.22 0.67
C ILE A 100 -3.85 -0.07 -0.80
N GLU A 101 -4.46 -1.25 -1.06
CA GLU A 101 -4.87 -1.61 -2.43
C GLU A 101 -6.39 -1.79 -2.48
N CYS A 102 -7.00 -1.16 -3.49
CA CYS A 102 -8.45 -1.26 -3.69
C CYS A 102 -8.72 -1.85 -5.08
N VAL A 103 -9.79 -2.66 -5.21
CA VAL A 103 -10.11 -3.29 -6.50
C VAL A 103 -11.58 -3.05 -6.89
N HIS A 104 -11.80 -2.75 -8.18
CA HIS A 104 -13.15 -2.53 -8.69
C HIS A 104 -13.61 -3.76 -9.50
N LYS A 105 -14.85 -4.22 -9.26
CA LYS A 105 -15.38 -5.39 -9.97
C LYS A 105 -16.85 -5.63 -9.64
N GLU A 106 -17.14 -5.91 -8.37
CA GLU A 106 -18.52 -6.17 -7.93
C GLU A 106 -18.92 -5.25 -6.75
N SER A 107 -18.30 -4.08 -6.67
CA SER A 107 -18.58 -3.12 -5.61
C SER A 107 -19.74 -2.20 -5.98
N GLY A 108 -19.77 -1.75 -7.24
CA GLY A 108 -20.83 -0.86 -7.71
C GLY A 108 -21.54 -1.45 -8.94
N ASP A 109 -20.76 -1.79 -9.97
CA ASP A 109 -21.30 -2.36 -11.19
C ASP A 109 -22.00 -3.69 -10.92
N SER B 1 27.88 7.96 -5.63
CA SER B 1 27.48 6.52 -5.71
C SER B 1 26.38 6.36 -6.76
N GLU B 2 26.28 5.16 -7.33
CA GLU B 2 25.26 4.87 -8.35
C GLU B 2 23.85 5.03 -7.77
N GLY B 3 23.66 4.56 -6.53
CA GLY B 3 22.37 4.67 -5.86
C GLY B 3 21.52 3.41 -6.11
N LEU B 4 22.09 2.25 -5.78
CA LEU B 4 21.38 0.97 -5.95
C LEU B 4 21.15 0.31 -4.60
N CYS B 5 20.00 -0.37 -4.45
CA CYS B 5 19.66 -1.05 -3.20
C CYS B 5 19.45 -2.57 -3.45
N PRO B 6 20.02 -3.46 -2.64
CA PRO B 6 19.85 -4.95 -2.85
C PRO B 6 18.38 -5.41 -2.72
N PRO B 7 18.06 -6.64 -3.13
CA PRO B 7 16.66 -7.15 -3.03
C PRO B 7 16.14 -7.15 -1.59
N GLY B 8 14.84 -6.88 -1.43
CA GLY B 8 14.23 -6.83 -0.10
C GLY B 8 14.40 -5.46 0.57
N HIS B 9 15.17 -4.55 -0.06
CA HIS B 9 15.42 -3.23 0.48
C HIS B 9 14.91 -2.12 -0.46
N HIS B 10 14.68 -0.95 0.12
CA HIS B 10 14.22 0.23 -0.61
C HIS B 10 15.04 1.44 -0.16
N ILE B 11 15.13 2.48 -1.00
CA ILE B 11 15.93 3.67 -0.66
C ILE B 11 15.03 4.90 -0.45
N SER B 12 15.19 5.57 0.70
CA SER B 12 14.36 6.72 1.03
C SER B 12 14.46 7.84 -0.01
N GLU B 13 13.56 8.81 0.10
CA GLU B 13 13.47 9.95 -0.81
C GLU B 13 14.80 10.68 -0.99
N ASP B 14 15.58 10.73 0.09
CA ASP B 14 16.86 11.44 0.07
C ASP B 14 17.96 10.64 -0.66
N GLY B 15 17.63 9.43 -1.13
CA GLY B 15 18.60 8.62 -1.89
C GLY B 15 19.86 8.21 -1.10
N ARG B 16 20.06 8.67 0.15
CA ARG B 16 21.27 8.32 0.90
C ARG B 16 20.98 7.30 2.03
N ASP B 17 19.82 6.64 2.01
CA ASP B 17 19.49 5.66 3.04
C ASP B 17 18.62 4.55 2.49
N CYS B 18 18.92 3.31 2.90
CA CYS B 18 18.16 2.14 2.43
C CYS B 18 17.66 1.35 3.64
N ILE B 19 16.37 0.96 3.60
CA ILE B 19 15.76 0.22 4.72
C ILE B 19 15.11 -1.10 4.26
N SER B 20 15.20 -2.07 5.16
CA SER B 20 14.65 -3.41 5.02
C SER B 20 13.11 -3.38 5.07
N CYS B 21 12.47 -4.29 4.33
CA CYS B 21 11.00 -4.33 4.30
C CYS B 21 10.57 -5.54 5.15
N LYS B 22 9.36 -5.47 5.74
CA LYS B 22 8.89 -6.50 6.65
C LYS B 22 8.30 -7.68 5.92
N TYR B 23 8.54 -8.89 6.45
CA TYR B 23 8.03 -10.11 5.86
C TYR B 23 6.50 -10.02 5.77
N GLY B 24 5.95 -10.44 4.64
CA GLY B 24 4.50 -10.40 4.44
C GLY B 24 3.95 -9.01 4.07
N GLN B 25 4.63 -7.89 4.45
CA GLN B 25 4.11 -6.56 4.09
C GLN B 25 4.38 -6.31 2.59
N ASP B 26 5.65 -6.10 2.25
CA ASP B 26 6.05 -5.87 0.86
C ASP B 26 7.45 -6.46 0.65
N TYR B 27 7.89 -6.54 -0.61
CA TYR B 27 9.21 -7.08 -0.93
C TYR B 27 9.75 -6.56 -2.26
N SER B 28 10.99 -6.93 -2.58
CA SER B 28 11.62 -6.57 -3.84
C SER B 28 12.29 -7.84 -4.42
N THR B 29 12.03 -8.14 -5.69
CA THR B 29 12.59 -9.33 -6.33
C THR B 29 13.92 -9.04 -7.01
N HIS B 30 14.05 -7.85 -7.59
CA HIS B 30 15.28 -7.45 -8.29
C HIS B 30 15.83 -6.15 -7.73
N TRP B 31 17.11 -5.87 -8.01
CA TRP B 31 17.76 -4.64 -7.53
C TRP B 31 16.91 -3.42 -7.88
N ASN B 32 16.70 -2.54 -6.90
CA ASN B 32 15.89 -1.34 -7.11
C ASN B 32 16.51 -0.13 -6.43
N ASP B 33 16.12 1.06 -6.88
CA ASP B 33 16.62 2.32 -6.31
C ASP B 33 15.45 3.30 -6.13
N LEU B 34 14.45 2.86 -5.38
CA LEU B 34 13.27 3.68 -5.11
C LEU B 34 12.80 3.53 -3.66
N LEU B 35 12.04 4.51 -3.18
CA LEU B 35 11.51 4.51 -1.82
C LEU B 35 10.25 3.63 -1.71
N PHE B 36 9.93 2.89 -2.79
CA PHE B 36 8.76 2.01 -2.79
C PHE B 36 9.18 0.55 -2.66
N CYS B 37 8.34 -0.20 -1.96
CA CYS B 37 8.56 -1.63 -1.75
C CYS B 37 7.45 -2.33 -2.56
N LEU B 38 7.77 -3.40 -3.28
CA LEU B 38 6.76 -4.06 -4.11
C LEU B 38 5.74 -4.80 -3.25
N ARG B 39 4.48 -4.48 -3.51
CA ARG B 39 3.35 -5.04 -2.79
C ARG B 39 3.25 -6.56 -2.97
N CYS B 40 2.72 -7.22 -1.94
CA CYS B 40 2.58 -8.68 -1.94
C CYS B 40 1.17 -9.07 -2.45
N THR B 41 1.11 -10.22 -3.13
CA THR B 41 -0.12 -10.72 -3.73
C THR B 41 -0.89 -11.62 -2.76
N ARG B 42 -2.22 -11.47 -2.78
CA ARG B 42 -3.11 -12.24 -1.92
C ARG B 42 -4.11 -13.04 -2.77
N CYS B 43 -4.62 -14.15 -2.21
CA CYS B 43 -5.57 -15.00 -2.93
C CYS B 43 -6.95 -14.91 -2.25
N ASP B 44 -8.01 -15.21 -3.01
CA ASP B 44 -9.38 -15.13 -2.50
C ASP B 44 -9.95 -16.52 -2.20
N SER B 45 -11.10 -16.56 -1.51
CA SER B 45 -11.77 -17.81 -1.16
C SER B 45 -11.86 -18.73 -2.39
N GLY B 46 -11.78 -20.04 -2.15
CA GLY B 46 -11.81 -21.02 -3.22
C GLY B 46 -10.38 -21.26 -3.77
N GLU B 47 -9.44 -20.35 -3.43
CA GLU B 47 -8.06 -20.48 -3.86
C GLU B 47 -7.15 -20.59 -2.63
N VAL B 48 -6.05 -21.35 -2.76
CA VAL B 48 -5.11 -21.54 -1.65
C VAL B 48 -3.77 -20.89 -1.95
N GLU B 49 -3.03 -20.53 -0.89
CA GLU B 49 -1.70 -19.93 -1.05
C GLU B 49 -0.67 -21.04 -1.27
N LEU B 50 -0.09 -21.10 -2.47
CA LEU B 50 0.90 -22.15 -2.78
C LEU B 50 2.23 -21.84 -2.09
N SER B 51 2.64 -20.58 -2.18
CA SER B 51 3.90 -20.15 -1.56
C SER B 51 3.76 -18.70 -1.04
N PRO B 52 3.91 -18.43 0.26
CA PRO B 52 3.79 -17.03 0.81
C PRO B 52 4.96 -16.15 0.35
N CYS B 53 4.78 -14.82 0.39
CA CYS B 53 5.84 -13.90 -0.04
C CYS B 53 6.60 -13.31 1.14
N THR B 54 7.90 -13.20 0.94
CA THR B 54 8.80 -12.63 1.93
C THR B 54 9.59 -11.52 1.26
N THR B 55 10.50 -10.89 1.99
CA THR B 55 11.30 -9.79 1.42
C THR B 55 12.02 -10.23 0.14
N THR B 56 12.16 -11.56 -0.06
CA THR B 56 12.84 -12.09 -1.25
C THR B 56 11.95 -13.10 -2.02
N ARG B 57 10.64 -13.15 -1.73
CA ARG B 57 9.75 -14.11 -2.42
C ARG B 57 8.41 -13.48 -2.84
N ASN B 58 7.81 -14.07 -3.88
CA ASN B 58 6.52 -13.64 -4.43
C ASN B 58 5.41 -14.66 -4.10
N THR B 59 4.20 -14.17 -3.76
CA THR B 59 3.09 -15.06 -3.40
C THR B 59 2.38 -15.59 -4.66
N VAL B 60 2.06 -16.88 -4.63
CA VAL B 60 1.38 -17.55 -5.74
C VAL B 60 0.00 -18.02 -5.27
N CYS B 61 -0.97 -18.08 -6.19
CA CYS B 61 -2.33 -18.51 -5.85
C CYS B 61 -2.61 -19.88 -6.48
N GLN B 62 -3.34 -20.69 -5.72
CA GLN B 62 -3.70 -22.04 -6.10
C GLN B 62 -5.22 -22.20 -6.13
N CYS B 63 -5.72 -23.13 -6.94
CA CYS B 63 -7.16 -23.35 -7.06
C CYS B 63 -7.47 -24.74 -6.47
N GLU B 64 -8.63 -24.84 -5.82
CA GLU B 64 -9.03 -26.10 -5.15
C GLU B 64 -9.32 -27.20 -6.17
N GLU B 65 -9.14 -28.45 -5.75
CA GLU B 65 -9.36 -29.61 -6.63
C GLU B 65 -10.73 -29.52 -7.30
N GLY B 66 -10.78 -29.90 -8.58
CA GLY B 66 -12.02 -29.85 -9.35
C GLY B 66 -12.11 -28.60 -10.23
N THR B 67 -11.11 -27.70 -10.14
CA THR B 67 -11.09 -26.47 -10.93
C THR B 67 -9.92 -26.48 -11.92
N PHE B 68 -9.98 -25.62 -12.95
CA PHE B 68 -8.93 -25.59 -13.98
C PHE B 68 -8.59 -24.14 -14.35
N ARG B 69 -7.31 -23.86 -14.63
CA ARG B 69 -6.89 -22.51 -15.01
C ARG B 69 -5.59 -22.52 -15.81
N GLU B 70 -5.68 -22.10 -17.09
CA GLU B 70 -4.52 -22.05 -17.98
C GLU B 70 -3.93 -20.64 -18.01
N GLU B 71 -2.61 -20.56 -18.24
CA GLU B 71 -1.91 -19.27 -18.28
C GLU B 71 -2.53 -18.31 -19.30
N ASP B 72 -3.31 -18.84 -20.22
CA ASP B 72 -3.97 -18.03 -21.26
C ASP B 72 -5.18 -17.26 -20.69
N SER B 73 -5.73 -17.74 -19.57
CA SER B 73 -6.87 -17.10 -18.93
C SER B 73 -6.77 -17.26 -17.39
N PRO B 74 -6.12 -16.33 -16.68
CA PRO B 74 -5.96 -16.42 -15.20
C PRO B 74 -7.12 -15.77 -14.45
N GLU B 75 -7.08 -15.86 -13.11
CA GLU B 75 -8.12 -15.29 -12.20
C GLU B 75 -9.36 -16.17 -12.12
N MET B 76 -9.75 -16.72 -13.26
CA MET B 76 -10.93 -17.56 -13.36
C MET B 76 -10.54 -19.06 -13.33
N CYS B 77 -11.36 -19.86 -12.67
CA CYS B 77 -11.15 -21.30 -12.57
C CYS B 77 -12.39 -21.99 -13.15
N ARG B 78 -12.21 -23.09 -13.90
CA ARG B 78 -13.33 -23.80 -14.49
C ARG B 78 -13.40 -25.23 -13.96
N LYS B 79 -14.60 -25.79 -13.93
CA LYS B 79 -14.79 -27.15 -13.42
C LYS B 79 -14.14 -28.19 -14.35
N CYS B 80 -13.24 -28.99 -13.77
CA CYS B 80 -12.54 -30.02 -14.52
C CYS B 80 -13.50 -31.14 -14.89
N ARG B 81 -13.19 -31.84 -15.98
CA ARG B 81 -14.03 -32.93 -16.47
C ARG B 81 -13.72 -34.24 -15.72
N THR B 82 -14.73 -35.08 -15.54
CA THR B 82 -14.57 -36.37 -14.86
C THR B 82 -14.61 -37.55 -15.83
N GLY B 83 -14.69 -37.28 -17.15
CA GLY B 83 -14.73 -38.33 -18.16
C GLY B 83 -15.26 -37.80 -19.48
N CYS B 84 -14.55 -38.11 -20.58
CA CYS B 84 -14.95 -37.66 -21.91
C CYS B 84 -16.17 -38.46 -22.41
N PRO B 85 -16.92 -37.95 -23.39
CA PRO B 85 -18.11 -38.67 -23.94
C PRO B 85 -17.75 -40.04 -24.52
N ARG B 86 -18.77 -40.82 -24.90
CA ARG B 86 -18.56 -42.15 -25.46
C ARG B 86 -17.63 -42.08 -26.68
N GLY B 87 -16.71 -43.04 -26.79
CA GLY B 87 -15.77 -43.09 -27.90
C GLY B 87 -14.36 -42.72 -27.44
N MET B 88 -14.26 -41.73 -26.55
CA MET B 88 -12.97 -41.28 -26.03
C MET B 88 -12.67 -41.98 -24.71
N VAL B 89 -11.40 -42.00 -24.32
CA VAL B 89 -10.97 -42.65 -23.08
C VAL B 89 -10.17 -41.68 -22.20
N LYS B 90 -10.52 -41.62 -20.91
CA LYS B 90 -9.83 -40.77 -19.96
C LYS B 90 -8.47 -41.40 -19.63
N VAL B 91 -7.40 -40.59 -19.69
CA VAL B 91 -6.06 -41.11 -19.41
C VAL B 91 -5.15 -40.05 -18.75
N GLY B 92 -5.62 -38.80 -18.61
CA GLY B 92 -4.79 -37.75 -17.99
C GLY B 92 -5.35 -37.27 -16.67
N ASP B 93 -4.42 -36.84 -15.81
CA ASP B 93 -4.70 -36.32 -14.47
C ASP B 93 -5.06 -34.84 -14.53
N CYS B 94 -5.95 -34.39 -13.64
CA CYS B 94 -6.39 -32.99 -13.65
C CYS B 94 -5.72 -32.21 -12.52
N THR B 95 -5.07 -31.12 -12.92
CA THR B 95 -4.36 -30.23 -12.02
C THR B 95 -5.10 -28.88 -11.99
N PRO B 96 -5.24 -28.21 -10.84
CA PRO B 96 -5.97 -26.92 -10.76
C PRO B 96 -5.64 -25.97 -11.93
N TRP B 97 -4.47 -26.16 -12.55
CA TRP B 97 -4.05 -25.33 -13.68
C TRP B 97 -4.48 -25.94 -15.04
N SER B 98 -4.26 -27.25 -15.22
CA SER B 98 -4.59 -27.95 -16.47
C SER B 98 -5.82 -28.85 -16.36
N ASP B 99 -6.36 -29.27 -17.51
CA ASP B 99 -7.54 -30.15 -17.56
C ASP B 99 -7.11 -31.61 -17.80
N ILE B 100 -8.08 -32.53 -17.79
CA ILE B 100 -7.79 -33.96 -17.99
C ILE B 100 -7.34 -34.22 -19.44
N GLU B 101 -6.87 -35.45 -19.71
CA GLU B 101 -6.45 -35.83 -21.07
C GLU B 101 -7.27 -37.01 -21.57
N CYS B 102 -7.77 -36.91 -22.80
CA CYS B 102 -8.55 -37.99 -23.40
C CYS B 102 -7.87 -38.47 -24.68
N VAL B 103 -7.92 -39.79 -24.91
CA VAL B 103 -7.31 -40.39 -26.09
C VAL B 103 -8.24 -41.45 -26.69
N HIS B 104 -8.30 -41.50 -28.02
CA HIS B 104 -9.13 -42.47 -28.73
C HIS B 104 -8.25 -43.59 -29.31
N LYS B 105 -8.66 -44.84 -29.09
CA LYS B 105 -7.90 -46.00 -29.59
C LYS B 105 -8.72 -46.77 -30.63
N GLU B 106 -9.86 -47.31 -30.21
CA GLU B 106 -10.74 -48.08 -31.10
C GLU B 106 -12.06 -48.43 -30.41
N SER B 107 -12.59 -47.48 -29.63
CA SER B 107 -13.85 -47.67 -28.92
C SER B 107 -14.99 -47.96 -29.89
N GLY B 108 -15.91 -48.83 -29.48
CA GLY B 108 -17.05 -49.19 -30.31
C GLY B 108 -16.66 -50.24 -31.36
N ASP B 109 -16.93 -49.94 -32.63
CA ASP B 109 -16.60 -50.85 -33.72
C ASP B 109 -17.22 -52.24 -33.47
N SER C 1 -30.11 -18.79 -10.15
CA SER C 1 -31.37 -18.11 -9.72
C SER C 1 -31.08 -17.22 -8.50
N GLU C 2 -31.23 -15.90 -8.69
CA GLU C 2 -30.99 -14.94 -7.61
C GLU C 2 -29.56 -15.10 -7.05
N GLY C 3 -28.55 -14.73 -7.85
CA GLY C 3 -27.15 -14.83 -7.43
C GLY C 3 -26.59 -13.47 -7.02
N LEU C 4 -27.47 -12.57 -6.57
CA LEU C 4 -27.06 -11.24 -6.13
C LEU C 4 -27.60 -10.94 -4.72
N CYS C 5 -26.93 -10.04 -3.99
CA CYS C 5 -27.38 -9.67 -2.65
C CYS C 5 -27.68 -8.16 -2.60
N PRO C 6 -28.82 -7.73 -2.05
CA PRO C 6 -29.20 -6.27 -2.00
C PRO C 6 -28.21 -5.42 -1.18
N PRO C 7 -28.27 -4.10 -1.27
CA PRO C 7 -27.35 -3.20 -0.50
C PRO C 7 -27.45 -3.43 1.00
N GLY C 8 -26.29 -3.53 1.66
CA GLY C 8 -26.22 -3.77 3.10
C GLY C 8 -26.07 -5.26 3.43
N HIS C 9 -26.06 -6.12 2.40
CA HIS C 9 -25.93 -7.55 2.59
C HIS C 9 -24.82 -8.14 1.70
N HIS C 10 -24.12 -9.16 2.21
CA HIS C 10 -23.05 -9.82 1.48
C HIS C 10 -23.36 -11.32 1.34
N ILE C 11 -22.77 -11.98 0.32
CA ILE C 11 -23.04 -13.39 0.08
C ILE C 11 -21.81 -14.27 0.36
N SER C 12 -22.05 -15.51 0.77
CA SER C 12 -20.98 -16.45 1.09
C SER C 12 -20.31 -16.96 -0.19
N GLU C 13 -19.21 -17.69 -0.02
CA GLU C 13 -18.45 -18.24 -1.16
C GLU C 13 -19.31 -19.22 -1.96
N ASP C 14 -20.07 -20.04 -1.25
CA ASP C 14 -20.93 -21.05 -1.87
C ASP C 14 -22.22 -20.45 -2.47
N GLY C 15 -22.43 -19.14 -2.29
CA GLY C 15 -23.61 -18.47 -2.85
C GLY C 15 -24.97 -18.96 -2.28
N ARG C 16 -24.98 -20.00 -1.42
CA ARG C 16 -26.25 -20.54 -0.88
C ARG C 16 -26.84 -19.66 0.22
N ASP C 17 -26.06 -18.70 0.78
CA ASP C 17 -26.58 -17.85 1.86
C ASP C 17 -25.98 -16.45 1.82
N CYS C 18 -26.75 -15.49 2.37
CA CYS C 18 -26.33 -14.09 2.44
C CYS C 18 -26.45 -13.60 3.88
N ILE C 19 -25.44 -12.90 4.40
CA ILE C 19 -25.46 -12.40 5.78
C ILE C 19 -25.69 -10.89 5.79
N SER C 20 -26.44 -10.43 6.79
CA SER C 20 -26.77 -9.02 6.95
C SER C 20 -25.67 -8.25 7.68
N CYS C 21 -25.44 -7.01 7.23
CA CYS C 21 -24.43 -6.14 7.83
C CYS C 21 -25.17 -5.01 8.56
N LYS C 22 -24.63 -4.57 9.71
CA LYS C 22 -25.30 -3.54 10.52
C LYS C 22 -24.56 -2.21 10.52
N TYR C 23 -25.33 -1.13 10.58
CA TYR C 23 -24.80 0.24 10.62
C TYR C 23 -23.67 0.34 11.67
N GLY C 24 -22.64 1.12 11.37
CA GLY C 24 -21.51 1.31 12.29
C GLY C 24 -20.38 0.27 12.11
N GLN C 25 -20.68 -0.95 11.60
CA GLN C 25 -19.64 -1.95 11.39
C GLN C 25 -19.13 -1.83 9.95
N ASP C 26 -20.06 -2.01 9.00
CA ASP C 26 -19.77 -1.90 7.57
C ASP C 26 -21.08 -1.64 6.83
N TYR C 27 -20.99 -1.20 5.57
CA TYR C 27 -22.18 -0.94 4.76
C TYR C 27 -21.92 -1.19 3.27
N SER C 28 -22.98 -1.08 2.48
CA SER C 28 -22.90 -1.23 1.03
C SER C 28 -23.90 -0.25 0.40
N THR C 29 -23.46 0.53 -0.60
CA THR C 29 -24.32 1.52 -1.24
C THR C 29 -25.11 0.92 -2.41
N HIS C 30 -24.49 0.00 -3.15
CA HIS C 30 -25.13 -0.63 -4.30
C HIS C 30 -25.06 -2.15 -4.20
N TRP C 31 -25.92 -2.86 -4.96
CA TRP C 31 -25.92 -4.32 -4.94
C TRP C 31 -24.51 -4.87 -5.14
N ASN C 32 -24.21 -6.02 -4.52
CA ASN C 32 -22.88 -6.62 -4.62
C ASN C 32 -22.94 -8.13 -4.47
N ASP C 33 -21.78 -8.78 -4.70
CA ASP C 33 -21.68 -10.23 -4.59
C ASP C 33 -20.32 -10.62 -3.97
N LEU C 34 -20.10 -10.17 -2.74
CA LEU C 34 -18.85 -10.45 -2.02
C LEU C 34 -19.16 -11.06 -0.65
N LEU C 35 -18.10 -11.42 0.09
CA LEU C 35 -18.27 -12.02 1.43
C LEU C 35 -18.23 -10.95 2.53
N PHE C 36 -17.53 -9.84 2.25
CA PHE C 36 -17.38 -8.75 3.22
C PHE C 36 -18.24 -7.54 2.81
N CYS C 37 -18.44 -6.62 3.75
CA CYS C 37 -19.24 -5.42 3.49
C CYS C 37 -18.28 -4.23 3.43
N LEU C 38 -18.68 -3.16 2.75
CA LEU C 38 -17.79 -2.00 2.61
C LEU C 38 -17.57 -1.33 3.96
N ARG C 39 -16.32 -1.00 4.18
CA ARG C 39 -15.86 -0.41 5.42
C ARG C 39 -16.48 0.97 5.68
N CYS C 40 -16.65 1.28 6.97
CA CYS C 40 -17.22 2.56 7.41
C CYS C 40 -16.04 3.51 7.68
N THR C 41 -16.21 4.79 7.33
CA THR C 41 -15.14 5.77 7.51
C THR C 41 -15.15 6.36 8.92
N ARG C 42 -13.95 6.40 9.51
CA ARG C 42 -13.76 6.93 10.85
C ARG C 42 -12.77 8.10 10.81
N CYS C 43 -12.88 9.01 11.78
CA CYS C 43 -12.01 10.18 11.83
C CYS C 43 -11.06 10.10 13.03
N ASP C 44 -9.89 10.72 12.89
CA ASP C 44 -8.86 10.72 13.94
C ASP C 44 -8.95 12.00 14.78
N SER C 45 -8.25 12.00 15.91
CA SER C 45 -8.24 13.17 16.82
C SER C 45 -7.97 14.45 16.03
N GLY C 46 -8.67 15.52 16.41
CA GLY C 46 -8.54 16.81 15.72
C GLY C 46 -9.61 16.94 14.62
N GLU C 47 -10.24 15.81 14.24
CA GLU C 47 -11.27 15.82 13.21
C GLU C 47 -12.56 15.20 13.75
N VAL C 48 -13.70 15.73 13.31
CA VAL C 48 -15.01 15.25 13.76
C VAL C 48 -15.77 14.61 12.60
N GLU C 49 -16.72 13.73 12.93
CA GLU C 49 -17.54 13.07 11.91
C GLU C 49 -18.72 13.98 11.57
N LEU C 50 -18.79 14.45 10.31
CA LEU C 50 -19.86 15.35 9.89
C LEU C 50 -21.20 14.60 9.86
N SER C 51 -21.17 13.39 9.33
CA SER C 51 -22.36 12.54 9.24
C SER C 51 -21.98 11.06 9.45
N PRO C 52 -22.58 10.34 10.41
CA PRO C 52 -22.26 8.90 10.64
C PRO C 52 -22.67 8.00 9.45
N CYS C 53 -22.07 6.81 9.36
CA CYS C 53 -22.39 5.89 8.26
C CYS C 53 -23.35 4.82 8.73
N THR C 54 -24.44 4.67 7.98
CA THR C 54 -25.45 3.67 8.29
C THR C 54 -25.27 2.48 7.36
N THR C 55 -26.13 1.47 7.49
CA THR C 55 -26.04 0.29 6.65
C THR C 55 -26.10 0.67 5.15
N THR C 56 -26.61 1.88 4.84
CA THR C 56 -26.71 2.34 3.46
C THR C 56 -26.05 3.72 3.23
N ARG C 57 -25.22 4.20 4.18
CA ARG C 57 -24.58 5.52 4.01
C ARG C 57 -23.10 5.53 4.42
N ASN C 58 -22.36 6.50 3.87
CA ASN C 58 -20.93 6.68 4.11
C ASN C 58 -20.65 7.87 5.05
N THR C 59 -19.67 7.70 5.97
CA THR C 59 -19.32 8.75 6.93
C THR C 59 -18.35 9.78 6.32
N VAL C 60 -18.61 11.06 6.62
CA VAL C 60 -17.79 12.17 6.12
C VAL C 60 -16.95 12.73 7.28
N CYS C 61 -15.77 13.28 6.96
CA CYS C 61 -14.87 13.83 7.98
C CYS C 61 -14.76 15.36 7.87
N GLN C 62 -14.68 16.00 9.04
CA GLN C 62 -14.57 17.45 9.15
C GLN C 62 -13.49 17.79 10.17
N CYS C 63 -12.88 18.98 10.08
CA CYS C 63 -11.80 19.36 10.99
C CYS C 63 -12.30 20.50 11.89
N GLU C 64 -11.65 20.64 13.07
CA GLU C 64 -12.08 21.62 14.06
C GLU C 64 -11.82 23.05 13.61
N GLU C 65 -12.74 23.95 13.99
CA GLU C 65 -12.65 25.37 13.64
C GLU C 65 -11.28 25.94 14.03
N GLY C 66 -10.82 26.94 13.27
CA GLY C 66 -9.52 27.56 13.52
C GLY C 66 -8.44 26.94 12.62
N THR C 67 -8.67 25.71 12.16
CA THR C 67 -7.73 25.00 11.29
C THR C 67 -8.29 24.93 9.86
N PHE C 68 -7.44 24.67 8.85
CA PHE C 68 -7.91 24.61 7.46
C PHE C 68 -7.20 23.52 6.65
N ARG C 69 -7.89 22.97 5.63
CA ARG C 69 -7.31 21.92 4.80
C ARG C 69 -7.17 22.39 3.35
N GLU C 70 -5.92 22.52 2.92
CA GLU C 70 -5.59 22.92 1.54
C GLU C 70 -5.57 21.70 0.62
N GLU C 71 -5.92 21.90 -0.64
CA GLU C 71 -5.95 20.81 -1.62
C GLU C 71 -4.60 20.10 -1.76
N ASP C 72 -3.54 20.77 -1.33
CA ASP C 72 -2.19 20.23 -1.41
C ASP C 72 -1.84 19.37 -0.17
N SER C 73 -2.73 19.36 0.84
CA SER C 73 -2.49 18.58 2.06
C SER C 73 -3.35 17.29 2.05
N PRO C 74 -2.76 16.10 1.86
CA PRO C 74 -3.53 14.82 1.84
C PRO C 74 -4.65 14.77 2.87
N GLU C 75 -4.30 14.93 4.15
CA GLU C 75 -5.30 14.90 5.22
C GLU C 75 -4.75 15.60 6.48
N MET C 76 -4.59 16.93 6.39
CA MET C 76 -4.09 17.73 7.49
C MET C 76 -4.82 19.07 7.56
N CYS C 77 -4.84 19.68 8.76
CA CYS C 77 -5.48 20.96 8.96
C CYS C 77 -4.45 21.94 9.52
N ARG C 78 -4.47 23.21 9.08
CA ARG C 78 -3.49 24.20 9.56
C ARG C 78 -4.19 25.41 10.13
N LYS C 79 -3.53 26.10 11.06
CA LYS C 79 -4.12 27.27 11.70
C LYS C 79 -4.29 28.43 10.72
N CYS C 80 -5.53 28.92 10.62
CA CYS C 80 -5.86 30.03 9.73
C CYS C 80 -5.20 31.29 10.25
N ARG C 81 -4.93 32.24 9.35
CA ARG C 81 -4.27 33.49 9.75
C ARG C 81 -5.19 34.34 10.63
N THR C 82 -4.62 34.89 11.70
CA THR C 82 -5.37 35.73 12.65
C THR C 82 -5.29 37.22 12.27
N GLY C 83 -4.32 37.57 11.40
CA GLY C 83 -4.14 38.96 10.97
C GLY C 83 -3.35 39.00 9.66
N CYS C 84 -4.01 39.44 8.58
CA CYS C 84 -3.36 39.54 7.27
C CYS C 84 -2.02 40.30 7.37
N PRO C 85 -1.07 40.05 6.47
CA PRO C 85 0.26 40.74 6.51
C PRO C 85 0.11 42.26 6.74
N ARG C 86 1.22 42.92 7.08
CA ARG C 86 1.21 44.35 7.33
C ARG C 86 0.74 45.11 6.08
N GLY C 87 -0.35 45.87 6.22
CA GLY C 87 -0.90 46.64 5.10
C GLY C 87 -2.01 45.86 4.38
N MET C 88 -2.70 44.97 5.11
CA MET C 88 -3.78 44.17 4.54
C MET C 88 -5.05 44.29 5.41
N VAL C 89 -6.17 43.80 4.88
CA VAL C 89 -7.44 43.87 5.61
C VAL C 89 -8.15 42.51 5.62
N LYS C 90 -8.79 42.19 6.75
CA LYS C 90 -9.54 40.95 6.91
C LYS C 90 -10.88 41.08 6.20
N VAL C 91 -11.38 39.97 5.62
CA VAL C 91 -12.66 40.02 4.91
C VAL C 91 -13.26 38.62 4.65
N GLY C 92 -12.44 37.55 4.72
CA GLY C 92 -12.98 36.21 4.46
C GLY C 92 -12.99 35.32 5.71
N ASP C 93 -13.96 34.42 5.73
CA ASP C 93 -14.19 33.45 6.80
C ASP C 93 -13.38 32.18 6.59
N CYS C 94 -12.92 31.55 7.69
CA CYS C 94 -12.11 30.34 7.58
C CYS C 94 -12.94 29.11 7.94
N THR C 95 -12.96 28.18 7.01
CA THR C 95 -13.70 26.92 7.12
C THR C 95 -12.70 25.77 7.21
N PRO C 96 -12.95 24.72 8.02
CA PRO C 96 -11.98 23.60 8.17
C PRO C 96 -11.36 23.16 6.82
N TRP C 97 -12.07 23.43 5.71
CA TRP C 97 -11.56 23.10 4.37
C TRP C 97 -10.93 24.33 3.67
N SER C 98 -11.43 25.54 3.95
CA SER C 98 -10.91 26.77 3.31
C SER C 98 -10.06 27.62 4.28
N ASP C 99 -9.30 28.57 3.71
CA ASP C 99 -8.46 29.47 4.53
C ASP C 99 -9.03 30.90 4.56
N ILE C 100 -8.51 31.74 5.45
CA ILE C 100 -8.98 33.15 5.56
C ILE C 100 -8.69 33.91 4.28
N GLU C 101 -9.42 35.01 4.04
CA GLU C 101 -9.19 35.83 2.83
C GLU C 101 -8.75 37.23 3.21
N CYS C 102 -7.71 37.71 2.52
CA CYS C 102 -7.19 39.06 2.76
C CYS C 102 -7.25 39.88 1.47
N VAL C 103 -7.60 41.16 1.63
CA VAL C 103 -7.69 42.08 0.49
C VAL C 103 -7.09 43.44 0.87
N HIS C 104 -6.66 44.21 -0.15
CA HIS C 104 -6.06 45.52 0.08
C HIS C 104 -7.06 46.63 -0.28
N LYS C 105 -6.94 47.78 0.39
CA LYS C 105 -7.83 48.92 0.15
C LYS C 105 -9.29 48.51 0.38
N GLU C 106 -9.85 48.94 1.52
CA GLU C 106 -11.24 48.61 1.85
C GLU C 106 -12.20 49.63 1.22
N SER C 107 -12.78 49.25 0.07
CA SER C 107 -13.73 50.10 -0.66
C SER C 107 -13.04 51.38 -1.18
N GLY C 108 -12.76 52.33 -0.28
CA GLY C 108 -12.12 53.58 -0.66
C GLY C 108 -11.61 54.34 0.57
N ASP C 109 -12.45 55.22 1.11
CA ASP C 109 -12.08 56.01 2.30
C ASP C 109 -13.28 56.13 3.24
N SER A 1 38.31 2.03 -12.61
CA SER A 1 37.83 1.70 -11.23
C SER A 1 39.01 1.21 -10.39
N GLU A 2 39.54 2.10 -9.55
CA GLU A 2 40.68 1.76 -8.68
C GLU A 2 40.87 2.81 -7.57
N GLY A 3 39.75 3.39 -7.11
CA GLY A 3 39.78 4.40 -6.07
C GLY A 3 38.58 4.28 -5.13
N LEU A 4 38.45 3.12 -4.48
CA LEU A 4 37.34 2.87 -3.56
C LEU A 4 37.86 2.60 -2.14
N CYS A 5 37.07 2.97 -1.13
CA CYS A 5 37.46 2.76 0.27
C CYS A 5 36.39 1.87 0.99
N PRO A 6 36.80 0.94 1.86
CA PRO A 6 35.82 0.05 2.58
C PRO A 6 34.86 0.83 3.49
N PRO A 7 33.79 0.20 3.99
CA PRO A 7 32.80 0.88 4.89
C PRO A 7 33.48 1.54 6.08
N GLY A 8 32.96 2.71 6.50
CA GLY A 8 33.53 3.44 7.63
C GLY A 8 34.71 4.33 7.20
N HIS A 9 35.24 4.09 5.99
CA HIS A 9 36.36 4.86 5.48
C HIS A 9 36.02 5.55 4.16
N HIS A 10 36.81 6.58 3.82
CA HIS A 10 36.63 7.35 2.58
C HIS A 10 38.00 7.56 1.91
N ILE A 11 37.99 7.78 0.59
CA ILE A 11 39.25 7.95 -0.16
C ILE A 11 39.38 9.39 -0.71
N SER A 12 40.63 9.85 -0.83
CA SER A 12 40.92 11.20 -1.31
C SER A 12 40.73 11.29 -2.84
N GLU A 13 40.93 12.50 -3.38
CA GLU A 13 40.76 12.74 -4.82
C GLU A 13 41.83 12.01 -5.63
N ASP A 14 43.06 11.95 -5.11
CA ASP A 14 44.17 11.30 -5.81
C ASP A 14 44.09 9.77 -5.70
N GLY A 15 43.11 9.24 -4.94
CA GLY A 15 42.92 7.79 -4.81
C GLY A 15 44.11 7.04 -4.13
N ARG A 16 45.23 7.73 -3.81
CA ARG A 16 46.37 7.06 -3.18
C ARG A 16 46.34 7.16 -1.65
N ASP A 17 45.22 7.62 -1.07
CA ASP A 17 45.10 7.74 0.38
C ASP A 17 43.65 7.60 0.85
N CYS A 18 43.46 6.95 1.99
CA CYS A 18 42.12 6.75 2.56
C CYS A 18 42.13 7.23 4.01
N ILE A 19 41.09 7.99 4.38
CA ILE A 19 40.98 8.53 5.74
C ILE A 19 39.81 7.88 6.49
N SER A 20 40.05 7.62 7.78
CA SER A 20 39.07 6.98 8.66
C SER A 20 38.04 7.98 9.21
N CYS A 21 36.79 7.52 9.36
CA CYS A 21 35.71 8.37 9.89
C CYS A 21 35.37 7.86 11.30
N LYS A 22 34.82 8.73 12.15
CA LYS A 22 34.53 8.37 13.53
C LYS A 22 33.08 7.95 13.72
N TYR A 23 32.88 6.99 14.65
CA TYR A 23 31.54 6.50 14.98
C TYR A 23 30.68 7.69 15.40
N GLY A 24 29.43 7.71 14.97
CA GLY A 24 28.49 8.78 15.33
C GLY A 24 28.56 10.07 14.48
N GLN A 25 29.72 10.40 13.86
CA GLN A 25 29.80 11.64 13.05
C GLN A 25 29.06 11.48 11.72
N ASP A 26 29.50 10.51 10.93
CA ASP A 26 28.93 10.20 9.61
C ASP A 26 29.26 8.74 9.30
N TYR A 27 28.62 8.12 8.30
CA TYR A 27 28.89 6.72 8.00
C TYR A 27 28.95 6.40 6.52
N SER A 28 29.44 5.19 6.27
CA SER A 28 29.46 4.64 4.92
C SER A 28 28.89 3.23 5.00
N THR A 29 27.89 2.94 4.17
CA THR A 29 27.24 1.63 4.15
C THR A 29 27.88 0.70 3.11
N HIS A 30 28.26 1.29 1.97
CA HIS A 30 28.87 0.56 0.86
C HIS A 30 30.19 1.22 0.47
N TRP A 31 31.03 0.51 -0.29
CA TRP A 31 32.34 1.06 -0.73
C TRP A 31 32.13 2.46 -1.29
N ASN A 32 32.73 3.45 -0.63
CA ASN A 32 32.58 4.85 -1.05
C ASN A 32 33.74 5.32 -1.91
N ASP A 33 33.43 6.13 -2.92
CA ASP A 33 34.42 6.68 -3.83
C ASP A 33 34.44 8.21 -3.71
N LEU A 34 34.56 8.68 -2.47
CA LEU A 34 34.57 10.12 -2.20
C LEU A 34 35.50 10.44 -1.02
N LEU A 35 35.70 11.74 -0.77
CA LEU A 35 36.55 12.19 0.35
C LEU A 35 35.71 12.48 1.61
N PHE A 36 34.39 12.30 1.53
CA PHE A 36 33.50 12.58 2.66
C PHE A 36 32.76 11.30 3.09
N CYS A 37 32.18 11.35 4.30
CA CYS A 37 31.41 10.23 4.82
C CYS A 37 29.94 10.67 4.80
N LEU A 38 29.01 9.71 4.58
CA LEU A 38 27.60 10.07 4.46
C LEU A 38 26.96 10.37 5.81
N ARG A 39 25.81 11.01 5.76
CA ARG A 39 25.07 11.37 6.96
C ARG A 39 24.23 10.20 7.48
N CYS A 40 24.06 10.13 8.80
CA CYS A 40 23.26 9.07 9.42
C CYS A 40 21.83 9.58 9.67
N THR A 41 20.87 8.64 9.59
CA THR A 41 19.46 8.98 9.77
C THR A 41 19.01 8.76 11.22
N ARG A 42 18.17 9.68 11.69
CA ARG A 42 17.63 9.62 13.05
C ARG A 42 16.10 9.58 13.00
N CYS A 43 15.47 9.00 14.03
CA CYS A 43 14.01 8.87 14.06
C CYS A 43 13.36 9.73 15.15
N ASP A 44 12.08 10.06 14.93
CA ASP A 44 11.30 10.86 15.86
C ASP A 44 10.05 10.11 16.31
N SER A 45 9.38 10.63 17.34
CA SER A 45 8.16 10.00 17.88
C SER A 45 7.19 9.65 16.76
N GLY A 46 6.44 8.56 16.95
CA GLY A 46 5.51 8.08 15.93
C GLY A 46 6.19 7.09 14.98
N GLU A 47 7.54 7.05 15.01
CA GLU A 47 8.31 6.14 14.16
C GLU A 47 9.12 5.17 15.03
N VAL A 48 9.42 3.99 14.48
CA VAL A 48 10.18 2.97 15.20
C VAL A 48 11.56 2.75 14.56
N GLU A 49 12.56 2.72 15.42
CA GLU A 49 13.94 2.48 15.01
C GLU A 49 14.24 0.97 15.11
N LEU A 50 14.42 0.29 13.96
CA LEU A 50 14.68 -1.16 13.99
C LEU A 50 16.15 -1.54 13.82
N SER A 51 17.00 -0.61 13.35
CA SER A 51 18.43 -0.92 13.17
C SER A 51 19.37 0.22 13.66
N PRO A 52 20.52 -0.10 14.27
CA PRO A 52 21.49 0.92 14.77
C PRO A 52 22.35 1.58 13.65
N CYS A 53 22.89 2.77 13.94
CA CYS A 53 23.75 3.51 13.02
C CYS A 53 25.22 3.42 13.50
N THR A 54 26.13 3.03 12.59
CA THR A 54 27.56 2.90 12.93
C THR A 54 28.40 2.92 11.64
N THR A 55 29.74 3.04 11.78
CA THR A 55 30.63 3.07 10.59
C THR A 55 30.39 1.85 9.68
N THR A 56 29.75 0.81 10.23
CA THR A 56 29.45 -0.40 9.47
C THR A 56 27.93 -0.73 9.53
N ARG A 57 27.12 0.24 9.98
CA ARG A 57 25.67 0.05 10.09
C ARG A 57 24.91 1.36 9.83
N ASN A 58 23.65 1.22 9.44
CA ASN A 58 22.78 2.36 9.15
C ASN A 58 21.52 2.29 9.99
N THR A 59 21.02 3.44 10.52
CA THR A 59 19.81 3.41 11.32
C THR A 59 18.60 3.40 10.41
N VAL A 60 17.64 2.57 10.77
CA VAL A 60 16.41 2.42 9.99
C VAL A 60 15.24 3.07 10.70
N CYS A 61 14.46 3.79 9.91
CA CYS A 61 13.27 4.42 10.41
C CYS A 61 12.06 3.71 9.78
N GLN A 62 11.05 3.55 10.59
CA GLN A 62 9.81 2.90 10.23
C GLN A 62 8.68 3.67 10.90
N CYS A 63 7.48 3.61 10.34
CA CYS A 63 6.35 4.36 10.91
C CYS A 63 5.32 3.36 11.45
N GLU A 64 4.53 3.79 12.44
CA GLU A 64 3.56 2.90 13.08
C GLU A 64 2.41 2.56 12.12
N GLU A 65 1.91 1.32 12.26
CA GLU A 65 0.82 0.82 11.41
C GLU A 65 -0.35 1.81 11.40
N GLY A 66 -1.03 1.90 10.26
CA GLY A 66 -2.16 2.81 10.10
C GLY A 66 -1.74 4.11 9.40
N THR A 67 -0.43 4.37 9.32
CA THR A 67 0.08 5.58 8.68
C THR A 67 0.92 5.23 7.44
N PHE A 68 1.11 6.19 6.51
CA PHE A 68 1.87 5.94 5.29
C PHE A 68 2.74 7.15 4.84
N ARG A 69 3.87 6.89 4.16
CA ARG A 69 4.74 7.99 3.71
C ARG A 69 4.83 8.05 2.18
N GLU A 70 4.28 9.12 1.63
CA GLU A 70 4.28 9.36 0.18
C GLU A 70 5.51 10.17 -0.22
N GLU A 71 6.00 9.95 -1.45
CA GLU A 71 7.18 10.66 -1.94
C GLU A 71 7.03 12.18 -1.85
N ASP A 72 5.79 12.64 -1.73
CA ASP A 72 5.49 14.07 -1.62
C ASP A 72 5.59 14.58 -0.18
N SER A 73 5.88 13.68 0.77
CA SER A 73 6.02 14.04 2.18
C SER A 73 7.47 14.40 2.53
N PRO A 74 7.72 15.30 3.48
CA PRO A 74 9.11 15.68 3.87
C PRO A 74 9.71 14.72 4.90
N GLU A 75 8.88 14.29 5.85
CA GLU A 75 9.31 13.35 6.90
C GLU A 75 8.14 12.99 7.83
N MET A 76 6.94 12.87 7.24
CA MET A 76 5.73 12.54 8.01
C MET A 76 5.02 11.33 7.41
N CYS A 77 4.08 10.77 8.17
CA CYS A 77 3.28 9.63 7.75
C CYS A 77 1.82 10.06 7.80
N ARG A 78 0.96 9.55 6.90
CA ARG A 78 -0.45 9.95 6.88
C ARG A 78 -1.34 8.74 7.08
N LYS A 79 -2.56 8.95 7.54
CA LYS A 79 -3.47 7.86 7.80
C LYS A 79 -3.86 7.16 6.50
N CYS A 80 -3.77 5.83 6.50
CA CYS A 80 -4.11 5.04 5.33
C CYS A 80 -5.60 5.17 5.08
N ARG A 81 -6.05 4.89 3.86
CA ARG A 81 -7.46 5.00 3.51
C ARG A 81 -8.34 4.33 4.57
N THR A 82 -9.29 5.09 5.10
CA THR A 82 -10.21 4.57 6.12
C THR A 82 -11.44 3.91 5.47
N GLY A 83 -11.34 3.61 4.17
CA GLY A 83 -12.42 2.97 3.42
C GLY A 83 -12.25 3.23 1.93
N CYS A 84 -12.01 2.15 1.17
CA CYS A 84 -11.81 2.26 -0.29
C CYS A 84 -12.86 3.18 -0.94
N PRO A 85 -12.54 3.85 -2.05
CA PRO A 85 -13.51 4.77 -2.73
C PRO A 85 -14.85 4.09 -3.03
N ARG A 86 -15.92 4.87 -3.10
CA ARG A 86 -17.26 4.32 -3.37
C ARG A 86 -17.24 3.49 -4.66
N GLY A 87 -17.46 2.18 -4.51
CA GLY A 87 -17.47 1.26 -5.65
C GLY A 87 -16.13 0.51 -5.75
N MET A 88 -15.51 0.23 -4.60
CA MET A 88 -14.23 -0.48 -4.57
C MET A 88 -14.17 -1.45 -3.38
N VAL A 89 -13.22 -2.39 -3.41
CA VAL A 89 -13.09 -3.40 -2.35
C VAL A 89 -11.68 -3.45 -1.75
N LYS A 90 -11.58 -4.00 -0.53
CA LYS A 90 -10.30 -4.12 0.18
C LYS A 90 -9.51 -5.34 -0.31
N VAL A 91 -8.21 -5.13 -0.58
CA VAL A 91 -7.35 -6.20 -1.08
C VAL A 91 -5.86 -5.98 -0.71
N GLY A 92 -5.42 -4.74 -0.41
CA GLY A 92 -4.00 -4.50 -0.10
C GLY A 92 -3.72 -4.08 1.34
N ASP A 93 -2.52 -4.46 1.79
CA ASP A 93 -1.97 -4.18 3.12
C ASP A 93 -1.29 -2.79 3.12
N CYS A 94 -1.32 -2.08 4.25
CA CYS A 94 -0.73 -0.74 4.31
C CYS A 94 0.60 -0.80 5.09
N THR A 95 1.64 -0.28 4.43
CA THR A 95 3.00 -0.25 4.95
C THR A 95 3.34 1.18 5.38
N PRO A 96 4.04 1.39 6.49
CA PRO A 96 4.37 2.75 6.99
C PRO A 96 4.80 3.73 5.87
N TRP A 97 5.28 3.19 4.75
CA TRP A 97 5.70 4.02 3.61
C TRP A 97 4.63 4.01 2.47
N SER A 98 4.03 2.85 2.17
CA SER A 98 3.03 2.73 1.09
C SER A 98 1.59 2.74 1.61
N ASP A 99 0.62 2.96 0.69
CA ASP A 99 -0.81 3.01 1.04
C ASP A 99 -1.49 1.66 0.75
N ILE A 100 -2.79 1.56 1.07
CA ILE A 100 -3.55 0.31 0.84
C ILE A 100 -3.88 0.12 -0.64
N GLU A 101 -4.47 -1.03 -0.97
CA GLU A 101 -4.89 -1.31 -2.34
C GLU A 101 -6.40 -1.55 -2.39
N CYS A 102 -7.06 -0.93 -3.37
CA CYS A 102 -8.49 -1.10 -3.55
C CYS A 102 -8.75 -1.69 -4.93
N VAL A 103 -9.74 -2.59 -5.04
CA VAL A 103 -10.03 -3.23 -6.33
C VAL A 103 -11.53 -3.17 -6.68
N HIS A 104 -11.80 -2.85 -7.95
CA HIS A 104 -13.16 -2.79 -8.47
C HIS A 104 -13.41 -4.01 -9.36
N LYS A 105 -14.55 -4.67 -9.20
CA LYS A 105 -14.86 -5.85 -10.03
C LYS A 105 -16.35 -6.23 -9.94
N GLU A 106 -16.79 -6.71 -8.77
CA GLU A 106 -18.20 -7.12 -8.59
C GLU A 106 -19.00 -6.07 -7.78
N SER A 107 -18.30 -5.11 -7.16
CA SER A 107 -18.96 -4.07 -6.37
C SER A 107 -19.23 -2.84 -7.24
N GLY A 108 -20.49 -2.65 -7.64
CA GLY A 108 -20.89 -1.52 -8.46
C GLY A 108 -21.73 -1.99 -9.65
N ASP A 109 -21.27 -3.03 -10.33
CA ASP A 109 -21.98 -3.59 -11.48
C ASP A 109 -22.80 -4.81 -11.08
N SER B 1 25.89 9.60 -10.14
CA SER B 1 26.05 9.11 -8.74
C SER B 1 25.33 7.76 -8.59
N GLU B 2 26.09 6.71 -8.24
CA GLU B 2 25.52 5.38 -8.05
C GLU B 2 24.37 5.43 -7.04
N GLY B 3 23.61 4.33 -6.94
CA GLY B 3 22.48 4.26 -6.01
C GLY B 3 21.59 3.05 -6.30
N LEU B 4 22.06 1.85 -5.94
CA LEU B 4 21.30 0.62 -6.16
C LEU B 4 21.09 -0.11 -4.84
N CYS B 5 19.94 -0.79 -4.71
CA CYS B 5 19.62 -1.54 -3.48
C CYS B 5 19.37 -3.03 -3.80
N PRO B 6 19.83 -3.97 -2.96
CA PRO B 6 19.63 -5.44 -3.19
C PRO B 6 18.16 -5.88 -3.02
N PRO B 7 17.79 -7.08 -3.44
CA PRO B 7 16.38 -7.59 -3.30
C PRO B 7 15.91 -7.58 -1.84
N GLY B 8 14.64 -7.28 -1.63
CA GLY B 8 14.07 -7.22 -0.27
C GLY B 8 14.28 -5.84 0.38
N HIS B 9 15.05 -4.97 -0.28
CA HIS B 9 15.34 -3.64 0.23
C HIS B 9 14.87 -2.55 -0.74
N HIS B 10 14.70 -1.35 -0.20
CA HIS B 10 14.25 -0.18 -0.97
C HIS B 10 15.09 1.04 -0.55
N ILE B 11 15.17 2.08 -1.39
CA ILE B 11 15.98 3.27 -1.05
C ILE B 11 15.06 4.48 -0.76
N SER B 12 15.22 5.11 0.41
CA SER B 12 14.39 6.26 0.76
C SER B 12 14.54 7.37 -0.27
N GLU B 13 13.60 8.31 -0.24
CA GLU B 13 13.58 9.43 -1.19
C GLU B 13 14.90 10.21 -1.19
N ASP B 14 15.65 10.17 -0.09
CA ASP B 14 16.91 10.91 0.01
C ASP B 14 18.05 10.20 -0.75
N GLY B 15 17.79 9.00 -1.29
CA GLY B 15 18.80 8.26 -2.06
C GLY B 15 20.04 7.85 -1.23
N ARG B 16 20.17 8.28 0.04
CA ARG B 16 21.34 7.93 0.85
C ARG B 16 21.06 6.81 1.86
N ASP B 17 19.81 6.29 1.92
CA ASP B 17 19.51 5.23 2.88
C ASP B 17 18.70 4.13 2.20
N CYS B 18 18.96 2.89 2.62
CA CYS B 18 18.24 1.74 2.08
C CYS B 18 17.64 1.00 3.27
N ILE B 19 16.35 0.64 3.17
CA ILE B 19 15.65 -0.01 4.28
C ILE B 19 15.02 -1.36 3.89
N SER B 20 15.05 -2.26 4.87
CA SER B 20 14.49 -3.60 4.77
C SER B 20 12.96 -3.58 4.86
N CYS B 21 12.30 -4.50 4.14
CA CYS B 21 10.83 -4.55 4.16
C CYS B 21 10.42 -5.77 5.01
N LYS B 22 9.17 -5.77 5.51
CA LYS B 22 8.71 -6.82 6.42
C LYS B 22 8.19 -8.04 5.67
N TYR B 23 8.42 -9.21 6.25
CA TYR B 23 7.98 -10.46 5.65
C TYR B 23 6.46 -10.42 5.47
N GLY B 24 5.98 -10.83 4.30
CA GLY B 24 4.55 -10.86 4.03
C GLY B 24 3.94 -9.48 3.67
N GLN B 25 4.53 -8.34 4.10
CA GLN B 25 3.95 -7.04 3.74
C GLN B 25 4.34 -6.66 2.32
N ASP B 26 5.64 -6.50 2.09
CA ASP B 26 6.15 -6.15 0.77
C ASP B 26 7.54 -6.75 0.55
N TYR B 27 7.92 -6.91 -0.71
CA TYR B 27 9.23 -7.46 -1.08
C TYR B 27 9.71 -6.92 -2.43
N SER B 28 10.94 -7.27 -2.79
CA SER B 28 11.52 -6.89 -4.08
C SER B 28 12.14 -8.15 -4.71
N THR B 29 11.84 -8.41 -5.98
CA THR B 29 12.37 -9.62 -6.65
C THR B 29 13.71 -9.36 -7.33
N HIS B 30 13.88 -8.15 -7.89
CA HIS B 30 15.12 -7.80 -8.57
C HIS B 30 15.67 -6.48 -8.03
N TRP B 31 16.95 -6.20 -8.28
CA TRP B 31 17.59 -4.97 -7.82
C TRP B 31 16.72 -3.77 -8.21
N ASN B 32 16.59 -2.80 -7.29
CA ASN B 32 15.77 -1.62 -7.56
C ASN B 32 16.37 -0.37 -6.92
N ASP B 33 15.90 0.81 -7.35
CA ASP B 33 16.38 2.08 -6.82
C ASP B 33 15.21 3.04 -6.57
N LEU B 34 14.25 2.58 -5.77
CA LEU B 34 13.08 3.39 -5.43
C LEU B 34 12.68 3.22 -3.96
N LEU B 35 11.96 4.21 -3.44
CA LEU B 35 11.48 4.21 -2.05
C LEU B 35 10.22 3.35 -1.89
N PHE B 36 9.83 2.64 -2.96
CA PHE B 36 8.64 1.78 -2.91
C PHE B 36 9.03 0.31 -2.81
N CYS B 37 8.26 -0.43 -2.03
CA CYS B 37 8.46 -1.86 -1.85
C CYS B 37 7.30 -2.57 -2.56
N LEU B 38 7.57 -3.66 -3.27
CA LEU B 38 6.52 -4.35 -4.02
C LEU B 38 5.58 -5.11 -3.08
N ARG B 39 4.29 -4.85 -3.23
CA ARG B 39 3.26 -5.47 -2.41
C ARG B 39 3.21 -6.99 -2.63
N CYS B 40 2.77 -7.70 -1.59
CA CYS B 40 2.70 -9.16 -1.61
C CYS B 40 1.29 -9.59 -2.06
N THR B 41 1.26 -10.70 -2.82
CA THR B 41 0.02 -11.22 -3.38
C THR B 41 -0.69 -12.17 -2.42
N ARG B 42 -2.02 -12.05 -2.40
CA ARG B 42 -2.87 -12.88 -1.54
C ARG B 42 -3.96 -13.55 -2.38
N CYS B 43 -4.47 -14.69 -1.91
CA CYS B 43 -5.51 -15.43 -2.65
C CYS B 43 -6.83 -15.37 -1.89
N ASP B 44 -7.94 -15.54 -2.60
CA ASP B 44 -9.28 -15.47 -2.02
C ASP B 44 -9.85 -16.86 -1.77
N SER B 45 -10.98 -16.92 -1.03
CA SER B 45 -11.63 -18.19 -0.70
C SER B 45 -11.77 -19.05 -1.97
N GLY B 46 -11.67 -20.36 -1.80
CA GLY B 46 -11.73 -21.29 -2.93
C GLY B 46 -10.32 -21.48 -3.53
N GLU B 47 -9.37 -20.59 -3.17
CA GLU B 47 -8.01 -20.68 -3.65
C GLU B 47 -7.07 -20.91 -2.47
N VAL B 48 -6.00 -21.68 -2.68
CA VAL B 48 -5.02 -21.99 -1.62
C VAL B 48 -3.67 -21.37 -1.94
N GLU B 49 -2.87 -21.11 -0.91
CA GLU B 49 -1.53 -20.54 -1.09
C GLU B 49 -0.53 -21.66 -1.33
N LEU B 50 0.15 -21.62 -2.49
CA LEU B 50 1.13 -22.67 -2.82
C LEU B 50 2.49 -22.35 -2.19
N SER B 51 2.91 -21.09 -2.30
CA SER B 51 4.19 -20.65 -1.73
C SER B 51 4.08 -19.20 -1.20
N PRO B 52 3.99 -18.98 0.12
CA PRO B 52 3.90 -17.59 0.69
C PRO B 52 5.08 -16.71 0.25
N CYS B 53 4.91 -15.38 0.34
CA CYS B 53 5.96 -14.45 -0.09
C CYS B 53 6.73 -13.90 1.11
N THR B 54 8.01 -13.65 0.85
CA THR B 54 8.92 -13.10 1.84
C THR B 54 9.65 -11.91 1.21
N THR B 55 10.56 -11.30 1.95
CA THR B 55 11.30 -10.14 1.43
C THR B 55 12.02 -10.50 0.11
N THR B 56 12.22 -11.79 -0.15
CA THR B 56 12.89 -12.23 -1.38
C THR B 56 12.07 -13.25 -2.18
N ARG B 57 10.77 -13.40 -1.87
CA ARG B 57 9.92 -14.38 -2.57
C ARG B 57 8.53 -13.82 -2.93
N ASN B 58 7.94 -14.38 -3.99
CA ASN B 58 6.63 -14.00 -4.48
C ASN B 58 5.57 -15.05 -4.13
N THR B 59 4.36 -14.59 -3.75
CA THR B 59 3.27 -15.51 -3.38
C THR B 59 2.53 -15.99 -4.63
N VAL B 60 2.24 -17.30 -4.63
CA VAL B 60 1.52 -17.95 -5.73
C VAL B 60 0.16 -18.43 -5.23
N CYS B 61 -0.83 -18.46 -6.13
CA CYS B 61 -2.19 -18.90 -5.77
C CYS B 61 -2.50 -20.25 -6.41
N GLN B 62 -3.33 -21.02 -5.70
CA GLN B 62 -3.72 -22.36 -6.11
C GLN B 62 -5.25 -22.48 -6.09
N CYS B 63 -5.78 -23.38 -6.91
CA CYS B 63 -7.23 -23.58 -6.98
C CYS B 63 -7.53 -24.98 -6.43
N GLU B 64 -8.69 -25.12 -5.77
CA GLU B 64 -9.04 -26.41 -5.13
C GLU B 64 -9.35 -27.48 -6.18
N GLU B 65 -9.17 -28.74 -5.80
CA GLU B 65 -9.40 -29.87 -6.72
C GLU B 65 -10.77 -29.77 -7.38
N GLY B 66 -10.81 -30.07 -8.68
CA GLY B 66 -12.06 -30.00 -9.46
C GLY B 66 -12.16 -28.70 -10.27
N THR B 67 -11.15 -27.82 -10.17
CA THR B 67 -11.14 -26.55 -10.89
C THR B 67 -9.97 -26.47 -11.87
N PHE B 68 -10.05 -25.56 -12.86
CA PHE B 68 -8.98 -25.43 -13.86
C PHE B 68 -8.68 -23.94 -14.08
N ARG B 69 -7.39 -23.60 -14.33
CA ARG B 69 -7.00 -22.19 -14.52
C ARG B 69 -6.13 -22.02 -15.77
N GLU B 70 -6.67 -21.32 -16.75
CA GLU B 70 -5.95 -21.06 -18.01
C GLU B 70 -4.79 -20.09 -17.76
N GLU B 71 -3.72 -20.24 -18.53
CA GLU B 71 -2.55 -19.36 -18.39
C GLU B 71 -2.93 -17.88 -18.58
N ASP B 72 -4.06 -17.65 -19.21
CA ASP B 72 -4.56 -16.30 -19.48
C ASP B 72 -5.52 -15.83 -18.38
N SER B 73 -6.15 -16.77 -17.65
CA SER B 73 -7.08 -16.43 -16.58
C SER B 73 -6.35 -15.71 -15.43
N PRO B 74 -6.94 -14.67 -14.82
CA PRO B 74 -6.29 -13.92 -13.71
C PRO B 74 -6.52 -14.56 -12.34
N GLU B 75 -7.79 -14.73 -11.97
CA GLU B 75 -8.16 -15.33 -10.68
C GLU B 75 -9.48 -16.10 -10.77
N MET B 76 -9.77 -16.66 -11.95
CA MET B 76 -10.99 -17.42 -12.18
C MET B 76 -10.65 -18.90 -12.41
N CYS B 77 -11.60 -19.79 -12.11
CA CYS B 77 -11.39 -21.22 -12.24
C CYS B 77 -12.60 -21.90 -12.92
N ARG B 78 -12.34 -22.97 -13.69
CA ARG B 78 -13.42 -23.71 -14.37
C ARG B 78 -13.47 -25.15 -13.86
N LYS B 79 -14.65 -25.75 -13.89
CA LYS B 79 -14.81 -27.12 -13.42
C LYS B 79 -14.11 -28.10 -14.37
N CYS B 80 -13.19 -28.92 -13.81
CA CYS B 80 -12.45 -29.90 -14.59
C CYS B 80 -13.38 -31.04 -15.00
N ARG B 81 -13.04 -31.68 -16.12
CA ARG B 81 -13.84 -32.79 -16.64
C ARG B 81 -13.50 -34.10 -15.92
N THR B 82 -14.51 -34.95 -15.72
CA THR B 82 -14.33 -36.24 -15.03
C THR B 82 -14.14 -37.39 -16.04
N GLY B 83 -14.52 -37.17 -17.30
CA GLY B 83 -14.39 -38.20 -18.33
C GLY B 83 -14.90 -37.69 -19.69
N CYS B 84 -14.14 -37.94 -20.75
CA CYS B 84 -14.51 -37.51 -22.10
C CYS B 84 -15.70 -38.34 -22.63
N PRO B 85 -16.44 -37.84 -23.63
CA PRO B 85 -17.61 -38.59 -24.20
C PRO B 85 -17.21 -39.96 -24.74
N ARG B 86 -18.21 -40.79 -25.07
CA ARG B 86 -17.96 -42.13 -25.60
C ARG B 86 -17.08 -42.06 -26.85
N GLY B 87 -16.10 -42.96 -26.94
CA GLY B 87 -15.18 -42.98 -28.07
C GLY B 87 -13.77 -42.54 -27.64
N MET B 88 -13.73 -41.54 -26.75
CA MET B 88 -12.48 -41.02 -26.23
C MET B 88 -12.10 -41.74 -24.94
N VAL B 89 -10.83 -41.70 -24.56
CA VAL B 89 -10.37 -42.36 -23.34
C VAL B 89 -9.63 -41.37 -22.43
N LYS B 90 -10.00 -41.37 -21.14
CA LYS B 90 -9.37 -40.51 -20.15
C LYS B 90 -8.02 -41.13 -19.76
N VAL B 91 -6.94 -40.34 -19.90
CA VAL B 91 -5.60 -40.85 -19.57
C VAL B 91 -4.72 -39.77 -18.89
N GLY B 92 -5.22 -38.53 -18.77
CA GLY B 92 -4.43 -37.46 -18.15
C GLY B 92 -5.01 -37.01 -16.82
N ASP B 93 -4.11 -36.55 -15.96
CA ASP B 93 -4.41 -36.05 -14.62
C ASP B 93 -4.82 -34.58 -14.67
N CYS B 94 -5.74 -34.17 -13.78
CA CYS B 94 -6.22 -32.79 -13.78
C CYS B 94 -5.60 -32.02 -12.62
N THR B 95 -4.97 -30.91 -12.99
CA THR B 95 -4.29 -30.01 -12.07
C THR B 95 -5.07 -28.69 -11.98
N PRO B 96 -5.22 -28.07 -10.81
CA PRO B 96 -6.00 -26.80 -10.68
C PRO B 96 -5.70 -25.80 -11.81
N TRP B 97 -4.54 -25.93 -12.45
CA TRP B 97 -4.15 -25.05 -13.56
C TRP B 97 -4.57 -25.64 -14.93
N SER B 98 -4.28 -26.92 -15.17
CA SER B 98 -4.60 -27.58 -16.45
C SER B 98 -5.78 -28.55 -16.36
N ASP B 99 -6.32 -28.93 -17.52
CA ASP B 99 -7.46 -29.86 -17.59
C ASP B 99 -6.96 -31.30 -17.84
N ILE B 100 -7.89 -32.26 -17.86
CA ILE B 100 -7.53 -33.68 -18.08
C ILE B 100 -7.04 -33.88 -19.52
N GLU B 101 -6.50 -35.08 -19.81
CA GLU B 101 -6.05 -35.39 -21.18
C GLU B 101 -6.79 -36.62 -21.71
N CYS B 102 -7.30 -36.50 -22.94
CA CYS B 102 -8.02 -37.60 -23.57
C CYS B 102 -7.34 -38.00 -24.87
N VAL B 103 -7.32 -39.31 -25.13
CA VAL B 103 -6.70 -39.85 -26.34
C VAL B 103 -7.64 -40.91 -26.95
N HIS B 104 -7.73 -40.91 -28.29
CA HIS B 104 -8.59 -41.87 -29.00
C HIS B 104 -7.87 -43.20 -29.15
N LYS B 105 -8.57 -44.30 -28.83
CA LYS B 105 -7.99 -45.65 -28.93
C LYS B 105 -8.90 -46.57 -29.74
N GLU B 106 -8.51 -47.84 -29.88
CA GLU B 106 -9.30 -48.83 -30.63
C GLU B 106 -10.34 -49.49 -29.70
N SER B 107 -10.97 -48.69 -28.83
CA SER B 107 -11.99 -49.19 -27.91
C SER B 107 -13.38 -48.75 -28.36
N GLY B 108 -14.38 -49.61 -28.13
CA GLY B 108 -15.75 -49.32 -28.50
C GLY B 108 -15.92 -49.32 -30.03
N ASP B 109 -16.53 -50.37 -30.56
CA ASP B 109 -16.74 -50.48 -32.00
C ASP B 109 -17.93 -51.41 -32.31
N SER C 1 -31.60 -19.53 -11.20
CA SER C 1 -32.10 -18.47 -10.27
C SER C 1 -30.96 -17.51 -9.94
N GLU C 2 -31.26 -16.20 -9.94
CA GLU C 2 -30.26 -15.18 -9.64
C GLU C 2 -29.57 -15.46 -8.30
N GLY C 3 -28.58 -14.64 -7.96
CA GLY C 3 -27.83 -14.82 -6.70
C GLY C 3 -27.20 -13.49 -6.28
N LEU C 4 -28.04 -12.46 -6.11
CA LEU C 4 -27.56 -11.14 -5.70
C LEU C 4 -28.04 -10.81 -4.29
N CYS C 5 -27.30 -9.93 -3.60
CA CYS C 5 -27.67 -9.52 -2.24
C CYS C 5 -27.89 -7.99 -2.22
N PRO C 6 -29.01 -7.48 -1.70
CA PRO C 6 -29.27 -6.00 -1.68
C PRO C 6 -28.23 -5.23 -0.84
N PRO C 7 -28.17 -3.90 -0.95
CA PRO C 7 -27.19 -3.08 -0.18
C PRO C 7 -27.31 -3.31 1.32
N GLY C 8 -26.17 -3.48 1.98
CA GLY C 8 -26.12 -3.71 3.42
C GLY C 8 -25.92 -5.20 3.76
N HIS C 9 -25.83 -6.06 2.73
CA HIS C 9 -25.67 -7.49 2.94
C HIS C 9 -24.56 -8.07 2.05
N HIS C 10 -23.86 -9.08 2.57
CA HIS C 10 -22.80 -9.75 1.82
C HIS C 10 -23.16 -11.24 1.66
N ILE C 11 -22.61 -11.90 0.63
CA ILE C 11 -22.95 -13.31 0.38
C ILE C 11 -21.74 -14.23 0.64
N SER C 12 -22.03 -15.48 1.03
CA SER C 12 -20.96 -16.45 1.32
C SER C 12 -20.27 -16.89 0.02
N GLU C 13 -19.13 -17.56 0.16
CA GLU C 13 -18.37 -18.03 -1.00
C GLU C 13 -19.21 -18.98 -1.85
N ASP C 14 -19.98 -19.86 -1.20
CA ASP C 14 -20.80 -20.82 -1.88
C ASP C 14 -22.10 -20.20 -2.44
N GLY C 15 -22.34 -18.90 -2.17
CA GLY C 15 -23.52 -18.22 -2.70
C GLY C 15 -24.87 -18.77 -2.16
N ARG C 16 -24.86 -19.86 -1.37
CA ARG C 16 -26.11 -20.46 -0.87
C ARG C 16 -26.77 -19.61 0.23
N ASP C 17 -26.01 -18.70 0.87
CA ASP C 17 -26.56 -17.87 1.94
C ASP C 17 -26.03 -16.44 1.91
N CYS C 18 -26.80 -15.51 2.50
CA CYS C 18 -26.40 -14.11 2.56
C CYS C 18 -26.48 -13.63 4.01
N ILE C 19 -25.44 -12.91 4.46
CA ILE C 19 -25.37 -12.42 5.83
C ILE C 19 -25.51 -10.88 5.87
N SER C 20 -26.30 -10.41 6.84
CA SER C 20 -26.56 -8.99 7.03
C SER C 20 -25.42 -8.24 7.74
N CYS C 21 -25.19 -7.00 7.30
CA CYS C 21 -24.17 -6.14 7.89
C CYS C 21 -24.89 -5.01 8.64
N LYS C 22 -24.33 -4.53 9.75
CA LYS C 22 -25.00 -3.50 10.55
C LYS C 22 -24.29 -2.15 10.50
N TYR C 23 -25.10 -1.09 10.57
CA TYR C 23 -24.61 0.29 10.57
C TYR C 23 -23.48 0.46 11.61
N GLY C 24 -22.47 1.25 11.27
CA GLY C 24 -21.34 1.50 12.18
C GLY C 24 -20.21 0.45 12.04
N GLN C 25 -20.51 -0.78 11.58
CA GLN C 25 -19.47 -1.79 11.39
C GLN C 25 -19.01 -1.74 9.95
N ASP C 26 -19.97 -1.90 9.03
CA ASP C 26 -19.73 -1.86 7.59
C ASP C 26 -21.04 -1.54 6.87
N TYR C 27 -20.95 -1.15 5.60
CA TYR C 27 -22.14 -0.83 4.80
C TYR C 27 -21.91 -1.08 3.31
N SER C 28 -22.97 -0.92 2.52
CA SER C 28 -22.89 -1.07 1.08
C SER C 28 -23.84 -0.06 0.43
N THR C 29 -23.35 0.68 -0.57
CA THR C 29 -24.16 1.71 -1.24
C THR C 29 -25.01 1.10 -2.36
N HIS C 30 -24.47 0.10 -3.06
CA HIS C 30 -25.19 -0.55 -4.16
C HIS C 30 -25.15 -2.08 -3.99
N TRP C 31 -26.05 -2.77 -4.70
CA TRP C 31 -26.11 -4.25 -4.63
C TRP C 31 -24.72 -4.85 -4.83
N ASN C 32 -24.44 -5.98 -4.18
CA ASN C 32 -23.13 -6.61 -4.29
C ASN C 32 -23.19 -8.13 -4.13
N ASP C 33 -22.05 -8.77 -4.38
CA ASP C 33 -21.92 -10.21 -4.28
C ASP C 33 -20.51 -10.59 -3.78
N LEU C 34 -20.19 -10.12 -2.57
CA LEU C 34 -18.87 -10.39 -1.96
C LEU C 34 -19.05 -10.99 -0.57
N LEU C 35 -17.93 -11.32 0.08
CA LEU C 35 -17.97 -11.91 1.42
C LEU C 35 -17.90 -10.82 2.51
N PHE C 36 -17.27 -9.69 2.19
CA PHE C 36 -17.12 -8.58 3.14
C PHE C 36 -18.06 -7.43 2.75
N CYS C 37 -18.27 -6.52 3.69
CA CYS C 37 -19.11 -5.34 3.44
C CYS C 37 -18.19 -4.14 3.36
N LEU C 38 -18.60 -3.06 2.68
CA LEU C 38 -17.74 -1.89 2.53
C LEU C 38 -17.51 -1.26 3.91
N ARG C 39 -16.26 -0.94 4.18
CA ARG C 39 -15.85 -0.38 5.46
C ARG C 39 -16.46 0.99 5.72
N CYS C 40 -16.65 1.30 7.01
CA CYS C 40 -17.24 2.56 7.46
C CYS C 40 -16.10 3.55 7.73
N THR C 41 -16.34 4.82 7.41
CA THR C 41 -15.33 5.86 7.56
C THR C 41 -15.32 6.44 8.98
N ARG C 42 -14.11 6.67 9.47
CA ARG C 42 -13.87 7.23 10.81
C ARG C 42 -12.86 8.37 10.69
N CYS C 43 -12.90 9.33 11.63
CA CYS C 43 -11.97 10.47 11.59
C CYS C 43 -10.99 10.42 12.77
N ASP C 44 -9.81 10.99 12.56
CA ASP C 44 -8.75 11.01 13.57
C ASP C 44 -8.85 12.23 14.48
N SER C 45 -8.09 12.21 15.59
CA SER C 45 -8.09 13.31 16.55
C SER C 45 -7.91 14.65 15.81
N GLY C 46 -8.67 15.66 16.25
CA GLY C 46 -8.64 16.98 15.62
C GLY C 46 -9.71 17.08 14.51
N GLU C 47 -10.27 15.93 14.09
CA GLU C 47 -11.31 15.91 13.07
C GLU C 47 -12.62 15.37 13.65
N VAL C 48 -13.74 15.90 13.16
CA VAL C 48 -15.06 15.50 13.64
C VAL C 48 -15.85 14.78 12.54
N GLU C 49 -16.80 13.94 12.95
CA GLU C 49 -17.65 13.23 12.01
C GLU C 49 -18.87 14.10 11.74
N LEU C 50 -19.00 14.59 10.50
CA LEU C 50 -20.11 15.48 10.16
C LEU C 50 -21.40 14.69 9.91
N SER C 51 -21.25 13.50 9.31
CA SER C 51 -22.38 12.63 9.03
C SER C 51 -21.98 11.16 9.26
N PRO C 52 -22.57 10.45 10.23
CA PRO C 52 -22.22 9.01 10.50
C PRO C 52 -22.62 8.09 9.33
N CYS C 53 -22.00 6.90 9.26
CA CYS C 53 -22.31 5.96 8.19
C CYS C 53 -23.27 4.89 8.68
N THR C 54 -24.35 4.71 7.92
CA THR C 54 -25.37 3.72 8.25
C THR C 54 -25.18 2.53 7.33
N THR C 55 -26.03 1.51 7.48
CA THR C 55 -25.94 0.32 6.64
C THR C 55 -26.01 0.70 5.15
N THR C 56 -26.52 1.90 4.84
CA THR C 56 -26.64 2.36 3.45
C THR C 56 -25.97 3.74 3.20
N ARG C 57 -25.14 4.23 4.14
CA ARG C 57 -24.51 5.55 3.96
C ARG C 57 -23.01 5.58 4.38
N ASN C 58 -22.28 6.56 3.83
CA ASN C 58 -20.87 6.76 4.07
C ASN C 58 -20.59 7.94 5.02
N THR C 59 -19.61 7.79 5.94
CA THR C 59 -19.26 8.84 6.90
C THR C 59 -18.30 9.87 6.31
N VAL C 60 -18.54 11.15 6.62
CA VAL C 60 -17.71 12.25 6.14
C VAL C 60 -16.87 12.79 7.31
N CYS C 61 -15.67 13.30 7.00
CA CYS C 61 -14.79 13.84 8.04
C CYS C 61 -14.67 15.37 7.91
N GLN C 62 -14.55 16.00 9.07
CA GLN C 62 -14.45 17.45 9.19
C GLN C 62 -13.30 17.83 10.11
N CYS C 63 -12.76 19.03 9.94
CA CYS C 63 -11.64 19.48 10.78
C CYS C 63 -12.15 20.63 11.65
N GLU C 64 -11.56 20.78 12.85
CA GLU C 64 -12.01 21.79 13.80
C GLU C 64 -11.70 23.21 13.34
N GLU C 65 -12.58 24.14 13.73
CA GLU C 65 -12.44 25.56 13.36
C GLU C 65 -11.04 26.07 13.70
N GLY C 66 -10.57 27.04 12.92
CA GLY C 66 -9.23 27.61 13.13
C GLY C 66 -8.21 26.97 12.18
N THR C 67 -8.52 25.77 11.68
CA THR C 67 -7.61 25.05 10.78
C THR C 67 -8.21 25.04 9.36
N PHE C 68 -7.38 24.77 8.32
CA PHE C 68 -7.89 24.77 6.93
C PHE C 68 -7.21 23.72 6.06
N ARG C 69 -7.90 23.27 5.01
CA ARG C 69 -7.36 22.26 4.10
C ARG C 69 -7.18 22.80 2.69
N GLU C 70 -5.94 22.81 2.24
CA GLU C 70 -5.61 23.29 0.88
C GLU C 70 -5.57 22.09 -0.07
N GLU C 71 -5.93 22.33 -1.33
CA GLU C 71 -5.95 21.26 -2.35
C GLU C 71 -4.61 20.53 -2.48
N ASP C 72 -3.56 21.16 -2.00
CA ASP C 72 -2.20 20.59 -2.06
C ASP C 72 -1.91 19.63 -0.89
N SER C 73 -2.86 19.50 0.05
CA SER C 73 -2.68 18.62 1.20
C SER C 73 -3.60 17.38 1.09
N PRO C 74 -3.07 16.14 1.11
CA PRO C 74 -3.92 14.91 1.01
C PRO C 74 -5.05 14.91 2.04
N GLU C 75 -4.70 15.13 3.31
CA GLU C 75 -5.68 15.15 4.40
C GLU C 75 -5.08 15.79 5.65
N MET C 76 -4.75 17.09 5.55
CA MET C 76 -4.17 17.84 6.65
C MET C 76 -4.87 19.19 6.81
N CYS C 77 -4.85 19.75 8.02
CA CYS C 77 -5.49 21.04 8.28
C CYS C 77 -4.42 21.99 8.84
N ARG C 78 -4.44 23.28 8.43
CA ARG C 78 -3.44 24.24 8.91
C ARG C 78 -4.12 25.46 9.52
N LYS C 79 -3.42 26.13 10.44
CA LYS C 79 -3.99 27.29 11.13
C LYS C 79 -4.20 28.47 10.18
N CYS C 80 -5.45 28.94 10.12
CA CYS C 80 -5.81 30.08 9.29
C CYS C 80 -5.17 31.34 9.86
N ARG C 81 -5.12 32.41 9.07
CA ARG C 81 -4.53 33.67 9.53
C ARG C 81 -5.49 34.40 10.46
N THR C 82 -4.95 34.89 11.58
CA THR C 82 -5.76 35.62 12.57
C THR C 82 -5.64 37.14 12.40
N GLY C 83 -5.10 37.59 11.24
CA GLY C 83 -4.93 39.01 10.97
C GLY C 83 -4.09 39.21 9.72
N CYS C 84 -4.72 39.71 8.65
CA CYS C 84 -4.02 39.96 7.38
C CYS C 84 -2.73 40.78 7.60
N PRO C 85 -1.74 40.71 6.71
CA PRO C 85 -0.46 41.46 6.86
C PRO C 85 -0.71 42.93 7.20
N ARG C 86 0.37 43.66 7.51
CA ARG C 86 0.27 45.08 7.86
C ARG C 86 -0.25 45.90 6.67
N GLY C 87 -1.33 46.64 6.90
CA GLY C 87 -1.93 47.47 5.85
C GLY C 87 -2.95 46.70 5.00
N MET C 88 -3.54 45.64 5.59
CA MET C 88 -4.53 44.84 4.88
C MET C 88 -5.88 44.88 5.60
N VAL C 89 -6.90 44.29 4.97
CA VAL C 89 -8.25 44.26 5.55
C VAL C 89 -8.83 42.83 5.49
N LYS C 90 -9.57 42.48 6.54
CA LYS C 90 -10.19 41.15 6.63
C LYS C 90 -11.59 41.21 6.01
N VAL C 91 -11.97 40.15 5.26
CA VAL C 91 -13.28 40.11 4.62
C VAL C 91 -13.80 38.67 4.43
N GLY C 92 -12.92 37.65 4.50
CA GLY C 92 -13.38 36.26 4.30
C GLY C 92 -13.29 35.42 5.57
N ASP C 93 -14.23 34.48 5.65
CA ASP C 93 -14.36 33.51 6.74
C ASP C 93 -13.54 32.26 6.45
N CYS C 94 -12.98 31.64 7.50
CA CYS C 94 -12.16 30.44 7.29
C CYS C 94 -12.93 29.19 7.71
N THR C 95 -13.02 28.28 6.75
CA THR C 95 -13.71 27.01 6.88
C THR C 95 -12.68 25.87 6.86
N PRO C 96 -12.83 24.81 7.65
CA PRO C 96 -11.82 23.69 7.69
C PRO C 96 -11.31 23.30 6.29
N TRP C 97 -12.10 23.60 5.25
CA TRP C 97 -11.70 23.33 3.87
C TRP C 97 -11.10 24.59 3.17
N SER C 98 -11.60 25.79 3.51
CA SER C 98 -11.15 27.05 2.89
C SER C 98 -10.27 27.89 3.84
N ASP C 99 -9.56 28.88 3.28
CA ASP C 99 -8.68 29.77 4.08
C ASP C 99 -9.29 31.18 4.19
N ILE C 100 -8.70 32.04 5.03
CA ILE C 100 -9.19 33.42 5.22
C ILE C 100 -9.00 34.25 3.94
N GLU C 101 -9.71 35.40 3.85
CA GLU C 101 -9.57 36.29 2.69
C GLU C 101 -9.17 37.69 3.14
N CYS C 102 -8.19 38.27 2.43
CA CYS C 102 -7.72 39.63 2.74
C CYS C 102 -7.89 40.52 1.50
N VAL C 103 -8.28 41.77 1.74
CA VAL C 103 -8.47 42.75 0.67
C VAL C 103 -7.77 44.07 1.00
N HIS C 104 -7.50 44.87 -0.04
CA HIS C 104 -6.83 46.16 0.13
C HIS C 104 -7.86 47.24 0.48
N LYS C 105 -7.44 48.21 1.31
CA LYS C 105 -8.32 49.31 1.72
C LYS C 105 -8.91 50.02 0.50
N GLU C 106 -10.14 49.66 0.13
CA GLU C 106 -10.81 50.25 -1.02
C GLU C 106 -11.53 51.55 -0.62
N SER C 107 -12.05 51.59 0.61
CA SER C 107 -12.76 52.77 1.11
C SER C 107 -11.83 53.97 1.18
N GLY C 108 -12.37 55.16 0.91
CA GLY C 108 -11.59 56.39 0.93
C GLY C 108 -10.80 56.58 -0.37
N ASP C 109 -10.29 57.79 -0.58
CA ASP C 109 -9.51 58.10 -1.79
C ASP C 109 -10.30 57.73 -3.05
N SER A 1 38.11 -1.16 -11.65
CA SER A 1 38.74 0.17 -11.44
C SER A 1 39.07 0.36 -9.95
N GLU A 2 40.22 0.98 -9.68
CA GLU A 2 40.66 1.23 -8.30
C GLU A 2 40.15 2.58 -7.80
N GLY A 3 40.31 2.83 -6.49
CA GLY A 3 39.87 4.09 -5.89
C GLY A 3 38.64 3.87 -5.01
N LEU A 4 38.69 2.82 -4.17
CA LEU A 4 37.58 2.51 -3.27
C LEU A 4 38.08 2.35 -1.84
N CYS A 5 37.25 2.77 -0.86
CA CYS A 5 37.62 2.67 0.55
C CYS A 5 36.57 1.80 1.31
N PRO A 6 36.99 0.88 2.20
CA PRO A 6 36.03 0.00 2.95
C PRO A 6 35.08 0.81 3.87
N PRO A 7 34.02 0.18 4.39
CA PRO A 7 33.04 0.87 5.29
C PRO A 7 33.74 1.58 6.45
N GLY A 8 33.20 2.74 6.85
CA GLY A 8 33.77 3.51 7.95
C GLY A 8 34.94 4.40 7.48
N HIS A 9 35.41 4.19 6.25
CA HIS A 9 36.52 4.97 5.71
C HIS A 9 36.16 5.62 4.37
N HIS A 10 36.93 6.64 4.00
CA HIS A 10 36.73 7.38 2.75
C HIS A 10 38.08 7.59 2.06
N ILE A 11 38.07 7.78 0.72
CA ILE A 11 39.32 7.94 -0.04
C ILE A 11 39.45 9.36 -0.62
N SER A 12 40.69 9.85 -0.70
CA SER A 12 40.97 11.18 -1.22
C SER A 12 40.76 11.27 -2.73
N GLU A 13 40.89 12.49 -3.26
CA GLU A 13 40.72 12.74 -4.70
C GLU A 13 41.75 11.99 -5.54
N ASP A 14 42.98 11.95 -5.04
CA ASP A 14 44.08 11.28 -5.75
C ASP A 14 44.01 9.75 -5.63
N GLY A 15 43.04 9.22 -4.86
CA GLY A 15 42.88 7.77 -4.72
C GLY A 15 44.08 7.04 -4.06
N ARG A 16 45.19 7.73 -3.74
CA ARG A 16 46.34 7.08 -3.12
C ARG A 16 46.37 7.27 -1.59
N ASP A 17 45.22 7.62 -1.00
CA ASP A 17 45.14 7.81 0.45
C ASP A 17 43.70 7.69 0.96
N CYS A 18 43.53 7.04 2.11
CA CYS A 18 42.21 6.85 2.71
C CYS A 18 42.25 7.33 4.17
N ILE A 19 41.22 8.10 4.57
CA ILE A 19 41.17 8.63 5.93
C ILE A 19 40.02 8.00 6.72
N SER A 20 40.30 7.69 7.99
CA SER A 20 39.34 7.08 8.90
C SER A 20 38.28 8.08 9.42
N CYS A 21 37.05 7.60 9.58
CA CYS A 21 35.96 8.44 10.08
C CYS A 21 35.62 7.97 11.50
N LYS A 22 35.10 8.87 12.35
CA LYS A 22 34.82 8.53 13.74
C LYS A 22 33.38 8.08 13.96
N TYR A 23 33.22 7.15 14.91
CA TYR A 23 31.91 6.64 15.28
C TYR A 23 31.00 7.82 15.64
N GLY A 24 29.75 7.77 15.20
CA GLY A 24 28.77 8.81 15.51
C GLY A 24 28.87 10.09 14.64
N GLN A 25 30.05 10.43 14.06
CA GLN A 25 30.14 11.66 13.24
C GLN A 25 29.39 11.45 11.90
N ASP A 26 29.91 10.56 11.08
CA ASP A 26 29.31 10.20 9.79
C ASP A 26 29.66 8.74 9.50
N TYR A 27 29.02 8.12 8.52
CA TYR A 27 29.28 6.71 8.23
C TYR A 27 29.31 6.38 6.76
N SER A 28 29.79 5.16 6.51
CA SER A 28 29.79 4.62 5.17
C SER A 28 29.17 3.21 5.24
N THR A 29 28.18 2.96 4.40
CA THR A 29 27.49 1.66 4.39
C THR A 29 28.10 0.70 3.37
N HIS A 30 28.51 1.25 2.23
CA HIS A 30 29.10 0.48 1.14
C HIS A 30 30.42 1.12 0.71
N TRP A 31 31.26 0.37 -0.02
CA TRP A 31 32.56 0.90 -0.48
C TRP A 31 32.35 2.27 -1.11
N ASN A 32 32.95 3.30 -0.51
CA ASN A 32 32.80 4.67 -0.98
C ASN A 32 33.98 5.12 -1.84
N ASP A 33 33.67 5.89 -2.88
CA ASP A 33 34.70 6.41 -3.78
C ASP A 33 34.75 7.94 -3.68
N LEU A 34 34.81 8.44 -2.45
CA LEU A 34 34.85 9.88 -2.20
C LEU A 34 35.71 10.21 -0.97
N LEU A 35 35.94 11.51 -0.76
CA LEU A 35 36.74 11.99 0.38
C LEU A 35 35.84 12.35 1.58
N PHE A 36 34.52 12.24 1.41
CA PHE A 36 33.57 12.58 2.48
C PHE A 36 32.94 11.31 3.07
N CYS A 37 32.34 11.46 4.24
CA CYS A 37 31.64 10.37 4.91
C CYS A 37 30.15 10.68 4.83
N LEU A 38 29.30 9.65 4.69
CA LEU A 38 27.87 9.85 4.54
C LEU A 38 27.19 10.11 5.88
N ARG A 39 26.32 11.10 5.92
CA ARG A 39 25.61 11.46 7.14
C ARG A 39 24.69 10.33 7.60
N CYS A 40 24.51 10.22 8.92
CA CYS A 40 23.66 9.15 9.49
C CYS A 40 22.24 9.68 9.74
N THR A 41 21.25 8.78 9.61
CA THR A 41 19.84 9.12 9.78
C THR A 41 19.41 9.00 11.25
N ARG A 42 18.59 9.95 11.69
CA ARG A 42 18.08 9.98 13.06
C ARG A 42 16.56 9.88 13.05
N CYS A 43 15.96 9.36 14.14
CA CYS A 43 14.52 9.17 14.20
C CYS A 43 13.82 10.09 15.21
N ASP A 44 12.55 10.38 14.92
CA ASP A 44 11.72 11.23 15.75
C ASP A 44 10.41 10.52 16.12
N SER A 45 9.65 11.09 17.06
CA SER A 45 8.38 10.49 17.50
C SER A 45 7.52 10.09 16.31
N GLY A 46 6.80 8.97 16.45
CA GLY A 46 5.95 8.44 15.38
C GLY A 46 6.75 7.50 14.47
N GLU A 47 8.10 7.54 14.57
CA GLU A 47 8.97 6.68 13.78
C GLU A 47 9.81 5.81 14.73
N VAL A 48 10.10 4.58 14.32
CA VAL A 48 10.84 3.64 15.15
C VAL A 48 12.21 3.26 14.61
N GLU A 49 13.09 2.94 15.56
CA GLU A 49 14.47 2.53 15.28
C GLU A 49 14.55 0.99 15.16
N LEU A 50 14.95 0.48 13.99
CA LEU A 50 15.05 -0.98 13.82
C LEU A 50 16.51 -1.45 13.95
N SER A 51 17.45 -0.74 13.32
CA SER A 51 18.87 -1.10 13.37
C SER A 51 19.74 0.11 13.80
N PRO A 52 20.87 -0.10 14.48
CA PRO A 52 21.77 1.01 14.94
C PRO A 52 22.67 1.62 13.83
N CYS A 53 23.14 2.84 14.07
CA CYS A 53 24.03 3.56 13.16
C CYS A 53 25.49 3.48 13.68
N THR A 54 26.43 3.11 12.82
CA THR A 54 27.83 2.97 13.19
C THR A 54 28.72 3.02 11.94
N THR A 55 30.06 3.12 12.11
CA THR A 55 30.98 3.15 10.95
C THR A 55 30.75 1.94 10.03
N THR A 56 30.06 0.91 10.54
CA THR A 56 29.75 -0.29 9.75
C THR A 56 28.24 -0.59 9.74
N ARG A 57 27.42 0.33 10.28
CA ARG A 57 25.97 0.14 10.33
C ARG A 57 25.21 1.45 10.05
N ASN A 58 23.94 1.32 9.67
CA ASN A 58 23.06 2.45 9.36
C ASN A 58 21.78 2.41 10.21
N THR A 59 21.29 3.58 10.68
CA THR A 59 20.07 3.58 11.50
C THR A 59 18.85 3.52 10.60
N VAL A 60 17.89 2.71 11.00
CA VAL A 60 16.67 2.54 10.24
C VAL A 60 15.51 3.21 10.95
N CYS A 61 14.75 3.99 10.19
CA CYS A 61 13.56 4.61 10.70
C CYS A 61 12.40 3.93 9.99
N GLN A 62 11.35 3.67 10.73
CA GLN A 62 10.16 3.02 10.21
C GLN A 62 8.98 3.69 10.87
N CYS A 63 7.82 3.65 10.28
CA CYS A 63 6.67 4.35 10.87
C CYS A 63 5.70 3.33 11.43
N GLU A 64 4.98 3.76 12.46
CA GLU A 64 4.09 2.87 13.19
C GLU A 64 2.92 2.43 12.31
N GLU A 65 2.57 1.15 12.44
CA GLU A 65 1.50 0.56 11.64
C GLU A 65 0.23 1.43 11.69
N GLY A 66 -0.42 1.56 10.53
CA GLY A 66 -1.63 2.38 10.42
C GLY A 66 -1.35 3.70 9.69
N THR A 67 -0.06 4.04 9.52
CA THR A 67 0.34 5.28 8.84
C THR A 67 1.15 4.95 7.58
N PHE A 68 1.28 5.91 6.64
CA PHE A 68 2.04 5.67 5.40
C PHE A 68 2.88 6.88 4.98
N ARG A 69 3.96 6.65 4.22
CA ARG A 69 4.83 7.74 3.77
C ARG A 69 4.81 7.88 2.25
N GLU A 70 4.26 9.00 1.80
CA GLU A 70 4.17 9.32 0.36
C GLU A 70 5.45 10.01 -0.11
N GLU A 71 5.80 9.81 -1.38
CA GLU A 71 7.02 10.40 -1.95
C GLU A 71 7.10 11.92 -1.74
N ASP A 72 5.96 12.53 -1.48
CA ASP A 72 5.88 13.98 -1.28
C ASP A 72 6.18 14.39 0.18
N SER A 73 6.36 13.40 1.08
CA SER A 73 6.64 13.68 2.48
C SER A 73 8.15 13.56 2.77
N PRO A 74 8.75 14.48 3.56
CA PRO A 74 10.21 14.42 3.88
C PRO A 74 10.52 13.46 5.02
N GLU A 75 9.61 13.38 5.99
CA GLU A 75 9.78 12.51 7.16
C GLU A 75 8.48 12.41 7.98
N MET A 76 7.33 12.43 7.28
CA MET A 76 6.03 12.34 7.93
C MET A 76 5.24 11.15 7.37
N CYS A 77 4.27 10.67 8.15
CA CYS A 77 3.44 9.54 7.75
C CYS A 77 1.97 9.98 7.76
N ARG A 78 1.08 9.27 7.06
CA ARG A 78 -0.33 9.64 7.01
C ARG A 78 -1.21 8.43 7.26
N LYS A 79 -2.42 8.66 7.74
CA LYS A 79 -3.34 7.56 8.03
C LYS A 79 -3.76 6.88 6.73
N CYS A 80 -3.64 5.54 6.71
CA CYS A 80 -3.99 4.76 5.52
C CYS A 80 -5.48 4.89 5.31
N ARG A 81 -5.94 4.63 4.08
CA ARG A 81 -7.36 4.75 3.75
C ARG A 81 -8.23 4.05 4.80
N THR A 82 -9.16 4.80 5.39
CA THR A 82 -10.06 4.27 6.41
C THR A 82 -11.28 3.58 5.79
N GLY A 83 -11.19 3.28 4.48
CA GLY A 83 -12.27 2.61 3.76
C GLY A 83 -12.11 2.87 2.26
N CYS A 84 -11.86 1.80 1.48
CA CYS A 84 -11.67 1.92 0.04
C CYS A 84 -12.73 2.85 -0.60
N PRO A 85 -12.41 3.54 -1.70
CA PRO A 85 -13.38 4.46 -2.37
C PRO A 85 -14.70 3.76 -2.69
N ARG A 86 -15.79 4.52 -2.74
CA ARG A 86 -17.12 3.95 -3.03
C ARG A 86 -17.09 3.11 -4.32
N GLY A 87 -17.27 1.80 -4.17
CA GLY A 87 -17.26 0.88 -5.31
C GLY A 87 -15.94 0.10 -5.38
N MET A 88 -15.36 -0.21 -4.22
CA MET A 88 -14.10 -0.95 -4.16
C MET A 88 -14.07 -1.85 -2.92
N VAL A 89 -13.05 -2.70 -2.83
CA VAL A 89 -12.93 -3.63 -1.69
C VAL A 89 -11.52 -3.67 -1.10
N LYS A 90 -11.43 -4.11 0.15
CA LYS A 90 -10.16 -4.25 0.85
C LYS A 90 -9.41 -5.47 0.30
N VAL A 91 -8.12 -5.30 -0.02
CA VAL A 91 -7.33 -6.40 -0.58
C VAL A 91 -5.83 -6.25 -0.25
N GLY A 92 -5.34 -5.03 0.05
CA GLY A 92 -3.91 -4.85 0.34
C GLY A 92 -3.61 -4.37 1.77
N ASP A 93 -2.43 -4.78 2.22
CA ASP A 93 -1.85 -4.46 3.54
C ASP A 93 -1.16 -3.09 3.48
N CYS A 94 -1.17 -2.34 4.60
CA CYS A 94 -0.57 -1.01 4.62
C CYS A 94 0.76 -1.05 5.37
N THR A 95 1.78 -0.56 4.68
CA THR A 95 3.16 -0.51 5.18
C THR A 95 3.53 0.95 5.50
N PRO A 96 4.26 1.21 6.58
CA PRO A 96 4.61 2.60 6.99
C PRO A 96 5.02 3.51 5.82
N TRP A 97 5.48 2.92 4.71
CA TRP A 97 5.87 3.71 3.54
C TRP A 97 4.79 3.71 2.43
N SER A 98 4.12 2.57 2.19
CA SER A 98 3.08 2.47 1.13
C SER A 98 1.65 2.45 1.71
N ASP A 99 0.66 2.69 0.83
CA ASP A 99 -0.75 2.70 1.21
C ASP A 99 -1.42 1.33 0.99
N ILE A 100 -2.73 1.24 1.32
CA ILE A 100 -3.49 -0.02 1.15
C ILE A 100 -3.84 -0.25 -0.32
N GLU A 101 -4.47 -1.40 -0.61
CA GLU A 101 -4.89 -1.72 -1.99
C GLU A 101 -6.41 -1.90 -2.06
N CYS A 102 -7.01 -1.26 -3.07
CA CYS A 102 -8.44 -1.34 -3.30
C CYS A 102 -8.69 -1.90 -4.70
N VAL A 103 -9.73 -2.73 -4.85
CA VAL A 103 -10.03 -3.32 -6.18
C VAL A 103 -11.51 -3.14 -6.56
N HIS A 104 -11.73 -2.79 -7.83
CA HIS A 104 -13.07 -2.60 -8.39
C HIS A 104 -13.44 -3.80 -9.28
N LYS A 105 -14.65 -4.35 -9.11
CA LYS A 105 -15.10 -5.48 -9.93
C LYS A 105 -16.57 -5.83 -9.65
N GLU A 106 -16.86 -6.26 -8.42
CA GLU A 106 -18.23 -6.65 -8.04
C GLU A 106 -19.20 -5.47 -8.19
N SER A 107 -18.95 -4.40 -7.45
CA SER A 107 -19.82 -3.21 -7.49
C SER A 107 -19.59 -2.42 -8.78
N GLY A 108 -20.59 -1.60 -9.15
CA GLY A 108 -20.50 -0.78 -10.36
C GLY A 108 -20.77 -1.61 -11.62
N ASP A 109 -21.94 -2.25 -11.66
CA ASP A 109 -22.33 -3.07 -12.81
C ASP A 109 -21.27 -4.14 -13.09
N SER B 1 29.06 6.80 -4.62
CA SER B 1 27.61 7.05 -4.83
C SER B 1 26.93 5.75 -5.28
N GLU B 2 26.38 5.02 -4.32
CA GLU B 2 25.70 3.76 -4.60
C GLU B 2 24.17 3.96 -4.61
N GLY B 3 23.62 4.34 -5.78
CA GLY B 3 22.17 4.56 -5.91
C GLY B 3 21.43 3.26 -6.24
N LEU B 4 21.92 2.14 -5.72
CA LEU B 4 21.29 0.83 -5.95
C LEU B 4 21.14 0.07 -4.64
N CYS B 5 20.03 -0.66 -4.49
CA CYS B 5 19.78 -1.44 -3.28
C CYS B 5 19.51 -2.93 -3.64
N PRO B 6 19.90 -3.88 -2.78
CA PRO B 6 19.68 -5.34 -3.05
C PRO B 6 18.21 -5.77 -2.85
N PRO B 7 17.83 -6.97 -3.30
CA PRO B 7 16.42 -7.47 -3.14
C PRO B 7 16.00 -7.48 -1.67
N GLY B 8 14.73 -7.17 -1.40
CA GLY B 8 14.22 -7.12 -0.03
C GLY B 8 14.46 -5.74 0.61
N HIS B 9 15.29 -4.91 -0.04
CA HIS B 9 15.61 -3.58 0.47
C HIS B 9 15.18 -2.48 -0.52
N HIS B 10 14.93 -1.30 0.02
CA HIS B 10 14.51 -0.13 -0.76
C HIS B 10 15.29 1.10 -0.29
N ILE B 11 15.43 2.13 -1.14
CA ILE B 11 16.21 3.32 -0.78
C ILE B 11 15.30 4.54 -0.58
N SER B 12 15.43 5.19 0.58
CA SER B 12 14.58 6.34 0.92
C SER B 12 14.71 7.46 -0.11
N GLU B 13 13.79 8.43 -0.02
CA GLU B 13 13.72 9.57 -0.93
C GLU B 13 15.05 10.31 -1.06
N ASP B 14 15.80 10.34 0.02
CA ASP B 14 17.09 11.05 0.05
C ASP B 14 18.20 10.29 -0.69
N GLY B 15 17.90 9.08 -1.20
CA GLY B 15 18.89 8.31 -1.95
C GLY B 15 20.14 7.90 -1.13
N ARG B 16 20.29 8.33 0.13
CA ARG B 16 21.46 7.99 0.94
C ARG B 16 21.12 7.02 2.07
N ASP B 17 19.96 6.34 2.00
CA ASP B 17 19.55 5.42 3.05
C ASP B 17 18.76 4.25 2.45
N CYS B 18 19.07 3.03 2.87
CA CYS B 18 18.34 1.85 2.38
C CYS B 18 17.79 1.08 3.58
N ILE B 19 16.51 0.70 3.49
CA ILE B 19 15.84 0.03 4.60
C ILE B 19 15.23 -1.34 4.22
N SER B 20 15.28 -2.24 5.17
CA SER B 20 14.73 -3.59 5.05
C SER B 20 13.20 -3.58 5.08
N CYS B 21 12.57 -4.50 4.31
CA CYS B 21 11.10 -4.57 4.26
C CYS B 21 10.68 -5.81 5.06
N LYS B 22 9.41 -5.86 5.49
CA LYS B 22 8.93 -6.95 6.34
C LYS B 22 8.33 -8.10 5.54
N TYR B 23 8.53 -9.31 6.06
CA TYR B 23 8.02 -10.52 5.41
C TYR B 23 6.50 -10.43 5.29
N GLY B 24 5.98 -10.75 4.10
CA GLY B 24 4.54 -10.72 3.87
C GLY B 24 3.97 -9.32 3.60
N GLN B 25 4.63 -8.22 4.08
CA GLN B 25 4.09 -6.89 3.83
C GLN B 25 4.47 -6.45 2.41
N ASP B 26 5.77 -6.30 2.15
CA ASP B 26 6.26 -5.91 0.83
C ASP B 26 7.68 -6.46 0.62
N TYR B 27 8.08 -6.59 -0.64
CA TYR B 27 9.43 -7.10 -0.97
C TYR B 27 9.92 -6.58 -2.32
N SER B 28 11.17 -6.93 -2.65
CA SER B 28 11.76 -6.57 -3.93
C SER B 28 12.33 -7.86 -4.54
N THR B 29 12.02 -8.14 -5.81
CA THR B 29 12.49 -9.36 -6.47
C THR B 29 13.83 -9.13 -7.18
N HIS B 30 14.01 -7.92 -7.75
CA HIS B 30 15.26 -7.59 -8.45
C HIS B 30 15.83 -6.28 -7.90
N TRP B 31 17.12 -6.03 -8.17
CA TRP B 31 17.79 -4.80 -7.71
C TRP B 31 16.95 -3.58 -8.08
N ASN B 32 16.81 -2.64 -7.14
CA ASN B 32 16.02 -1.44 -7.38
C ASN B 32 16.66 -0.21 -6.73
N ASP B 33 16.16 0.97 -7.11
CA ASP B 33 16.67 2.22 -6.57
C ASP B 33 15.51 3.19 -6.32
N LEU B 34 14.54 2.74 -5.53
CA LEU B 34 13.36 3.55 -5.21
C LEU B 34 12.94 3.42 -3.73
N LEU B 35 12.21 4.42 -3.25
CA LEU B 35 11.70 4.44 -1.87
C LEU B 35 10.44 3.56 -1.73
N PHE B 36 10.08 2.83 -2.79
CA PHE B 36 8.90 1.96 -2.76
C PHE B 36 9.32 0.49 -2.63
N CYS B 37 8.51 -0.26 -1.89
CA CYS B 37 8.72 -1.69 -1.72
C CYS B 37 7.58 -2.36 -2.48
N LEU B 38 7.87 -3.44 -3.23
CA LEU B 38 6.82 -4.08 -4.03
C LEU B 38 5.83 -4.83 -3.14
N ARG B 39 4.57 -4.55 -3.39
CA ARG B 39 3.47 -5.13 -2.64
C ARG B 39 3.41 -6.66 -2.82
N CYS B 40 2.93 -7.35 -1.78
CA CYS B 40 2.83 -8.81 -1.78
C CYS B 40 1.43 -9.24 -2.25
N THR B 41 1.36 -10.39 -2.92
CA THR B 41 0.11 -10.91 -3.47
C THR B 41 -0.59 -11.86 -2.50
N ARG B 42 -1.92 -11.74 -2.45
CA ARG B 42 -2.75 -12.58 -1.59
C ARG B 42 -3.85 -13.26 -2.42
N CYS B 43 -4.35 -14.40 -1.95
CA CYS B 43 -5.37 -15.16 -2.68
C CYS B 43 -6.72 -15.10 -1.93
N ASP B 44 -7.81 -15.30 -2.66
CA ASP B 44 -9.16 -15.24 -2.09
C ASP B 44 -9.76 -16.63 -1.88
N SER B 45 -10.87 -16.68 -1.14
CA SER B 45 -11.56 -17.95 -0.86
C SER B 45 -11.72 -18.77 -2.14
N GLY B 46 -11.66 -20.09 -1.99
CA GLY B 46 -11.73 -20.99 -3.14
C GLY B 46 -10.32 -21.24 -3.72
N GLU B 47 -9.35 -20.38 -3.33
CA GLU B 47 -7.97 -20.52 -3.79
C GLU B 47 -7.06 -20.72 -2.57
N VAL B 48 -5.98 -21.50 -2.74
CA VAL B 48 -5.05 -21.78 -1.63
C VAL B 48 -3.68 -21.15 -1.91
N GLU B 49 -2.93 -20.88 -0.85
CA GLU B 49 -1.58 -20.32 -0.98
C GLU B 49 -0.56 -21.45 -1.20
N LEU B 50 0.19 -21.39 -2.31
CA LEU B 50 1.18 -22.42 -2.61
C LEU B 50 2.54 -22.07 -2.03
N SER B 51 2.96 -20.80 -2.18
CA SER B 51 4.25 -20.36 -1.66
C SER B 51 4.17 -18.90 -1.16
N PRO B 52 4.09 -18.65 0.16
CA PRO B 52 4.01 -17.24 0.71
C PRO B 52 5.20 -16.38 0.25
N CYS B 53 5.04 -15.05 0.31
CA CYS B 53 6.10 -14.13 -0.11
C CYS B 53 6.89 -13.57 1.06
N THR B 54 8.15 -13.30 0.79
CA THR B 54 9.08 -12.75 1.77
C THR B 54 9.87 -11.62 1.10
N THR B 55 10.79 -11.02 1.84
CA THR B 55 11.61 -9.94 1.30
C THR B 55 12.31 -10.37 0.00
N THR B 56 12.45 -11.69 -0.22
CA THR B 56 13.09 -12.22 -1.42
C THR B 56 12.20 -13.22 -2.18
N ARG B 57 10.89 -13.26 -1.87
CA ARG B 57 9.99 -14.21 -2.56
C ARG B 57 8.64 -13.59 -2.96
N ASN B 58 8.00 -14.22 -3.95
CA ASN B 58 6.70 -13.79 -4.48
C ASN B 58 5.60 -14.82 -4.12
N THR B 59 4.39 -14.35 -3.77
CA THR B 59 3.30 -15.25 -3.38
C THR B 59 2.57 -15.79 -4.61
N VAL B 60 2.30 -17.11 -4.57
CA VAL B 60 1.60 -17.79 -5.66
C VAL B 60 0.22 -18.24 -5.16
N CYS B 61 -0.76 -18.29 -6.07
CA CYS B 61 -2.12 -18.71 -5.72
C CYS B 61 -2.43 -20.06 -6.35
N GLN B 62 -3.29 -20.81 -5.67
CA GLN B 62 -3.69 -22.15 -6.09
C GLN B 62 -5.21 -22.24 -6.11
N CYS B 63 -5.73 -23.14 -6.95
CA CYS B 63 -7.18 -23.32 -7.07
C CYS B 63 -7.51 -24.72 -6.54
N GLU B 64 -8.67 -24.87 -5.88
CA GLU B 64 -9.05 -26.15 -5.28
C GLU B 64 -9.35 -27.19 -6.35
N GLU B 65 -9.20 -28.46 -5.98
CA GLU B 65 -9.44 -29.58 -6.91
C GLU B 65 -10.79 -29.45 -7.60
N GLY B 66 -10.82 -29.75 -8.90
CA GLY B 66 -12.05 -29.67 -9.68
C GLY B 66 -12.13 -28.37 -10.51
N THR B 67 -11.12 -27.49 -10.37
CA THR B 67 -11.11 -26.22 -11.10
C THR B 67 -9.96 -26.17 -12.11
N PHE B 68 -10.05 -25.26 -13.11
CA PHE B 68 -9.02 -25.15 -14.14
C PHE B 68 -8.76 -23.68 -14.52
N ARG B 69 -7.49 -23.34 -14.83
CA ARG B 69 -7.16 -21.96 -15.22
C ARG B 69 -6.01 -21.91 -16.22
N GLU B 70 -6.32 -21.47 -17.43
CA GLU B 70 -5.32 -21.33 -18.49
C GLU B 70 -4.73 -19.92 -18.44
N GLU B 71 -3.45 -19.78 -18.86
CA GLU B 71 -2.77 -18.48 -18.84
C GLU B 71 -3.56 -17.39 -19.58
N ASP B 72 -4.47 -17.82 -20.45
CA ASP B 72 -5.29 -16.89 -21.24
C ASP B 72 -6.53 -16.39 -20.46
N SER B 73 -6.73 -16.89 -19.24
CA SER B 73 -7.87 -16.49 -18.41
C SER B 73 -7.42 -15.53 -17.28
N PRO B 74 -8.26 -14.59 -16.85
CA PRO B 74 -7.90 -13.62 -15.77
C PRO B 74 -8.28 -14.13 -14.36
N GLU B 75 -7.28 -14.67 -13.62
CA GLU B 75 -7.50 -15.19 -12.24
C GLU B 75 -8.86 -15.89 -12.08
N MET B 76 -9.30 -16.57 -13.14
CA MET B 76 -10.57 -17.30 -13.12
C MET B 76 -10.33 -18.81 -13.12
N CYS B 77 -11.27 -19.56 -12.55
CA CYS B 77 -11.16 -21.01 -12.48
C CYS B 77 -12.43 -21.64 -13.08
N ARG B 78 -12.27 -22.73 -13.84
CA ARG B 78 -13.41 -23.41 -14.48
C ARG B 78 -13.48 -24.85 -14.03
N LYS B 79 -14.67 -25.43 -14.07
CA LYS B 79 -14.86 -26.81 -13.64
C LYS B 79 -14.17 -27.78 -14.61
N CYS B 80 -13.27 -28.60 -14.07
CA CYS B 80 -12.54 -29.57 -14.87
C CYS B 80 -13.47 -30.71 -15.27
N ARG B 81 -13.16 -31.35 -16.40
CA ARG B 81 -13.98 -32.45 -16.91
C ARG B 81 -13.64 -33.76 -16.19
N THR B 82 -14.65 -34.61 -16.01
CA THR B 82 -14.47 -35.90 -15.33
C THR B 82 -14.31 -37.05 -16.34
N GLY B 83 -14.71 -36.81 -17.60
CA GLY B 83 -14.61 -37.84 -18.64
C GLY B 83 -15.15 -37.30 -19.98
N CYS B 84 -14.43 -37.60 -21.06
CA CYS B 84 -14.83 -37.16 -22.41
C CYS B 84 -16.03 -37.97 -22.91
N PRO B 85 -16.82 -37.46 -23.86
CA PRO B 85 -17.99 -38.19 -24.42
C PRO B 85 -17.60 -39.58 -24.92
N ARG B 86 -18.61 -40.41 -25.23
CA ARG B 86 -18.36 -41.76 -25.72
C ARG B 86 -17.47 -41.74 -26.96
N GLY B 87 -16.50 -42.64 -27.01
CA GLY B 87 -15.57 -42.72 -28.15
C GLY B 87 -14.16 -42.30 -27.71
N MET B 88 -14.08 -41.29 -26.85
CA MET B 88 -12.79 -40.81 -26.35
C MET B 88 -12.43 -41.50 -25.04
N VAL B 89 -11.13 -41.50 -24.70
CA VAL B 89 -10.66 -42.15 -23.48
C VAL B 89 -9.84 -41.16 -22.63
N LYS B 90 -10.16 -41.11 -21.34
CA LYS B 90 -9.44 -40.24 -20.41
C LYS B 90 -8.05 -40.83 -20.13
N VAL B 91 -7.01 -40.01 -20.24
CA VAL B 91 -5.63 -40.48 -20.03
C VAL B 91 -4.78 -39.43 -19.29
N GLY B 92 -5.27 -38.18 -19.17
CA GLY B 92 -4.48 -37.13 -18.49
C GLY B 92 -5.12 -36.68 -17.18
N ASP B 93 -4.23 -36.25 -16.29
CA ASP B 93 -4.57 -35.75 -14.96
C ASP B 93 -4.95 -34.27 -15.01
N CYS B 94 -5.86 -33.84 -14.13
CA CYS B 94 -6.31 -32.45 -14.15
C CYS B 94 -5.67 -31.68 -12.99
N THR B 95 -5.02 -30.58 -13.37
CA THR B 95 -4.31 -29.69 -12.46
C THR B 95 -5.05 -28.34 -12.43
N PRO B 96 -5.18 -27.69 -11.27
CA PRO B 96 -5.93 -26.40 -11.15
C PRO B 96 -5.67 -25.42 -12.31
N TRP B 97 -4.53 -25.58 -13.00
CA TRP B 97 -4.17 -24.70 -14.12
C TRP B 97 -4.62 -25.30 -15.49
N SER B 98 -4.35 -26.59 -15.69
CA SER B 98 -4.68 -27.27 -16.96
C SER B 98 -5.88 -28.23 -16.82
N ASP B 99 -6.44 -28.63 -17.98
CA ASP B 99 -7.59 -29.54 -18.01
C ASP B 99 -7.12 -30.99 -18.24
N ILE B 100 -8.07 -31.93 -18.26
CA ILE B 100 -7.74 -33.37 -18.47
C ILE B 100 -7.26 -33.61 -19.90
N GLU B 101 -6.78 -34.83 -20.17
CA GLU B 101 -6.34 -35.19 -21.53
C GLU B 101 -7.15 -36.39 -22.03
N CYS B 102 -7.61 -36.33 -23.28
CA CYS B 102 -8.37 -37.42 -23.88
C CYS B 102 -7.70 -37.87 -25.17
N VAL B 103 -7.72 -39.17 -25.40
CA VAL B 103 -7.11 -39.77 -26.61
C VAL B 103 -8.06 -40.80 -27.22
N HIS B 104 -8.16 -40.80 -28.55
CA HIS B 104 -9.02 -41.75 -29.26
C HIS B 104 -8.23 -43.00 -29.63
N LYS B 105 -8.82 -44.17 -29.36
CA LYS B 105 -8.16 -45.45 -29.66
C LYS B 105 -9.11 -46.37 -30.45
N GLU B 106 -10.23 -46.77 -29.83
CA GLU B 106 -11.21 -47.64 -30.47
C GLU B 106 -12.42 -47.88 -29.55
N SER B 107 -13.62 -47.69 -30.11
CA SER B 107 -14.86 -47.88 -29.34
C SER B 107 -16.05 -48.06 -30.28
N GLY B 108 -17.06 -48.80 -29.81
CA GLY B 108 -18.26 -49.06 -30.60
C GLY B 108 -17.92 -49.81 -31.89
N ASP B 109 -18.47 -49.35 -33.01
CA ASP B 109 -18.23 -49.97 -34.32
C ASP B 109 -18.57 -49.00 -35.45
N SER C 1 -32.57 -18.96 -6.85
CA SER C 1 -33.22 -18.21 -7.96
C SER C 1 -32.28 -17.09 -8.44
N GLU C 2 -31.62 -16.42 -7.49
CA GLU C 2 -30.70 -15.33 -7.83
C GLU C 2 -29.42 -15.45 -6.97
N GLY C 3 -28.36 -14.75 -7.39
CA GLY C 3 -27.08 -14.79 -6.66
C GLY C 3 -26.61 -13.38 -6.25
N LEU C 4 -27.55 -12.55 -5.82
CA LEU C 4 -27.24 -11.18 -5.39
C LEU C 4 -27.88 -10.88 -4.04
N CYS C 5 -27.27 -9.97 -3.27
CA CYS C 5 -27.80 -9.58 -1.97
C CYS C 5 -28.08 -8.05 -1.96
N PRO C 6 -29.20 -7.59 -1.40
CA PRO C 6 -29.52 -6.12 -1.38
C PRO C 6 -28.49 -5.31 -0.57
N PRO C 7 -28.50 -3.97 -0.68
CA PRO C 7 -27.52 -3.11 0.07
C PRO C 7 -27.61 -3.34 1.58
N GLY C 8 -26.45 -3.53 2.21
CA GLY C 8 -26.39 -3.77 3.65
C GLY C 8 -26.18 -5.26 4.00
N HIS C 9 -26.05 -6.11 2.97
CA HIS C 9 -25.87 -7.54 3.19
C HIS C 9 -24.76 -8.13 2.31
N HIS C 10 -24.06 -9.14 2.84
CA HIS C 10 -22.98 -9.82 2.11
C HIS C 10 -23.33 -11.31 1.97
N ILE C 11 -22.79 -11.98 0.95
CA ILE C 11 -23.11 -13.40 0.70
C ILE C 11 -21.90 -14.31 0.95
N SER C 12 -22.18 -15.56 1.34
CA SER C 12 -21.14 -16.54 1.63
C SER C 12 -20.43 -17.00 0.35
N GLU C 13 -19.39 -17.82 0.52
CA GLU C 13 -18.62 -18.34 -0.61
C GLU C 13 -19.47 -19.27 -1.47
N ASP C 14 -20.31 -20.08 -0.83
CA ASP C 14 -21.17 -21.04 -1.54
C ASP C 14 -22.45 -20.39 -2.07
N GLY C 15 -22.65 -19.08 -1.83
CA GLY C 15 -23.83 -18.37 -2.32
C GLY C 15 -25.18 -18.87 -1.74
N ARG C 16 -25.18 -19.96 -0.93
CA ARG C 16 -26.43 -20.51 -0.37
C ARG C 16 -26.99 -19.65 0.78
N ASP C 17 -26.17 -18.74 1.35
CA ASP C 17 -26.64 -17.92 2.46
C ASP C 17 -26.11 -16.48 2.40
N CYS C 18 -26.89 -15.55 2.94
CA CYS C 18 -26.52 -14.13 2.98
C CYS C 18 -26.64 -13.62 4.41
N ILE C 19 -25.64 -12.87 4.88
CA ILE C 19 -25.65 -12.35 6.27
C ILE C 19 -25.83 -10.83 6.26
N SER C 20 -26.55 -10.35 7.27
CA SER C 20 -26.85 -8.93 7.43
C SER C 20 -25.70 -8.16 8.09
N CYS C 21 -25.49 -6.92 7.62
CA CYS C 21 -24.47 -6.03 8.19
C CYS C 21 -25.21 -4.89 8.89
N LYS C 22 -24.71 -4.45 10.05
CA LYS C 22 -25.40 -3.42 10.85
C LYS C 22 -24.69 -2.07 10.82
N TYR C 23 -25.50 -1.01 10.87
CA TYR C 23 -24.99 0.37 10.88
C TYR C 23 -23.89 0.52 11.92
N GLY C 24 -22.86 1.33 11.59
CA GLY C 24 -21.74 1.57 12.50
C GLY C 24 -20.61 0.52 12.35
N GLN C 25 -20.90 -0.71 11.89
CA GLN C 25 -19.86 -1.71 11.69
C GLN C 25 -19.39 -1.63 10.24
N ASP C 26 -20.33 -1.81 9.32
CA ASP C 26 -20.06 -1.74 7.89
C ASP C 26 -21.37 -1.48 7.14
N TYR C 27 -21.28 -1.08 5.86
CA TYR C 27 -22.48 -0.81 5.05
C TYR C 27 -22.21 -1.07 3.56
N SER C 28 -23.27 -0.97 2.76
CA SER C 28 -23.17 -1.12 1.32
C SER C 28 -24.14 -0.13 0.66
N THR C 29 -23.66 0.62 -0.35
CA THR C 29 -24.49 1.62 -1.02
C THR C 29 -25.34 1.00 -2.14
N HIS C 30 -24.76 0.03 -2.85
CA HIS C 30 -25.47 -0.63 -3.96
C HIS C 30 -25.41 -2.14 -3.81
N TRP C 31 -26.30 -2.86 -4.51
CA TRP C 31 -26.34 -4.33 -4.45
C TRP C 31 -24.93 -4.90 -4.65
N ASN C 32 -24.64 -6.03 -4.00
CA ASN C 32 -23.31 -6.64 -4.12
C ASN C 32 -23.35 -8.15 -3.86
N ASP C 33 -22.22 -8.80 -4.11
CA ASP C 33 -22.09 -10.24 -3.91
C ASP C 33 -20.69 -10.56 -3.35
N LEU C 34 -20.39 -9.98 -2.19
CA LEU C 34 -19.09 -10.17 -1.54
C LEU C 34 -19.25 -10.88 -0.19
N LEU C 35 -18.14 -11.14 0.50
CA LEU C 35 -18.18 -11.80 1.81
C LEU C 35 -18.14 -10.77 2.94
N PHE C 36 -17.53 -9.62 2.67
CA PHE C 36 -17.42 -8.53 3.65
C PHE C 36 -18.28 -7.34 3.21
N CYS C 37 -18.53 -6.41 4.12
CA CYS C 37 -19.34 -5.23 3.82
C CYS C 37 -18.43 -4.01 3.76
N LEU C 38 -18.85 -2.95 3.05
CA LEU C 38 -18.00 -1.76 2.91
C LEU C 38 -17.80 -1.11 4.28
N ARG C 39 -16.54 -0.87 4.63
CA ARG C 39 -16.17 -0.29 5.91
C ARG C 39 -16.70 1.13 6.09
N CYS C 40 -16.92 1.48 7.35
CA CYS C 40 -17.43 2.80 7.71
C CYS C 40 -16.23 3.71 8.00
N THR C 41 -16.37 5.00 7.67
CA THR C 41 -15.28 5.96 7.83
C THR C 41 -15.23 6.54 9.24
N ARG C 42 -14.02 6.70 9.73
CA ARG C 42 -13.77 7.24 11.06
C ARG C 42 -12.85 8.45 10.94
N CYS C 43 -12.93 9.38 11.89
CA CYS C 43 -12.11 10.60 11.86
C CYS C 43 -11.09 10.61 13.01
N ASP C 44 -9.87 11.04 12.69
CA ASP C 44 -8.78 11.11 13.67
C ASP C 44 -8.86 12.37 14.53
N SER C 45 -8.06 12.40 15.60
CA SER C 45 -8.03 13.55 16.52
C SER C 45 -7.92 14.86 15.74
N GLY C 46 -8.75 15.83 16.12
CA GLY C 46 -8.77 17.14 15.46
C GLY C 46 -9.85 17.15 14.35
N GLU C 47 -10.35 15.97 13.97
CA GLU C 47 -11.38 15.88 12.95
C GLU C 47 -12.69 15.38 13.58
N VAL C 48 -13.82 15.87 13.09
CA VAL C 48 -15.13 15.48 13.61
C VAL C 48 -15.97 14.83 12.50
N GLU C 49 -16.93 13.99 12.90
CA GLU C 49 -17.80 13.33 11.93
C GLU C 49 -19.00 14.24 11.63
N LEU C 50 -19.10 14.69 10.36
CA LEU C 50 -20.19 15.58 9.97
C LEU C 50 -21.52 14.82 9.93
N SER C 51 -21.48 13.59 9.40
CA SER C 51 -22.66 12.75 9.31
C SER C 51 -22.27 11.27 9.54
N PRO C 52 -22.94 10.52 10.42
CA PRO C 52 -22.61 9.09 10.68
C PRO C 52 -23.04 8.17 9.52
N CYS C 53 -22.44 6.98 9.44
CA CYS C 53 -22.77 6.03 8.37
C CYS C 53 -23.70 4.95 8.90
N THR C 54 -24.80 4.76 8.17
CA THR C 54 -25.78 3.74 8.51
C THR C 54 -25.58 2.53 7.60
N THR C 55 -26.41 1.51 7.75
CA THR C 55 -26.29 0.31 6.93
C THR C 55 -26.36 0.68 5.42
N THR C 56 -26.89 1.87 5.09
CA THR C 56 -27.01 2.29 3.69
C THR C 56 -26.36 3.66 3.40
N ARG C 57 -25.55 4.19 4.34
CA ARG C 57 -24.92 5.51 4.12
C ARG C 57 -23.44 5.56 4.53
N ASN C 58 -22.74 6.57 3.99
CA ASN C 58 -21.32 6.78 4.23
C ASN C 58 -21.06 7.99 5.14
N THR C 59 -20.08 7.86 6.06
CA THR C 59 -19.73 8.92 7.00
C THR C 59 -18.77 9.93 6.36
N VAL C 60 -19.02 11.22 6.65
CA VAL C 60 -18.20 12.32 6.11
C VAL C 60 -17.33 12.89 7.23
N CYS C 61 -16.15 13.40 6.88
CA CYS C 61 -15.23 13.95 7.87
C CYS C 61 -15.11 15.47 7.72
N GLN C 62 -15.00 16.14 8.87
CA GLN C 62 -14.90 17.60 8.93
C GLN C 62 -13.75 17.97 9.88
N CYS C 63 -13.18 19.17 9.70
CA CYS C 63 -12.05 19.61 10.53
C CYS C 63 -12.51 20.76 11.43
N GLU C 64 -11.87 20.89 12.59
CA GLU C 64 -12.28 21.91 13.58
C GLU C 64 -12.01 23.35 13.09
N GLU C 65 -12.86 24.27 13.52
CA GLU C 65 -12.73 25.69 13.16
C GLU C 65 -11.32 26.18 13.49
N GLY C 66 -10.82 27.12 12.68
CA GLY C 66 -9.47 27.67 12.88
C GLY C 66 -8.44 26.94 12.00
N THR C 67 -8.75 25.71 11.59
CA THR C 67 -7.87 24.92 10.73
C THR C 67 -8.51 24.75 9.34
N PHE C 68 -7.72 24.39 8.31
CA PHE C 68 -8.27 24.24 6.96
C PHE C 68 -7.63 23.11 6.15
N ARG C 69 -8.35 22.67 5.10
CA ARG C 69 -7.88 21.57 4.24
C ARG C 69 -8.31 21.78 2.79
N GLU C 70 -7.34 21.91 1.89
CA GLU C 70 -7.62 22.11 0.47
C GLU C 70 -7.59 20.77 -0.27
N GLU C 71 -8.39 20.65 -1.33
CA GLU C 71 -8.45 19.41 -2.11
C GLU C 71 -7.08 18.95 -2.62
N ASP C 72 -6.13 19.88 -2.65
CA ASP C 72 -4.77 19.60 -3.10
C ASP C 72 -3.80 19.36 -1.93
N SER C 73 -4.35 19.13 -0.72
CA SER C 73 -3.52 18.89 0.46
C SER C 73 -3.88 17.53 1.10
N PRO C 74 -2.95 16.87 1.78
CA PRO C 74 -3.23 15.54 2.43
C PRO C 74 -4.40 15.63 3.43
N GLU C 75 -4.55 14.63 4.31
CA GLU C 75 -5.64 14.63 5.30
C GLU C 75 -5.29 15.49 6.53
N MET C 76 -4.42 16.49 6.35
CA MET C 76 -4.02 17.37 7.44
C MET C 76 -4.86 18.64 7.45
N CYS C 77 -4.73 19.43 8.51
CA CYS C 77 -5.45 20.68 8.67
C CYS C 77 -4.43 21.79 8.93
N ARG C 78 -4.65 23.00 8.36
CA ARG C 78 -3.70 24.11 8.56
C ARG C 78 -4.39 25.30 9.18
N LYS C 79 -3.64 26.03 10.00
CA LYS C 79 -4.19 27.19 10.69
C LYS C 79 -4.50 28.33 9.72
N CYS C 80 -5.76 28.76 9.73
CA CYS C 80 -6.21 29.86 8.88
C CYS C 80 -5.59 31.16 9.37
N ARG C 81 -5.24 32.05 8.43
CA ARG C 81 -4.61 33.32 8.79
C ARG C 81 -5.58 34.15 9.65
N THR C 82 -5.10 34.55 10.83
CA THR C 82 -5.91 35.34 11.77
C THR C 82 -5.90 36.83 11.42
N GLY C 83 -4.92 37.26 10.61
CA GLY C 83 -4.81 38.66 10.20
C GLY C 83 -3.97 38.79 8.93
N CYS C 84 -4.59 39.28 7.85
CA CYS C 84 -3.89 39.47 6.58
C CYS C 84 -2.60 40.27 6.77
N PRO C 85 -1.64 40.19 5.84
CA PRO C 85 -0.35 40.96 5.97
C PRO C 85 -0.58 42.43 6.32
N ARG C 86 0.50 43.16 6.59
CA ARG C 86 0.42 44.58 6.93
C ARG C 86 -0.12 45.38 5.75
N GLY C 87 -1.19 46.14 5.99
CA GLY C 87 -1.79 46.97 4.95
C GLY C 87 -2.87 46.20 4.16
N MET C 88 -3.44 45.16 4.78
CA MET C 88 -4.48 44.35 4.15
C MET C 88 -5.74 44.36 5.00
N VAL C 89 -6.83 43.79 4.47
CA VAL C 89 -8.12 43.76 5.18
C VAL C 89 -8.77 42.37 5.04
N LYS C 90 -9.40 41.91 6.11
CA LYS C 90 -10.09 40.62 6.10
C LYS C 90 -11.40 40.76 5.32
N VAL C 91 -11.73 39.77 4.48
CA VAL C 91 -12.96 39.85 3.69
C VAL C 91 -13.66 38.49 3.56
N GLY C 92 -12.90 37.39 3.63
CA GLY C 92 -13.50 36.05 3.50
C GLY C 92 -13.46 35.23 4.78
N ASP C 93 -14.47 34.37 4.89
CA ASP C 93 -14.66 33.46 6.01
C ASP C 93 -13.86 32.17 5.80
N CYS C 94 -13.37 31.57 6.89
CA CYS C 94 -12.56 30.36 6.78
C CYS C 94 -13.38 29.14 7.20
N THR C 95 -13.43 28.19 6.26
CA THR C 95 -14.15 26.95 6.39
C THR C 95 -13.17 25.78 6.51
N PRO C 96 -13.42 24.76 7.33
CA PRO C 96 -12.47 23.61 7.51
C PRO C 96 -11.85 23.14 6.18
N TRP C 97 -12.52 23.41 5.06
CA TRP C 97 -12.01 23.03 3.73
C TRP C 97 -11.33 24.23 3.00
N SER C 98 -11.82 25.46 3.24
CA SER C 98 -11.29 26.67 2.59
C SER C 98 -10.44 27.55 3.53
N ASP C 99 -9.67 28.48 2.96
CA ASP C 99 -8.84 29.39 3.75
C ASP C 99 -9.44 30.81 3.78
N ILE C 100 -8.87 31.72 4.60
CA ILE C 100 -9.37 33.10 4.70
C ILE C 100 -9.12 33.87 3.40
N GLU C 101 -9.81 35.01 3.22
CA GLU C 101 -9.61 35.85 2.03
C GLU C 101 -9.15 37.25 2.45
N CYS C 102 -8.15 37.78 1.72
CA CYS C 102 -7.62 39.11 2.00
C CYS C 102 -7.77 39.99 0.76
N VAL C 103 -8.09 41.27 1.00
CA VAL C 103 -8.27 42.24 -0.09
C VAL C 103 -7.58 43.56 0.26
N HIS C 104 -7.27 44.37 -0.76
CA HIS C 104 -6.61 45.66 -0.55
C HIS C 104 -7.64 46.80 -0.50
N LYS C 105 -7.40 47.76 0.38
CA LYS C 105 -8.31 48.92 0.54
C LYS C 105 -9.77 48.45 0.76
N GLU C 106 -10.56 48.31 -0.31
CA GLU C 106 -11.96 47.87 -0.19
C GLU C 106 -12.79 48.86 0.63
N SER C 107 -14.05 49.06 0.22
CA SER C 107 -14.96 49.97 0.92
C SER C 107 -14.29 51.32 1.23
N GLY C 108 -14.45 52.29 0.32
CA GLY C 108 -13.86 53.62 0.50
C GLY C 108 -14.94 54.69 0.67
N ASP C 109 -16.01 54.33 1.37
CA ASP C 109 -17.12 55.26 1.60
C ASP C 109 -16.76 56.28 2.69
N SER A 1 38.76 -0.44 -12.17
CA SER A 1 38.29 0.89 -11.68
C SER A 1 38.68 1.05 -10.20
N GLU A 2 39.98 1.16 -9.95
CA GLU A 2 40.49 1.32 -8.58
C GLU A 2 40.16 2.71 -8.02
N GLY A 3 40.40 2.91 -6.72
CA GLY A 3 40.13 4.19 -6.08
C GLY A 3 38.92 4.09 -5.16
N LEU A 4 38.82 2.97 -4.43
CA LEU A 4 37.70 2.73 -3.52
C LEU A 4 38.21 2.52 -2.10
N CYS A 5 37.40 2.94 -1.10
CA CYS A 5 37.76 2.78 0.30
C CYS A 5 36.69 1.93 1.04
N PRO A 6 37.08 1.01 1.94
CA PRO A 6 36.10 0.14 2.67
C PRO A 6 35.13 0.95 3.55
N PRO A 7 34.04 0.34 4.04
CA PRO A 7 33.05 1.05 4.91
C PRO A 7 33.73 1.73 6.11
N GLY A 8 33.20 2.90 6.50
CA GLY A 8 33.75 3.66 7.62
C GLY A 8 34.95 4.53 7.19
N HIS A 9 35.48 4.30 5.98
CA HIS A 9 36.62 5.05 5.48
C HIS A 9 36.30 5.72 4.14
N HIS A 10 37.10 6.73 3.79
CA HIS A 10 36.95 7.48 2.54
C HIS A 10 38.31 7.65 1.87
N ILE A 11 38.32 7.85 0.55
CA ILE A 11 39.58 7.99 -0.20
C ILE A 11 39.74 9.41 -0.78
N SER A 12 41.00 9.85 -0.91
CA SER A 12 41.32 11.17 -1.42
C SER A 12 41.09 11.24 -2.93
N GLU A 13 41.31 12.43 -3.51
CA GLU A 13 41.13 12.64 -4.94
C GLU A 13 42.21 11.90 -5.75
N ASP A 14 43.43 11.84 -5.19
CA ASP A 14 44.55 11.18 -5.86
C ASP A 14 44.47 9.64 -5.73
N GLY A 15 43.48 9.13 -4.99
CA GLY A 15 43.29 7.68 -4.83
C GLY A 15 44.46 6.95 -4.10
N ARG A 16 45.57 7.65 -3.77
CA ARG A 16 46.71 7.00 -3.11
C ARG A 16 46.68 7.22 -1.59
N ASP A 17 45.50 7.57 -1.03
CA ASP A 17 45.38 7.80 0.41
C ASP A 17 43.92 7.67 0.88
N CYS A 18 43.72 7.02 2.03
CA CYS A 18 42.39 6.84 2.60
C CYS A 18 42.39 7.32 4.05
N ILE A 19 41.35 8.08 4.44
CA ILE A 19 41.25 8.61 5.79
C ILE A 19 40.06 7.98 6.55
N SER A 20 40.28 7.76 7.83
CA SER A 20 39.29 7.14 8.73
C SER A 20 38.26 8.16 9.24
N CYS A 21 37.01 7.71 9.38
CA CYS A 21 35.93 8.57 9.87
C CYS A 21 35.57 8.08 11.27
N LYS A 22 35.04 8.98 12.12
CA LYS A 22 34.72 8.63 13.50
C LYS A 22 33.27 8.24 13.70
N TYR A 23 33.05 7.30 14.62
CA TYR A 23 31.71 6.83 14.95
C TYR A 23 30.84 8.04 15.33
N GLY A 24 29.60 8.05 14.87
CA GLY A 24 28.65 9.13 15.19
C GLY A 24 28.77 10.40 14.31
N GLN A 25 29.94 10.71 13.71
CA GLN A 25 30.08 11.92 12.90
C GLN A 25 29.35 11.76 11.55
N ASP A 26 29.76 10.75 10.80
CA ASP A 26 29.19 10.44 9.48
C ASP A 26 29.53 8.98 9.18
N TYR A 27 28.88 8.35 8.20
CA TYR A 27 29.14 6.94 7.92
C TYR A 27 29.20 6.59 6.45
N SER A 28 29.69 5.38 6.22
CA SER A 28 29.72 4.82 4.88
C SER A 28 29.15 3.40 4.98
N THR A 29 28.16 3.10 4.15
CA THR A 29 27.52 1.78 4.15
C THR A 29 28.17 0.84 3.13
N HIS A 30 28.57 1.40 2.00
CA HIS A 30 29.21 0.65 0.92
C HIS A 30 30.54 1.31 0.54
N TRP A 31 31.41 0.59 -0.18
CA TRP A 31 32.71 1.14 -0.59
C TRP A 31 32.51 2.51 -1.20
N ASN A 32 33.09 3.54 -0.55
CA ASN A 32 32.94 4.92 -1.01
C ASN A 32 34.09 5.36 -1.90
N ASP A 33 33.76 6.15 -2.92
CA ASP A 33 34.76 6.66 -3.86
C ASP A 33 34.79 8.19 -3.78
N LEU A 34 34.89 8.70 -2.55
CA LEU A 34 34.92 10.14 -2.31
C LEU A 34 35.84 10.48 -1.13
N LEU A 35 36.02 11.77 -0.89
CA LEU A 35 36.86 12.25 0.21
C LEU A 35 36.03 12.55 1.47
N PHE A 36 34.70 12.41 1.38
CA PHE A 36 33.80 12.69 2.51
C PHE A 36 33.06 11.43 2.95
N CYS A 37 32.48 11.50 4.15
CA CYS A 37 31.70 10.39 4.70
C CYS A 37 30.24 10.82 4.65
N LEU A 38 29.31 9.87 4.46
CA LEU A 38 27.89 10.24 4.33
C LEU A 38 27.25 10.53 5.68
N ARG A 39 26.07 11.13 5.62
CA ARG A 39 25.32 11.50 6.81
C ARG A 39 24.46 10.34 7.33
N CYS A 40 24.28 10.29 8.64
CA CYS A 40 23.46 9.24 9.26
C CYS A 40 22.03 9.74 9.47
N THR A 41 21.07 8.80 9.39
CA THR A 41 19.64 9.14 9.53
C THR A 41 19.19 8.99 10.99
N ARG A 42 18.34 9.92 11.43
CA ARG A 42 17.82 9.93 12.80
C ARG A 42 16.28 9.88 12.76
N CYS A 43 15.66 9.34 13.82
CA CYS A 43 14.21 9.21 13.87
C CYS A 43 13.58 10.10 14.94
N ASP A 44 12.29 10.43 14.72
CA ASP A 44 11.52 11.26 15.64
C ASP A 44 10.29 10.50 16.14
N SER A 45 9.62 11.05 17.16
CA SER A 45 8.42 10.41 17.73
C SER A 45 7.46 9.99 16.63
N GLY A 46 6.74 8.89 16.85
CA GLY A 46 5.80 8.36 15.85
C GLY A 46 6.51 7.34 14.93
N GLU A 47 7.86 7.34 14.96
CA GLU A 47 8.65 6.41 14.16
C GLU A 47 9.47 5.49 15.06
N VAL A 48 9.76 4.28 14.59
CA VAL A 48 10.52 3.29 15.37
C VAL A 48 11.89 3.01 14.74
N GLU A 49 12.89 3.03 15.60
CA GLU A 49 14.28 2.74 15.21
C GLU A 49 14.58 1.25 15.44
N LEU A 50 14.75 0.47 14.37
CA LEU A 50 15.04 -0.99 14.54
C LEU A 50 16.53 -1.36 14.39
N SER A 51 17.36 -0.47 13.83
CA SER A 51 18.79 -0.78 13.66
C SER A 51 19.71 0.42 13.99
N PRO A 52 20.88 0.20 14.60
CA PRO A 52 21.84 1.30 14.96
C PRO A 52 22.66 1.86 13.79
N CYS A 53 23.17 3.09 13.97
CA CYS A 53 24.01 3.78 12.99
C CYS A 53 25.48 3.70 13.46
N THR A 54 26.39 3.31 12.56
CA THR A 54 27.82 3.19 12.89
C THR A 54 28.66 3.21 11.61
N THR A 55 30.00 3.34 11.74
CA THR A 55 30.88 3.36 10.56
C THR A 55 30.67 2.12 9.68
N THR A 56 30.04 1.08 10.25
CA THR A 56 29.74 -0.15 9.51
C THR A 56 28.24 -0.50 9.58
N ARG A 57 27.41 0.48 10.01
CA ARG A 57 25.97 0.27 10.12
C ARG A 57 25.19 1.57 9.84
N ASN A 58 23.92 1.41 9.48
CA ASN A 58 23.03 2.52 9.17
C ASN A 58 21.78 2.44 10.06
N THR A 59 21.26 3.59 10.54
CA THR A 59 20.07 3.55 11.39
C THR A 59 18.85 3.42 10.50
N VAL A 60 17.92 2.57 10.93
CA VAL A 60 16.72 2.32 10.16
C VAL A 60 15.52 2.98 10.83
N CYS A 61 14.77 3.70 10.00
CA CYS A 61 13.58 4.35 10.47
C CYS A 61 12.35 3.68 9.85
N GLN A 62 11.33 3.58 10.67
CA GLN A 62 10.07 2.97 10.32
C GLN A 62 8.96 3.76 10.98
N CYS A 63 7.77 3.74 10.41
CA CYS A 63 6.66 4.50 11.01
C CYS A 63 5.63 3.52 11.56
N GLU A 64 4.83 3.98 12.52
CA GLU A 64 3.86 3.11 13.20
C GLU A 64 2.73 2.71 12.27
N GLU A 65 2.26 1.46 12.43
CA GLU A 65 1.19 0.91 11.61
C GLU A 65 0.00 1.85 11.55
N GLY A 66 -0.72 1.83 10.43
CA GLY A 66 -1.87 2.70 10.23
C GLY A 66 -1.48 4.01 9.54
N THR A 67 -0.15 4.28 9.44
CA THR A 67 0.33 5.50 8.79
C THR A 67 1.19 5.14 7.56
N PHE A 68 1.39 6.08 6.62
CA PHE A 68 2.19 5.79 5.41
C PHE A 68 3.03 6.97 4.93
N ARG A 69 4.13 6.70 4.20
CA ARG A 69 4.99 7.78 3.67
C ARG A 69 4.97 7.80 2.14
N GLU A 70 4.39 8.87 1.61
CA GLU A 70 4.30 9.09 0.17
C GLU A 70 5.41 10.03 -0.29
N GLU A 71 5.85 9.86 -1.54
CA GLU A 71 6.93 10.68 -2.10
C GLU A 71 6.62 12.18 -2.01
N ASP A 72 5.36 12.51 -1.82
CA ASP A 72 4.91 13.91 -1.73
C ASP A 72 5.12 14.50 -0.32
N SER A 73 5.54 13.66 0.64
CA SER A 73 5.76 14.13 2.02
C SER A 73 7.27 14.41 2.27
N PRO A 74 7.62 15.36 3.15
CA PRO A 74 9.04 15.67 3.44
C PRO A 74 9.64 14.71 4.49
N GLU A 75 8.90 14.47 5.56
CA GLU A 75 9.34 13.57 6.63
C GLU A 75 8.18 13.32 7.63
N MET A 76 7.04 12.86 7.09
CA MET A 76 5.86 12.57 7.90
C MET A 76 5.16 11.31 7.39
N CYS A 77 4.20 10.81 8.17
CA CYS A 77 3.44 9.63 7.80
C CYS A 77 1.95 10.03 7.77
N ARG A 78 1.14 9.41 6.90
CA ARG A 78 -0.28 9.77 6.81
C ARG A 78 -1.14 8.55 7.07
N LYS A 79 -2.35 8.77 7.55
CA LYS A 79 -3.24 7.66 7.85
C LYS A 79 -3.64 6.93 6.58
N CYS A 80 -3.54 5.58 6.62
CA CYS A 80 -3.89 4.75 5.48
C CYS A 80 -5.39 4.88 5.25
N ARG A 81 -5.83 4.57 4.03
CA ARG A 81 -7.25 4.67 3.68
C ARG A 81 -8.12 3.99 4.75
N THR A 82 -9.07 4.74 5.29
CA THR A 82 -9.98 4.23 6.32
C THR A 82 -11.20 3.52 5.70
N GLY A 83 -11.09 3.20 4.40
CA GLY A 83 -12.17 2.52 3.68
C GLY A 83 -12.00 2.72 2.17
N CYS A 84 -11.75 1.63 1.45
CA CYS A 84 -11.54 1.68 -0.01
C CYS A 84 -12.61 2.57 -0.69
N PRO A 85 -12.30 3.18 -1.84
CA PRO A 85 -13.28 4.05 -2.55
C PRO A 85 -14.61 3.34 -2.80
N ARG A 86 -15.71 4.12 -2.79
CA ARG A 86 -17.04 3.55 -3.01
C ARG A 86 -17.08 2.67 -4.26
N GLY A 87 -17.26 1.36 -4.06
CA GLY A 87 -17.30 0.40 -5.16
C GLY A 87 -15.98 -0.36 -5.28
N MET A 88 -15.31 -0.60 -4.14
CA MET A 88 -14.04 -1.32 -4.13
C MET A 88 -13.94 -2.22 -2.91
N VAL A 89 -12.89 -3.05 -2.84
CA VAL A 89 -12.73 -3.99 -1.71
C VAL A 89 -11.34 -3.99 -1.11
N LYS A 90 -11.31 -4.46 0.14
CA LYS A 90 -10.09 -4.59 0.93
C LYS A 90 -9.28 -5.81 0.48
N VAL A 91 -8.01 -5.60 0.08
CA VAL A 91 -7.17 -6.72 -0.35
C VAL A 91 -5.67 -6.49 -0.12
N GLY A 92 -5.25 -5.22 0.07
CA GLY A 92 -3.81 -4.97 0.27
C GLY A 92 -3.46 -4.47 1.67
N ASP A 93 -2.23 -4.83 2.06
CA ASP A 93 -1.63 -4.49 3.35
C ASP A 93 -1.03 -3.10 3.35
N CYS A 94 -1.08 -2.39 4.50
CA CYS A 94 -0.52 -1.03 4.56
C CYS A 94 0.78 -1.08 5.35
N THR A 95 1.82 -0.59 4.69
CA THR A 95 3.17 -0.56 5.23
C THR A 95 3.51 0.89 5.63
N PRO A 96 4.21 1.11 6.73
CA PRO A 96 4.55 2.50 7.20
C PRO A 96 5.01 3.42 6.05
N TRP A 97 5.49 2.83 4.95
CA TRP A 97 5.93 3.62 3.79
C TRP A 97 4.87 3.65 2.65
N SER A 98 4.20 2.51 2.37
CA SER A 98 3.19 2.44 1.29
C SER A 98 1.74 2.40 1.80
N ASP A 99 0.77 2.65 0.89
CA ASP A 99 -0.66 2.65 1.23
C ASP A 99 -1.30 1.27 0.99
N ILE A 100 -2.63 1.17 1.25
CA ILE A 100 -3.37 -0.10 1.06
C ILE A 100 -3.70 -0.33 -0.42
N GLU A 101 -4.31 -1.50 -0.72
CA GLU A 101 -4.74 -1.81 -2.09
C GLU A 101 -6.25 -2.03 -2.15
N CYS A 102 -6.89 -1.39 -3.13
CA CYS A 102 -8.33 -1.52 -3.35
C CYS A 102 -8.58 -2.06 -4.76
N VAL A 103 -9.62 -2.90 -4.91
CA VAL A 103 -9.93 -3.48 -6.24
C VAL A 103 -11.41 -3.29 -6.60
N HIS A 104 -11.64 -2.94 -7.87
CA HIS A 104 -13.00 -2.77 -8.42
C HIS A 104 -13.33 -3.95 -9.32
N LYS A 105 -14.55 -4.52 -9.19
CA LYS A 105 -14.95 -5.65 -10.03
C LYS A 105 -16.45 -5.98 -9.88
N GLU A 106 -16.84 -6.49 -8.70
CA GLU A 106 -18.24 -6.85 -8.45
C GLU A 106 -19.08 -5.62 -8.05
N SER A 107 -18.41 -4.56 -7.59
CA SER A 107 -19.10 -3.33 -7.20
C SER A 107 -19.87 -2.74 -8.37
N GLY A 108 -19.29 -2.83 -9.58
CA GLY A 108 -19.92 -2.30 -10.79
C GLY A 108 -20.41 -3.43 -11.69
N ASP A 109 -20.26 -3.23 -13.01
CA ASP A 109 -20.69 -4.23 -14.00
C ASP A 109 -22.16 -4.60 -13.78
N SER B 1 28.66 5.59 -4.56
CA SER B 1 27.35 5.07 -4.06
C SER B 1 26.46 4.69 -5.25
N GLU B 2 26.42 5.57 -6.26
CA GLU B 2 25.61 5.35 -7.47
C GLU B 2 24.11 5.44 -7.15
N GLY B 3 23.59 4.45 -6.40
CA GLY B 3 22.17 4.44 -6.03
C GLY B 3 21.54 3.07 -6.31
N LEU B 4 21.95 2.05 -5.56
CA LEU B 4 21.42 0.69 -5.74
C LEU B 4 21.22 0.01 -4.38
N CYS B 5 20.14 -0.77 -4.26
CA CYS B 5 19.85 -1.48 -3.01
C CYS B 5 19.59 -2.98 -3.28
N PRO B 6 20.11 -3.91 -2.46
CA PRO B 6 19.89 -5.38 -2.68
C PRO B 6 18.41 -5.79 -2.54
N PRO B 7 18.04 -7.00 -2.96
CA PRO B 7 16.62 -7.48 -2.86
C PRO B 7 16.12 -7.48 -1.41
N GLY B 8 14.84 -7.15 -1.23
CA GLY B 8 14.23 -7.11 0.11
C GLY B 8 14.43 -5.75 0.79
N HIS B 9 15.20 -4.85 0.17
CA HIS B 9 15.47 -3.53 0.72
C HIS B 9 15.01 -2.41 -0.22
N HIS B 10 14.79 -1.23 0.34
CA HIS B 10 14.36 -0.05 -0.41
C HIS B 10 15.19 1.17 0.03
N ILE B 11 15.32 2.18 -0.83
CA ILE B 11 16.13 3.36 -0.49
C ILE B 11 15.23 4.61 -0.32
N SER B 12 15.38 5.31 0.82
CA SER B 12 14.56 6.49 1.09
C SER B 12 14.73 7.54 -0.02
N GLU B 13 13.80 8.49 -0.06
CA GLU B 13 13.82 9.56 -1.08
C GLU B 13 15.16 10.30 -1.11
N ASP B 14 15.90 10.28 0.00
CA ASP B 14 17.18 10.97 0.08
C ASP B 14 18.30 10.20 -0.63
N GLY B 15 18.01 9.00 -1.14
CA GLY B 15 19.00 8.20 -1.89
C GLY B 15 20.24 7.78 -1.05
N ARG B 16 20.37 8.21 0.22
CA ARG B 16 21.55 7.87 1.02
C ARG B 16 21.23 6.88 2.16
N ASP B 17 20.04 6.25 2.14
CA ASP B 17 19.70 5.30 3.21
C ASP B 17 18.82 4.20 2.67
N CYS B 18 19.13 2.95 3.07
CA CYS B 18 18.36 1.79 2.62
C CYS B 18 17.84 1.02 3.84
N ILE B 19 16.55 0.64 3.80
CA ILE B 19 15.91 -0.05 4.92
C ILE B 19 15.23 -1.37 4.46
N SER B 20 15.33 -2.36 5.34
CA SER B 20 14.75 -3.69 5.20
C SER B 20 13.22 -3.67 5.28
N CYS B 21 12.55 -4.57 4.55
CA CYS B 21 11.08 -4.62 4.56
C CYS B 21 10.66 -5.85 5.39
N LYS B 22 9.43 -5.83 5.92
CA LYS B 22 8.96 -6.89 6.82
C LYS B 22 8.35 -8.07 6.09
N TYR B 23 8.54 -9.25 6.68
CA TYR B 23 8.00 -10.50 6.12
C TYR B 23 6.49 -10.35 5.96
N GLY B 24 5.98 -10.74 4.79
CA GLY B 24 4.55 -10.68 4.51
C GLY B 24 4.03 -9.28 4.14
N GLN B 25 4.72 -8.17 4.56
CA GLN B 25 4.23 -6.83 4.19
C GLN B 25 4.55 -6.56 2.72
N ASP B 26 5.84 -6.39 2.41
CA ASP B 26 6.28 -6.13 1.04
C ASP B 26 7.66 -6.75 0.81
N TYR B 27 8.04 -6.89 -0.45
CA TYR B 27 9.37 -7.44 -0.79
C TYR B 27 9.88 -6.88 -2.13
N SER B 28 11.11 -7.25 -2.48
CA SER B 28 11.70 -6.85 -3.74
C SER B 28 12.34 -8.10 -4.37
N THR B 29 12.06 -8.36 -5.65
CA THR B 29 12.59 -9.54 -6.33
C THR B 29 13.93 -9.28 -6.99
N HIS B 30 14.12 -8.07 -7.53
CA HIS B 30 15.36 -7.70 -8.20
C HIS B 30 15.91 -6.39 -7.63
N TRP B 31 17.20 -6.12 -7.87
CA TRP B 31 17.84 -4.89 -7.39
C TRP B 31 16.99 -3.67 -7.75
N ASN B 32 16.87 -2.72 -6.82
CA ASN B 32 16.06 -1.53 -7.07
C ASN B 32 16.67 -0.30 -6.41
N ASP B 33 16.22 0.89 -6.84
CA ASP B 33 16.70 2.15 -6.29
C ASP B 33 15.53 3.12 -6.06
N LEU B 34 14.56 2.66 -5.25
CA LEU B 34 13.37 3.47 -4.95
C LEU B 34 12.95 3.32 -3.49
N LEU B 35 12.20 4.30 -3.01
CA LEU B 35 11.68 4.31 -1.63
C LEU B 35 10.44 3.41 -1.49
N PHE B 36 10.10 2.67 -2.55
CA PHE B 36 8.92 1.79 -2.52
C PHE B 36 9.33 0.32 -2.40
N CYS B 37 8.51 -0.42 -1.68
CA CYS B 37 8.69 -1.85 -1.49
C CYS B 37 7.57 -2.53 -2.26
N LEU B 38 7.83 -3.62 -2.99
CA LEU B 38 6.78 -4.26 -3.79
C LEU B 38 5.82 -5.04 -2.90
N ARG B 39 4.53 -4.73 -3.07
CA ARG B 39 3.46 -5.34 -2.31
C ARG B 39 3.36 -6.86 -2.56
N CYS B 40 2.87 -7.57 -1.54
CA CYS B 40 2.73 -9.02 -1.60
C CYS B 40 1.31 -9.37 -2.09
N THR B 41 1.22 -10.44 -2.88
CA THR B 41 -0.04 -10.89 -3.48
C THR B 41 -0.82 -11.80 -2.54
N ARG B 42 -2.14 -11.63 -2.53
CA ARG B 42 -3.02 -12.42 -1.68
C ARG B 42 -4.06 -13.16 -2.54
N CYS B 43 -4.58 -14.27 -2.03
CA CYS B 43 -5.56 -15.07 -2.77
C CYS B 43 -6.93 -14.99 -2.07
N ASP B 44 -7.99 -15.22 -2.83
CA ASP B 44 -9.36 -15.13 -2.31
C ASP B 44 -9.96 -16.51 -2.05
N SER B 45 -11.09 -16.54 -1.34
CA SER B 45 -11.78 -17.79 -1.02
C SER B 45 -11.91 -18.66 -2.26
N GLY B 46 -11.86 -19.98 -2.06
CA GLY B 46 -11.92 -20.93 -3.17
C GLY B 46 -10.51 -21.19 -3.74
N GLU B 47 -9.54 -20.32 -3.37
CA GLU B 47 -8.17 -20.47 -3.82
C GLU B 47 -7.26 -20.64 -2.59
N VAL B 48 -6.19 -21.42 -2.74
CA VAL B 48 -5.26 -21.68 -1.63
C VAL B 48 -3.89 -21.07 -1.92
N GLU B 49 -3.13 -20.77 -0.86
CA GLU B 49 -1.78 -20.21 -1.00
C GLU B 49 -0.78 -21.34 -1.23
N LEU B 50 -0.12 -21.34 -2.39
CA LEU B 50 0.85 -22.39 -2.71
C LEU B 50 2.20 -22.12 -2.03
N SER B 51 2.65 -20.87 -2.11
CA SER B 51 3.92 -20.47 -1.51
C SER B 51 3.84 -19.02 -0.97
N PRO B 52 3.82 -18.80 0.35
CA PRO B 52 3.77 -17.40 0.92
C PRO B 52 4.99 -16.58 0.48
N CYS B 53 4.88 -15.24 0.54
CA CYS B 53 5.96 -14.35 0.12
C CYS B 53 6.76 -13.81 1.29
N THR B 54 8.07 -13.71 1.07
CA THR B 54 8.99 -13.15 2.05
C THR B 54 9.68 -11.96 1.42
N THR B 55 10.54 -11.30 2.16
CA THR B 55 11.28 -10.16 1.63
C THR B 55 12.06 -10.58 0.36
N THR B 56 12.17 -11.90 0.08
CA THR B 56 12.90 -12.37 -1.10
C THR B 56 12.04 -13.30 -1.99
N ARG B 57 10.71 -13.34 -1.80
CA ARG B 57 9.85 -14.22 -2.59
C ARG B 57 8.47 -13.63 -2.89
N ASN B 58 7.82 -14.20 -3.91
CA ASN B 58 6.50 -13.79 -4.36
C ASN B 58 5.44 -14.84 -4.00
N THR B 59 4.23 -14.39 -3.60
CA THR B 59 3.15 -15.31 -3.22
C THR B 59 2.40 -15.81 -4.46
N VAL B 60 2.12 -17.12 -4.46
CA VAL B 60 1.41 -17.76 -5.57
C VAL B 60 0.02 -18.20 -5.10
N CYS B 61 -0.94 -18.23 -6.03
CA CYS B 61 -2.31 -18.64 -5.69
C CYS B 61 -2.62 -19.99 -6.34
N GLN B 62 -3.46 -20.76 -5.66
CA GLN B 62 -3.85 -22.10 -6.08
C GLN B 62 -5.37 -22.20 -6.14
N CYS B 63 -5.87 -23.11 -6.96
CA CYS B 63 -7.32 -23.30 -7.11
C CYS B 63 -7.69 -24.68 -6.55
N GLU B 64 -8.86 -24.79 -5.92
CA GLU B 64 -9.28 -26.05 -5.31
C GLU B 64 -9.58 -27.10 -6.37
N GLU B 65 -9.38 -28.38 -5.99
CA GLU B 65 -9.61 -29.50 -6.91
C GLU B 65 -10.99 -29.40 -7.57
N GLY B 66 -11.06 -29.82 -8.84
CA GLY B 66 -12.33 -29.78 -9.60
C GLY B 66 -12.42 -28.52 -10.47
N THR B 67 -11.46 -27.59 -10.32
CA THR B 67 -11.47 -26.34 -11.10
C THR B 67 -10.23 -26.29 -12.00
N PHE B 68 -10.24 -25.43 -13.05
CA PHE B 68 -9.08 -25.34 -13.93
C PHE B 68 -8.80 -23.89 -14.37
N ARG B 69 -7.53 -23.55 -14.54
CA ARG B 69 -7.16 -22.18 -14.92
C ARG B 69 -5.93 -22.14 -15.84
N GLU B 70 -6.14 -21.69 -17.08
CA GLU B 70 -5.05 -21.57 -18.05
C GLU B 70 -4.48 -20.15 -18.02
N GLU B 71 -3.19 -20.01 -18.32
CA GLU B 71 -2.52 -18.71 -18.30
C GLU B 71 -3.24 -17.70 -19.20
N ASP B 72 -4.05 -18.19 -20.13
CA ASP B 72 -4.79 -17.36 -21.07
C ASP B 72 -6.16 -16.91 -20.50
N SER B 73 -6.45 -17.28 -19.24
CA SER B 73 -7.72 -16.92 -18.61
C SER B 73 -7.53 -15.77 -17.61
N PRO B 74 -8.54 -14.93 -17.37
CA PRO B 74 -8.43 -13.79 -16.42
C PRO B 74 -8.61 -14.20 -14.95
N GLU B 75 -7.58 -14.84 -14.38
CA GLU B 75 -7.62 -15.29 -12.97
C GLU B 75 -8.95 -16.00 -12.64
N MET B 76 -9.50 -16.71 -13.63
CA MET B 76 -10.76 -17.43 -13.44
C MET B 76 -10.50 -18.94 -13.40
N CYS B 77 -11.39 -19.69 -12.73
CA CYS B 77 -11.28 -21.13 -12.62
C CYS B 77 -12.56 -21.76 -13.18
N ARG B 78 -12.45 -22.88 -13.91
CA ARG B 78 -13.64 -23.53 -14.47
C ARG B 78 -13.68 -24.99 -14.06
N LYS B 79 -14.85 -25.59 -14.11
CA LYS B 79 -15.02 -26.98 -13.71
C LYS B 79 -14.31 -27.93 -14.67
N CYS B 80 -13.42 -28.74 -14.10
CA CYS B 80 -12.65 -29.71 -14.87
C CYS B 80 -13.56 -30.85 -15.32
N ARG B 81 -13.22 -31.45 -16.47
CA ARG B 81 -14.02 -32.55 -17.02
C ARG B 81 -13.68 -33.86 -16.30
N THR B 82 -14.71 -34.68 -16.09
CA THR B 82 -14.53 -35.97 -15.39
C THR B 82 -14.38 -37.14 -16.38
N GLY B 83 -14.78 -36.93 -17.64
CA GLY B 83 -14.69 -37.97 -18.66
C GLY B 83 -15.23 -37.47 -20.01
N CYS B 84 -14.47 -37.70 -21.08
CA CYS B 84 -14.86 -37.27 -22.42
C CYS B 84 -16.05 -38.11 -22.93
N PRO B 85 -16.79 -37.62 -23.93
CA PRO B 85 -17.97 -38.37 -24.48
C PRO B 85 -17.57 -39.78 -24.95
N ARG B 86 -18.58 -40.62 -25.23
CA ARG B 86 -18.33 -41.99 -25.67
C ARG B 86 -17.41 -41.99 -26.90
N GLY B 87 -16.39 -42.85 -26.87
CA GLY B 87 -15.44 -42.95 -27.98
C GLY B 87 -14.04 -42.51 -27.53
N MET B 88 -13.98 -41.50 -26.65
CA MET B 88 -12.71 -41.00 -26.14
C MET B 88 -12.33 -41.71 -24.84
N VAL B 89 -11.04 -41.71 -24.50
CA VAL B 89 -10.56 -42.37 -23.29
C VAL B 89 -9.75 -41.38 -22.42
N LYS B 90 -10.08 -41.33 -21.14
CA LYS B 90 -9.39 -40.45 -20.19
C LYS B 90 -8.01 -41.02 -19.87
N VAL B 91 -6.97 -40.19 -20.01
CA VAL B 91 -5.59 -40.64 -19.76
C VAL B 91 -4.76 -39.59 -19.01
N GLY B 92 -5.27 -38.34 -18.89
CA GLY B 92 -4.52 -37.28 -18.21
C GLY B 92 -5.16 -36.83 -16.90
N ASP B 93 -4.29 -36.39 -15.99
CA ASP B 93 -4.63 -35.90 -14.66
C ASP B 93 -5.04 -34.43 -14.72
N CYS B 94 -5.99 -34.02 -13.85
CA CYS B 94 -6.46 -32.63 -13.88
C CYS B 94 -5.86 -31.84 -12.71
N THR B 95 -5.21 -30.74 -13.09
CA THR B 95 -4.54 -29.83 -12.18
C THR B 95 -5.28 -28.49 -12.14
N PRO B 96 -5.40 -27.83 -10.99
CA PRO B 96 -6.13 -26.53 -10.87
C PRO B 96 -5.80 -25.57 -12.03
N TRP B 97 -4.66 -25.77 -12.71
CA TRP B 97 -4.26 -24.92 -13.83
C TRP B 97 -4.73 -25.53 -15.19
N SER B 98 -4.45 -26.82 -15.42
CA SER B 98 -4.80 -27.50 -16.68
C SER B 98 -5.99 -28.46 -16.54
N ASP B 99 -6.56 -28.87 -17.67
CA ASP B 99 -7.70 -29.81 -17.70
C ASP B 99 -7.21 -31.24 -17.97
N ILE B 100 -8.14 -32.21 -17.95
CA ILE B 100 -7.80 -33.62 -18.20
C ILE B 100 -7.33 -33.84 -19.64
N GLU B 101 -6.82 -35.04 -19.92
CA GLU B 101 -6.38 -35.39 -21.28
C GLU B 101 -7.17 -36.58 -21.81
N CYS B 102 -7.63 -36.47 -23.06
CA CYS B 102 -8.38 -37.55 -23.69
C CYS B 102 -7.67 -38.00 -24.96
N VAL B 103 -7.69 -39.30 -25.22
CA VAL B 103 -7.03 -39.88 -26.40
C VAL B 103 -7.93 -40.95 -27.03
N HIS B 104 -7.97 -40.96 -28.37
CA HIS B 104 -8.79 -41.95 -29.10
C HIS B 104 -7.89 -43.05 -29.66
N LYS B 105 -8.31 -44.31 -29.46
CA LYS B 105 -7.54 -45.46 -29.94
C LYS B 105 -8.49 -46.52 -30.54
N GLU B 106 -9.40 -47.02 -29.71
CA GLU B 106 -10.37 -48.04 -30.14
C GLU B 106 -11.37 -48.33 -29.03
N SER B 107 -12.66 -48.15 -29.34
CA SER B 107 -13.72 -48.41 -28.36
C SER B 107 -15.05 -48.72 -29.07
N GLY B 108 -15.22 -49.99 -29.45
CA GLY B 108 -16.44 -50.42 -30.15
C GLY B 108 -16.60 -49.70 -31.49
N ASP B 109 -15.47 -49.46 -32.17
CA ASP B 109 -15.49 -48.79 -33.47
C ASP B 109 -15.47 -49.80 -34.62
N SER C 1 -32.46 -18.32 -9.63
CA SER C 1 -31.54 -17.72 -8.63
C SER C 1 -30.93 -16.44 -9.20
N GLU C 2 -30.20 -15.71 -8.36
CA GLU C 2 -29.56 -14.46 -8.79
C GLU C 2 -28.12 -14.36 -8.24
N GLY C 3 -27.88 -14.93 -7.06
CA GLY C 3 -26.55 -14.91 -6.44
C GLY C 3 -26.13 -13.48 -6.03
N LEU C 4 -27.11 -12.57 -5.94
CA LEU C 4 -26.83 -11.18 -5.56
C LEU C 4 -27.60 -10.81 -4.29
N CYS C 5 -27.05 -9.89 -3.50
CA CYS C 5 -27.69 -9.45 -2.26
C CYS C 5 -27.93 -7.93 -2.32
N PRO C 6 -29.03 -7.42 -1.73
CA PRO C 6 -29.34 -5.96 -1.76
C PRO C 6 -28.35 -5.15 -0.90
N PRO C 7 -28.33 -3.81 -1.02
CA PRO C 7 -27.40 -2.96 -0.22
C PRO C 7 -27.58 -3.15 1.28
N GLY C 8 -26.47 -3.43 1.97
CA GLY C 8 -26.50 -3.65 3.42
C GLY C 8 -26.34 -5.14 3.77
N HIS C 9 -26.18 -6.01 2.75
CA HIS C 9 -26.04 -7.43 2.96
C HIS C 9 -24.94 -8.04 2.08
N HIS C 10 -24.27 -9.08 2.60
CA HIS C 10 -23.22 -9.78 1.85
C HIS C 10 -23.61 -11.26 1.72
N ILE C 11 -23.10 -11.94 0.69
CA ILE C 11 -23.46 -13.35 0.46
C ILE C 11 -22.28 -14.31 0.67
N SER C 12 -22.59 -15.55 1.06
CA SER C 12 -21.58 -16.57 1.32
C SER C 12 -20.92 -17.01 0.01
N GLU C 13 -19.82 -17.78 0.13
CA GLU C 13 -19.10 -18.27 -1.03
C GLU C 13 -19.96 -19.25 -1.84
N ASP C 14 -20.75 -20.06 -1.13
CA ASP C 14 -21.62 -21.04 -1.78
C ASP C 14 -22.93 -20.39 -2.29
N GLY C 15 -23.12 -19.08 -2.02
CA GLY C 15 -24.31 -18.38 -2.49
C GLY C 15 -25.64 -18.89 -1.88
N ARG C 16 -25.62 -19.97 -1.08
CA ARG C 16 -26.85 -20.52 -0.50
C ARG C 16 -27.43 -19.63 0.62
N ASP C 17 -26.64 -18.70 1.16
CA ASP C 17 -27.14 -17.83 2.24
C ASP C 17 -26.52 -16.44 2.18
N CYS C 18 -27.24 -15.46 2.74
CA CYS C 18 -26.78 -14.07 2.78
C CYS C 18 -26.85 -13.54 4.21
N ILE C 19 -25.78 -12.86 4.64
CA ILE C 19 -25.71 -12.30 6.00
C ILE C 19 -25.89 -10.78 5.97
N SER C 20 -26.54 -10.27 7.01
CA SER C 20 -26.82 -8.84 7.15
C SER C 20 -25.66 -8.09 7.80
N CYS C 21 -25.44 -6.86 7.32
CA CYS C 21 -24.39 -5.98 7.84
C CYS C 21 -25.09 -4.84 8.58
N LYS C 22 -24.55 -4.42 9.74
CA LYS C 22 -25.21 -3.39 10.55
C LYS C 22 -24.48 -2.04 10.50
N TYR C 23 -25.28 -0.98 10.59
CA TYR C 23 -24.78 0.39 10.60
C TYR C 23 -23.66 0.53 11.63
N GLY C 24 -22.63 1.33 11.30
CA GLY C 24 -21.50 1.54 12.20
C GLY C 24 -20.39 0.49 12.05
N GLN C 25 -20.71 -0.75 11.59
CA GLN C 25 -19.68 -1.76 11.38
C GLN C 25 -19.22 -1.71 9.93
N ASP C 26 -20.18 -1.91 9.02
CA ASP C 26 -19.93 -1.86 7.58
C ASP C 26 -21.25 -1.59 6.86
N TYR C 27 -21.17 -1.20 5.58
CA TYR C 27 -22.38 -0.91 4.79
C TYR C 27 -22.14 -1.16 3.30
N SER C 28 -23.20 -1.03 2.51
CA SER C 28 -23.13 -1.18 1.06
C SER C 28 -24.09 -0.16 0.42
N THR C 29 -23.61 0.58 -0.58
CA THR C 29 -24.43 1.61 -1.24
C THR C 29 -25.28 1.00 -2.36
N HIS C 30 -24.73 0.00 -3.06
CA HIS C 30 -25.44 -0.66 -4.15
C HIS C 30 -25.33 -2.18 -4.01
N TRP C 31 -26.21 -2.91 -4.72
CA TRP C 31 -26.19 -4.38 -4.67
C TRP C 31 -24.78 -4.90 -4.91
N ASN C 32 -24.44 -6.04 -4.28
CA ASN C 32 -23.10 -6.60 -4.42
C ASN C 32 -23.10 -8.11 -4.20
N ASP C 33 -21.94 -8.73 -4.47
CA ASP C 33 -21.76 -10.17 -4.31
C ASP C 33 -20.38 -10.47 -3.70
N LEU C 34 -20.22 -10.12 -2.41
CA LEU C 34 -18.96 -10.34 -1.70
C LEU C 34 -19.19 -10.99 -0.34
N LEU C 35 -18.09 -11.30 0.36
CA LEU C 35 -18.17 -11.91 1.69
C LEU C 35 -18.11 -10.84 2.79
N PHE C 36 -17.45 -9.72 2.49
CA PHE C 36 -17.32 -8.59 3.42
C PHE C 36 -18.19 -7.43 2.91
N CYS C 37 -18.45 -6.46 3.79
CA CYS C 37 -19.25 -5.30 3.44
C CYS C 37 -18.33 -4.09 3.34
N LEU C 38 -18.78 -3.02 2.67
CA LEU C 38 -17.93 -1.83 2.52
C LEU C 38 -17.71 -1.21 3.90
N ARG C 39 -16.44 -0.99 4.22
CA ARG C 39 -16.03 -0.45 5.51
C ARG C 39 -16.57 0.97 5.74
N CYS C 40 -16.77 1.29 7.01
CA CYS C 40 -17.30 2.61 7.41
C CYS C 40 -16.11 3.55 7.68
N THR C 41 -16.27 4.81 7.30
CA THR C 41 -15.20 5.80 7.44
C THR C 41 -15.19 6.43 8.83
N ARG C 42 -13.99 6.62 9.36
CA ARG C 42 -13.78 7.21 10.67
C ARG C 42 -12.77 8.35 10.57
N CYS C 43 -12.83 9.31 11.50
CA CYS C 43 -11.93 10.46 11.46
C CYS C 43 -10.96 10.42 12.64
N ASP C 44 -9.76 10.96 12.44
CA ASP C 44 -8.72 10.97 13.47
C ASP C 44 -8.84 12.18 14.39
N SER C 45 -8.09 12.16 15.50
CA SER C 45 -8.11 13.24 16.47
C SER C 45 -7.94 14.59 15.77
N GLY C 46 -8.75 15.57 16.17
CA GLY C 46 -8.72 16.90 15.56
C GLY C 46 -9.80 17.01 14.47
N GLU C 47 -10.35 15.86 14.02
CA GLU C 47 -11.39 15.85 13.01
C GLU C 47 -12.70 15.31 13.59
N VAL C 48 -13.82 15.86 13.13
CA VAL C 48 -15.14 15.44 13.60
C VAL C 48 -15.93 14.78 12.46
N GLU C 49 -16.88 13.92 12.81
CA GLU C 49 -17.72 13.25 11.81
C GLU C 49 -18.89 14.17 11.43
N LEU C 50 -18.93 14.60 10.17
CA LEU C 50 -19.99 15.49 9.70
C LEU C 50 -21.32 14.73 9.65
N SER C 51 -21.26 13.50 9.12
CA SER C 51 -22.45 12.66 9.02
C SER C 51 -22.04 11.19 9.26
N PRO C 52 -22.67 10.46 10.20
CA PRO C 52 -22.33 9.03 10.47
C PRO C 52 -22.74 8.11 9.32
N CYS C 53 -22.15 6.90 9.26
CA CYS C 53 -22.47 5.96 8.18
C CYS C 53 -23.44 4.91 8.69
N THR C 54 -24.53 4.75 7.94
CA THR C 54 -25.55 3.77 8.27
C THR C 54 -25.38 2.56 7.36
N THR C 55 -26.24 1.56 7.52
CA THR C 55 -26.16 0.36 6.69
C THR C 55 -26.23 0.72 5.20
N THR C 56 -26.72 1.93 4.87
CA THR C 56 -26.83 2.36 3.47
C THR C 56 -26.15 3.72 3.21
N ARG C 57 -25.30 4.22 4.14
CA ARG C 57 -24.64 5.53 3.93
C ARG C 57 -23.16 5.54 4.34
N ASN C 58 -22.42 6.51 3.80
CA ASN C 58 -21.00 6.68 4.04
C ASN C 58 -20.70 7.87 4.98
N THR C 59 -19.73 7.71 5.89
CA THR C 59 -19.36 8.78 6.85
C THR C 59 -18.38 9.78 6.24
N VAL C 60 -18.62 11.06 6.52
CA VAL C 60 -17.77 12.15 6.03
C VAL C 60 -16.95 12.71 7.20
N CYS C 61 -15.75 13.24 6.91
CA CYS C 61 -14.89 13.79 7.96
C CYS C 61 -14.78 15.31 7.86
N GLN C 62 -14.68 15.94 9.02
CA GLN C 62 -14.60 17.38 9.16
C GLN C 62 -13.42 17.74 10.05
N CYS C 63 -12.90 18.96 9.89
CA CYS C 63 -11.75 19.41 10.70
C CYS C 63 -12.23 20.54 11.60
N GLU C 64 -11.60 20.69 12.77
CA GLU C 64 -12.01 21.69 13.76
C GLU C 64 -11.71 23.11 13.28
N GLU C 65 -12.61 24.03 13.65
CA GLU C 65 -12.50 25.44 13.28
C GLU C 65 -11.11 25.98 13.62
N GLY C 66 -10.65 26.95 12.83
CA GLY C 66 -9.32 27.54 13.03
C GLY C 66 -8.29 26.89 12.10
N THR C 67 -8.59 25.69 11.59
CA THR C 67 -7.69 24.97 10.70
C THR C 67 -8.27 24.93 9.27
N PHE C 68 -7.44 24.67 8.23
CA PHE C 68 -7.94 24.65 6.85
C PHE C 68 -7.28 23.54 6.00
N ARG C 69 -8.06 22.99 5.05
CA ARG C 69 -7.54 21.94 4.16
C ARG C 69 -8.09 22.11 2.74
N GLU C 70 -7.19 22.43 1.81
CA GLU C 70 -7.58 22.61 0.40
C GLU C 70 -7.89 21.25 -0.23
N GLU C 71 -8.82 21.24 -1.20
CA GLU C 71 -9.19 20.00 -1.89
C GLU C 71 -7.98 19.35 -2.58
N ASP C 72 -6.95 20.16 -2.81
CA ASP C 72 -5.72 19.69 -3.47
C ASP C 72 -4.66 19.26 -2.44
N SER C 73 -4.76 19.77 -1.20
CA SER C 73 -3.81 19.42 -0.15
C SER C 73 -3.88 17.92 0.21
N PRO C 74 -2.79 17.29 0.66
CA PRO C 74 -2.78 15.85 1.01
C PRO C 74 -4.01 15.41 1.82
N GLU C 75 -3.98 15.64 3.15
CA GLU C 75 -5.11 15.27 4.02
C GLU C 75 -4.92 15.82 5.43
N MET C 76 -4.39 17.03 5.53
CA MET C 76 -4.15 17.69 6.82
C MET C 76 -4.86 19.04 6.86
N CYS C 77 -4.91 19.65 8.06
CA CYS C 77 -5.55 20.95 8.24
C CYS C 77 -4.51 21.92 8.82
N ARG C 78 -4.49 23.18 8.36
CA ARG C 78 -3.49 24.15 8.87
C ARG C 78 -4.18 25.36 9.49
N LYS C 79 -3.49 26.02 10.40
CA LYS C 79 -4.04 27.18 11.09
C LYS C 79 -4.24 28.37 10.16
N CYS C 80 -5.48 28.86 10.10
CA CYS C 80 -5.84 30.00 9.27
C CYS C 80 -5.18 31.25 9.87
N ARG C 81 -5.12 32.33 9.08
CA ARG C 81 -4.49 33.57 9.56
C ARG C 81 -5.48 34.37 10.41
N THR C 82 -5.02 34.79 11.60
CA THR C 82 -5.86 35.56 12.52
C THR C 82 -5.75 37.08 12.26
N GLY C 83 -5.10 37.47 11.16
CA GLY C 83 -4.93 38.88 10.81
C GLY C 83 -4.09 39.03 9.54
N CYS C 84 -4.72 39.52 8.47
CA CYS C 84 -4.04 39.71 7.19
C CYS C 84 -2.74 40.52 7.37
N PRO C 85 -1.78 40.41 6.46
CA PRO C 85 -0.48 41.17 6.56
C PRO C 85 -0.70 42.67 6.79
N ARG C 86 0.34 43.36 7.26
CA ARG C 86 0.25 44.80 7.52
C ARG C 86 -0.25 45.55 6.28
N GLY C 87 -1.26 46.40 6.47
CA GLY C 87 -1.83 47.17 5.36
C GLY C 87 -2.88 46.34 4.59
N MET C 88 -3.52 45.39 5.29
CA MET C 88 -4.54 44.54 4.67
C MET C 88 -5.84 44.59 5.48
N VAL C 89 -6.91 44.02 4.93
CA VAL C 89 -8.21 44.00 5.62
C VAL C 89 -8.82 42.60 5.57
N LYS C 90 -9.45 42.21 6.68
CA LYS C 90 -10.11 40.91 6.79
C LYS C 90 -11.50 41.00 6.16
N VAL C 91 -11.89 39.99 5.38
CA VAL C 91 -13.20 40.02 4.72
C VAL C 91 -13.77 38.61 4.49
N GLY C 92 -12.93 37.55 4.48
CA GLY C 92 -13.44 36.20 4.25
C GLY C 92 -13.32 35.31 5.49
N ASP C 93 -14.28 34.38 5.58
CA ASP C 93 -14.40 33.40 6.65
C ASP C 93 -13.56 32.17 6.36
N CYS C 94 -13.02 31.54 7.42
CA CYS C 94 -12.18 30.35 7.24
C CYS C 94 -12.97 29.11 7.66
N THR C 95 -13.04 28.18 6.71
CA THR C 95 -13.75 26.92 6.84
C THR C 95 -12.74 25.77 6.87
N PRO C 96 -12.96 24.72 7.66
CA PRO C 96 -11.97 23.57 7.75
C PRO C 96 -11.43 23.16 6.37
N TRP C 97 -12.17 23.47 5.30
CA TRP C 97 -11.72 23.15 3.93
C TRP C 97 -11.09 24.39 3.23
N SER C 98 -11.59 25.61 3.51
CA SER C 98 -11.07 26.84 2.89
C SER C 98 -10.23 27.68 3.85
N ASP C 99 -9.48 28.66 3.30
CA ASP C 99 -8.64 29.54 4.11
C ASP C 99 -9.23 30.96 4.16
N ILE C 100 -8.69 31.81 5.05
CA ILE C 100 -9.16 33.21 5.20
C ILE C 100 -8.95 33.99 3.91
N GLU C 101 -9.71 35.08 3.73
CA GLU C 101 -9.57 35.92 2.54
C GLU C 101 -9.18 37.35 2.95
N CYS C 102 -8.16 37.90 2.27
CA CYS C 102 -7.72 39.25 2.54
C CYS C 102 -7.82 40.10 1.28
N VAL C 103 -8.21 41.36 1.47
CA VAL C 103 -8.36 42.31 0.35
C VAL C 103 -7.73 43.66 0.74
N HIS C 104 -7.38 44.46 -0.27
CA HIS C 104 -6.77 45.77 -0.06
C HIS C 104 -7.82 46.88 -0.14
N LYS C 105 -7.70 47.89 0.74
CA LYS C 105 -8.62 49.03 0.79
C LYS C 105 -10.05 48.59 1.14
N GLU C 106 -10.77 47.98 0.19
CA GLU C 106 -12.14 47.53 0.43
C GLU C 106 -13.02 48.69 0.87
N SER C 107 -13.78 49.26 -0.08
CA SER C 107 -14.66 50.39 0.20
C SER C 107 -13.88 51.53 0.86
N GLY C 108 -13.48 52.52 0.05
CA GLY C 108 -12.74 53.67 0.54
C GLY C 108 -13.59 54.51 1.49
N ASP C 109 -12.94 55.20 2.43
CA ASP C 109 -13.65 56.04 3.40
C ASP C 109 -14.71 55.23 4.14
N SER A 1 40.14 0.82 -12.73
CA SER A 1 39.59 1.76 -11.71
C SER A 1 39.43 1.03 -10.38
N GLU A 2 40.35 1.29 -9.45
CA GLU A 2 40.32 0.66 -8.13
C GLU A 2 40.53 1.72 -7.02
N GLY A 3 39.99 2.92 -7.24
CA GLY A 3 40.11 4.00 -6.26
C GLY A 3 38.91 4.04 -5.33
N LEU A 4 38.69 2.94 -4.59
CA LEU A 4 37.58 2.85 -3.66
C LEU A 4 38.07 2.53 -2.24
N CYS A 5 37.28 2.92 -1.23
CA CYS A 5 37.65 2.67 0.17
C CYS A 5 36.56 1.81 0.86
N PRO A 6 36.92 0.83 1.71
CA PRO A 6 35.92 -0.04 2.39
C PRO A 6 34.98 0.75 3.35
N PRO A 7 33.89 0.14 3.83
CA PRO A 7 32.94 0.84 4.75
C PRO A 7 33.67 1.44 5.96
N GLY A 8 33.18 2.61 6.41
CA GLY A 8 33.78 3.31 7.55
C GLY A 8 34.98 4.17 7.11
N HIS A 9 35.44 4.00 5.86
CA HIS A 9 36.59 4.74 5.35
C HIS A 9 36.25 5.40 4.00
N HIS A 10 37.03 6.42 3.64
CA HIS A 10 36.85 7.14 2.38
C HIS A 10 38.21 7.35 1.70
N ILE A 11 38.22 7.53 0.37
CA ILE A 11 39.47 7.69 -0.38
C ILE A 11 39.59 9.12 -0.95
N SER A 12 40.83 9.59 -1.10
CA SER A 12 41.11 10.92 -1.62
C SER A 12 40.90 10.98 -3.14
N GLU A 13 41.07 12.18 -3.72
CA GLU A 13 40.91 12.38 -5.16
C GLU A 13 42.02 11.67 -5.94
N ASP A 14 43.23 11.64 -5.37
CA ASP A 14 44.37 11.00 -6.03
C ASP A 14 44.34 9.46 -5.90
N GLY A 15 43.34 8.93 -5.16
CA GLY A 15 43.20 7.48 -5.00
C GLY A 15 44.38 6.77 -4.30
N ARG A 16 45.48 7.49 -3.96
CA ARG A 16 46.63 6.85 -3.31
C ARG A 16 46.58 6.99 -1.77
N ASP A 17 45.45 7.45 -1.22
CA ASP A 17 45.32 7.61 0.23
C ASP A 17 43.87 7.47 0.69
N CYS A 18 43.69 6.81 1.84
CA CYS A 18 42.35 6.61 2.43
C CYS A 18 42.38 7.07 3.88
N ILE A 19 41.30 7.72 4.33
CA ILE A 19 41.23 8.23 5.72
C ILE A 19 40.04 7.60 6.47
N SER A 20 40.27 7.36 7.76
CA SER A 20 39.29 6.76 8.65
C SER A 20 38.26 7.79 9.15
N CYS A 21 37.00 7.35 9.29
CA CYS A 21 35.92 8.22 9.76
C CYS A 21 35.55 7.77 11.18
N LYS A 22 35.02 8.70 11.99
CA LYS A 22 34.70 8.39 13.38
C LYS A 22 33.25 7.96 13.57
N TYR A 23 33.03 7.05 14.51
CA TYR A 23 31.69 6.55 14.83
C TYR A 23 30.81 7.76 15.21
N GLY A 24 29.59 7.78 14.72
CA GLY A 24 28.63 8.85 15.03
C GLY A 24 28.75 10.13 14.15
N GLN A 25 29.93 10.44 13.56
CA GLN A 25 30.05 11.65 12.72
C GLN A 25 29.30 11.47 11.39
N ASP A 26 29.77 10.49 10.62
CA ASP A 26 29.19 10.17 9.31
C ASP A 26 29.50 8.69 9.02
N TYR A 27 28.86 8.08 8.02
CA TYR A 27 29.11 6.66 7.74
C TYR A 27 29.15 6.31 6.27
N SER A 28 29.60 5.08 6.04
CA SER A 28 29.61 4.51 4.71
C SER A 28 29.04 3.08 4.84
N THR A 29 28.02 2.78 4.04
CA THR A 29 27.40 1.45 4.07
C THR A 29 28.01 0.50 3.04
N HIS A 30 28.34 1.07 1.87
CA HIS A 30 28.91 0.31 0.76
C HIS A 30 30.24 0.95 0.34
N TRP A 31 31.06 0.20 -0.42
CA TRP A 31 32.36 0.73 -0.87
C TRP A 31 32.18 2.13 -1.46
N ASN A 32 32.81 3.12 -0.82
CA ASN A 32 32.68 4.51 -1.25
C ASN A 32 33.88 4.95 -2.10
N ASP A 33 33.60 5.78 -3.10
CA ASP A 33 34.63 6.31 -3.99
C ASP A 33 34.63 7.84 -3.89
N LEU A 34 34.74 8.34 -2.66
CA LEU A 34 34.75 9.78 -2.40
C LEU A 34 35.67 10.12 -1.23
N LEU A 35 35.81 11.41 -0.95
CA LEU A 35 36.67 11.89 0.15
C LEU A 35 35.84 12.18 1.42
N PHE A 36 34.51 12.03 1.34
CA PHE A 36 33.63 12.31 2.47
C PHE A 36 32.89 11.04 2.92
N CYS A 37 32.34 11.10 4.13
CA CYS A 37 31.56 9.99 4.69
C CYS A 37 30.10 10.44 4.69
N LEU A 38 29.16 9.53 4.36
CA LEU A 38 27.75 9.92 4.27
C LEU A 38 27.14 10.23 5.62
N ARG A 39 25.93 10.75 5.58
CA ARG A 39 25.20 11.18 6.78
C ARG A 39 24.41 10.02 7.40
N CYS A 40 24.27 10.06 8.73
CA CYS A 40 23.52 9.03 9.45
C CYS A 40 22.07 9.52 9.66
N THR A 41 21.13 8.57 9.68
CA THR A 41 19.71 8.92 9.83
C THR A 41 19.21 8.68 11.27
N ARG A 42 18.38 9.60 11.74
CA ARG A 42 17.82 9.53 13.09
C ARG A 42 16.28 9.50 13.00
N CYS A 43 15.63 8.91 14.01
CA CYS A 43 14.16 8.79 14.00
C CYS A 43 13.52 9.65 15.10
N ASP A 44 12.25 10.01 14.88
CA ASP A 44 11.49 10.82 15.83
C ASP A 44 10.24 10.07 16.30
N SER A 45 9.59 10.61 17.35
CA SER A 45 8.39 9.99 17.92
C SER A 45 7.40 9.62 16.80
N GLY A 46 6.66 8.54 17.02
CA GLY A 46 5.70 8.04 16.02
C GLY A 46 6.39 7.05 15.06
N GLU A 47 7.73 7.05 15.08
CA GLU A 47 8.52 6.15 14.23
C GLU A 47 9.34 5.20 15.10
N VAL A 48 9.65 4.02 14.56
CA VAL A 48 10.42 3.00 15.30
C VAL A 48 11.79 2.79 14.67
N GLU A 49 12.79 2.66 15.53
CA GLU A 49 14.16 2.40 15.11
C GLU A 49 14.41 0.89 15.11
N LEU A 50 14.82 0.32 13.96
CA LEU A 50 15.07 -1.12 13.88
C LEU A 50 16.55 -1.48 14.00
N SER A 51 17.45 -0.64 13.46
CA SER A 51 18.89 -0.94 13.52
C SER A 51 19.75 0.29 13.89
N PRO A 52 20.92 0.09 14.52
CA PRO A 52 21.87 1.19 14.93
C PRO A 52 22.73 1.80 13.79
N CYS A 53 23.24 3.02 14.03
CA CYS A 53 24.12 3.73 13.09
C CYS A 53 25.59 3.54 13.52
N THR A 54 26.45 3.13 12.58
CA THR A 54 27.88 2.93 12.87
C THR A 54 28.69 2.93 11.57
N THR A 55 30.03 3.03 11.69
CA THR A 55 30.91 3.06 10.50
C THR A 55 30.67 1.83 9.60
N THR A 56 30.03 0.80 10.15
CA THR A 56 29.71 -0.41 9.38
C THR A 56 28.20 -0.73 9.43
N ARG A 57 27.40 0.17 10.03
CA ARG A 57 25.95 -0.04 10.14
C ARG A 57 25.18 1.26 9.87
N ASN A 58 23.92 1.10 9.47
CA ASN A 58 23.03 2.23 9.16
C ASN A 58 21.77 2.14 10.02
N THR A 59 21.25 3.27 10.51
CA THR A 59 20.05 3.25 11.35
C THR A 59 18.81 3.19 10.47
N VAL A 60 17.86 2.37 10.92
CA VAL A 60 16.63 2.16 10.18
C VAL A 60 15.48 2.90 10.83
N CYS A 61 14.70 3.56 9.98
CA CYS A 61 13.53 4.27 10.41
C CYS A 61 12.31 3.56 9.83
N GLN A 62 11.28 3.48 10.63
CA GLN A 62 10.04 2.84 10.27
C GLN A 62 8.90 3.58 10.96
N CYS A 63 7.70 3.55 10.40
CA CYS A 63 6.58 4.27 11.01
C CYS A 63 5.55 3.25 11.54
N GLU A 64 4.76 3.68 12.53
CA GLU A 64 3.79 2.79 13.17
C GLU A 64 2.65 2.42 12.23
N GLU A 65 2.15 1.19 12.36
CA GLU A 65 1.06 0.69 11.52
C GLU A 65 -0.11 1.66 11.51
N GLY A 66 -0.79 1.75 10.36
CA GLY A 66 -1.93 2.65 10.20
C GLY A 66 -1.52 3.96 9.52
N THR A 67 -0.21 4.24 9.44
CA THR A 67 0.30 5.45 8.81
C THR A 67 1.10 5.10 7.53
N PHE A 68 1.29 6.08 6.63
CA PHE A 68 2.04 5.82 5.39
C PHE A 68 2.88 7.03 4.93
N ARG A 69 3.93 6.77 4.13
CA ARG A 69 4.79 7.87 3.64
C ARG A 69 4.71 7.96 2.12
N GLU A 70 4.14 9.07 1.65
CA GLU A 70 4.01 9.34 0.21
C GLU A 70 5.20 10.16 -0.25
N GLU A 71 5.59 10.00 -1.51
CA GLU A 71 6.75 10.71 -2.07
C GLU A 71 6.66 12.23 -1.85
N ASP A 72 5.46 12.72 -1.58
CA ASP A 72 5.23 14.15 -1.35
C ASP A 72 5.33 14.51 0.15
N SER A 73 5.78 13.58 0.99
CA SER A 73 5.91 13.82 2.43
C SER A 73 7.36 14.23 2.79
N PRO A 74 7.59 15.41 3.40
CA PRO A 74 8.98 15.84 3.77
C PRO A 74 9.66 14.84 4.71
N GLU A 75 8.90 14.37 5.71
CA GLU A 75 9.41 13.41 6.70
C GLU A 75 8.30 13.05 7.71
N MET A 76 7.10 12.78 7.18
CA MET A 76 5.94 12.45 8.03
C MET A 76 5.22 11.21 7.48
N CYS A 77 4.28 10.69 8.28
CA CYS A 77 3.48 9.53 7.90
C CYS A 77 2.01 9.95 7.96
N ARG A 78 1.15 9.38 7.11
CA ARG A 78 -0.27 9.79 7.09
C ARG A 78 -1.17 8.58 7.29
N LYS A 79 -2.36 8.80 7.81
CA LYS A 79 -3.28 7.69 8.06
C LYS A 79 -3.71 7.07 6.74
N CYS A 80 -3.59 5.74 6.68
CA CYS A 80 -3.93 4.99 5.47
C CYS A 80 -5.43 5.10 5.23
N ARG A 81 -5.84 4.80 3.99
CA ARG A 81 -7.26 4.89 3.62
C ARG A 81 -8.13 4.18 4.65
N THR A 82 -9.11 4.89 5.17
CA THR A 82 -10.03 4.35 6.17
C THR A 82 -11.25 3.66 5.49
N GLY A 83 -11.12 3.39 4.18
CA GLY A 83 -12.19 2.75 3.41
C GLY A 83 -12.04 3.08 1.92
N CYS A 84 -11.87 2.04 1.09
CA CYS A 84 -11.70 2.22 -0.35
C CYS A 84 -12.71 3.24 -0.92
N PRO A 85 -12.46 3.83 -2.10
CA PRO A 85 -13.38 4.84 -2.72
C PRO A 85 -14.89 4.61 -2.44
N ARG A 86 -15.63 3.93 -3.33
CA ARG A 86 -17.07 3.69 -3.11
C ARG A 86 -17.50 2.32 -3.66
N GLY A 87 -16.93 1.93 -4.81
CA GLY A 87 -17.27 0.65 -5.44
C GLY A 87 -16.02 -0.20 -5.61
N MET A 88 -15.18 -0.23 -4.57
CA MET A 88 -13.94 -1.02 -4.60
C MET A 88 -13.92 -1.94 -3.38
N VAL A 89 -12.90 -2.81 -3.30
CA VAL A 89 -12.78 -3.74 -2.17
C VAL A 89 -11.42 -3.68 -1.49
N LYS A 90 -11.41 -4.16 -0.25
CA LYS A 90 -10.21 -4.22 0.58
C LYS A 90 -9.38 -5.44 0.17
N VAL A 91 -8.13 -5.21 -0.26
CA VAL A 91 -7.29 -6.33 -0.71
C VAL A 91 -5.80 -6.12 -0.39
N GLY A 92 -5.35 -4.85 -0.16
CA GLY A 92 -3.92 -4.62 0.11
C GLY A 92 -3.63 -4.15 1.52
N ASP A 93 -2.43 -4.53 1.97
CA ASP A 93 -1.86 -4.21 3.28
C ASP A 93 -1.16 -2.85 3.25
N CYS A 94 -1.20 -2.12 4.38
CA CYS A 94 -0.59 -0.80 4.44
C CYS A 94 0.72 -0.86 5.22
N THR A 95 1.78 -0.37 4.58
CA THR A 95 3.11 -0.35 5.14
C THR A 95 3.49 1.09 5.51
N PRO A 96 4.16 1.34 6.62
CA PRO A 96 4.50 2.72 7.06
C PRO A 96 5.00 3.61 5.90
N TRP A 97 5.53 2.98 4.84
CA TRP A 97 6.01 3.73 3.67
C TRP A 97 4.96 3.73 2.53
N SER A 98 4.25 2.61 2.30
CA SER A 98 3.25 2.51 1.21
C SER A 98 1.80 2.57 1.71
N ASP A 99 0.86 2.80 0.77
CA ASP A 99 -0.57 2.88 1.09
C ASP A 99 -1.28 1.53 0.83
N ILE A 100 -2.60 1.47 1.11
CA ILE A 100 -3.38 0.24 0.90
C ILE A 100 -3.71 0.02 -0.57
N GLU A 101 -4.35 -1.13 -0.88
CA GLU A 101 -4.75 -1.42 -2.26
C GLU A 101 -6.26 -1.68 -2.34
N CYS A 102 -6.89 -1.12 -3.38
CA CYS A 102 -8.31 -1.29 -3.62
C CYS A 102 -8.50 -1.94 -4.98
N VAL A 103 -9.53 -2.79 -5.11
CA VAL A 103 -9.78 -3.48 -6.39
C VAL A 103 -11.24 -3.29 -6.81
N HIS A 104 -11.46 -3.12 -8.12
CA HIS A 104 -12.80 -2.93 -8.68
C HIS A 104 -13.29 -4.21 -9.35
N LYS A 105 -14.55 -4.58 -9.09
CA LYS A 105 -15.15 -5.78 -9.67
C LYS A 105 -16.60 -5.50 -10.10
N GLU A 106 -17.43 -5.09 -9.12
CA GLU A 106 -18.83 -4.79 -9.39
C GLU A 106 -19.10 -3.28 -9.30
N SER A 107 -20.34 -2.88 -9.58
CA SER A 107 -20.73 -1.47 -9.54
C SER A 107 -19.82 -0.63 -10.45
N GLY A 108 -20.08 -0.71 -11.76
CA GLY A 108 -19.29 0.04 -12.75
C GLY A 108 -19.79 -0.23 -14.16
N ASP A 109 -20.05 -1.51 -14.46
CA ASP A 109 -20.55 -1.91 -15.79
C ASP A 109 -19.62 -1.39 -16.88
N SER B 1 28.87 7.23 -5.00
CA SER B 1 27.47 6.84 -4.67
C SER B 1 26.80 6.23 -5.91
N GLU B 2 26.73 4.89 -5.95
CA GLU B 2 26.12 4.20 -7.08
C GLU B 2 24.60 4.44 -7.11
N GLY B 3 23.99 4.41 -5.93
CA GLY B 3 22.55 4.63 -5.80
C GLY B 3 21.77 3.36 -6.17
N LEU B 4 22.12 2.24 -5.52
CA LEU B 4 21.45 0.97 -5.78
C LEU B 4 21.25 0.20 -4.46
N CYS B 5 20.11 -0.49 -4.34
CA CYS B 5 19.80 -1.26 -3.14
C CYS B 5 19.56 -2.76 -3.47
N PRO B 6 20.01 -3.70 -2.62
CA PRO B 6 19.81 -5.16 -2.89
C PRO B 6 18.33 -5.60 -2.71
N PRO B 7 17.97 -6.81 -3.14
CA PRO B 7 16.56 -7.31 -3.02
C PRO B 7 16.09 -7.34 -1.57
N GLY B 8 14.81 -7.04 -1.35
CA GLY B 8 14.23 -7.02 -0.01
C GLY B 8 14.42 -5.66 0.68
N HIS B 9 15.19 -4.75 0.06
CA HIS B 9 15.45 -3.44 0.64
C HIS B 9 14.95 -2.31 -0.28
N HIS B 10 14.73 -1.15 0.33
CA HIS B 10 14.25 0.05 -0.39
C HIS B 10 15.10 1.25 0.02
N ILE B 11 15.17 2.28 -0.84
CA ILE B 11 15.99 3.47 -0.56
C ILE B 11 15.12 4.70 -0.32
N SER B 12 15.34 5.39 0.81
CA SER B 12 14.54 6.58 1.14
C SER B 12 14.67 7.64 0.05
N GLU B 13 13.75 8.61 0.09
CA GLU B 13 13.71 9.70 -0.91
C GLU B 13 15.06 10.41 -1.03
N ASP B 14 15.80 10.49 0.07
CA ASP B 14 17.07 11.18 0.10
C ASP B 14 18.21 10.36 -0.55
N GLY B 15 17.93 9.12 -0.97
CA GLY B 15 18.93 8.30 -1.66
C GLY B 15 20.18 7.95 -0.79
N ARG B 16 20.29 8.47 0.44
CA ARG B 16 21.46 8.20 1.28
C ARG B 16 21.23 7.04 2.26
N ASP B 17 20.01 6.48 2.33
CA ASP B 17 19.75 5.40 3.27
C ASP B 17 18.87 4.30 2.66
N CYS B 18 19.15 3.05 3.03
CA CYS B 18 18.38 1.90 2.53
C CYS B 18 17.87 1.08 3.72
N ILE B 19 16.58 0.69 3.69
CA ILE B 19 15.97 -0.07 4.81
C ILE B 19 15.23 -1.35 4.34
N SER B 20 15.31 -2.34 5.21
CA SER B 20 14.70 -3.66 5.05
C SER B 20 13.16 -3.60 5.14
N CYS B 21 12.48 -4.50 4.40
CA CYS B 21 11.02 -4.54 4.39
C CYS B 21 10.60 -5.76 5.22
N LYS B 22 9.38 -5.75 5.77
CA LYS B 22 8.91 -6.82 6.65
C LYS B 22 8.42 -8.03 5.89
N TYR B 23 8.65 -9.21 6.47
CA TYR B 23 8.21 -10.46 5.86
C TYR B 23 6.69 -10.42 5.74
N GLY B 24 6.17 -10.79 4.57
CA GLY B 24 4.73 -10.82 4.35
C GLY B 24 4.14 -9.42 4.05
N GLN B 25 4.77 -8.30 4.51
CA GLN B 25 4.21 -6.98 4.21
C GLN B 25 4.53 -6.62 2.76
N ASP B 26 5.81 -6.36 2.48
CA ASP B 26 6.26 -6.03 1.13
C ASP B 26 7.64 -6.65 0.88
N TYR B 27 8.01 -6.75 -0.40
CA TYR B 27 9.33 -7.31 -0.77
C TYR B 27 9.81 -6.75 -2.12
N SER B 28 11.03 -7.13 -2.49
CA SER B 28 11.61 -6.75 -3.77
C SER B 28 12.27 -8.00 -4.36
N THR B 29 11.98 -8.31 -5.64
CA THR B 29 12.54 -9.51 -6.28
C THR B 29 13.88 -9.24 -6.97
N HIS B 30 14.03 -8.05 -7.55
CA HIS B 30 15.27 -7.69 -8.24
C HIS B 30 15.83 -6.38 -7.70
N TRP B 31 17.12 -6.12 -7.97
CA TRP B 31 17.78 -4.90 -7.50
C TRP B 31 16.93 -3.67 -7.87
N ASN B 32 16.80 -2.73 -6.94
CA ASN B 32 16.00 -1.53 -7.18
C ASN B 32 16.63 -0.31 -6.53
N ASP B 33 16.13 0.88 -6.89
CA ASP B 33 16.62 2.13 -6.34
C ASP B 33 15.45 3.10 -6.12
N LEU B 34 14.45 2.64 -5.38
CA LEU B 34 13.25 3.44 -5.10
C LEU B 34 12.82 3.31 -3.64
N LEU B 35 12.07 4.30 -3.16
CA LEU B 35 11.55 4.31 -1.79
C LEU B 35 10.30 3.45 -1.66
N PHE B 36 9.94 2.71 -2.72
CA PHE B 36 8.75 1.86 -2.70
C PHE B 36 9.15 0.39 -2.56
N CYS B 37 8.34 -0.35 -1.82
CA CYS B 37 8.53 -1.77 -1.61
C CYS B 37 7.39 -2.48 -2.36
N LEU B 38 7.69 -3.59 -3.05
CA LEU B 38 6.67 -4.28 -3.83
C LEU B 38 5.72 -5.06 -2.90
N ARG B 39 4.44 -4.80 -3.08
CA ARG B 39 3.38 -5.42 -2.28
C ARG B 39 3.34 -6.94 -2.46
N CYS B 40 2.89 -7.62 -1.41
CA CYS B 40 2.79 -9.09 -1.38
C CYS B 40 1.39 -9.52 -1.85
N THR B 41 1.36 -10.59 -2.63
CA THR B 41 0.11 -11.11 -3.22
C THR B 41 -0.61 -12.07 -2.27
N ARG B 42 -1.94 -11.93 -2.25
CA ARG B 42 -2.79 -12.76 -1.40
C ARG B 42 -3.88 -13.43 -2.25
N CYS B 43 -4.41 -14.56 -1.77
CA CYS B 43 -5.44 -15.29 -2.52
C CYS B 43 -6.78 -15.23 -1.76
N ASP B 44 -7.88 -15.40 -2.50
CA ASP B 44 -9.23 -15.32 -1.92
C ASP B 44 -9.81 -16.71 -1.67
N SER B 45 -10.92 -16.76 -0.94
CA SER B 45 -11.59 -18.03 -0.62
C SER B 45 -11.76 -18.87 -1.88
N GLY B 46 -11.68 -20.19 -1.72
CA GLY B 46 -11.77 -21.12 -2.86
C GLY B 46 -10.38 -21.34 -3.47
N GLU B 47 -9.40 -20.46 -3.12
CA GLU B 47 -8.04 -20.57 -3.61
C GLU B 47 -7.09 -20.77 -2.42
N VAL B 48 -6.03 -21.54 -2.63
CA VAL B 48 -5.05 -21.82 -1.56
C VAL B 48 -3.69 -21.20 -1.88
N GLU B 49 -2.90 -20.93 -0.84
CA GLU B 49 -1.57 -20.36 -1.02
C GLU B 49 -0.56 -21.49 -1.26
N LEU B 50 0.12 -21.47 -2.41
CA LEU B 50 1.09 -22.52 -2.75
C LEU B 50 2.44 -22.23 -2.10
N SER B 51 2.88 -20.97 -2.21
CA SER B 51 4.16 -20.55 -1.63
C SER B 51 4.06 -19.10 -1.10
N PRO B 52 4.07 -18.86 0.22
CA PRO B 52 3.98 -17.47 0.78
C PRO B 52 5.17 -16.59 0.34
N CYS B 53 4.98 -15.26 0.43
CA CYS B 53 6.04 -14.32 0.02
C CYS B 53 6.81 -13.78 1.21
N THR B 54 8.08 -13.53 0.97
CA THR B 54 8.99 -12.99 1.97
C THR B 54 9.76 -11.83 1.32
N THR B 55 10.67 -11.23 2.06
CA THR B 55 11.44 -10.09 1.54
C THR B 55 12.14 -10.46 0.22
N THR B 56 12.35 -11.76 -0.02
CA THR B 56 13.01 -12.23 -1.24
C THR B 56 12.16 -13.26 -2.01
N ARG B 57 10.86 -13.39 -1.68
CA ARG B 57 10.00 -14.38 -2.37
C ARG B 57 8.64 -13.80 -2.77
N ASN B 58 8.06 -14.39 -3.83
CA ASN B 58 6.77 -13.97 -4.38
C ASN B 58 5.67 -15.00 -4.02
N THR B 59 4.46 -14.51 -3.67
CA THR B 59 3.36 -15.40 -3.30
C THR B 59 2.62 -15.91 -4.55
N VAL B 60 2.30 -17.20 -4.53
CA VAL B 60 1.59 -17.86 -5.62
C VAL B 60 0.21 -18.32 -5.11
N CYS B 61 -0.78 -18.34 -6.00
CA CYS B 61 -2.13 -18.76 -5.62
C CYS B 61 -2.46 -20.10 -6.25
N GLN B 62 -3.37 -20.82 -5.62
CA GLN B 62 -3.78 -22.15 -6.04
C GLN B 62 -5.30 -22.25 -6.04
N CYS B 63 -5.84 -23.15 -6.87
CA CYS B 63 -7.28 -23.36 -6.96
C CYS B 63 -7.58 -24.76 -6.41
N GLU B 64 -8.72 -24.92 -5.75
CA GLU B 64 -9.07 -26.22 -5.14
C GLU B 64 -9.36 -27.28 -6.19
N GLU B 65 -9.16 -28.55 -5.80
CA GLU B 65 -9.36 -29.68 -6.71
C GLU B 65 -10.72 -29.60 -7.40
N GLY B 66 -10.76 -29.97 -8.69
CA GLY B 66 -11.99 -29.92 -9.46
C GLY B 66 -12.11 -28.63 -10.30
N THR B 67 -11.12 -27.73 -10.18
CA THR B 67 -11.13 -26.46 -10.93
C THR B 67 -9.99 -26.41 -11.95
N PHE B 68 -10.10 -25.52 -12.94
CA PHE B 68 -9.09 -25.41 -14.01
C PHE B 68 -8.91 -23.94 -14.42
N ARG B 69 -7.68 -23.53 -14.76
CA ARG B 69 -7.47 -22.15 -15.20
C ARG B 69 -6.16 -21.98 -16.00
N GLU B 70 -6.29 -21.20 -17.05
CA GLU B 70 -5.16 -20.90 -17.95
C GLU B 70 -4.61 -19.50 -17.64
N GLU B 71 -3.31 -19.31 -17.87
CA GLU B 71 -2.66 -18.01 -17.61
C GLU B 71 -3.34 -16.87 -18.38
N ASP B 72 -4.09 -17.22 -19.42
CA ASP B 72 -4.80 -16.23 -20.25
C ASP B 72 -6.13 -15.79 -19.62
N SER B 73 -6.51 -16.41 -18.47
CA SER B 73 -7.75 -16.08 -17.79
C SER B 73 -7.54 -16.14 -16.26
N PRO B 74 -7.15 -15.03 -15.61
CA PRO B 74 -6.91 -15.01 -14.14
C PRO B 74 -8.19 -14.76 -13.33
N GLU B 75 -8.06 -14.84 -12.00
CA GLU B 75 -9.19 -14.61 -11.09
C GLU B 75 -10.41 -15.47 -11.46
N MET B 76 -10.19 -16.55 -12.21
CA MET B 76 -11.27 -17.44 -12.61
C MET B 76 -10.82 -18.90 -12.66
N CYS B 77 -11.73 -19.81 -12.30
CA CYS B 77 -11.46 -21.24 -12.30
C CYS B 77 -12.67 -21.95 -12.94
N ARG B 78 -12.41 -23.03 -13.70
CA ARG B 78 -13.49 -23.77 -14.37
C ARG B 78 -13.54 -25.20 -13.87
N LYS B 79 -14.72 -25.80 -13.90
CA LYS B 79 -14.88 -27.18 -13.44
C LYS B 79 -14.16 -28.13 -14.39
N CYS B 80 -13.24 -28.93 -13.84
CA CYS B 80 -12.48 -29.88 -14.62
C CYS B 80 -13.37 -31.02 -15.08
N ARG B 81 -13.06 -31.58 -16.26
CA ARG B 81 -13.84 -32.68 -16.82
C ARG B 81 -13.51 -33.99 -16.11
N THR B 82 -14.54 -34.83 -15.89
CA THR B 82 -14.35 -36.11 -15.20
C THR B 82 -14.25 -37.29 -16.18
N GLY B 83 -14.67 -37.08 -17.43
CA GLY B 83 -14.62 -38.12 -18.45
C GLY B 83 -15.14 -37.61 -19.80
N CYS B 84 -14.38 -37.87 -20.86
CA CYS B 84 -14.75 -37.43 -22.21
C CYS B 84 -15.93 -38.28 -22.75
N PRO B 85 -16.69 -37.78 -23.72
CA PRO B 85 -17.85 -38.54 -24.29
C PRO B 85 -17.43 -39.94 -24.76
N ARG B 86 -18.41 -40.78 -25.10
CA ARG B 86 -18.15 -42.13 -25.56
C ARG B 86 -17.25 -42.10 -26.79
N GLY B 87 -16.20 -42.93 -26.77
CA GLY B 87 -15.25 -43.00 -27.89
C GLY B 87 -13.85 -42.56 -27.44
N MET B 88 -13.80 -41.56 -26.55
CA MET B 88 -12.54 -41.04 -26.03
C MET B 88 -12.18 -41.76 -24.72
N VAL B 89 -10.88 -41.76 -24.39
CA VAL B 89 -10.41 -42.42 -23.17
C VAL B 89 -9.60 -41.44 -22.31
N LYS B 90 -9.91 -41.40 -21.01
CA LYS B 90 -9.21 -40.53 -20.08
C LYS B 90 -7.81 -41.08 -19.77
N VAL B 91 -6.79 -40.23 -19.89
CA VAL B 91 -5.41 -40.67 -19.65
C VAL B 91 -4.56 -39.62 -18.92
N GLY B 92 -5.08 -38.37 -18.80
CA GLY B 92 -4.32 -37.31 -18.13
C GLY B 92 -4.93 -36.85 -16.81
N ASP B 93 -4.04 -36.40 -15.93
CA ASP B 93 -4.35 -35.90 -14.60
C ASP B 93 -4.77 -34.44 -14.66
N CYS B 94 -5.70 -34.01 -13.78
CA CYS B 94 -6.19 -32.63 -13.82
C CYS B 94 -5.58 -31.82 -12.68
N THR B 95 -4.96 -30.71 -13.08
CA THR B 95 -4.29 -29.78 -12.19
C THR B 95 -5.07 -28.46 -12.16
N PRO B 96 -5.22 -27.78 -11.02
CA PRO B 96 -5.99 -26.50 -10.95
C PRO B 96 -5.69 -25.56 -12.14
N TRP B 97 -4.53 -25.73 -12.76
CA TRP B 97 -4.12 -24.90 -13.91
C TRP B 97 -4.54 -25.55 -15.26
N SER B 98 -4.30 -26.86 -15.38
CA SER B 98 -4.61 -27.61 -16.62
C SER B 98 -5.83 -28.53 -16.48
N ASP B 99 -6.36 -28.99 -17.62
CA ASP B 99 -7.51 -29.91 -17.65
C ASP B 99 -7.05 -31.35 -17.91
N ILE B 100 -7.98 -32.31 -17.85
CA ILE B 100 -7.64 -33.73 -18.08
C ILE B 100 -7.20 -33.94 -19.54
N GLU B 101 -6.66 -35.14 -19.82
CA GLU B 101 -6.24 -35.47 -21.19
C GLU B 101 -7.04 -36.66 -21.70
N CYS B 102 -7.50 -36.57 -22.95
CA CYS B 102 -8.28 -37.64 -23.57
C CYS B 102 -7.61 -38.07 -24.88
N VAL B 103 -7.63 -39.38 -25.14
CA VAL B 103 -7.03 -39.93 -26.37
C VAL B 103 -7.95 -41.00 -26.96
N HIS B 104 -8.09 -40.98 -28.30
CA HIS B 104 -8.93 -41.95 -29.01
C HIS B 104 -8.04 -42.99 -29.71
N LYS B 105 -8.39 -44.27 -29.54
CA LYS B 105 -7.64 -45.36 -30.18
C LYS B 105 -8.57 -46.52 -30.52
N GLU B 106 -9.08 -47.22 -29.49
CA GLU B 106 -9.98 -48.36 -29.69
C GLU B 106 -10.49 -48.89 -28.34
N SER B 107 -11.80 -48.75 -28.11
CA SER B 107 -12.41 -49.22 -26.87
C SER B 107 -13.50 -50.27 -27.16
N GLY B 108 -13.21 -51.17 -28.09
CA GLY B 108 -14.15 -52.22 -28.47
C GLY B 108 -15.35 -51.64 -29.23
N ASP B 109 -15.19 -51.48 -30.54
CA ASP B 109 -16.26 -50.93 -31.39
C ASP B 109 -17.49 -51.83 -31.34
N SER C 1 -33.91 -19.28 -7.37
CA SER C 1 -32.49 -19.10 -6.93
C SER C 1 -31.95 -17.78 -7.49
N GLU C 2 -31.22 -17.04 -6.65
CA GLU C 2 -30.64 -15.75 -7.05
C GLU C 2 -29.15 -15.70 -6.74
N GLY C 3 -28.46 -14.70 -7.29
CA GLY C 3 -27.02 -14.54 -7.06
C GLY C 3 -26.65 -13.08 -6.78
N LEU C 4 -27.61 -12.32 -6.24
CA LEU C 4 -27.38 -10.90 -5.93
C LEU C 4 -27.90 -10.59 -4.52
N CYS C 5 -27.21 -9.70 -3.81
CA CYS C 5 -27.62 -9.30 -2.46
C CYS C 5 -27.88 -7.77 -2.43
N PRO C 6 -29.01 -7.30 -1.90
CA PRO C 6 -29.32 -5.83 -1.87
C PRO C 6 -28.29 -5.02 -1.06
N PRO C 7 -28.25 -3.69 -1.22
CA PRO C 7 -27.28 -2.84 -0.47
C PRO C 7 -27.34 -3.07 1.03
N GLY C 8 -26.17 -3.28 1.64
CA GLY C 8 -26.07 -3.51 3.08
C GLY C 8 -25.93 -5.01 3.42
N HIS C 9 -25.89 -5.88 2.38
CA HIS C 9 -25.78 -7.31 2.59
C HIS C 9 -24.68 -7.91 1.72
N HIS C 10 -24.01 -8.96 2.23
CA HIS C 10 -22.96 -9.66 1.49
C HIS C 10 -23.33 -11.14 1.37
N ILE C 11 -22.80 -11.83 0.35
CA ILE C 11 -23.14 -13.25 0.13
C ILE C 11 -21.93 -14.18 0.37
N SER C 12 -22.23 -15.42 0.77
CA SER C 12 -21.19 -16.41 1.04
C SER C 12 -20.51 -16.86 -0.25
N GLU C 13 -19.43 -17.64 -0.11
CA GLU C 13 -18.68 -18.15 -1.25
C GLU C 13 -19.55 -19.09 -2.10
N ASP C 14 -20.35 -19.93 -1.43
CA ASP C 14 -21.22 -20.88 -2.10
C ASP C 14 -22.50 -20.22 -2.65
N GLY C 15 -22.69 -18.91 -2.38
CA GLY C 15 -23.88 -18.19 -2.88
C GLY C 15 -25.22 -18.72 -2.31
N ARG C 16 -25.24 -19.80 -1.52
CA ARG C 16 -26.48 -20.36 -0.98
C ARG C 16 -27.11 -19.48 0.11
N ASP C 17 -26.34 -18.54 0.69
CA ASP C 17 -26.88 -17.69 1.76
C ASP C 17 -26.25 -16.30 1.77
N CYS C 18 -26.99 -15.32 2.31
CA CYS C 18 -26.53 -13.94 2.40
C CYS C 18 -26.66 -13.46 3.86
N ILE C 19 -25.61 -12.79 4.37
CA ILE C 19 -25.62 -12.30 5.75
C ILE C 19 -25.78 -10.77 5.77
N SER C 20 -26.49 -10.29 6.78
CA SER C 20 -26.76 -8.87 6.96
C SER C 20 -25.62 -8.14 7.67
N CYS C 21 -25.37 -6.90 7.23
CA CYS C 21 -24.33 -6.05 7.84
C CYS C 21 -25.06 -4.92 8.59
N LYS C 22 -24.49 -4.46 9.72
CA LYS C 22 -25.14 -3.44 10.52
C LYS C 22 -24.42 -2.09 10.49
N TYR C 23 -25.22 -1.02 10.56
CA TYR C 23 -24.71 0.35 10.57
C TYR C 23 -23.59 0.50 11.62
N GLY C 24 -22.57 1.28 11.29
CA GLY C 24 -21.44 1.52 12.20
C GLY C 24 -20.32 0.47 12.05
N GLN C 25 -20.61 -0.77 11.60
CA GLN C 25 -19.56 -1.77 11.41
C GLN C 25 -19.07 -1.70 9.96
N ASP C 26 -20.00 -1.88 9.03
CA ASP C 26 -19.73 -1.82 7.61
C ASP C 26 -21.03 -1.54 6.84
N TYR C 27 -20.92 -1.12 5.58
CA TYR C 27 -22.10 -0.85 4.76
C TYR C 27 -21.83 -1.08 3.28
N SER C 28 -22.87 -0.96 2.46
CA SER C 28 -22.76 -1.11 1.02
C SER C 28 -23.72 -0.10 0.36
N THR C 29 -23.24 0.65 -0.63
CA THR C 29 -24.06 1.67 -1.29
C THR C 29 -24.91 1.10 -2.42
N HIS C 30 -24.35 0.12 -3.16
CA HIS C 30 -25.07 -0.49 -4.28
C HIS C 30 -25.05 -2.02 -4.16
N TRP C 31 -25.95 -2.69 -4.89
CA TRP C 31 -26.02 -4.17 -4.86
C TRP C 31 -24.63 -4.76 -5.08
N ASN C 32 -24.37 -5.92 -4.46
CA ASN C 32 -23.07 -6.55 -4.58
C ASN C 32 -23.15 -8.07 -4.38
N ASP C 33 -22.02 -8.73 -4.63
CA ASP C 33 -21.93 -10.18 -4.48
C ASP C 33 -20.55 -10.55 -3.91
N LEU C 34 -20.24 -9.98 -2.74
CA LEU C 34 -18.96 -10.22 -2.07
C LEU C 34 -19.19 -10.91 -0.72
N LEU C 35 -18.10 -11.18 -0.01
CA LEU C 35 -18.17 -11.84 1.31
C LEU C 35 -18.09 -10.80 2.44
N PHE C 36 -17.42 -9.67 2.17
CA PHE C 36 -17.26 -8.60 3.15
C PHE C 36 -18.13 -7.40 2.78
N CYS C 37 -18.32 -6.51 3.74
CA CYS C 37 -19.12 -5.31 3.53
C CYS C 37 -18.17 -4.13 3.47
N LEU C 38 -18.54 -3.06 2.76
CA LEU C 38 -17.63 -1.92 2.63
C LEU C 38 -17.42 -1.26 3.99
N ARG C 39 -16.18 -0.94 4.27
CA ARG C 39 -15.78 -0.35 5.54
C ARG C 39 -16.39 1.03 5.75
N CYS C 40 -16.61 1.37 7.02
CA CYS C 40 -17.20 2.66 7.41
C CYS C 40 -16.04 3.65 7.67
N THR C 41 -16.24 4.90 7.27
CA THR C 41 -15.19 5.91 7.41
C THR C 41 -15.20 6.57 8.80
N ARG C 42 -14.01 6.75 9.32
CA ARG C 42 -13.78 7.34 10.64
C ARG C 42 -12.79 8.49 10.52
N CYS C 43 -12.85 9.45 11.44
CA CYS C 43 -11.94 10.61 11.39
C CYS C 43 -10.97 10.57 12.56
N ASP C 44 -9.75 11.07 12.33
CA ASP C 44 -8.69 11.09 13.32
C ASP C 44 -8.78 12.31 14.22
N SER C 45 -8.01 12.30 15.32
CA SER C 45 -7.99 13.41 16.28
C SER C 45 -7.84 14.74 15.53
N GLY C 46 -8.63 15.73 15.94
CA GLY C 46 -8.62 17.04 15.30
C GLY C 46 -9.72 17.12 14.23
N GLU C 47 -10.29 15.96 13.83
CA GLU C 47 -11.36 15.93 12.85
C GLU C 47 -12.63 15.35 13.47
N VAL C 48 -13.78 15.86 13.04
CA VAL C 48 -15.08 15.41 13.55
C VAL C 48 -15.88 14.75 12.42
N GLU C 49 -16.82 13.88 12.79
CA GLU C 49 -17.67 13.21 11.80
C GLU C 49 -18.85 14.12 11.46
N LEU C 50 -18.91 14.61 10.20
CA LEU C 50 -19.98 15.49 9.77
C LEU C 50 -21.31 14.73 9.72
N SER C 51 -21.26 13.52 9.17
CA SER C 51 -22.44 12.67 9.06
C SER C 51 -22.05 11.20 9.28
N PRO C 52 -22.62 10.49 10.27
CA PRO C 52 -22.28 9.04 10.53
C PRO C 52 -22.68 8.14 9.36
N CYS C 53 -22.07 6.95 9.27
CA CYS C 53 -22.38 6.01 8.19
C CYS C 53 -23.33 4.93 8.67
N THR C 54 -24.41 4.76 7.92
CA THR C 54 -25.42 3.76 8.23
C THR C 54 -25.25 2.58 7.29
N THR C 55 -26.10 1.56 7.44
CA THR C 55 -26.00 0.38 6.57
C THR C 55 -26.08 0.79 5.08
N THR C 56 -26.60 1.99 4.79
CA THR C 56 -26.72 2.46 3.40
C THR C 56 -26.08 3.85 3.19
N ARG C 57 -25.25 4.34 4.14
CA ARG C 57 -24.62 5.66 3.99
C ARG C 57 -23.15 5.68 4.41
N ASN C 58 -22.38 6.60 3.81
CA ASN C 58 -20.95 6.77 4.04
C ASN C 58 -20.66 7.97 4.98
N THR C 59 -19.69 7.81 5.89
CA THR C 59 -19.33 8.88 6.84
C THR C 59 -18.36 9.88 6.22
N VAL C 60 -18.61 11.17 6.50
CA VAL C 60 -17.78 12.27 5.99
C VAL C 60 -16.94 12.84 7.15
N CYS C 61 -15.75 13.35 6.85
CA CYS C 61 -14.88 13.92 7.88
C CYS C 61 -14.76 15.43 7.73
N GLN C 62 -14.72 16.12 8.86
CA GLN C 62 -14.63 17.57 8.93
C GLN C 62 -13.54 17.94 9.94
N CYS C 63 -12.95 19.14 9.80
CA CYS C 63 -11.88 19.56 10.71
C CYS C 63 -12.41 20.68 11.59
N GLU C 64 -11.82 20.83 12.79
CA GLU C 64 -12.29 21.82 13.76
C GLU C 64 -12.00 23.25 13.31
N GLU C 65 -12.90 24.16 13.70
CA GLU C 65 -12.78 25.56 13.36
C GLU C 65 -11.39 26.11 13.71
N GLY C 66 -10.93 27.09 12.93
CA GLY C 66 -9.61 27.69 13.14
C GLY C 66 -8.56 27.03 12.24
N THR C 67 -8.86 25.82 11.73
CA THR C 67 -7.92 25.10 10.85
C THR C 67 -8.50 25.04 9.43
N PHE C 68 -7.65 24.76 8.40
CA PHE C 68 -8.12 24.71 7.01
C PHE C 68 -7.35 23.69 6.14
N ARG C 69 -7.97 23.24 5.04
CA ARG C 69 -7.31 22.30 4.13
C ARG C 69 -7.93 22.35 2.73
N GLU C 70 -7.06 22.33 1.73
CA GLU C 70 -7.50 22.37 0.31
C GLU C 70 -7.85 20.97 -0.17
N GLU C 71 -8.81 20.88 -1.11
CA GLU C 71 -9.23 19.59 -1.66
C GLU C 71 -8.04 18.81 -2.25
N ASP C 72 -6.97 19.53 -2.55
CA ASP C 72 -5.76 18.94 -3.11
C ASP C 72 -4.67 18.76 -2.05
N SER C 73 -4.75 19.55 -0.96
CA SER C 73 -3.78 19.46 0.13
C SER C 73 -3.89 18.11 0.86
N PRO C 74 -2.81 17.60 1.46
CA PRO C 74 -2.84 16.29 2.18
C PRO C 74 -3.99 16.19 3.18
N GLU C 75 -4.02 15.08 3.95
CA GLU C 75 -5.09 14.87 4.95
C GLU C 75 -4.73 15.58 6.26
N MET C 76 -4.48 16.89 6.16
CA MET C 76 -4.13 17.70 7.32
C MET C 76 -4.86 19.06 7.25
N CYS C 77 -4.94 19.75 8.39
CA CYS C 77 -5.59 21.04 8.47
C CYS C 77 -4.57 22.07 9.00
N ARG C 78 -4.65 23.34 8.57
CA ARG C 78 -3.69 24.36 9.02
C ARG C 78 -4.41 25.54 9.64
N LYS C 79 -3.73 26.22 10.56
CA LYS C 79 -4.31 27.37 11.25
C LYS C 79 -4.53 28.54 10.29
N CYS C 80 -5.78 29.02 10.25
CA CYS C 80 -6.15 30.14 9.39
C CYS C 80 -5.45 31.39 9.90
N ARG C 81 -5.45 32.45 9.10
CA ARG C 81 -4.80 33.71 9.48
C ARG C 81 -5.75 34.53 10.37
N THR C 82 -5.25 34.95 11.54
CA THR C 82 -6.06 35.75 12.47
C THR C 82 -6.06 37.24 12.11
N GLY C 83 -5.11 37.67 11.27
CA GLY C 83 -5.01 39.07 10.85
C GLY C 83 -4.24 39.19 9.55
N CYS C 84 -4.91 39.70 8.52
CA CYS C 84 -4.28 39.88 7.20
C CYS C 84 -3.02 40.77 7.31
N PRO C 85 -2.04 40.63 6.42
CA PRO C 85 -0.78 41.44 6.46
C PRO C 85 -1.06 42.93 6.74
N ARG C 86 -0.02 43.65 7.18
CA ARG C 86 -0.15 45.07 7.47
C ARG C 86 -0.66 45.84 6.25
N GLY C 87 -1.58 46.78 6.47
CA GLY C 87 -2.14 47.57 5.39
C GLY C 87 -3.18 46.76 4.59
N MET C 88 -3.84 45.82 5.28
CA MET C 88 -4.86 44.97 4.66
C MET C 88 -6.11 44.95 5.54
N VAL C 89 -7.19 44.35 5.04
CA VAL C 89 -8.44 44.27 5.80
C VAL C 89 -9.02 42.85 5.76
N LYS C 90 -9.66 42.46 6.87
CA LYS C 90 -10.28 41.14 6.98
C LYS C 90 -11.69 41.20 6.39
N VAL C 91 -12.09 40.19 5.62
CA VAL C 91 -13.42 40.20 5.02
C VAL C 91 -13.93 38.76 4.69
N GLY C 92 -13.06 37.74 4.73
CA GLY C 92 -13.50 36.38 4.42
C GLY C 92 -13.46 35.46 5.65
N ASP C 93 -14.39 34.51 5.63
CA ASP C 93 -14.56 33.51 6.68
C ASP C 93 -13.72 32.27 6.40
N CYS C 94 -13.21 31.62 7.46
CA CYS C 94 -12.37 30.44 7.26
C CYS C 94 -13.15 29.17 7.62
N THR C 95 -13.20 28.28 6.64
CA THR C 95 -13.88 27.00 6.74
C THR C 95 -12.84 25.87 6.72
N PRO C 96 -13.00 24.80 7.50
CA PRO C 96 -11.99 23.69 7.53
C PRO C 96 -11.47 23.31 6.14
N TRP C 97 -12.25 23.60 5.10
CA TRP C 97 -11.85 23.32 3.71
C TRP C 97 -11.23 24.57 3.01
N SER C 98 -11.71 25.77 3.36
CA SER C 98 -11.24 27.04 2.76
C SER C 98 -10.36 27.86 3.71
N ASP C 99 -9.64 28.85 3.14
CA ASP C 99 -8.78 29.75 3.93
C ASP C 99 -9.45 31.14 4.03
N ILE C 100 -8.95 32.01 4.93
CA ILE C 100 -9.52 33.36 5.10
C ILE C 100 -9.32 34.20 3.83
N GLU C 101 -10.06 35.32 3.70
CA GLU C 101 -9.90 36.21 2.54
C GLU C 101 -9.54 37.62 2.99
N CYS C 102 -8.53 38.20 2.33
CA CYS C 102 -8.09 39.56 2.65
C CYS C 102 -8.23 40.46 1.42
N VAL C 103 -8.63 41.71 1.65
CA VAL C 103 -8.80 42.69 0.58
C VAL C 103 -8.21 44.04 1.03
N HIS C 104 -7.81 44.86 0.06
CA HIS C 104 -7.23 46.17 0.35
C HIS C 104 -8.31 47.26 0.36
N LYS C 105 -8.30 48.11 1.40
CA LYS C 105 -9.28 49.20 1.52
C LYS C 105 -10.70 48.71 1.23
N GLU C 106 -11.39 48.21 2.26
CA GLU C 106 -12.76 47.73 2.11
C GLU C 106 -13.75 48.89 2.15
N SER C 107 -14.87 48.75 1.43
CA SER C 107 -15.92 49.79 1.36
C SER C 107 -15.42 51.03 0.61
N GLY C 108 -14.48 51.77 1.21
CA GLY C 108 -13.93 52.98 0.59
C GLY C 108 -13.12 53.79 1.59
N ASP C 109 -13.80 54.41 2.56
CA ASP C 109 -13.14 55.22 3.59
C ASP C 109 -13.63 54.82 4.98
#